data_7RZ9
#
_entry.id   7RZ9
#
_cell.length_a   1.00
_cell.length_b   1.00
_cell.length_c   1.00
_cell.angle_alpha   90.00
_cell.angle_beta   90.00
_cell.angle_gamma   90.00
#
_symmetry.space_group_name_H-M   'P 1'
#
_entity_poly.entity_id   1
_entity_poly.type   'polypeptide(L)'
_entity_poly.pdbx_seq_one_letter_code
;NSIQIGGLFPRGADQEYSAFRVGMVQFSTSEFRLTPHIDNLEVANSFAVTNAFCSQFSRGVYAIFGFYDKKSVNTITSFC
GTLHVSFITPSFPTDGTHPFVIQMRPDLKGALLSLIEYYQWDKFAYLYDSDRGLSTLQAVLDSAAEKKWQVTAINVGNIN
NDKKDETYRSLFQDLELKKERRVILDCERDKVNDIVDQVITIGKHVKGYHYIIANLGFTDGDLLKIQFGGAEVSGFQIVD
YDDSLVSKFIERWSTLEEKEYPGAHTATIKYTSALTYDAVQVMTEAFRNLRKQRIEISRRGNAGDCLANPAVPWGQGVEI
ERALKQVQVEGLSGNIKFDQNGKRINYTINIMELKTNGPRKIGYWSEVDKMVLTEDDTSGLEQKTVVVTTILESPYVMMK
KNHEMLEGNERYEGYCVDLAAEIAKHCGFKYKLTIVGDGKYGARDADTKIWNGMVGELVYGKADIAIAPLTITLVREEVI
DFSKPFMSLGISIMIKKPQKSKPGVFSFLDPLAYEIWMCIVFAYIGVSVVLFLVSRFSPYEWHTEEFEDGRETQSSESTN
EFGIFNSLWFSLGAFMQQGCDISPRSLSGRIVGGVWWFFTLIIISSYTANLAAFLTVERMVSPIESAEDLSKQTEIAYGT
LDSGSTKEFFRRSKIAVFDKMWTYMRSAEPSVFVRTTAEGVARVRKSKGKYAYLLESTMNEYIEQRKPCDTMKVGGNLDS
KGYGIATPKGSSLGTPVNLAVLKLSEQGVLDKLKNKWWYDKGECGAKDSGSKEKTSALSLSNVAGVFYILVGGLGLAMLV
ALIEFCYKSRAEAKRMKGTGKTSRRGRALLAVALNLLALLFATTAFLTTYWCQGTQRVPKPGCGQGGGANCPNSGANATA
NSTAAPVAASPAGAPYSWEAGDERFQLRRFHTGIWYSCEEELGGPGEKCRSFIDLAPASEKGVLWLSVVSEVLYILLLVV
GFSLMCLELLHSSSVIDGLKLNAFAAVFTVLSGLLGMVAHMMYTQVFQVTVSLGPEDWRPHSWDYGWSFCLAWGSFTCCM
AASVTTLNSYTKTVIEFRHKRKVFEQGYREEPTFIDPEAIKYFRERIEKGDVSEEEDFRLACRHERYPTRHQPHMGDSWP
RSSAHEAAELNRQCWVLGHWVGTGGLVPRGSAAA
;
_entity_poly.pdbx_strand_id   A,B,C,D
#
# COMPACT_ATOMS: atom_id res chain seq x y z
N ASN A 1 20.69 -15.44 92.14
CA ASN A 1 20.22 -14.17 91.61
C ASN A 1 19.15 -14.43 90.56
N SER A 2 17.96 -13.88 90.78
CA SER A 2 16.85 -14.12 89.86
C SER A 2 16.76 -13.00 88.82
N ILE A 3 16.46 -13.37 87.58
CA ILE A 3 16.26 -12.44 86.50
C ILE A 3 14.78 -12.46 86.12
N GLN A 4 14.16 -11.29 86.12
CA GLN A 4 12.72 -11.16 85.96
C GLN A 4 12.40 -10.73 84.53
N ILE A 5 11.61 -11.55 83.83
CA ILE A 5 11.14 -11.23 82.48
C ILE A 5 9.63 -11.47 82.44
N GLY A 6 9.04 -11.20 81.29
CA GLY A 6 7.60 -11.25 81.14
C GLY A 6 7.16 -11.81 79.81
N GLY A 7 5.98 -12.42 79.81
CA GLY A 7 5.42 -13.02 78.61
C GLY A 7 4.09 -12.41 78.23
N LEU A 8 3.84 -12.26 76.93
CA LEU A 8 2.57 -11.72 76.42
C LEU A 8 1.94 -12.65 75.39
N PHE A 9 1.80 -13.92 75.73
CA PHE A 9 1.28 -14.90 74.79
C PHE A 9 -0.22 -14.74 74.62
N PRO A 10 -0.72 -14.62 73.40
CA PRO A 10 -2.16 -14.51 73.18
C PRO A 10 -2.86 -15.83 73.44
N ARG A 11 -4.18 -15.72 73.64
CA ARG A 11 -5.01 -16.90 73.83
C ARG A 11 -5.11 -17.68 72.54
N GLY A 12 -4.89 -18.98 72.63
CA GLY A 12 -4.78 -19.82 71.46
C GLY A 12 -3.36 -20.15 71.05
N ALA A 13 -2.37 -19.53 71.69
CA ALA A 13 -0.97 -19.87 71.48
C ALA A 13 -0.46 -20.83 72.54
N ASP A 14 -1.12 -21.99 72.64
CA ASP A 14 -0.76 -22.96 73.66
C ASP A 14 0.55 -23.65 73.32
N GLN A 15 0.79 -23.91 72.03
CA GLN A 15 2.04 -24.57 71.64
C GLN A 15 3.23 -23.64 71.77
N GLU A 16 3.03 -22.36 71.48
CA GLU A 16 4.11 -21.38 71.62
C GLU A 16 4.45 -21.16 73.09
N TYR A 17 3.46 -21.28 73.98
CA TYR A 17 3.77 -21.21 75.40
C TYR A 17 4.38 -22.52 75.89
N SER A 18 3.99 -23.64 75.28
CA SER A 18 4.62 -24.91 75.60
C SER A 18 6.07 -24.94 75.15
N ALA A 19 6.35 -24.44 73.95
CA ALA A 19 7.72 -24.37 73.47
C ALA A 19 8.48 -23.23 74.13
N PHE A 20 7.78 -22.38 74.88
CA PHE A 20 8.46 -21.44 75.75
C PHE A 20 8.94 -22.12 77.02
N ARG A 21 8.10 -22.98 77.61
CA ARG A 21 8.45 -23.62 78.88
C ARG A 21 9.54 -24.67 78.69
N VAL A 22 9.56 -25.35 77.54
CA VAL A 22 10.61 -26.34 77.28
C VAL A 22 11.96 -25.64 77.13
N GLY A 23 11.94 -24.42 76.60
CA GLY A 23 13.15 -23.61 76.63
C GLY A 23 13.50 -23.15 78.03
N MET A 24 12.50 -22.98 78.89
CA MET A 24 12.76 -22.59 80.27
C MET A 24 13.33 -23.75 81.07
N VAL A 25 12.92 -24.97 80.74
CA VAL A 25 13.45 -26.14 81.45
C VAL A 25 14.91 -26.39 81.06
N GLN A 26 15.20 -26.37 79.76
CA GLN A 26 16.53 -26.74 79.31
C GLN A 26 17.54 -25.61 79.51
N PHE A 27 17.24 -24.42 79.00
CA PHE A 27 18.12 -23.27 79.17
C PHE A 27 17.93 -22.64 80.55
N SER A 28 18.64 -23.20 81.54
CA SER A 28 18.64 -22.68 82.90
C SER A 28 20.06 -22.63 83.40
N THR A 29 20.64 -21.44 83.44
CA THR A 29 21.98 -21.28 84.00
C THR A 29 21.91 -21.53 85.51
N SER A 30 22.99 -22.09 86.05
CA SER A 30 22.98 -22.45 87.48
C SER A 30 22.99 -21.21 88.36
N GLU A 31 23.59 -20.12 87.89
CA GLU A 31 23.78 -18.97 88.76
C GLU A 31 22.73 -17.89 88.53
N PHE A 32 21.91 -18.04 87.48
CA PHE A 32 20.70 -17.24 87.34
C PHE A 32 19.69 -18.00 86.49
N ARG A 33 18.42 -17.93 86.87
CA ARG A 33 17.35 -18.47 86.05
C ARG A 33 16.35 -17.36 85.76
N LEU A 34 15.69 -17.46 84.61
CA LEU A 34 14.74 -16.45 84.22
C LEU A 34 13.44 -16.65 84.98
N THR A 35 12.82 -15.55 85.38
CA THR A 35 11.56 -15.63 86.10
C THR A 35 10.45 -15.15 85.17
N PRO A 36 9.63 -16.03 84.61
CA PRO A 36 8.58 -15.58 83.71
C PRO A 36 7.39 -15.03 84.48
N HIS A 37 6.82 -13.94 83.97
CA HIS A 37 5.57 -13.39 84.46
C HIS A 37 4.57 -13.42 83.29
N ILE A 38 3.89 -14.55 83.16
CA ILE A 38 3.10 -14.81 81.96
C ILE A 38 1.76 -14.10 82.05
N ASP A 39 1.41 -13.37 80.99
CA ASP A 39 0.11 -12.73 80.88
C ASP A 39 -0.57 -13.24 79.62
N ASN A 40 -1.87 -13.49 79.70
CA ASN A 40 -2.65 -13.89 78.54
C ASN A 40 -3.73 -12.83 78.30
N LEU A 41 -3.48 -11.95 77.34
CA LEU A 41 -4.50 -11.02 76.89
C LEU A 41 -4.49 -10.98 75.37
N GLU A 42 -5.66 -10.74 74.80
CA GLU A 42 -5.84 -10.77 73.35
C GLU A 42 -5.07 -9.65 72.69
N VAL A 43 -4.29 -10.00 71.68
CA VAL A 43 -3.24 -9.10 71.21
C VAL A 43 -3.80 -8.13 70.18
N ALA A 44 -5.02 -8.37 69.69
CA ALA A 44 -5.65 -7.42 68.78
C ALA A 44 -6.12 -6.18 69.53
N ASN A 45 -6.65 -6.35 70.74
CA ASN A 45 -7.08 -5.23 71.55
C ASN A 45 -5.88 -4.46 72.08
N SER A 46 -5.65 -3.25 71.57
CA SER A 46 -4.49 -2.48 72.00
C SER A 46 -4.65 -1.95 73.40
N PHE A 47 -5.89 -1.92 73.92
CA PHE A 47 -6.10 -1.57 75.32
C PHE A 47 -5.53 -2.63 76.25
N ALA A 48 -5.74 -3.90 75.91
CA ALA A 48 -5.26 -4.99 76.76
C ALA A 48 -3.75 -5.13 76.65
N VAL A 49 -3.21 -4.82 75.47
CA VAL A 49 -1.76 -4.85 75.30
C VAL A 49 -1.11 -3.69 76.04
N THR A 50 -1.84 -2.58 76.16
CA THR A 50 -1.34 -1.43 76.90
C THR A 50 -1.24 -1.72 78.39
N ASN A 51 -2.29 -2.31 78.96
CA ASN A 51 -2.29 -2.57 80.40
C ASN A 51 -1.28 -3.63 80.77
N ALA A 52 -1.16 -4.69 79.95
CA ALA A 52 -0.23 -5.76 80.26
C ALA A 52 1.21 -5.31 80.10
N PHE A 53 1.46 -4.36 79.19
CA PHE A 53 2.79 -3.80 79.09
C PHE A 53 3.08 -2.90 80.27
N CYS A 54 2.10 -2.12 80.70
CA CYS A 54 2.29 -1.25 81.84
C CYS A 54 2.25 -2.05 83.13
N SER A 55 1.65 -3.24 83.10
CA SER A 55 1.71 -4.15 84.24
C SER A 55 3.13 -4.64 84.46
N GLN A 56 3.76 -5.17 83.40
CA GLN A 56 5.12 -5.70 83.55
C GLN A 56 6.14 -4.59 83.72
N PHE A 57 5.78 -3.35 83.37
CA PHE A 57 6.63 -2.22 83.72
C PHE A 57 6.60 -1.97 85.23
N SER A 58 5.53 -2.41 85.89
CA SER A 58 5.43 -2.23 87.34
C SER A 58 6.13 -3.35 88.09
N ARG A 59 6.24 -4.53 87.49
CA ARG A 59 6.98 -5.61 88.14
C ARG A 59 8.48 -5.43 88.03
N GLY A 60 8.95 -4.52 87.18
CA GLY A 60 10.39 -4.33 87.06
C GLY A 60 11.09 -5.42 86.29
N VAL A 61 10.49 -5.87 85.18
CA VAL A 61 11.12 -6.89 84.36
C VAL A 61 12.29 -6.29 83.58
N TYR A 62 13.19 -7.14 83.13
CA TYR A 62 14.32 -6.66 82.35
C TYR A 62 14.02 -6.69 80.86
N ALA A 63 13.58 -7.83 80.34
CA ALA A 63 13.23 -7.96 78.94
C ALA A 63 11.82 -8.51 78.84
N ILE A 64 11.13 -8.17 77.75
CA ILE A 64 9.74 -8.54 77.56
C ILE A 64 9.62 -9.33 76.27
N PHE A 65 9.04 -10.52 76.38
CA PHE A 65 8.80 -11.40 75.25
C PHE A 65 7.30 -11.44 74.99
N GLY A 66 6.90 -11.20 73.76
CA GLY A 66 5.48 -11.17 73.44
C GLY A 66 5.26 -11.15 71.96
N PHE A 67 4.00 -11.34 71.58
CA PHE A 67 3.65 -11.36 70.17
C PHE A 67 2.93 -10.05 69.88
N TYR A 68 2.73 -9.76 68.60
CA TYR A 68 1.86 -8.65 68.23
C TYR A 68 1.25 -8.89 66.86
N ASP A 69 0.33 -8.00 66.50
CA ASP A 69 -0.48 -8.08 65.30
C ASP A 69 -0.40 -6.72 64.61
N LYS A 70 -1.15 -6.51 63.52
CA LYS A 70 -1.09 -5.22 62.84
C LYS A 70 -1.81 -4.15 63.64
N LYS A 71 -2.64 -4.55 64.61
CA LYS A 71 -3.27 -3.57 65.47
C LYS A 71 -2.26 -3.04 66.49
N SER A 72 -1.51 -3.92 67.12
CA SER A 72 -0.65 -3.50 68.21
C SER A 72 0.83 -3.38 67.84
N VAL A 73 1.17 -3.47 66.56
CA VAL A 73 2.55 -3.19 66.13
C VAL A 73 2.87 -1.73 66.36
N ASN A 74 1.86 -0.87 66.30
CA ASN A 74 2.10 0.55 66.49
C ASN A 74 2.10 0.91 67.97
N THR A 75 1.72 -0.06 68.82
CA THR A 75 1.67 0.22 70.25
C THR A 75 2.98 -0.15 70.92
N ILE A 76 3.45 -1.38 70.71
CA ILE A 76 4.61 -1.90 71.43
C ILE A 76 5.89 -1.20 70.99
N THR A 77 6.01 -0.90 69.70
CA THR A 77 7.21 -0.24 69.21
C THR A 77 7.27 1.20 69.67
N SER A 78 6.13 1.78 70.04
CA SER A 78 6.13 3.14 70.58
C SER A 78 6.41 3.13 72.08
N PHE A 79 5.77 2.21 72.80
CA PHE A 79 5.99 2.08 74.24
C PHE A 79 7.43 1.66 74.57
N CYS A 80 7.97 0.70 73.82
CA CYS A 80 9.33 0.23 74.10
C CYS A 80 10.36 1.26 73.66
N GLY A 81 9.98 2.14 72.73
CA GLY A 81 10.91 3.17 72.29
C GLY A 81 11.15 4.22 73.36
N THR A 82 10.09 4.69 74.00
CA THR A 82 10.26 5.78 74.96
C THR A 82 10.67 5.25 76.32
N LEU A 83 10.08 4.14 76.76
CA LEU A 83 10.43 3.57 78.05
C LEU A 83 11.73 2.80 78.03
N HIS A 84 12.35 2.63 76.85
CA HIS A 84 13.71 2.12 76.68
C HIS A 84 13.87 0.68 77.17
N VAL A 85 12.78 -0.08 77.10
CA VAL A 85 12.72 -1.48 77.53
C VAL A 85 12.78 -2.37 76.30
N SER A 86 13.66 -3.36 76.32
CA SER A 86 13.84 -4.24 75.17
C SER A 86 12.63 -5.16 74.98
N PHE A 87 12.40 -5.56 73.74
CA PHE A 87 11.25 -6.39 73.37
C PHE A 87 11.69 -7.42 72.34
N ILE A 88 11.28 -8.67 72.55
CA ILE A 88 11.68 -9.80 71.72
C ILE A 88 10.42 -10.43 71.16
N THR A 89 10.40 -10.69 69.86
CA THR A 89 9.20 -11.20 69.24
C THR A 89 9.50 -12.20 68.13
N PRO A 90 8.67 -13.23 68.00
CA PRO A 90 8.67 -14.05 66.76
C PRO A 90 7.56 -13.69 65.77
N SER A 91 6.85 -12.58 65.97
CA SER A 91 5.79 -12.17 65.05
C SER A 91 6.41 -11.51 63.82
N PHE A 92 5.56 -10.88 63.01
CA PHE A 92 6.03 -10.28 61.76
C PHE A 92 6.93 -9.09 62.06
N PRO A 93 8.04 -8.94 61.36
CA PRO A 93 8.99 -7.87 61.70
C PRO A 93 8.45 -6.51 61.33
N THR A 94 8.99 -5.49 61.98
CA THR A 94 8.55 -4.12 61.75
C THR A 94 8.98 -3.68 60.36
N ASP A 95 8.27 -2.69 59.83
CA ASP A 95 8.53 -2.26 58.46
C ASP A 95 9.76 -1.37 58.39
N GLY A 96 9.67 -0.20 59.01
CA GLY A 96 10.85 0.64 59.15
C GLY A 96 11.62 0.20 60.37
N THR A 97 12.81 0.77 60.56
CA THR A 97 13.60 0.44 61.74
C THR A 97 12.98 1.04 62.99
N HIS A 98 12.71 0.18 63.98
CA HIS A 98 12.13 0.61 65.23
C HIS A 98 13.09 0.31 66.36
N PRO A 99 13.29 1.22 67.30
CA PRO A 99 14.29 0.99 68.35
C PRO A 99 13.77 0.00 69.37
N PHE A 100 14.69 -0.68 70.05
CA PHE A 100 14.46 -1.53 71.21
C PHE A 100 13.59 -2.76 70.94
N VAL A 101 13.22 -3.03 69.70
CA VAL A 101 12.35 -4.15 69.38
C VAL A 101 13.16 -5.14 68.54
N ILE A 102 13.24 -6.37 69.02
CA ILE A 102 14.12 -7.39 68.47
C ILE A 102 13.25 -8.49 67.86
N GLN A 103 13.56 -8.88 66.63
CA GLN A 103 12.72 -9.78 65.87
C GLN A 103 13.41 -11.13 65.74
N MET A 104 12.70 -12.21 66.09
CA MET A 104 13.22 -13.55 65.90
C MET A 104 12.75 -14.19 64.61
N ARG A 105 11.84 -13.54 63.90
CA ARG A 105 11.29 -14.10 62.69
C ARG A 105 11.98 -13.48 61.50
N PRO A 106 12.58 -14.27 60.61
CA PRO A 106 13.31 -13.69 59.49
C PRO A 106 12.38 -13.07 58.48
N ASP A 107 12.87 -12.07 57.77
CA ASP A 107 12.08 -11.45 56.72
C ASP A 107 12.07 -12.35 55.49
N LEU A 108 10.93 -12.44 54.83
CA LEU A 108 10.82 -13.29 53.66
C LEU A 108 10.48 -12.52 52.40
N LYS A 109 10.37 -11.18 52.47
CA LYS A 109 10.00 -10.41 51.29
C LYS A 109 11.12 -10.43 50.25
N GLY A 110 12.36 -10.65 50.69
CA GLY A 110 13.43 -10.83 49.73
C GLY A 110 13.42 -12.22 49.13
N ALA A 111 13.05 -13.22 49.94
CA ALA A 111 13.08 -14.60 49.44
C ALA A 111 11.87 -14.88 48.57
N LEU A 112 10.79 -14.13 48.75
CA LEU A 112 9.65 -14.32 47.87
C LEU A 112 9.95 -13.76 46.49
N LEU A 113 10.66 -12.63 46.42
CA LEU A 113 11.04 -12.08 45.13
C LEU A 113 12.08 -12.95 44.44
N SER A 114 12.96 -13.58 45.22
CA SER A 114 13.98 -14.44 44.63
C SER A 114 13.37 -15.75 44.14
N LEU A 115 12.27 -16.18 44.76
CA LEU A 115 11.61 -17.38 44.28
C LEU A 115 10.86 -17.11 42.99
N ILE A 116 10.22 -15.95 42.88
CA ILE A 116 9.45 -15.62 41.69
C ILE A 116 10.38 -15.43 40.49
N GLU A 117 11.52 -14.76 40.69
CA GLU A 117 12.45 -14.55 39.59
C GLU A 117 13.14 -15.84 39.18
N TYR A 118 13.08 -16.87 40.02
CA TYR A 118 13.54 -18.18 39.58
C TYR A 118 12.55 -18.80 38.61
N TYR A 119 11.26 -18.84 38.97
CA TYR A 119 10.28 -19.50 38.13
C TYR A 119 9.92 -18.71 36.88
N GLN A 120 10.40 -17.47 36.74
CA GLN A 120 10.19 -16.60 35.58
C GLN A 120 8.70 -16.33 35.38
N TRP A 121 8.11 -15.70 36.39
CA TRP A 121 6.72 -15.33 36.40
C TRP A 121 6.54 -13.87 36.03
N ASP A 122 5.45 -13.57 35.34
CA ASP A 122 5.06 -12.21 35.07
C ASP A 122 3.57 -11.99 35.24
N LYS A 123 2.79 -13.05 35.36
CA LYS A 123 1.34 -12.96 35.39
C LYS A 123 0.83 -13.90 36.49
N PHE A 124 0.71 -13.41 37.71
CA PHE A 124 0.33 -14.23 38.84
C PHE A 124 -0.59 -13.46 39.78
N ALA A 125 -1.59 -14.15 40.30
CA ALA A 125 -2.44 -13.56 41.32
C ALA A 125 -1.74 -13.63 42.67
N TYR A 126 -2.23 -12.87 43.62
CA TYR A 126 -1.58 -12.73 44.91
C TYR A 126 -2.65 -12.59 46.00
N LEU A 127 -3.06 -13.71 46.58
CA LEU A 127 -4.03 -13.66 47.65
C LEU A 127 -3.32 -13.37 48.98
N TYR A 128 -3.62 -12.22 49.56
CA TYR A 128 -2.94 -11.81 50.78
C TYR A 128 -3.95 -11.64 51.90
N ASP A 129 -3.45 -11.75 53.13
CA ASP A 129 -4.23 -11.53 54.33
C ASP A 129 -3.89 -10.16 54.90
N SER A 130 -4.90 -9.44 55.37
CA SER A 130 -4.65 -8.10 55.89
C SER A 130 -4.07 -8.16 57.31
N ASP A 131 -4.57 -9.08 58.13
CA ASP A 131 -4.30 -9.05 59.57
C ASP A 131 -2.85 -9.38 59.89
N ARG A 132 -2.16 -10.07 58.99
CA ARG A 132 -0.73 -10.35 59.18
C ARG A 132 0.10 -9.09 58.96
N GLY A 133 -0.43 -8.14 58.20
CA GLY A 133 0.35 -6.99 57.80
C GLY A 133 0.42 -6.94 56.29
N LEU A 134 0.86 -5.81 55.73
CA LEU A 134 0.91 -5.67 54.29
C LEU A 134 2.30 -5.33 53.77
N SER A 135 3.34 -5.61 54.57
CA SER A 135 4.70 -5.24 54.16
C SER A 135 5.17 -6.09 53.00
N THR A 136 4.65 -7.32 52.88
CA THR A 136 5.04 -8.15 51.75
C THR A 136 4.36 -7.66 50.48
N LEU A 137 3.19 -7.04 50.61
CA LEU A 137 2.47 -6.56 49.43
C LEU A 137 3.17 -5.36 48.80
N GLN A 138 3.79 -4.52 49.62
CA GLN A 138 4.50 -3.38 49.07
C GLN A 138 5.78 -3.80 48.36
N ALA A 139 6.34 -4.94 48.75
CA ALA A 139 7.55 -5.42 48.09
C ALA A 139 7.22 -6.02 46.73
N VAL A 140 6.12 -6.75 46.63
CA VAL A 140 5.79 -7.41 45.37
C VAL A 140 4.89 -6.53 44.52
N LEU A 141 4.73 -5.27 44.91
CA LEU A 141 4.15 -4.30 43.99
C LEU A 141 5.21 -3.34 43.47
N ASP A 142 6.18 -2.97 44.31
CA ASP A 142 7.31 -2.20 43.82
C ASP A 142 8.15 -3.03 42.86
N SER A 143 8.35 -4.30 43.17
CA SER A 143 9.07 -5.16 42.24
C SER A 143 8.18 -5.63 41.11
N ALA A 144 6.88 -5.32 41.16
CA ALA A 144 6.01 -5.55 40.02
C ALA A 144 6.23 -4.49 38.95
N ALA A 145 6.82 -3.36 39.33
CA ALA A 145 7.08 -2.32 38.36
C ALA A 145 8.27 -2.66 37.48
N GLU A 146 9.46 -2.77 38.07
CA GLU A 146 10.68 -2.82 37.29
C GLU A 146 10.98 -4.17 36.68
N LYS A 147 10.11 -5.16 36.84
CA LYS A 147 10.36 -6.48 36.25
C LYS A 147 9.21 -6.95 35.39
N LYS A 148 8.27 -6.05 35.07
CA LYS A 148 7.12 -6.29 34.19
C LYS A 148 6.26 -7.45 34.71
N TRP A 149 5.63 -7.23 35.85
CA TRP A 149 4.74 -8.22 36.44
C TRP A 149 3.30 -7.73 36.39
N GLN A 150 2.38 -8.64 36.13
CA GLN A 150 0.96 -8.32 36.11
C GLN A 150 0.31 -8.99 37.31
N VAL A 151 0.37 -8.34 38.45
CA VAL A 151 -0.06 -8.90 39.73
C VAL A 151 -1.53 -8.56 39.94
N THR A 152 -2.32 -9.55 40.31
CA THR A 152 -3.72 -9.36 40.66
C THR A 152 -3.86 -9.56 42.17
N ALA A 153 -3.64 -8.50 42.93
CA ALA A 153 -3.53 -8.60 44.38
C ALA A 153 -4.92 -8.48 44.99
N ILE A 154 -5.41 -9.56 45.58
CA ILE A 154 -6.76 -9.64 46.10
C ILE A 154 -6.71 -9.90 47.59
N ASN A 155 -7.33 -9.04 48.38
CA ASN A 155 -7.40 -9.22 49.82
C ASN A 155 -8.40 -10.33 50.13
N VAL A 156 -8.12 -11.10 51.17
CA VAL A 156 -8.95 -12.24 51.51
C VAL A 156 -9.23 -12.30 53.01
N GLY A 157 -8.68 -11.37 53.78
CA GLY A 157 -8.73 -11.49 55.23
C GLY A 157 -10.05 -11.05 55.83
N ASN A 158 -10.83 -10.25 55.09
CA ASN A 158 -12.07 -9.74 55.66
C ASN A 158 -13.23 -10.72 55.55
N ILE A 159 -13.00 -11.97 55.16
CA ILE A 159 -14.10 -12.89 54.96
C ILE A 159 -14.54 -13.46 56.30
N ASN A 160 -15.85 -13.53 56.52
CA ASN A 160 -16.43 -13.86 57.80
C ASN A 160 -16.29 -15.34 58.14
N ASN A 161 -16.94 -15.74 59.24
CA ASN A 161 -16.95 -17.14 59.63
C ASN A 161 -18.08 -17.89 58.95
N ASP A 162 -19.16 -17.18 58.62
CA ASP A 162 -20.36 -17.84 58.10
C ASP A 162 -20.24 -18.10 56.60
N LYS A 163 -20.12 -17.05 55.81
CA LYS A 163 -20.20 -17.12 54.35
C LYS A 163 -18.84 -17.28 53.70
N LYS A 164 -17.91 -17.99 54.35
CA LYS A 164 -16.55 -18.05 53.85
C LYS A 164 -16.44 -19.00 52.65
N ASP A 165 -17.36 -19.94 52.55
CA ASP A 165 -17.27 -20.93 51.47
C ASP A 165 -17.86 -20.41 50.18
N GLU A 166 -18.84 -19.50 50.28
CA GLU A 166 -19.48 -19.00 49.07
C GLU A 166 -18.64 -17.89 48.43
N THR A 167 -17.91 -17.12 49.24
CA THR A 167 -17.13 -16.03 48.67
C THR A 167 -15.84 -16.56 48.06
N TYR A 168 -15.28 -17.61 48.65
CA TYR A 168 -14.09 -18.23 48.06
C TYR A 168 -14.44 -18.91 46.75
N ARG A 169 -15.68 -19.39 46.60
CA ARG A 169 -16.12 -19.87 45.29
C ARG A 169 -16.27 -18.72 44.32
N SER A 170 -16.68 -17.56 44.81
CA SER A 170 -16.73 -16.37 43.96
C SER A 170 -15.34 -15.79 43.76
N LEU A 171 -14.40 -16.18 44.61
CA LEU A 171 -13.04 -15.67 44.50
C LEU A 171 -12.27 -16.37 43.39
N PHE A 172 -12.23 -17.71 43.42
CA PHE A 172 -11.42 -18.44 42.46
C PHE A 172 -12.07 -18.46 41.07
N GLN A 173 -13.36 -18.18 40.99
CA GLN A 173 -13.97 -18.00 39.68
C GLN A 173 -13.53 -16.69 39.05
N ASP A 174 -13.17 -15.71 39.87
CA ASP A 174 -12.62 -14.47 39.31
C ASP A 174 -11.20 -14.69 38.80
N LEU A 175 -10.53 -15.74 39.27
CA LEU A 175 -9.25 -16.10 38.70
C LEU A 175 -9.40 -17.14 37.60
N GLU A 176 -10.65 -17.38 37.17
CA GLU A 176 -10.87 -18.24 36.01
C GLU A 176 -11.37 -17.44 34.81
N LEU A 177 -12.00 -16.30 35.04
CA LEU A 177 -12.23 -15.38 33.93
C LEU A 177 -10.92 -14.79 33.46
N LYS A 178 -10.01 -14.50 34.39
CA LYS A 178 -8.70 -14.00 34.03
C LYS A 178 -7.75 -15.12 33.66
N LYS A 179 -8.03 -16.35 34.11
CA LYS A 179 -7.14 -17.52 34.01
C LYS A 179 -5.77 -17.21 34.59
N GLU A 180 -5.74 -16.97 35.90
CA GLU A 180 -4.49 -16.93 36.66
C GLU A 180 -4.27 -18.32 37.22
N ARG A 181 -3.28 -19.02 36.68
CA ARG A 181 -2.96 -20.34 37.17
C ARG A 181 -2.25 -20.27 38.51
N ARG A 182 -1.18 -19.50 38.58
CA ARG A 182 -0.26 -19.55 39.70
C ARG A 182 -0.59 -18.44 40.69
N VAL A 183 -0.72 -18.83 41.95
CA VAL A 183 -1.33 -18.03 43.01
C VAL A 183 -0.41 -18.07 44.21
N ILE A 184 0.04 -16.93 44.67
CA ILE A 184 0.83 -16.86 45.90
C ILE A 184 -0.17 -16.71 47.03
N LEU A 185 -0.19 -17.69 47.93
CA LEU A 185 -0.93 -17.51 49.16
C LEU A 185 -0.02 -16.89 50.20
N ASP A 186 -0.49 -15.84 50.84
CA ASP A 186 0.32 -15.11 51.82
C ASP A 186 -0.58 -14.88 53.02
N CYS A 187 -0.63 -15.85 53.92
CA CYS A 187 -1.55 -15.76 55.04
C CYS A 187 -1.09 -16.69 56.15
N GLU A 188 -1.76 -16.57 57.29
CA GLU A 188 -1.47 -17.37 58.48
C GLU A 188 -1.91 -18.81 58.25
N ARG A 189 -1.52 -19.68 59.19
CA ARG A 189 -1.72 -21.12 59.01
C ARG A 189 -3.21 -21.47 59.00
N ASP A 190 -4.03 -20.69 59.70
CA ASP A 190 -5.46 -20.96 59.73
C ASP A 190 -6.13 -20.50 58.45
N LYS A 191 -5.55 -19.52 57.77
CA LYS A 191 -6.11 -19.08 56.51
C LYS A 191 -5.54 -19.86 55.34
N VAL A 192 -4.46 -20.61 55.57
CA VAL A 192 -3.93 -21.46 54.50
C VAL A 192 -4.90 -22.61 54.23
N ASN A 193 -5.27 -23.35 55.27
CA ASN A 193 -6.07 -24.55 55.08
C ASN A 193 -7.50 -24.24 54.69
N ASP A 194 -7.99 -23.05 55.05
CA ASP A 194 -9.33 -22.67 54.63
C ASP A 194 -9.35 -22.21 53.18
N ILE A 195 -8.18 -21.93 52.61
CA ILE A 195 -8.11 -21.67 51.17
C ILE A 195 -7.84 -22.96 50.42
N VAL A 196 -7.05 -23.85 51.01
CA VAL A 196 -6.79 -25.15 50.38
C VAL A 196 -8.07 -26.01 50.36
N ASP A 197 -8.92 -25.85 51.37
CA ASP A 197 -10.17 -26.62 51.41
C ASP A 197 -11.18 -26.12 50.38
N GLN A 198 -10.95 -24.94 49.80
CA GLN A 198 -11.81 -24.50 48.71
C GLN A 198 -11.15 -24.75 47.36
N VAL A 199 -9.82 -24.78 47.32
CA VAL A 199 -9.11 -25.24 46.13
C VAL A 199 -9.42 -26.71 45.86
N ILE A 200 -9.43 -27.52 46.91
CA ILE A 200 -9.65 -28.95 46.74
C ILE A 200 -11.13 -29.24 46.51
N THR A 201 -12.00 -28.26 46.75
CA THR A 201 -13.43 -28.47 46.58
C THR A 201 -13.87 -28.13 45.16
N ILE A 202 -13.43 -26.98 44.65
CA ILE A 202 -13.79 -26.56 43.29
C ILE A 202 -12.97 -27.41 42.32
N GLY A 203 -11.80 -27.85 42.76
CA GLY A 203 -11.02 -28.77 41.94
C GLY A 203 -9.94 -28.09 41.14
N LYS A 204 -9.26 -27.13 41.74
CA LYS A 204 -8.13 -26.47 41.11
C LYS A 204 -6.82 -27.20 41.36
N HIS A 205 -6.87 -28.39 41.93
CA HIS A 205 -5.64 -29.12 42.24
C HIS A 205 -5.10 -29.91 41.06
N VAL A 206 -5.67 -29.72 39.86
CA VAL A 206 -5.17 -30.37 38.65
C VAL A 206 -3.84 -29.74 38.22
N LYS A 207 -3.22 -30.37 37.23
CA LYS A 207 -1.90 -29.95 36.76
C LYS A 207 -1.93 -28.56 36.15
N GLY A 208 -0.92 -27.76 36.49
CA GLY A 208 -0.76 -26.41 35.98
C GLY A 208 -0.78 -25.33 37.04
N TYR A 209 -1.69 -25.44 38.01
CA TYR A 209 -1.83 -24.46 39.09
C TYR A 209 -0.64 -24.57 40.03
N HIS A 210 0.12 -23.50 40.15
CA HIS A 210 1.39 -23.53 40.86
C HIS A 210 1.33 -22.59 42.05
N TYR A 211 0.94 -23.11 43.20
CA TYR A 211 0.77 -22.30 44.41
C TYR A 211 2.11 -22.04 45.06
N ILE A 212 2.20 -20.98 45.84
CA ILE A 212 3.33 -20.73 46.72
C ILE A 212 2.78 -20.36 48.09
N ILE A 213 2.96 -21.22 49.08
CA ILE A 213 2.44 -20.95 50.41
C ILE A 213 3.48 -20.06 51.08
N ALA A 214 3.41 -18.75 50.83
CA ALA A 214 4.50 -17.86 51.19
C ALA A 214 4.40 -17.40 52.64
N ASN A 215 4.35 -18.38 53.53
CA ASN A 215 4.55 -18.13 54.95
C ASN A 215 5.85 -18.79 55.36
N LEU A 216 6.25 -18.57 56.62
CA LEU A 216 7.58 -19.00 57.01
C LEU A 216 7.61 -20.49 57.29
N GLY A 217 6.49 -21.07 57.72
CA GLY A 217 6.42 -22.50 57.92
C GLY A 217 5.57 -23.17 56.87
N PHE A 218 6.21 -23.84 55.91
CA PHE A 218 5.45 -24.52 54.88
C PHE A 218 4.93 -25.86 55.36
N THR A 219 5.75 -26.60 56.12
CA THR A 219 5.37 -27.95 56.50
C THR A 219 4.51 -27.93 57.78
N ASP A 220 4.14 -26.73 58.25
CA ASP A 220 3.25 -26.61 59.40
C ASP A 220 1.87 -27.17 59.08
N GLY A 221 1.24 -26.67 58.02
CA GLY A 221 -0.03 -27.22 57.61
C GLY A 221 0.12 -28.55 56.91
N ASP A 222 -0.96 -29.31 56.87
CA ASP A 222 -0.95 -30.60 56.20
C ASP A 222 -1.04 -30.40 54.69
N LEU A 223 -0.01 -30.83 53.98
CA LEU A 223 0.03 -30.74 52.53
C LEU A 223 -0.42 -32.02 51.86
N LEU A 224 -1.03 -32.93 52.61
CA LEU A 224 -1.47 -34.20 52.03
C LEU A 224 -2.67 -34.01 51.12
N LYS A 225 -3.40 -32.91 51.29
CA LYS A 225 -4.63 -32.72 50.54
C LYS A 225 -4.35 -32.36 49.08
N ILE A 226 -3.31 -31.55 48.84
CA ILE A 226 -3.01 -31.21 47.45
C ILE A 226 -1.73 -31.88 46.98
N GLN A 227 -1.26 -32.89 47.72
CA GLN A 227 -0.17 -33.71 47.21
C GLN A 227 -0.69 -34.70 46.17
N PHE A 228 -1.93 -35.12 46.30
CA PHE A 228 -2.54 -36.13 45.45
C PHE A 228 -3.28 -35.54 44.26
N GLY A 229 -2.90 -34.35 43.80
CA GLY A 229 -3.67 -33.72 42.75
C GLY A 229 -2.92 -33.49 41.46
N GLY A 230 -1.60 -33.32 41.53
CA GLY A 230 -0.80 -32.97 40.38
C GLY A 230 -0.39 -31.51 40.32
N ALA A 231 -0.95 -30.66 41.17
CA ALA A 231 -0.51 -29.28 41.24
C ALA A 231 0.87 -29.20 41.88
N GLU A 232 1.57 -28.10 41.64
CA GLU A 232 2.95 -27.96 42.09
C GLU A 232 3.05 -26.82 43.08
N VAL A 233 3.09 -27.15 44.36
CA VAL A 233 3.03 -26.16 45.41
C VAL A 233 4.40 -26.08 46.08
N SER A 234 5.06 -24.93 45.92
CA SER A 234 6.33 -24.64 46.56
C SER A 234 6.09 -24.10 47.96
N GLY A 235 7.11 -23.55 48.59
CA GLY A 235 6.92 -23.02 49.92
C GLY A 235 8.18 -22.36 50.45
N PHE A 236 8.22 -22.22 51.77
CA PHE A 236 9.37 -21.72 52.50
C PHE A 236 9.36 -22.32 53.89
N GLN A 237 10.53 -22.79 54.33
CA GLN A 237 10.64 -23.41 55.66
C GLN A 237 11.93 -22.94 56.30
N ILE A 238 11.86 -22.63 57.59
CA ILE A 238 13.01 -22.05 58.27
C ILE A 238 13.67 -23.08 59.18
N VAL A 239 12.92 -24.10 59.60
CA VAL A 239 13.42 -25.11 60.52
C VAL A 239 13.50 -26.42 59.76
N ASP A 240 14.72 -26.80 59.37
CA ASP A 240 14.94 -28.01 58.60
C ASP A 240 15.20 -29.18 59.53
N TYR A 241 14.69 -30.34 59.15
CA TYR A 241 14.64 -31.45 60.10
C TYR A 241 15.82 -32.41 59.93
N ASP A 242 16.80 -32.03 59.11
CA ASP A 242 17.92 -32.91 58.82
C ASP A 242 19.16 -32.59 59.63
N ASP A 243 19.28 -31.36 60.12
CA ASP A 243 20.55 -30.80 60.62
C ASP A 243 21.06 -31.41 61.93
N SER A 244 20.26 -32.29 62.55
CA SER A 244 20.57 -33.14 63.70
C SER A 244 20.71 -32.38 65.02
N LEU A 245 20.70 -31.05 64.98
CA LEU A 245 20.43 -30.29 66.19
C LEU A 245 18.93 -30.07 66.34
N VAL A 246 18.24 -29.93 65.21
CA VAL A 246 16.78 -29.92 65.22
C VAL A 246 16.26 -31.31 65.54
N SER A 247 16.90 -32.34 64.99
CA SER A 247 16.39 -33.72 65.13
C SER A 247 16.55 -34.23 66.55
N LYS A 248 17.50 -33.65 67.30
CA LYS A 248 17.60 -33.96 68.72
C LYS A 248 16.47 -33.28 69.50
N PHE A 249 15.99 -32.14 69.01
CA PHE A 249 14.90 -31.45 69.69
C PHE A 249 13.58 -32.16 69.49
N ILE A 250 13.37 -32.74 68.30
CA ILE A 250 12.09 -33.39 67.98
C ILE A 250 11.86 -34.60 68.87
N GLU A 251 12.96 -35.28 69.26
CA GLU A 251 12.87 -36.40 70.18
C GLU A 251 12.34 -35.97 71.54
N ARG A 252 12.85 -34.85 72.05
CA ARG A 252 12.36 -34.34 73.33
C ARG A 252 11.01 -33.65 73.16
N TRP A 253 10.70 -33.20 71.95
CA TRP A 253 9.44 -32.51 71.73
C TRP A 253 8.28 -33.49 71.62
N SER A 254 8.49 -34.58 70.90
CA SER A 254 7.42 -35.56 70.69
C SER A 254 7.10 -36.30 71.98
N THR A 255 8.13 -36.64 72.73
CA THR A 255 7.94 -37.41 73.96
C THR A 255 7.59 -36.49 75.12
N LEU A 256 6.38 -35.93 75.12
CA LEU A 256 5.91 -35.11 76.22
C LEU A 256 4.45 -35.46 76.52
N GLU A 257 4.08 -35.26 77.79
CA GLU A 257 2.69 -35.38 78.19
C GLU A 257 1.91 -34.18 77.65
N GLU A 258 0.76 -34.45 77.02
CA GLU A 258 0.00 -33.36 76.42
C GLU A 258 -0.73 -32.54 77.49
N LYS A 259 -0.93 -33.11 78.67
CA LYS A 259 -1.57 -32.37 79.75
C LYS A 259 -0.58 -31.39 80.39
N GLU A 260 0.72 -31.64 80.22
CA GLU A 260 1.70 -30.67 80.66
C GLU A 260 1.98 -29.65 79.56
N TYR A 261 1.94 -30.10 78.31
CA TYR A 261 2.25 -29.24 77.16
C TYR A 261 1.20 -29.53 76.09
N PRO A 262 0.16 -28.71 75.97
CA PRO A 262 -0.91 -28.99 75.00
C PRO A 262 -0.44 -28.78 73.57
N GLY A 263 -0.80 -29.71 72.70
CA GLY A 263 -0.44 -29.65 71.31
C GLY A 263 1.02 -29.88 71.02
N ALA A 264 1.79 -30.40 71.97
CA ALA A 264 3.23 -30.54 71.76
C ALA A 264 3.61 -31.92 71.25
N HIS A 265 2.76 -32.93 71.50
CA HIS A 265 3.06 -34.31 71.12
C HIS A 265 2.79 -34.48 69.62
N THR A 266 3.70 -33.94 68.81
CA THR A 266 3.65 -34.01 67.37
C THR A 266 5.03 -34.30 66.83
N ALA A 267 5.10 -34.69 65.55
CA ALA A 267 6.39 -34.91 64.91
C ALA A 267 6.94 -33.62 64.34
N THR A 268 6.07 -32.66 64.03
CA THR A 268 6.46 -31.37 63.48
C THR A 268 6.07 -30.27 64.45
N ILE A 269 6.72 -29.12 64.30
CA ILE A 269 6.52 -27.98 65.18
C ILE A 269 6.16 -26.76 64.32
N LYS A 270 5.36 -25.86 64.88
CA LYS A 270 5.01 -24.64 64.18
C LYS A 270 6.20 -23.71 64.07
N TYR A 271 6.15 -22.80 63.08
CA TYR A 271 7.27 -21.90 62.87
C TYR A 271 7.31 -20.81 63.92
N THR A 272 6.17 -20.49 64.52
CA THR A 272 6.18 -19.52 65.61
C THR A 272 6.67 -20.15 66.90
N SER A 273 6.36 -21.44 67.11
CA SER A 273 6.78 -22.12 68.33
C SER A 273 8.27 -22.39 68.32
N ALA A 274 8.83 -22.72 67.15
CA ALA A 274 10.25 -22.98 67.07
C ALA A 274 11.05 -21.71 67.25
N LEU A 275 10.51 -20.58 66.82
CA LEU A 275 11.18 -19.31 67.06
C LEU A 275 10.99 -18.84 68.50
N THR A 276 10.03 -19.44 69.21
CA THR A 276 9.92 -19.16 70.64
C THR A 276 11.02 -19.87 71.41
N TYR A 277 11.28 -21.13 71.07
CA TYR A 277 12.37 -21.88 71.69
C TYR A 277 13.72 -21.26 71.36
N ASP A 278 13.83 -20.65 70.18
CA ASP A 278 15.07 -19.95 69.84
C ASP A 278 15.23 -18.70 70.68
N ALA A 279 14.13 -18.03 71.00
CA ALA A 279 14.23 -16.73 71.67
C ALA A 279 14.58 -16.86 73.14
N VAL A 280 14.29 -18.02 73.74
CA VAL A 280 14.73 -18.27 75.11
C VAL A 280 16.24 -18.41 75.15
N GLN A 281 16.81 -19.04 74.11
CA GLN A 281 18.26 -19.17 74.02
C GLN A 281 18.93 -17.82 73.83
N VAL A 282 18.25 -16.87 73.18
CA VAL A 282 18.86 -15.57 72.95
C VAL A 282 18.81 -14.73 74.21
N MET A 283 17.71 -14.83 74.97
CA MET A 283 17.62 -14.08 76.22
C MET A 283 18.59 -14.62 77.27
N THR A 284 18.71 -15.94 77.37
CA THR A 284 19.55 -16.54 78.40
C THR A 284 21.03 -16.29 78.11
N GLU A 285 21.45 -16.48 76.85
CA GLU A 285 22.86 -16.30 76.51
C GLU A 285 23.25 -14.83 76.47
N ALA A 286 22.27 -13.92 76.52
CA ALA A 286 22.61 -12.50 76.59
C ALA A 286 22.98 -12.09 78.01
N PHE A 287 22.26 -12.61 79.01
CA PHE A 287 22.59 -12.26 80.38
C PHE A 287 23.82 -13.01 80.87
N ARG A 288 24.12 -14.18 80.29
CA ARG A 288 25.38 -14.85 80.55
C ARG A 288 26.54 -14.02 80.02
N ASN A 289 26.40 -13.44 78.83
CA ASN A 289 27.44 -12.58 78.30
C ASN A 289 27.35 -11.18 78.90
N LEU A 290 26.28 -10.90 79.64
CA LEU A 290 26.27 -9.74 80.52
C LEU A 290 26.97 -10.06 81.84
N ARG A 291 26.90 -11.33 82.26
CA ARG A 291 27.51 -11.74 83.52
C ARG A 291 29.03 -11.73 83.43
N LYS A 292 29.58 -12.15 82.30
CA LYS A 292 31.03 -12.16 82.13
C LYS A 292 31.58 -10.74 82.00
N GLN A 293 30.74 -9.80 81.56
CA GLN A 293 31.09 -8.40 81.57
C GLN A 293 30.56 -7.79 82.87
N ARG A 294 30.52 -6.46 82.93
CA ARG A 294 29.88 -5.80 84.06
C ARG A 294 28.38 -6.08 84.04
N ILE A 295 27.82 -6.35 85.22
CA ILE A 295 26.39 -6.57 85.34
C ILE A 295 25.85 -5.79 86.53
N GLU A 296 25.33 -4.59 86.26
CA GLU A 296 24.74 -3.75 87.29
C GLU A 296 23.21 -3.82 87.17
N ILE A 297 22.68 -4.98 87.56
CA ILE A 297 21.25 -5.19 87.48
C ILE A 297 20.59 -4.63 88.73
N SER A 298 20.29 -3.34 88.68
CA SER A 298 19.76 -2.61 89.83
C SER A 298 18.59 -1.74 89.39
N ARG A 299 17.39 -2.12 89.84
CA ARG A 299 16.20 -1.30 89.74
C ARG A 299 15.23 -1.81 90.80
N ARG A 300 14.39 -0.91 91.31
CA ARG A 300 13.49 -1.18 92.41
C ARG A 300 12.44 -2.23 92.04
N GLY A 301 11.73 -2.71 93.06
CA GLY A 301 10.67 -3.67 92.82
C GLY A 301 9.47 -3.05 92.12
N ASN A 302 9.25 -1.76 92.35
CA ASN A 302 8.28 -0.96 91.60
C ASN A 302 9.10 0.03 90.78
N ALA A 303 9.15 -0.19 89.46
CA ALA A 303 10.00 0.64 88.61
C ALA A 303 9.38 2.01 88.39
N GLY A 304 8.06 2.07 88.21
CA GLY A 304 7.40 3.33 87.97
C GLY A 304 6.04 3.10 87.34
N ASP A 305 5.59 4.12 86.61
CA ASP A 305 4.32 4.06 85.91
C ASP A 305 4.50 4.50 84.47
N CYS A 306 3.65 3.96 83.60
CA CYS A 306 3.57 4.41 82.22
C CYS A 306 2.82 5.73 82.07
N LEU A 307 2.26 6.26 83.15
CA LEU A 307 1.63 7.58 83.18
C LEU A 307 2.61 8.66 83.66
N ALA A 308 3.91 8.34 83.69
CA ALA A 308 4.90 9.28 84.17
C ALA A 308 5.08 10.43 83.19
N ASN A 309 4.95 11.65 83.69
CA ASN A 309 4.94 12.84 82.85
C ASN A 309 6.03 13.79 83.32
N PRO A 310 7.20 13.85 82.66
CA PRO A 310 7.61 12.99 81.54
C PRO A 310 8.16 11.66 82.01
N ALA A 311 8.03 10.61 81.19
CA ALA A 311 8.57 9.31 81.53
C ALA A 311 10.10 9.30 81.44
N VAL A 312 10.73 8.71 82.44
CA VAL A 312 12.18 8.72 82.59
C VAL A 312 12.71 7.35 82.19
N PRO A 313 13.75 7.28 81.37
CA PRO A 313 14.38 5.98 81.06
C PRO A 313 15.27 5.52 82.21
N TRP A 314 15.98 4.42 81.95
CA TRP A 314 16.94 3.88 82.90
C TRP A 314 18.13 3.32 82.11
N GLY A 315 19.33 3.72 82.53
CA GLY A 315 20.49 3.62 81.65
C GLY A 315 20.99 2.20 81.47
N GLN A 316 20.60 1.31 82.38
CA GLN A 316 20.97 -0.10 82.25
C GLN A 316 20.14 -0.78 81.15
N GLY A 317 18.95 -0.22 80.86
CA GLY A 317 18.10 -0.80 79.83
C GLY A 317 18.67 -0.62 78.43
N VAL A 318 19.49 0.42 78.23
CA VAL A 318 20.19 0.56 76.96
C VAL A 318 21.26 -0.52 76.86
N GLU A 319 21.88 -0.85 77.99
CA GLU A 319 22.91 -1.89 78.00
C GLU A 319 22.30 -3.27 77.81
N ILE A 320 21.05 -3.45 78.24
CA ILE A 320 20.36 -4.71 77.98
C ILE A 320 20.01 -4.81 76.50
N GLU A 321 19.75 -3.67 75.86
CA GLU A 321 19.41 -3.65 74.44
C GLU A 321 20.59 -4.11 73.59
N ARG A 322 21.79 -3.64 73.90
CA ARG A 322 22.97 -4.06 73.15
C ARG A 322 23.39 -5.47 73.55
N ALA A 323 22.93 -5.95 74.71
CA ALA A 323 23.24 -7.30 75.13
C ALA A 323 22.50 -8.33 74.31
N LEU A 324 21.20 -8.09 74.04
CA LEU A 324 20.43 -9.00 73.22
C LEU A 324 20.87 -8.93 71.77
N LYS A 325 21.28 -7.75 71.31
CA LYS A 325 21.67 -7.60 69.91
C LYS A 325 23.01 -8.27 69.63
N GLN A 326 23.92 -8.25 70.59
CA GLN A 326 25.24 -8.85 70.40
C GLN A 326 25.23 -10.32 70.84
N VAL A 327 24.36 -11.09 70.18
CA VAL A 327 24.24 -12.53 70.40
C VAL A 327 24.45 -13.22 69.07
N GLN A 328 25.43 -14.12 69.02
CA GLN A 328 25.67 -14.94 67.84
C GLN A 328 25.71 -16.39 68.29
N VAL A 329 24.57 -17.06 68.21
CA VAL A 329 24.44 -18.46 68.63
C VAL A 329 23.80 -19.23 67.50
N GLU A 330 23.55 -20.51 67.74
CA GLU A 330 22.74 -21.31 66.84
C GLU A 330 21.35 -21.54 67.43
N GLY A 331 20.50 -22.16 66.64
CA GLY A 331 19.15 -22.45 67.08
C GLY A 331 18.44 -23.32 66.08
N LEU A 332 17.13 -23.43 66.26
CA LEU A 332 16.33 -24.26 65.35
C LEU A 332 16.23 -23.62 63.98
N SER A 333 16.26 -22.29 63.91
CA SER A 333 16.21 -21.63 62.61
C SER A 333 17.56 -21.69 61.90
N GLY A 334 18.64 -21.69 62.68
CA GLY A 334 19.97 -21.67 62.11
C GLY A 334 20.85 -20.62 62.77
N ASN A 335 21.44 -19.73 61.96
CA ASN A 335 22.16 -18.61 62.52
C ASN A 335 21.21 -17.64 63.19
N ILE A 336 21.53 -17.24 64.42
CA ILE A 336 20.79 -16.19 65.09
C ILE A 336 21.77 -15.10 65.45
N LYS A 337 21.82 -14.05 64.63
CA LYS A 337 22.61 -12.87 64.93
C LYS A 337 21.91 -11.65 64.34
N PHE A 338 22.23 -10.48 64.87
CA PHE A 338 21.44 -9.29 64.62
C PHE A 338 22.33 -8.16 64.10
N ASP A 339 21.70 -7.22 63.41
CA ASP A 339 22.34 -5.96 63.11
C ASP A 339 22.10 -4.97 64.25
N GLN A 340 22.39 -3.70 63.98
CA GLN A 340 22.12 -2.67 64.96
C GLN A 340 20.63 -2.35 65.04
N ASN A 341 19.87 -2.69 63.98
CA ASN A 341 18.46 -2.36 63.97
C ASN A 341 17.65 -3.31 64.84
N GLY A 342 17.78 -4.62 64.59
CA GLY A 342 17.00 -5.62 65.28
C GLY A 342 16.45 -6.71 64.40
N LYS A 343 16.66 -6.64 63.08
CA LYS A 343 16.29 -7.74 62.20
C LYS A 343 17.44 -8.74 62.13
N ARG A 344 17.10 -9.99 61.84
CA ARG A 344 18.12 -11.03 61.78
C ARG A 344 18.93 -10.91 60.50
N ILE A 345 20.25 -11.14 60.62
CA ILE A 345 21.14 -11.11 59.48
C ILE A 345 21.85 -12.44 59.37
N ASN A 346 22.40 -12.70 58.19
CA ASN A 346 23.09 -13.95 57.83
C ASN A 346 22.23 -15.18 58.12
N TYR A 347 20.96 -15.11 57.77
CA TYR A 347 20.05 -16.22 57.97
C TYR A 347 19.84 -16.98 56.68
N THR A 348 19.13 -18.11 56.77
CA THR A 348 19.02 -19.04 55.65
C THR A 348 17.63 -19.65 55.63
N ILE A 349 16.93 -19.50 54.52
CA ILE A 349 15.57 -20.01 54.35
C ILE A 349 15.61 -21.15 53.34
N ASN A 350 15.00 -22.27 53.67
CA ASN A 350 15.09 -23.49 52.89
C ASN A 350 13.84 -23.64 52.03
N ILE A 351 13.98 -23.43 50.72
CA ILE A 351 12.85 -23.49 49.81
C ILE A 351 12.41 -24.93 49.63
N MET A 352 11.16 -25.22 49.96
CA MET A 352 10.63 -26.57 49.88
C MET A 352 9.67 -26.64 48.70
N GLU A 353 9.77 -27.70 47.91
CA GLU A 353 8.88 -27.93 46.78
C GLU A 353 8.21 -29.28 46.95
N LEU A 354 6.88 -29.30 46.93
CA LEU A 354 6.15 -30.52 47.23
C LEU A 354 6.21 -31.50 46.06
N LYS A 355 6.77 -32.67 46.32
CA LYS A 355 6.84 -33.76 45.35
C LYS A 355 5.89 -34.88 45.76
N THR A 356 5.98 -36.01 45.05
CA THR A 356 5.01 -37.07 45.24
C THR A 356 5.23 -37.80 46.56
N ASN A 357 6.49 -38.01 46.96
CA ASN A 357 6.74 -38.65 48.24
C ASN A 357 6.50 -37.70 49.40
N GLY A 358 6.75 -36.41 49.20
CA GLY A 358 6.57 -35.41 50.22
C GLY A 358 7.36 -34.15 49.91
N PRO A 359 7.45 -33.24 50.88
CA PRO A 359 8.24 -32.03 50.66
C PRO A 359 9.74 -32.31 50.72
N ARG A 360 10.48 -31.62 49.86
CA ARG A 360 11.93 -31.78 49.79
C ARG A 360 12.56 -30.43 49.52
N LYS A 361 13.76 -30.23 50.06
CA LYS A 361 14.54 -29.02 49.78
C LYS A 361 14.96 -28.99 48.32
N ILE A 362 14.82 -27.84 47.68
CA ILE A 362 15.45 -27.62 46.39
C ILE A 362 16.55 -26.57 46.44
N GLY A 363 16.68 -25.82 47.52
CA GLY A 363 17.72 -24.80 47.57
C GLY A 363 17.53 -23.94 48.79
N TYR A 364 18.57 -23.17 49.09
CA TYR A 364 18.59 -22.30 50.26
C TYR A 364 18.77 -20.86 49.82
N TRP A 365 18.03 -19.95 50.45
CA TRP A 365 18.11 -18.52 50.19
C TRP A 365 18.99 -17.87 51.25
N SER A 366 19.63 -16.76 50.89
CA SER A 366 20.48 -16.04 51.82
C SER A 366 20.35 -14.55 51.57
N GLU A 367 21.23 -13.78 52.23
CA GLU A 367 21.20 -12.33 52.05
C GLU A 367 22.20 -11.90 50.97
N VAL A 368 23.40 -12.46 50.98
CA VAL A 368 24.40 -12.17 49.97
C VAL A 368 24.70 -13.36 49.08
N ASP A 369 24.17 -14.54 49.38
CA ASP A 369 24.40 -15.76 48.64
C ASP A 369 23.16 -16.24 47.89
N LYS A 370 22.49 -15.34 47.17
CA LYS A 370 21.03 -15.15 46.95
C LYS A 370 20.31 -16.50 46.83
N MET A 371 20.57 -17.30 45.81
CA MET A 371 19.79 -18.52 45.59
C MET A 371 20.68 -19.62 45.06
N VAL A 372 20.90 -20.65 45.86
CA VAL A 372 21.78 -21.76 45.50
C VAL A 372 20.95 -23.04 45.52
N LEU A 373 20.60 -23.52 44.33
CA LEU A 373 19.90 -24.79 44.18
C LEU A 373 20.88 -25.95 44.38
N THR A 374 20.51 -26.90 45.23
CA THR A 374 21.40 -28.00 45.59
C THR A 374 21.56 -28.98 44.42
N GLU A 375 22.70 -29.69 44.41
CA GLU A 375 23.06 -30.48 43.25
C GLU A 375 22.26 -31.78 43.17
N ASP A 376 22.07 -32.45 44.31
CA ASP A 376 21.43 -33.76 44.30
C ASP A 376 19.92 -33.63 44.06
N ASP A 377 19.43 -34.36 43.06
CA ASP A 377 18.01 -34.44 42.79
C ASP A 377 17.47 -35.86 42.81
N THR A 378 18.33 -36.86 42.62
CA THR A 378 18.05 -38.30 42.63
C THR A 378 16.99 -38.71 41.63
N SER A 379 16.92 -38.04 40.47
CA SER A 379 16.05 -38.25 39.31
C SER A 379 14.57 -37.94 39.57
N GLY A 380 14.18 -37.57 40.79
CA GLY A 380 12.80 -37.26 41.10
C GLY A 380 11.88 -38.46 41.21
N LEU A 381 12.41 -39.68 41.05
CA LEU A 381 11.76 -40.98 41.22
C LEU A 381 10.68 -41.31 40.19
N GLU A 382 10.35 -40.37 39.31
CA GLU A 382 9.39 -40.59 38.24
C GLU A 382 9.81 -39.86 36.98
N GLN A 383 9.01 -40.04 35.93
CA GLN A 383 9.30 -39.40 34.65
C GLN A 383 8.37 -38.20 34.44
N LYS A 384 7.39 -38.03 35.35
CA LYS A 384 6.41 -36.94 35.45
C LYS A 384 5.32 -37.05 34.35
N THR A 385 5.50 -38.00 33.42
CA THR A 385 4.51 -38.36 32.40
C THR A 385 4.14 -37.15 31.55
N VAL A 386 5.07 -36.70 30.72
CA VAL A 386 4.87 -35.53 29.86
C VAL A 386 3.67 -35.76 28.96
N VAL A 387 2.62 -34.97 29.17
CA VAL A 387 1.36 -35.19 28.48
C VAL A 387 1.41 -34.58 27.09
N VAL A 388 1.25 -35.41 26.08
CA VAL A 388 1.17 -34.97 24.69
C VAL A 388 -0.30 -34.74 24.38
N THR A 389 -0.71 -33.48 24.32
CA THR A 389 -2.07 -33.21 23.89
C THR A 389 -2.10 -33.08 22.37
N THR A 390 -3.30 -33.27 21.80
CA THR A 390 -3.49 -33.19 20.37
C THR A 390 -4.98 -33.06 20.09
N ILE A 391 -5.32 -33.01 18.81
CA ILE A 391 -6.70 -32.82 18.36
C ILE A 391 -7.04 -33.96 17.41
N LEU A 392 -8.32 -34.32 17.35
CA LEU A 392 -8.77 -35.48 16.58
C LEU A 392 -9.16 -35.04 15.17
N GLU A 393 -8.16 -35.06 14.28
CA GLU A 393 -8.33 -34.73 12.87
C GLU A 393 -7.64 -35.80 12.04
N SER A 394 -8.36 -36.37 11.09
CA SER A 394 -7.75 -37.35 10.21
C SER A 394 -6.80 -36.66 9.24
N PRO A 395 -5.68 -37.28 8.88
CA PRO A 395 -5.12 -38.54 9.36
C PRO A 395 -4.09 -38.33 10.45
N TYR A 396 -4.21 -37.23 11.19
CA TYR A 396 -3.19 -36.93 12.20
C TYR A 396 -3.42 -37.73 13.46
N VAL A 397 -4.65 -37.73 13.97
CA VAL A 397 -5.03 -38.52 15.13
C VAL A 397 -6.38 -39.19 14.84
N MET A 398 -6.41 -40.52 14.89
CA MET A 398 -7.61 -41.27 14.58
C MET A 398 -7.81 -42.40 15.58
N MET A 399 -9.06 -42.84 15.70
CA MET A 399 -9.39 -43.95 16.57
C MET A 399 -9.01 -45.27 15.91
N LYS A 400 -8.68 -46.27 16.73
CA LYS A 400 -8.42 -47.59 16.18
C LYS A 400 -9.68 -48.44 16.16
N LYS A 401 -9.51 -49.73 15.90
CA LYS A 401 -10.65 -50.60 15.63
C LYS A 401 -11.41 -50.94 16.90
N ASN A 402 -10.69 -51.28 17.97
CA ASN A 402 -11.30 -51.55 19.27
C ASN A 402 -10.60 -50.67 20.32
N HIS A 403 -11.08 -49.44 20.46
CA HIS A 403 -10.48 -48.53 21.42
C HIS A 403 -11.07 -48.73 22.81
N GLU A 404 -12.24 -49.37 22.89
CA GLU A 404 -12.73 -49.77 24.21
C GLU A 404 -11.93 -50.93 24.77
N MET A 405 -11.41 -51.79 23.89
CA MET A 405 -10.67 -52.96 24.33
C MET A 405 -9.27 -52.60 24.79
N LEU A 406 -8.78 -51.43 24.40
CA LEU A 406 -7.46 -50.99 24.80
C LEU A 406 -7.58 -49.79 25.74
N GLU A 407 -6.44 -49.33 26.26
CA GLU A 407 -6.38 -48.16 27.12
C GLU A 407 -5.17 -47.31 26.78
N GLY A 408 -5.27 -46.02 27.11
CA GLY A 408 -4.11 -45.14 27.09
C GLY A 408 -3.73 -44.72 25.68
N ASN A 409 -2.49 -45.03 25.31
CA ASN A 409 -1.96 -44.61 24.01
C ASN A 409 -2.56 -45.44 22.89
N GLU A 410 -2.98 -46.66 23.19
CA GLU A 410 -3.39 -47.59 22.14
C GLU A 410 -4.82 -47.32 21.69
N ARG A 411 -5.47 -46.32 22.28
CA ARG A 411 -6.80 -45.94 21.83
C ARG A 411 -6.72 -45.03 20.61
N TYR A 412 -5.53 -44.53 20.30
CA TYR A 412 -5.35 -43.56 19.23
C TYR A 412 -4.28 -44.02 18.24
N GLU A 413 -4.45 -43.63 16.98
CA GLU A 413 -3.44 -43.84 15.96
C GLU A 413 -3.45 -42.67 15.00
N GLY A 414 -2.42 -42.59 14.18
CA GLY A 414 -2.36 -41.55 13.16
C GLY A 414 -0.93 -41.10 12.95
N TYR A 415 -0.83 -39.96 12.26
CA TYR A 415 0.48 -39.44 11.89
C TYR A 415 1.24 -38.94 13.12
N CYS A 416 0.61 -38.08 13.92
CA CYS A 416 1.29 -37.49 15.06
C CYS A 416 1.53 -38.52 16.15
N VAL A 417 0.73 -39.59 16.17
CA VAL A 417 0.85 -40.60 17.21
C VAL A 417 2.15 -41.36 17.07
N ASP A 418 2.47 -41.81 15.86
CA ASP A 418 3.76 -42.45 15.65
C ASP A 418 4.88 -41.42 15.62
N LEU A 419 4.55 -40.16 15.34
CA LEU A 419 5.54 -39.10 15.52
C LEU A 419 5.82 -38.86 16.98
N ALA A 420 4.80 -39.01 17.84
CA ALA A 420 4.99 -38.83 19.27
C ALA A 420 5.91 -39.89 19.84
N ALA A 421 5.84 -41.11 19.32
CA ALA A 421 6.75 -42.15 19.76
C ALA A 421 8.17 -41.87 19.28
N GLU A 422 8.31 -41.29 18.09
CA GLU A 422 9.65 -41.04 17.58
C GLU A 422 10.29 -39.83 18.24
N ILE A 423 9.48 -39.00 18.90
CA ILE A 423 10.06 -38.02 19.82
C ILE A 423 10.50 -38.72 21.10
N ALA A 424 9.71 -39.69 21.56
CA ALA A 424 9.97 -40.33 22.84
C ALA A 424 11.19 -41.23 22.78
N LYS A 425 11.43 -41.86 21.63
CA LYS A 425 12.62 -42.70 21.49
C LYS A 425 13.87 -41.85 21.34
N HIS A 426 13.70 -40.57 20.99
CA HIS A 426 14.86 -39.70 20.85
C HIS A 426 15.16 -38.97 22.15
N CYS A 427 14.14 -38.44 22.82
CA CYS A 427 14.36 -37.63 24.01
C CYS A 427 14.25 -38.43 25.30
N GLY A 428 13.52 -39.53 25.31
CA GLY A 428 13.46 -40.37 26.49
C GLY A 428 12.50 -39.92 27.56
N PHE A 429 11.20 -39.92 27.25
CA PHE A 429 10.19 -39.53 28.22
C PHE A 429 8.90 -40.28 27.95
N LYS A 430 8.18 -40.58 29.02
CA LYS A 430 6.87 -41.21 28.89
C LYS A 430 5.84 -40.21 28.41
N TYR A 431 4.76 -40.69 27.81
CA TYR A 431 3.71 -39.81 27.34
C TYR A 431 2.35 -40.48 27.40
N LYS A 432 1.31 -39.67 27.42
CA LYS A 432 -0.07 -40.12 27.45
C LYS A 432 -0.91 -39.16 26.62
N LEU A 433 -1.56 -39.67 25.58
CA LEU A 433 -2.25 -38.82 24.63
C LEU A 433 -3.60 -38.38 25.20
N THR A 434 -3.81 -37.07 25.26
CA THR A 434 -5.08 -36.49 25.65
C THR A 434 -5.61 -35.68 24.48
N ILE A 435 -6.93 -35.70 24.29
CA ILE A 435 -7.55 -34.90 23.26
C ILE A 435 -8.07 -33.62 23.88
N VAL A 436 -7.80 -32.48 23.23
CA VAL A 436 -8.35 -31.20 23.67
C VAL A 436 -9.87 -31.26 23.55
N GLY A 437 -10.55 -30.66 24.52
CA GLY A 437 -11.97 -30.95 24.69
C GLY A 437 -12.86 -30.24 23.69
N ASP A 438 -12.59 -28.96 23.43
CA ASP A 438 -13.50 -28.16 22.62
C ASP A 438 -13.35 -28.45 21.13
N GLY A 439 -12.27 -29.11 20.74
CA GLY A 439 -12.08 -29.46 19.35
C GLY A 439 -11.66 -28.33 18.46
N LYS A 440 -10.97 -27.33 19.00
CA LYS A 440 -10.49 -26.19 18.23
C LYS A 440 -8.98 -26.10 18.36
N TYR A 441 -8.32 -25.60 17.32
CA TYR A 441 -6.92 -25.24 17.46
C TYR A 441 -6.77 -24.01 18.33
N GLY A 442 -7.75 -23.14 18.31
CA GLY A 442 -7.79 -22.08 19.30
C GLY A 442 -7.03 -20.84 18.88
N ALA A 443 -7.66 -19.70 19.10
CA ALA A 443 -7.05 -18.40 18.88
C ALA A 443 -7.49 -17.47 19.98
N ARG A 444 -6.78 -16.35 20.11
CA ARG A 444 -7.04 -15.39 21.17
C ARG A 444 -8.39 -14.71 20.94
N ASP A 445 -9.22 -14.73 21.96
CA ASP A 445 -10.47 -13.97 21.93
C ASP A 445 -10.16 -12.47 21.87
N ALA A 446 -11.03 -11.72 21.19
CA ALA A 446 -10.76 -10.32 20.94
C ALA A 446 -10.88 -9.49 22.22
N ASP A 447 -11.89 -9.77 23.04
CA ASP A 447 -12.20 -8.96 24.20
C ASP A 447 -11.60 -9.52 25.49
N THR A 448 -11.86 -10.79 25.80
CA THR A 448 -11.44 -11.35 27.08
C THR A 448 -9.96 -11.68 27.10
N LYS A 449 -9.32 -11.71 25.91
CA LYS A 449 -7.91 -12.04 25.71
C LYS A 449 -7.55 -13.42 26.29
N ILE A 450 -8.49 -14.36 26.22
CA ILE A 450 -8.30 -15.72 26.70
C ILE A 450 -7.87 -16.56 25.50
N TRP A 451 -7.11 -17.61 25.76
CA TRP A 451 -6.88 -18.61 24.73
C TRP A 451 -7.78 -19.82 24.97
N ASN A 452 -8.43 -20.28 23.91
CA ASN A 452 -9.14 -21.54 23.96
C ASN A 452 -8.34 -22.58 23.18
N GLY A 453 -8.87 -23.79 23.15
CA GLY A 453 -8.30 -24.83 22.33
C GLY A 453 -6.97 -25.33 22.81
N MET A 454 -6.16 -25.76 21.86
CA MET A 454 -4.95 -26.51 22.20
C MET A 454 -3.83 -25.58 22.63
N VAL A 455 -3.77 -24.38 22.07
CA VAL A 455 -2.83 -23.39 22.59
C VAL A 455 -3.31 -22.91 23.95
N GLY A 456 -4.60 -23.05 24.23
CA GLY A 456 -5.11 -22.80 25.57
C GLY A 456 -4.69 -23.85 26.57
N GLU A 457 -4.17 -24.99 26.10
CA GLU A 457 -3.65 -25.97 27.02
C GLU A 457 -2.15 -25.82 27.20
N LEU A 458 -1.46 -25.25 26.21
CA LEU A 458 -0.02 -25.09 26.35
C LEU A 458 0.33 -23.84 27.16
N VAL A 459 -0.38 -22.74 26.93
CA VAL A 459 -0.13 -21.53 27.70
C VAL A 459 -0.58 -21.71 29.13
N TYR A 460 -1.77 -22.25 29.33
CA TYR A 460 -2.34 -22.34 30.67
C TYR A 460 -1.89 -23.58 31.42
N GLY A 461 -1.09 -24.43 30.78
CA GLY A 461 -0.37 -25.48 31.47
C GLY A 461 -1.14 -26.76 31.74
N LYS A 462 -2.24 -27.02 31.05
CA LYS A 462 -2.94 -28.29 31.25
C LYS A 462 -2.29 -29.44 30.48
N ALA A 463 -1.26 -29.17 29.70
CA ALA A 463 -0.48 -30.19 29.02
C ALA A 463 0.90 -29.65 28.72
N ASP A 464 1.82 -30.53 28.35
CA ASP A 464 3.22 -30.13 28.34
C ASP A 464 3.76 -29.95 26.93
N ILE A 465 3.10 -30.54 25.93
CA ILE A 465 3.54 -30.47 24.54
C ILE A 465 2.36 -30.84 23.64
N ALA A 466 2.33 -30.28 22.43
CA ALA A 466 1.24 -30.50 21.49
C ALA A 466 1.82 -30.85 20.13
N ILE A 467 1.82 -32.15 19.82
CA ILE A 467 2.21 -32.64 18.51
C ILE A 467 0.92 -32.77 17.70
N ALA A 468 0.67 -31.81 16.82
CA ALA A 468 -0.63 -31.66 16.20
C ALA A 468 -0.49 -30.67 15.03
N PRO A 469 -1.50 -30.59 14.14
CA PRO A 469 -1.41 -29.57 13.06
C PRO A 469 -1.54 -28.12 13.51
N LEU A 470 -0.53 -27.63 14.21
CA LEU A 470 -0.58 -26.29 14.75
C LEU A 470 0.18 -25.37 13.81
N THR A 471 -0.56 -24.50 13.13
CA THR A 471 0.01 -23.67 12.07
C THR A 471 0.86 -22.56 12.67
N ILE A 472 2.09 -22.42 12.19
CA ILE A 472 2.96 -21.37 12.70
C ILE A 472 2.46 -20.01 12.24
N THR A 473 2.11 -19.16 13.21
CA THR A 473 1.65 -17.81 12.95
C THR A 473 2.45 -16.85 13.79
N LEU A 474 2.00 -15.59 13.84
CA LEU A 474 2.65 -14.62 14.71
C LEU A 474 1.98 -14.58 16.08
N VAL A 475 0.66 -14.69 16.11
CA VAL A 475 -0.05 -14.57 17.39
C VAL A 475 0.15 -15.83 18.23
N ARG A 476 0.62 -16.92 17.62
CA ARG A 476 0.89 -18.13 18.38
C ARG A 476 2.36 -18.26 18.71
N GLU A 477 3.22 -17.49 18.04
CA GLU A 477 4.63 -17.53 18.37
C GLU A 477 4.91 -16.80 19.66
N GLU A 478 4.16 -15.75 19.96
CA GLU A 478 4.51 -14.90 21.09
C GLU A 478 4.06 -15.50 22.42
N VAL A 479 3.27 -16.56 22.40
CA VAL A 479 2.77 -17.16 23.64
C VAL A 479 3.36 -18.55 23.88
N ILE A 480 3.60 -19.34 22.84
CA ILE A 480 4.27 -20.63 22.97
C ILE A 480 5.37 -20.71 21.94
N ASP A 481 6.38 -21.52 22.22
CA ASP A 481 7.48 -21.63 21.27
C ASP A 481 7.31 -22.87 20.41
N PHE A 482 7.54 -22.69 19.12
CA PHE A 482 7.42 -23.76 18.15
C PHE A 482 8.78 -24.34 17.86
N SER A 483 8.78 -25.61 17.47
CA SER A 483 9.96 -26.23 16.88
C SER A 483 10.12 -25.78 15.44
N LYS A 484 11.08 -26.41 14.76
CA LYS A 484 11.15 -26.23 13.32
C LYS A 484 9.99 -26.97 12.68
N PRO A 485 9.55 -26.59 11.48
CA PRO A 485 8.40 -27.26 10.87
C PRO A 485 8.71 -28.70 10.49
N PHE A 486 7.87 -29.61 10.99
CA PHE A 486 8.09 -31.02 10.68
C PHE A 486 7.43 -31.40 9.37
N MET A 487 6.57 -30.52 8.83
CA MET A 487 6.16 -30.59 7.45
C MET A 487 5.85 -29.19 6.96
N SER A 488 5.97 -28.99 5.66
CA SER A 488 5.69 -27.72 5.03
C SER A 488 4.46 -27.86 4.16
N LEU A 489 3.62 -26.84 4.16
CA LEU A 489 2.36 -26.90 3.43
C LEU A 489 1.89 -25.50 3.07
N GLY A 490 0.86 -25.44 2.24
CA GLY A 490 0.31 -24.17 1.82
C GLY A 490 -1.09 -24.35 1.29
N ILE A 491 -1.65 -23.24 0.79
CA ILE A 491 -2.96 -23.31 0.16
C ILE A 491 -2.81 -23.95 -1.22
N SER A 492 -3.68 -24.89 -1.54
CA SER A 492 -3.64 -25.54 -2.83
C SER A 492 -5.05 -25.67 -3.39
N ILE A 493 -5.14 -25.77 -4.71
CA ILE A 493 -6.42 -25.81 -5.40
C ILE A 493 -7.00 -27.21 -5.31
N MET A 494 -8.31 -27.32 -5.16
CA MET A 494 -9.00 -28.59 -5.14
C MET A 494 -10.10 -28.58 -6.18
N ILE A 495 -9.96 -29.39 -7.22
CA ILE A 495 -10.97 -29.53 -8.27
C ILE A 495 -11.32 -31.00 -8.45
N LYS A 496 -12.41 -31.24 -9.17
CA LYS A 496 -12.79 -32.61 -9.48
C LYS A 496 -11.84 -33.22 -10.50
N LYS A 497 -11.49 -34.48 -10.28
CA LYS A 497 -10.73 -35.26 -11.24
C LYS A 497 -11.47 -35.32 -12.58
N PRO A 498 -10.80 -35.00 -13.69
CA PRO A 498 -11.42 -35.19 -15.00
C PRO A 498 -11.68 -36.66 -15.29
N GLN A 499 -12.93 -36.98 -15.56
CA GLN A 499 -13.31 -38.36 -15.82
C GLN A 499 -12.87 -38.80 -17.21
N LYS A 500 -13.30 -39.99 -17.60
CA LYS A 500 -13.10 -40.44 -18.97
C LYS A 500 -13.88 -39.56 -19.93
N SER A 501 -13.21 -39.10 -20.97
CA SER A 501 -13.90 -38.37 -22.03
C SER A 501 -14.62 -39.40 -22.90
N LYS A 502 -15.83 -39.76 -22.50
CA LYS A 502 -16.61 -40.80 -23.16
C LYS A 502 -17.31 -40.20 -24.37
N PRO A 503 -16.94 -40.57 -25.59
CA PRO A 503 -17.51 -39.85 -26.75
C PRO A 503 -18.90 -40.33 -27.09
N GLY A 504 -19.15 -41.62 -26.94
CA GLY A 504 -20.34 -42.27 -27.47
C GLY A 504 -20.01 -43.03 -28.74
N VAL A 505 -20.92 -43.95 -29.09
CA VAL A 505 -20.68 -44.77 -30.26
C VAL A 505 -21.02 -43.99 -31.52
N PHE A 506 -21.81 -42.94 -31.40
CA PHE A 506 -22.13 -42.13 -32.57
C PHE A 506 -21.56 -40.73 -32.45
N SER A 507 -20.29 -40.62 -32.04
CA SER A 507 -19.68 -39.31 -31.91
C SER A 507 -19.24 -38.73 -33.24
N PHE A 508 -19.23 -39.53 -34.32
CA PHE A 508 -18.80 -38.98 -35.60
C PHE A 508 -19.91 -38.17 -36.26
N LEU A 509 -21.17 -38.41 -35.92
CA LEU A 509 -22.29 -37.68 -36.49
C LEU A 509 -22.41 -36.28 -35.89
N ASP A 510 -21.74 -36.04 -34.77
CA ASP A 510 -21.84 -34.81 -33.97
C ASP A 510 -21.61 -33.44 -34.60
N PRO A 511 -20.76 -33.25 -35.62
CA PRO A 511 -20.62 -31.87 -36.15
C PRO A 511 -21.87 -31.35 -36.83
N LEU A 512 -22.55 -32.17 -37.62
CA LEU A 512 -23.81 -31.77 -38.20
C LEU A 512 -24.94 -32.16 -37.28
N ALA A 513 -25.90 -31.25 -37.11
CA ALA A 513 -27.02 -31.52 -36.23
C ALA A 513 -27.93 -32.59 -36.83
N TYR A 514 -28.74 -33.20 -35.96
CA TYR A 514 -29.55 -34.32 -36.39
C TYR A 514 -30.72 -33.88 -37.27
N GLU A 515 -31.01 -32.59 -37.32
CA GLU A 515 -32.00 -32.11 -38.30
C GLU A 515 -31.37 -31.88 -39.66
N ILE A 516 -30.04 -32.01 -39.74
CA ILE A 516 -29.39 -32.01 -41.06
C ILE A 516 -29.25 -33.44 -41.56
N TRP A 517 -28.81 -34.37 -40.69
CA TRP A 517 -28.55 -35.74 -41.11
C TRP A 517 -29.81 -36.44 -41.60
N MET A 518 -30.97 -36.11 -41.00
CA MET A 518 -32.22 -36.66 -41.52
C MET A 518 -32.56 -36.02 -42.85
N CYS A 519 -32.34 -34.71 -42.99
CA CYS A 519 -32.76 -34.03 -44.20
C CYS A 519 -31.81 -34.32 -45.36
N ILE A 520 -30.59 -34.78 -45.06
CA ILE A 520 -29.73 -35.30 -46.13
C ILE A 520 -30.34 -36.57 -46.71
N VAL A 521 -30.87 -37.43 -45.84
CA VAL A 521 -31.45 -38.69 -46.30
C VAL A 521 -32.75 -38.44 -47.07
N PHE A 522 -33.57 -37.49 -46.60
CA PHE A 522 -34.83 -37.24 -47.31
C PHE A 522 -34.60 -36.44 -48.59
N ALA A 523 -33.51 -35.69 -48.66
CA ALA A 523 -33.20 -35.06 -49.94
C ALA A 523 -32.39 -35.99 -50.83
N TYR A 524 -31.86 -37.06 -50.26
CA TYR A 524 -31.28 -38.11 -51.09
C TYR A 524 -32.37 -38.84 -51.87
N ILE A 525 -33.48 -39.16 -51.22
CA ILE A 525 -34.57 -39.85 -51.91
C ILE A 525 -35.24 -38.90 -52.90
N GLY A 526 -35.18 -37.60 -52.64
CA GLY A 526 -35.80 -36.64 -53.53
C GLY A 526 -35.09 -36.55 -54.86
N VAL A 527 -33.76 -36.42 -54.83
CA VAL A 527 -33.00 -36.30 -56.07
C VAL A 527 -32.93 -37.63 -56.79
N SER A 528 -32.98 -38.73 -56.04
CA SER A 528 -33.01 -40.06 -56.66
C SER A 528 -34.31 -40.28 -57.41
N VAL A 529 -35.41 -39.72 -56.90
CA VAL A 529 -36.67 -39.85 -57.62
C VAL A 529 -36.72 -38.93 -58.83
N VAL A 530 -36.30 -37.67 -58.69
CA VAL A 530 -36.42 -36.71 -59.78
C VAL A 530 -35.49 -37.08 -60.94
N LEU A 531 -34.34 -37.68 -60.63
CA LEU A 531 -33.49 -38.21 -61.71
C LEU A 531 -34.15 -39.43 -62.35
N PHE A 532 -34.85 -40.23 -61.56
CA PHE A 532 -35.59 -41.35 -62.13
C PHE A 532 -36.81 -40.87 -62.90
N LEU A 533 -37.42 -39.77 -62.44
CA LEU A 533 -38.63 -39.27 -63.08
C LEU A 533 -38.31 -38.67 -64.45
N VAL A 534 -37.16 -38.01 -64.57
CA VAL A 534 -36.80 -37.38 -65.83
C VAL A 534 -36.41 -38.42 -66.88
N SER A 535 -35.64 -39.44 -66.48
CA SER A 535 -35.03 -40.35 -67.45
C SER A 535 -36.01 -41.33 -68.08
N ARG A 536 -37.29 -41.30 -67.68
CA ARG A 536 -38.31 -42.12 -68.31
C ARG A 536 -39.09 -41.37 -69.39
N PHE A 537 -38.86 -40.07 -69.52
CA PHE A 537 -39.48 -39.24 -70.54
C PHE A 537 -38.55 -39.17 -71.75
N SER A 538 -38.66 -38.16 -72.63
CA SER A 538 -37.79 -38.01 -73.79
C SER A 538 -36.28 -38.14 -73.57
N PRO A 539 -35.71 -37.88 -72.38
CA PRO A 539 -34.40 -38.47 -72.08
C PRO A 539 -34.39 -39.99 -72.25
N TYR A 540 -33.65 -40.45 -73.24
CA TYR A 540 -33.58 -41.87 -73.54
C TYR A 540 -32.28 -42.48 -73.04
N SER A 558 -32.38 -45.93 -78.55
CA SER A 558 -31.62 -45.85 -77.30
C SER A 558 -32.30 -46.64 -76.19
N THR A 559 -31.72 -46.59 -75.00
CA THR A 559 -32.21 -47.39 -73.88
C THR A 559 -32.21 -46.56 -72.61
N ASN A 560 -33.33 -46.55 -71.88
CA ASN A 560 -33.40 -45.91 -70.57
C ASN A 560 -32.70 -46.80 -69.56
N GLU A 561 -31.57 -46.34 -69.02
CA GLU A 561 -30.78 -47.13 -68.09
C GLU A 561 -31.00 -46.67 -66.65
N PHE A 562 -31.32 -45.39 -66.44
CA PHE A 562 -31.47 -44.83 -65.10
C PHE A 562 -32.77 -45.28 -64.44
N GLY A 563 -32.85 -46.55 -64.07
CA GLY A 563 -33.94 -47.04 -63.28
C GLY A 563 -33.81 -46.61 -61.83
N ILE A 564 -34.82 -46.94 -61.01
CA ILE A 564 -34.81 -46.49 -59.64
C ILE A 564 -33.75 -47.23 -58.82
N PHE A 565 -33.34 -48.41 -59.30
CA PHE A 565 -32.22 -49.09 -58.66
C PHE A 565 -30.90 -48.52 -59.14
N ASN A 566 -30.92 -47.77 -60.24
CA ASN A 566 -29.70 -47.10 -60.69
C ASN A 566 -29.67 -45.65 -60.25
N SER A 567 -30.83 -45.02 -60.11
CA SER A 567 -30.86 -43.61 -59.76
C SER A 567 -30.48 -43.39 -58.30
N LEU A 568 -30.73 -44.38 -57.44
CA LEU A 568 -30.17 -44.31 -56.11
C LEU A 568 -28.66 -44.51 -56.13
N TRP A 569 -28.16 -45.30 -57.08
CA TRP A 569 -26.76 -45.65 -57.06
C TRP A 569 -25.90 -44.58 -57.71
N PHE A 570 -26.49 -43.75 -58.57
CA PHE A 570 -25.74 -42.60 -59.06
C PHE A 570 -25.67 -41.52 -58.00
N SER A 571 -26.76 -41.32 -57.25
CA SER A 571 -26.79 -40.25 -56.27
C SER A 571 -25.91 -40.57 -55.07
N LEU A 572 -25.87 -41.85 -54.68
CA LEU A 572 -24.98 -42.24 -53.59
C LEU A 572 -23.53 -42.16 -54.05
N GLY A 573 -23.27 -42.40 -55.33
CA GLY A 573 -21.94 -42.20 -55.86
C GLY A 573 -21.58 -40.73 -55.98
N ALA A 574 -22.57 -39.88 -56.21
CA ALA A 574 -22.29 -38.46 -56.24
C ALA A 574 -22.11 -37.90 -54.84
N PHE A 575 -22.80 -38.47 -53.86
CA PHE A 575 -22.76 -37.89 -52.52
C PHE A 575 -21.49 -38.28 -51.79
N MET A 576 -20.95 -39.46 -52.03
CA MET A 576 -19.72 -39.86 -51.39
C MET A 576 -18.49 -39.46 -52.21
N GLN A 577 -18.69 -38.67 -53.26
CA GLN A 577 -17.66 -38.18 -54.18
C GLN A 577 -16.83 -39.28 -54.82
N GLN A 578 -17.42 -40.47 -54.99
CA GLN A 578 -16.71 -41.53 -55.69
C GLN A 578 -17.08 -41.57 -57.16
N GLY A 579 -18.33 -41.22 -57.48
CA GLY A 579 -18.80 -41.27 -58.83
C GLY A 579 -19.07 -42.69 -59.31
N CYS A 580 -19.73 -42.78 -60.46
CA CYS A 580 -19.95 -44.07 -61.09
C CYS A 580 -19.70 -43.94 -62.58
N ASP A 581 -19.69 -45.08 -63.26
CA ASP A 581 -19.48 -45.08 -64.70
C ASP A 581 -20.66 -44.47 -65.43
N ILE A 582 -21.86 -44.58 -64.85
CA ILE A 582 -23.03 -44.02 -65.51
C ILE A 582 -23.05 -42.51 -65.32
N SER A 583 -23.59 -41.81 -66.32
CA SER A 583 -23.68 -40.37 -66.27
C SER A 583 -24.91 -39.92 -67.04
N PRO A 584 -25.59 -38.88 -66.57
CA PRO A 584 -26.78 -38.39 -67.28
C PRO A 584 -26.40 -37.75 -68.61
N ARG A 585 -27.22 -38.01 -69.62
CA ARG A 585 -26.92 -37.57 -70.97
C ARG A 585 -27.87 -36.50 -71.50
N SER A 586 -29.06 -36.37 -70.93
CA SER A 586 -29.97 -35.31 -71.31
C SER A 586 -29.79 -34.11 -70.39
N LEU A 587 -30.21 -32.94 -70.87
CA LEU A 587 -29.96 -31.69 -70.15
C LEU A 587 -30.70 -31.66 -68.83
N SER A 588 -31.93 -32.18 -68.80
CA SER A 588 -32.70 -32.18 -67.56
C SER A 588 -32.17 -33.23 -66.59
N GLY A 589 -31.43 -34.22 -67.10
CA GLY A 589 -30.71 -35.12 -66.21
C GLY A 589 -29.39 -34.54 -65.76
N ARG A 590 -28.78 -33.69 -66.58
CA ARG A 590 -27.49 -33.12 -66.21
C ARG A 590 -27.65 -32.02 -65.18
N ILE A 591 -28.83 -31.41 -65.10
CA ILE A 591 -29.07 -30.39 -64.07
C ILE A 591 -29.29 -31.05 -62.72
N VAL A 592 -30.15 -32.08 -62.68
CA VAL A 592 -30.40 -32.79 -61.43
C VAL A 592 -29.15 -33.56 -61.00
N GLY A 593 -28.32 -33.96 -61.95
CA GLY A 593 -27.01 -34.49 -61.60
C GLY A 593 -26.01 -33.39 -61.35
N GLY A 594 -26.34 -32.16 -61.73
CA GLY A 594 -25.42 -31.06 -61.51
C GLY A 594 -25.65 -30.34 -60.21
N VAL A 595 -26.91 -30.15 -59.83
CA VAL A 595 -27.21 -29.42 -58.60
C VAL A 595 -26.89 -30.26 -57.38
N TRP A 596 -27.13 -31.58 -57.47
CA TRP A 596 -26.83 -32.49 -56.37
C TRP A 596 -25.33 -32.57 -56.12
N TRP A 597 -24.52 -32.30 -57.14
CA TRP A 597 -23.09 -32.17 -56.94
C TRP A 597 -22.75 -30.94 -56.10
N PHE A 598 -23.44 -29.82 -56.33
CA PHE A 598 -23.16 -28.63 -55.55
C PHE A 598 -23.71 -28.76 -54.14
N PHE A 599 -24.67 -29.65 -53.95
CA PHE A 599 -25.11 -29.95 -52.59
C PHE A 599 -24.06 -30.76 -51.83
N THR A 600 -23.44 -31.73 -52.49
CA THR A 600 -22.52 -32.59 -51.76
C THR A 600 -21.17 -31.94 -51.60
N LEU A 601 -20.94 -30.84 -52.30
CA LEU A 601 -19.68 -30.12 -52.14
C LEU A 601 -19.71 -29.25 -50.90
N ILE A 602 -20.87 -28.69 -50.59
CA ILE A 602 -20.96 -27.80 -49.44
C ILE A 602 -21.10 -28.61 -48.16
N ILE A 603 -21.89 -29.68 -48.18
CA ILE A 603 -22.17 -30.43 -46.97
C ILE A 603 -20.92 -31.18 -46.49
N ILE A 604 -20.16 -31.76 -47.42
CA ILE A 604 -18.93 -32.45 -47.03
C ILE A 604 -17.90 -31.44 -46.53
N SER A 605 -17.79 -30.29 -47.19
CA SER A 605 -16.83 -29.29 -46.73
C SER A 605 -17.31 -28.62 -45.46
N SER A 606 -18.61 -28.61 -45.21
CA SER A 606 -19.08 -28.13 -43.91
C SER A 606 -18.86 -29.19 -42.84
N TYR A 607 -18.82 -30.45 -43.23
CA TYR A 607 -18.58 -31.51 -42.24
C TYR A 607 -17.13 -31.51 -41.80
N THR A 608 -16.19 -31.37 -42.75
CA THR A 608 -14.77 -31.42 -42.41
C THR A 608 -14.36 -30.21 -41.59
N ALA A 609 -14.91 -29.06 -41.92
CA ALA A 609 -14.54 -27.84 -41.21
C ALA A 609 -15.09 -27.84 -39.79
N ASN A 610 -16.30 -28.32 -39.61
CA ASN A 610 -16.86 -28.33 -38.27
C ASN A 610 -16.21 -29.41 -37.41
N LEU A 611 -15.71 -30.47 -38.03
CA LEU A 611 -14.96 -31.46 -37.26
C LEU A 611 -13.56 -30.94 -36.96
N ALA A 612 -13.08 -30.00 -37.79
CA ALA A 612 -11.86 -29.27 -37.43
C ALA A 612 -12.16 -28.16 -36.44
N ALA A 613 -13.43 -27.89 -36.19
CA ALA A 613 -13.79 -26.90 -35.20
C ALA A 613 -13.94 -27.52 -33.82
N PHE A 614 -14.38 -28.79 -33.76
CA PHE A 614 -14.41 -29.46 -32.47
C PHE A 614 -13.02 -29.77 -31.99
N LEU A 615 -12.16 -30.22 -32.90
CA LEU A 615 -10.87 -30.75 -32.47
C LEU A 615 -9.86 -29.64 -32.25
N THR A 616 -10.17 -28.42 -32.66
CA THR A 616 -9.30 -27.30 -32.30
C THR A 616 -9.69 -26.71 -30.96
N VAL A 617 -10.99 -26.63 -30.69
CA VAL A 617 -11.44 -26.09 -29.40
C VAL A 617 -11.15 -27.09 -28.28
N GLU A 618 -11.25 -28.39 -28.58
CA GLU A 618 -10.86 -29.40 -27.59
C GLU A 618 -9.34 -29.42 -27.39
N ARG A 619 -8.59 -28.97 -28.40
CA ARG A 619 -7.15 -28.85 -28.25
C ARG A 619 -6.77 -27.62 -27.43
N MET A 620 -7.75 -26.73 -27.19
CA MET A 620 -7.44 -25.48 -26.51
C MET A 620 -8.11 -25.39 -25.14
N VAL A 621 -8.54 -26.51 -24.57
CA VAL A 621 -9.29 -26.46 -23.31
C VAL A 621 -8.41 -26.03 -22.14
N SER A 622 -7.17 -26.56 -22.08
CA SER A 622 -6.11 -26.22 -21.12
C SER A 622 -6.60 -26.23 -19.67
N PRO A 623 -6.82 -27.42 -19.08
CA PRO A 623 -7.37 -27.48 -17.71
C PRO A 623 -6.43 -26.86 -16.68
N ILE A 624 -6.97 -26.54 -15.51
CA ILE A 624 -6.38 -25.59 -14.57
C ILE A 624 -5.02 -26.05 -14.06
N GLU A 625 -3.99 -25.26 -14.37
CA GLU A 625 -2.64 -25.63 -13.99
C GLU A 625 -2.22 -24.96 -12.69
N SER A 626 -2.68 -23.74 -12.46
CA SER A 626 -2.34 -23.02 -11.24
C SER A 626 -3.43 -22.00 -10.95
N ALA A 627 -3.25 -21.25 -9.87
CA ALA A 627 -4.23 -20.24 -9.49
C ALA A 627 -4.18 -19.04 -10.41
N GLU A 628 -3.10 -18.89 -11.19
CA GLU A 628 -3.05 -17.89 -12.23
C GLU A 628 -4.11 -18.17 -13.30
N ASP A 629 -4.38 -19.45 -13.57
CA ASP A 629 -5.41 -19.79 -14.55
C ASP A 629 -6.79 -19.85 -13.91
N LEU A 630 -6.87 -19.79 -12.57
CA LEU A 630 -8.16 -19.54 -11.95
C LEU A 630 -8.50 -18.06 -11.96
N SER A 631 -7.50 -17.21 -12.16
CA SER A 631 -7.78 -15.78 -12.22
C SER A 631 -8.43 -15.40 -13.54
N LYS A 632 -7.92 -15.93 -14.66
CA LYS A 632 -8.33 -15.52 -15.99
C LYS A 632 -9.43 -16.40 -16.55
N GLN A 633 -10.09 -17.21 -15.73
CA GLN A 633 -11.14 -18.10 -16.22
C GLN A 633 -12.20 -18.22 -15.13
N THR A 634 -13.23 -17.39 -15.19
CA THR A 634 -14.17 -17.23 -14.11
C THR A 634 -15.48 -17.97 -14.36
N GLU A 635 -15.49 -18.97 -15.23
CA GLU A 635 -16.67 -19.82 -15.35
C GLU A 635 -16.60 -20.96 -14.34
N ILE A 636 -15.41 -21.22 -13.79
CA ILE A 636 -15.27 -22.13 -12.66
C ILE A 636 -15.28 -21.31 -11.37
N ALA A 637 -16.14 -21.69 -10.43
CA ALA A 637 -16.34 -20.94 -9.20
C ALA A 637 -15.47 -21.52 -8.09
N TYR A 638 -14.53 -20.72 -7.60
CA TYR A 638 -13.66 -21.17 -6.51
C TYR A 638 -14.03 -20.46 -5.22
N GLY A 639 -13.92 -21.18 -4.10
CA GLY A 639 -14.30 -20.64 -2.81
C GLY A 639 -13.46 -21.21 -1.69
N THR A 640 -13.67 -20.63 -0.51
CA THR A 640 -13.01 -21.03 0.72
C THR A 640 -14.06 -21.28 1.79
N LEU A 641 -13.61 -21.42 3.03
CA LEU A 641 -14.51 -21.61 4.15
C LEU A 641 -14.92 -20.25 4.73
N ASP A 642 -15.95 -20.26 5.58
CA ASP A 642 -16.53 -19.02 6.10
C ASP A 642 -15.54 -18.24 6.97
N SER A 643 -14.64 -18.94 7.65
CA SER A 643 -13.60 -18.30 8.44
C SER A 643 -12.35 -19.16 8.40
N GLY A 644 -11.28 -18.64 8.95
CA GLY A 644 -10.04 -19.38 8.98
C GLY A 644 -8.92 -18.58 8.36
N SER A 645 -7.73 -19.19 8.35
CA SER A 645 -6.56 -18.49 7.85
C SER A 645 -6.54 -18.45 6.33
N THR A 646 -7.35 -19.29 5.69
CA THR A 646 -7.38 -19.34 4.23
C THR A 646 -8.12 -18.15 3.66
N LYS A 647 -9.23 -17.77 4.29
CA LYS A 647 -9.94 -16.56 3.88
C LYS A 647 -9.12 -15.32 4.20
N GLU A 648 -8.40 -15.34 5.33
CA GLU A 648 -7.67 -14.16 5.77
C GLU A 648 -6.39 -13.96 4.98
N PHE A 649 -6.01 -14.96 4.18
CA PHE A 649 -4.79 -14.81 3.38
C PHE A 649 -5.03 -13.92 2.17
N PHE A 650 -6.17 -14.09 1.50
CA PHE A 650 -6.41 -13.34 0.26
C PHE A 650 -6.82 -11.91 0.55
N ARG A 651 -7.42 -11.67 1.72
CA ARG A 651 -7.91 -10.33 2.04
C ARG A 651 -6.77 -9.35 2.26
N ARG A 652 -5.71 -9.77 2.92
CA ARG A 652 -4.56 -8.92 3.16
C ARG A 652 -3.49 -9.07 2.09
N SER A 653 -3.76 -9.80 1.02
CA SER A 653 -2.72 -10.07 0.04
C SER A 653 -2.50 -8.89 -0.88
N LYS A 654 -1.23 -8.63 -1.20
CA LYS A 654 -0.85 -7.59 -2.13
C LYS A 654 -0.17 -8.14 -3.37
N ILE A 655 -0.48 -9.37 -3.77
CA ILE A 655 0.08 -9.98 -4.97
C ILE A 655 -0.91 -9.77 -6.11
N ALA A 656 -0.39 -9.60 -7.33
CA ALA A 656 -1.23 -9.27 -8.48
C ALA A 656 -2.18 -10.41 -8.84
N VAL A 657 -1.80 -11.64 -8.50
CA VAL A 657 -2.70 -12.77 -8.77
C VAL A 657 -3.74 -12.88 -7.66
N PHE A 658 -3.30 -12.80 -6.41
CA PHE A 658 -4.15 -13.19 -5.29
C PHE A 658 -5.14 -12.09 -4.93
N ASP A 659 -4.77 -10.83 -5.15
CA ASP A 659 -5.69 -9.75 -4.80
C ASP A 659 -6.86 -9.72 -5.77
N LYS A 660 -6.60 -10.05 -7.03
CA LYS A 660 -7.67 -10.18 -8.01
C LYS A 660 -8.53 -11.41 -7.72
N MET A 661 -7.94 -12.43 -7.09
CA MET A 661 -8.71 -13.61 -6.72
C MET A 661 -9.52 -13.37 -5.45
N TRP A 662 -9.24 -12.29 -4.73
CA TRP A 662 -10.10 -11.95 -3.60
C TRP A 662 -11.25 -11.05 -4.02
N THR A 663 -11.02 -10.23 -5.06
CA THR A 663 -12.10 -9.40 -5.59
C THR A 663 -13.20 -10.27 -6.20
N TYR A 664 -12.83 -11.39 -6.82
CA TYR A 664 -13.85 -12.30 -7.37
C TYR A 664 -14.59 -13.02 -6.26
N MET A 665 -13.92 -13.28 -5.14
CA MET A 665 -14.62 -13.85 -4.00
C MET A 665 -15.50 -12.82 -3.32
N ARG A 666 -15.19 -11.53 -3.51
CA ARG A 666 -15.81 -10.48 -2.72
C ARG A 666 -17.26 -10.25 -3.13
N SER A 667 -17.56 -10.33 -4.41
CA SER A 667 -18.89 -9.96 -4.92
C SER A 667 -19.48 -11.03 -5.84
N ALA A 668 -19.47 -12.29 -5.41
CA ALA A 668 -20.04 -13.38 -6.20
C ALA A 668 -21.13 -14.05 -5.38
N GLU A 669 -22.35 -14.07 -5.93
CA GLU A 669 -23.49 -14.68 -5.26
C GLU A 669 -24.15 -15.58 -6.30
N PRO A 670 -24.52 -16.85 -5.96
CA PRO A 670 -24.52 -17.61 -4.71
C PRO A 670 -23.14 -17.84 -4.11
N SER A 671 -23.09 -17.94 -2.79
CA SER A 671 -21.86 -17.75 -2.04
C SER A 671 -20.87 -18.88 -2.30
N VAL A 672 -19.64 -18.50 -2.65
CA VAL A 672 -18.57 -19.47 -2.79
C VAL A 672 -18.00 -19.82 -1.42
N PHE A 673 -18.31 -19.03 -0.41
CA PHE A 673 -17.84 -19.31 0.94
C PHE A 673 -18.73 -20.37 1.58
N VAL A 674 -18.14 -21.52 1.90
CA VAL A 674 -18.89 -22.65 2.42
C VAL A 674 -18.71 -22.73 3.92
N ARG A 675 -19.51 -23.60 4.54
CA ARG A 675 -19.60 -23.61 6.00
C ARG A 675 -18.45 -24.38 6.63
N THR A 676 -18.24 -25.62 6.21
CA THR A 676 -17.22 -26.48 6.78
C THR A 676 -16.31 -26.97 5.68
N THR A 677 -15.28 -27.74 6.08
CA THR A 677 -14.53 -28.51 5.10
C THR A 677 -15.36 -29.66 4.57
N ALA A 678 -16.28 -30.17 5.41
CA ALA A 678 -17.18 -31.24 4.97
C ALA A 678 -18.17 -30.74 3.93
N GLU A 679 -18.51 -29.45 3.97
CA GLU A 679 -19.34 -28.89 2.91
C GLU A 679 -18.49 -28.35 1.78
N GLY A 680 -17.22 -28.08 2.06
CA GLY A 680 -16.32 -27.65 1.00
C GLY A 680 -15.98 -28.78 0.05
N VAL A 681 -15.80 -29.99 0.59
CA VAL A 681 -15.55 -31.13 -0.26
C VAL A 681 -16.85 -31.57 -0.95
N ALA A 682 -18.00 -31.21 -0.37
CA ALA A 682 -19.28 -31.65 -0.92
C ALA A 682 -19.61 -30.90 -2.21
N ARG A 683 -19.31 -29.60 -2.26
CA ARG A 683 -19.71 -28.82 -3.42
C ARG A 683 -18.78 -29.08 -4.59
N VAL A 684 -17.60 -29.65 -4.34
CA VAL A 684 -16.73 -30.03 -5.43
C VAL A 684 -17.31 -31.21 -6.20
N ARG A 685 -17.86 -32.19 -5.49
CA ARG A 685 -18.25 -33.43 -6.13
C ARG A 685 -19.58 -33.31 -6.88
N LYS A 686 -20.47 -32.42 -6.45
CA LYS A 686 -21.79 -32.33 -7.05
C LYS A 686 -22.03 -31.01 -7.79
N SER A 687 -20.97 -30.33 -8.23
CA SER A 687 -21.12 -29.21 -9.15
C SER A 687 -20.43 -29.44 -10.49
N LYS A 688 -20.14 -30.70 -10.82
CA LYS A 688 -19.75 -31.14 -12.17
C LYS A 688 -18.44 -30.50 -12.63
N GLY A 689 -17.53 -30.27 -11.68
CA GLY A 689 -16.25 -29.70 -12.02
C GLY A 689 -16.25 -28.22 -12.25
N LYS A 690 -17.37 -27.53 -12.02
CA LYS A 690 -17.41 -26.09 -12.09
C LYS A 690 -17.09 -25.43 -10.75
N TYR A 691 -16.95 -26.20 -9.68
CA TYR A 691 -16.65 -25.67 -8.37
C TYR A 691 -15.26 -26.10 -7.93
N ALA A 692 -14.34 -25.14 -7.89
CA ALA A 692 -13.02 -25.34 -7.31
C ALA A 692 -13.12 -24.98 -5.85
N TYR A 693 -12.09 -25.34 -5.09
CA TYR A 693 -12.05 -25.07 -3.66
C TYR A 693 -10.60 -24.85 -3.25
N LEU A 694 -10.38 -23.91 -2.32
CA LEU A 694 -9.04 -23.56 -1.88
C LEU A 694 -8.89 -23.93 -0.42
N LEU A 695 -7.89 -24.74 -0.10
CA LEU A 695 -7.70 -25.25 1.25
C LEU A 695 -6.25 -25.63 1.43
N GLU A 696 -5.93 -26.15 2.63
CA GLU A 696 -4.57 -26.53 2.99
C GLU A 696 -4.07 -27.68 2.12
N SER A 697 -2.74 -27.77 1.98
CA SER A 697 -2.16 -28.75 1.08
C SER A 697 -2.31 -30.17 1.61
N THR A 698 -2.11 -30.37 2.90
CA THR A 698 -2.12 -31.73 3.42
C THR A 698 -3.54 -32.27 3.54
N MET A 699 -4.51 -31.37 3.68
CA MET A 699 -5.89 -31.83 3.63
C MET A 699 -6.29 -32.17 2.20
N ASN A 700 -5.65 -31.52 1.23
CA ASN A 700 -6.03 -31.74 -0.17
C ASN A 700 -5.45 -33.04 -0.69
N GLU A 701 -4.24 -33.40 -0.26
CA GLU A 701 -3.66 -34.65 -0.71
C GLU A 701 -4.31 -35.84 -0.02
N TYR A 702 -4.84 -35.63 1.18
CA TYR A 702 -5.47 -36.75 1.87
C TYR A 702 -6.83 -37.09 1.27
N ILE A 703 -7.62 -36.08 0.91
CA ILE A 703 -8.94 -36.34 0.35
C ILE A 703 -8.83 -36.85 -1.07
N GLU A 704 -7.72 -36.53 -1.75
CA GLU A 704 -7.41 -37.17 -3.03
C GLU A 704 -7.21 -38.67 -2.86
N GLN A 705 -6.67 -39.09 -1.72
CA GLN A 705 -6.45 -40.51 -1.47
C GLN A 705 -7.63 -41.18 -0.77
N ARG A 706 -8.76 -40.49 -0.62
CA ARG A 706 -9.96 -41.10 -0.08
C ARG A 706 -10.91 -41.46 -1.21
N LYS A 707 -11.62 -42.58 -1.05
CA LYS A 707 -12.66 -42.93 -2.00
C LYS A 707 -13.82 -41.96 -1.88
N PRO A 708 -14.56 -41.67 -2.96
CA PRO A 708 -14.53 -42.23 -4.33
C PRO A 708 -13.50 -41.62 -5.30
N CYS A 709 -12.40 -41.06 -4.77
CA CYS A 709 -11.22 -40.68 -5.56
C CYS A 709 -11.54 -39.61 -6.60
N ASP A 710 -12.48 -38.71 -6.26
CA ASP A 710 -13.02 -37.78 -7.24
C ASP A 710 -12.29 -36.45 -7.34
N THR A 711 -11.39 -36.13 -6.41
CA THR A 711 -10.72 -34.84 -6.43
C THR A 711 -9.22 -35.02 -6.61
N MET A 712 -8.56 -33.94 -7.02
CA MET A 712 -7.13 -33.95 -7.24
C MET A 712 -6.56 -32.59 -6.89
N LYS A 713 -5.26 -32.55 -6.61
CA LYS A 713 -4.58 -31.32 -6.25
C LYS A 713 -3.87 -30.76 -7.48
N VAL A 714 -4.42 -29.68 -8.01
CA VAL A 714 -3.79 -28.98 -9.13
C VAL A 714 -3.13 -27.74 -8.61
N GLY A 715 -2.07 -27.32 -9.27
CA GLY A 715 -1.30 -26.20 -8.80
C GLY A 715 -0.24 -26.62 -7.81
N GLY A 716 0.48 -25.61 -7.33
CA GLY A 716 1.48 -25.81 -6.30
C GLY A 716 1.05 -25.11 -5.03
N ASN A 717 1.99 -25.02 -4.09
CA ASN A 717 1.75 -24.27 -2.88
C ASN A 717 1.73 -22.79 -3.17
N LEU A 718 0.57 -22.16 -2.92
CA LEU A 718 0.43 -20.73 -3.21
C LEU A 718 1.22 -19.90 -2.22
N ASP A 719 1.24 -20.30 -0.95
CA ASP A 719 2.08 -19.67 0.05
C ASP A 719 2.78 -20.75 0.87
N SER A 720 3.41 -20.32 1.96
CA SER A 720 4.15 -21.22 2.82
C SER A 720 3.67 -21.08 4.25
N LYS A 721 3.28 -22.20 4.85
CA LYS A 721 2.97 -22.27 6.25
C LYS A 721 3.91 -23.29 6.90
N GLY A 722 3.62 -23.64 8.13
CA GLY A 722 4.39 -24.67 8.78
C GLY A 722 3.66 -25.28 9.95
N TYR A 723 3.61 -26.61 9.98
CA TYR A 723 3.14 -27.28 11.19
C TYR A 723 4.32 -27.51 12.12
N GLY A 724 4.14 -27.15 13.38
CA GLY A 724 5.23 -27.23 14.33
C GLY A 724 4.80 -27.88 15.62
N ILE A 725 5.72 -28.65 16.19
CA ILE A 725 5.54 -29.14 17.55
C ILE A 725 5.80 -27.99 18.52
N ALA A 726 4.84 -27.73 19.39
CA ALA A 726 4.86 -26.54 20.22
C ALA A 726 4.94 -26.89 21.69
N THR A 727 5.83 -26.21 22.40
CA THR A 727 6.04 -26.31 23.83
C THR A 727 5.70 -24.98 24.46
N PRO A 728 5.33 -24.96 25.74
CA PRO A 728 5.09 -23.67 26.41
C PRO A 728 6.35 -22.86 26.61
N LYS A 729 6.15 -21.60 26.94
CA LYS A 729 7.23 -20.62 26.98
C LYS A 729 8.17 -20.89 28.15
N GLY A 730 9.46 -20.99 27.87
CA GLY A 730 10.44 -21.17 28.92
C GLY A 730 10.41 -22.52 29.57
N SER A 731 10.20 -23.58 28.80
CA SER A 731 10.20 -24.93 29.33
C SER A 731 11.51 -25.63 29.01
N SER A 732 11.71 -26.80 29.62
CA SER A 732 12.96 -27.52 29.45
C SER A 732 12.94 -28.37 28.18
N LEU A 733 11.77 -28.65 27.64
CA LEU A 733 11.64 -29.48 26.45
C LEU A 733 11.71 -28.69 25.15
N GLY A 734 12.01 -27.39 25.20
CA GLY A 734 12.04 -26.62 23.97
C GLY A 734 13.22 -26.97 23.09
N THR A 735 14.39 -27.15 23.71
CA THR A 735 15.58 -27.48 22.93
C THR A 735 15.68 -28.96 22.52
N PRO A 736 15.40 -29.97 23.37
CA PRO A 736 15.55 -31.35 22.86
C PRO A 736 14.51 -31.76 21.84
N VAL A 737 13.33 -31.15 21.84
CA VAL A 737 12.37 -31.41 20.77
C VAL A 737 12.82 -30.75 19.48
N ASN A 738 13.44 -29.58 19.59
CA ASN A 738 13.88 -28.84 18.41
C ASN A 738 15.05 -29.55 17.72
N LEU A 739 15.85 -30.30 18.48
CA LEU A 739 16.88 -31.12 17.85
C LEU A 739 16.33 -32.45 17.40
N ALA A 740 15.14 -32.82 17.85
CA ALA A 740 14.56 -34.10 17.46
C ALA A 740 13.93 -34.00 16.09
N VAL A 741 13.21 -32.91 15.81
CA VAL A 741 12.50 -32.75 14.55
C VAL A 741 13.48 -32.62 13.38
N LEU A 742 14.56 -31.89 13.59
CA LEU A 742 15.56 -31.75 12.53
C LEU A 742 16.34 -33.04 12.32
N LYS A 743 16.51 -33.85 13.37
CA LYS A 743 17.13 -35.15 13.18
C LYS A 743 16.18 -36.10 12.44
N LEU A 744 14.88 -36.00 12.72
CA LEU A 744 13.93 -36.87 12.04
C LEU A 744 13.66 -36.40 10.61
N SER A 745 14.11 -35.21 10.25
CA SER A 745 13.96 -34.75 8.88
C SER A 745 15.19 -35.13 8.04
N GLU A 746 16.38 -35.03 8.63
CA GLU A 746 17.58 -35.43 7.90
C GLU A 746 17.65 -36.94 7.73
N GLN A 747 17.11 -37.68 8.69
CA GLN A 747 17.04 -39.13 8.53
C GLN A 747 15.91 -39.55 7.61
N GLY A 748 15.08 -38.62 7.15
CA GLY A 748 14.00 -38.95 6.25
C GLY A 748 12.84 -39.68 6.90
N VAL A 749 12.78 -39.71 8.22
CA VAL A 749 11.68 -40.42 8.89
C VAL A 749 10.37 -39.66 8.72
N LEU A 750 10.45 -38.34 8.59
CA LEU A 750 9.25 -37.56 8.30
C LEU A 750 8.77 -37.80 6.88
N ASP A 751 9.70 -37.96 5.94
CA ASP A 751 9.32 -38.28 4.58
C ASP A 751 8.84 -39.71 4.46
N LYS A 752 9.37 -40.61 5.30
CA LYS A 752 8.91 -41.99 5.29
C LYS A 752 7.49 -42.10 5.83
N LEU A 753 7.15 -41.26 6.81
CA LEU A 753 5.82 -41.34 7.41
C LEU A 753 4.78 -40.70 6.50
N LYS A 754 5.10 -39.58 5.87
CA LYS A 754 4.16 -38.91 4.98
C LYS A 754 3.91 -39.75 3.74
N ASN A 755 4.91 -40.54 3.35
CA ASN A 755 4.73 -41.51 2.27
C ASN A 755 3.79 -42.64 2.71
N LYS A 756 3.62 -42.84 4.01
CA LYS A 756 2.96 -44.05 4.48
C LYS A 756 1.52 -43.78 4.93
N TRP A 757 1.28 -42.60 5.51
CA TRP A 757 -0.05 -42.36 6.07
C TRP A 757 -1.00 -41.77 5.04
N TRP A 758 -0.46 -41.14 3.99
CA TRP A 758 -1.32 -40.65 2.93
C TRP A 758 -1.54 -41.70 1.85
N TYR A 759 -0.54 -42.56 1.62
CA TYR A 759 -0.60 -43.42 0.45
C TYR A 759 -0.88 -44.88 0.81
N ASP A 760 -0.11 -45.44 1.75
CA ASP A 760 -0.23 -46.86 2.06
C ASP A 760 -1.50 -47.14 2.85
N LYS A 761 -2.00 -46.17 3.59
CA LYS A 761 -3.35 -46.29 4.12
C LYS A 761 -4.39 -45.75 3.15
N GLY A 762 -3.98 -45.35 1.95
CA GLY A 762 -4.89 -44.75 1.00
C GLY A 762 -5.92 -45.70 0.42
N GLU A 763 -7.19 -45.33 0.53
CA GLU A 763 -8.26 -46.12 -0.07
C GLU A 763 -8.15 -46.12 -1.60
N CYS A 764 -7.73 -45.00 -2.18
CA CYS A 764 -7.36 -44.99 -3.58
C CYS A 764 -6.04 -45.72 -3.73
N GLY A 765 -5.97 -46.61 -4.72
CA GLY A 765 -4.77 -47.41 -4.88
C GLY A 765 -3.92 -46.92 -6.04
N ALA A 766 -2.64 -46.67 -5.74
CA ALA A 766 -1.61 -46.24 -6.70
C ALA A 766 -2.02 -44.96 -7.43
N LYS A 767 -2.39 -43.95 -6.65
CA LYS A 767 -2.99 -42.76 -7.24
C LYS A 767 -1.94 -41.86 -7.89
N ASP A 768 -0.69 -41.92 -7.40
CA ASP A 768 0.40 -41.24 -8.09
C ASP A 768 0.72 -41.91 -9.43
N SER A 769 0.52 -43.22 -9.52
CA SER A 769 0.92 -43.94 -10.72
C SER A 769 -0.10 -43.79 -11.85
N GLY A 770 -1.25 -43.18 -11.56
CA GLY A 770 -2.28 -43.03 -12.57
C GLY A 770 -2.32 -41.66 -13.23
N SER A 771 -1.22 -40.90 -13.21
CA SER A 771 -1.26 -39.52 -13.67
C SER A 771 -0.71 -39.37 -15.08
N LYS A 772 -0.12 -40.42 -15.64
CA LYS A 772 0.60 -40.27 -16.90
C LYS A 772 -0.30 -40.54 -18.10
N GLU A 773 -1.57 -40.81 -17.87
CA GLU A 773 -2.49 -41.06 -18.98
C GLU A 773 -2.85 -39.75 -19.68
N LYS A 774 -2.46 -39.64 -20.95
CA LYS A 774 -2.72 -38.45 -21.73
C LYS A 774 -2.68 -38.81 -23.20
N THR A 775 -3.72 -38.40 -23.93
CA THR A 775 -3.82 -38.69 -25.35
C THR A 775 -3.84 -37.40 -26.14
N SER A 776 -3.21 -37.45 -27.31
CA SER A 776 -3.16 -36.31 -28.20
C SER A 776 -3.40 -36.75 -29.64
N ALA A 777 -4.28 -37.71 -29.84
CA ALA A 777 -4.55 -38.22 -31.18
C ALA A 777 -5.96 -38.75 -31.23
N LEU A 778 -6.44 -39.01 -32.44
CA LEU A 778 -7.78 -39.54 -32.58
C LEU A 778 -7.76 -41.03 -32.29
N SER A 779 -8.65 -41.46 -31.40
CA SER A 779 -8.67 -42.84 -30.94
C SER A 779 -9.73 -43.60 -31.69
N LEU A 780 -9.80 -44.91 -31.43
CA LEU A 780 -10.76 -45.74 -32.14
C LEU A 780 -12.18 -45.46 -31.68
N SER A 781 -12.33 -44.97 -30.45
CA SER A 781 -13.66 -44.75 -29.89
C SER A 781 -14.36 -43.58 -30.57
N ASN A 782 -13.60 -42.59 -31.04
CA ASN A 782 -14.21 -41.43 -31.68
C ASN A 782 -14.76 -41.73 -33.06
N VAL A 783 -14.23 -42.73 -33.75
CA VAL A 783 -14.77 -43.15 -35.03
C VAL A 783 -15.34 -44.56 -34.98
N ALA A 784 -15.85 -44.97 -33.82
CA ALA A 784 -16.21 -46.36 -33.61
C ALA A 784 -17.47 -46.75 -34.36
N GLY A 785 -18.44 -45.84 -34.46
CA GLY A 785 -19.72 -46.22 -35.03
C GLY A 785 -19.68 -46.34 -36.54
N VAL A 786 -18.64 -45.80 -37.17
CA VAL A 786 -18.48 -46.00 -38.60
C VAL A 786 -18.15 -47.45 -38.89
N PHE A 787 -17.31 -48.06 -38.05
CA PHE A 787 -17.08 -49.49 -38.14
C PHE A 787 -18.34 -50.27 -37.77
N TYR A 788 -19.14 -49.73 -36.86
CA TYR A 788 -20.37 -50.41 -36.49
C TYR A 788 -21.39 -50.34 -37.63
N ILE A 789 -21.36 -49.24 -38.38
CA ILE A 789 -22.14 -49.19 -39.62
C ILE A 789 -21.51 -50.10 -40.67
N LEU A 790 -20.18 -50.21 -40.67
CA LEU A 790 -19.51 -51.02 -41.68
C LEU A 790 -19.70 -52.50 -41.43
N VAL A 791 -19.56 -52.94 -40.17
CA VAL A 791 -19.80 -54.35 -39.87
C VAL A 791 -21.28 -54.66 -39.96
N GLY A 792 -22.13 -53.72 -39.56
CA GLY A 792 -23.56 -53.88 -39.78
C GLY A 792 -23.94 -53.80 -41.24
N GLY A 793 -23.14 -53.08 -42.03
CA GLY A 793 -23.42 -53.02 -43.46
C GLY A 793 -23.06 -54.31 -44.18
N LEU A 794 -22.06 -55.02 -43.69
CA LEU A 794 -21.70 -56.30 -44.30
C LEU A 794 -22.71 -57.37 -43.94
N GLY A 795 -23.21 -57.34 -42.71
CA GLY A 795 -24.12 -58.39 -42.26
C GLY A 795 -25.48 -58.32 -42.91
N LEU A 796 -25.92 -57.12 -43.27
CA LEU A 796 -27.17 -57.00 -44.02
C LEU A 796 -26.92 -57.28 -45.50
N ALA A 797 -25.67 -57.14 -45.94
CA ALA A 797 -25.36 -57.39 -47.34
C ALA A 797 -25.32 -58.88 -47.65
N MET A 798 -24.76 -59.69 -46.74
CA MET A 798 -24.71 -61.13 -46.96
C MET A 798 -26.08 -61.76 -46.83
N LEU A 799 -26.99 -61.13 -46.07
CA LEU A 799 -28.34 -61.64 -45.97
C LEU A 799 -29.10 -61.49 -47.28
N VAL A 800 -28.96 -60.34 -47.94
CA VAL A 800 -29.69 -60.09 -49.18
C VAL A 800 -29.12 -60.95 -50.31
N ALA A 801 -27.83 -61.28 -50.23
CA ALA A 801 -27.23 -62.21 -51.18
C ALA A 801 -27.82 -63.61 -51.04
N LEU A 802 -28.30 -63.93 -49.84
CA LEU A 802 -29.02 -65.19 -49.66
C LEU A 802 -30.46 -65.07 -50.16
N ILE A 803 -31.06 -63.89 -50.00
CA ILE A 803 -32.44 -63.70 -50.45
C ILE A 803 -32.51 -63.63 -51.98
N GLU A 804 -31.49 -63.04 -52.60
CA GLU A 804 -31.47 -63.00 -54.06
C GLU A 804 -31.14 -64.37 -54.64
N PHE A 805 -30.29 -65.15 -53.97
CA PHE A 805 -29.92 -66.47 -54.48
C PHE A 805 -31.07 -67.45 -54.39
N CYS A 806 -31.94 -67.28 -53.39
CA CYS A 806 -33.13 -68.10 -53.31
C CYS A 806 -34.15 -67.67 -54.37
N TYR A 807 -34.13 -66.39 -54.76
CA TYR A 807 -35.03 -65.94 -55.81
C TYR A 807 -34.59 -66.43 -57.17
N LYS A 808 -33.28 -66.68 -57.34
CA LYS A 808 -32.80 -67.22 -58.60
C LYS A 808 -33.05 -68.73 -58.69
N SER A 809 -32.99 -69.43 -57.55
CA SER A 809 -33.31 -70.86 -57.56
C SER A 809 -34.82 -71.08 -57.69
N ARG A 810 -35.61 -70.05 -57.42
CA ARG A 810 -37.05 -70.13 -57.68
C ARG A 810 -37.33 -70.15 -59.17
N ALA A 811 -36.56 -69.37 -59.94
CA ALA A 811 -36.77 -69.35 -61.38
C ALA A 811 -36.14 -70.56 -62.05
N GLU A 812 -35.05 -71.09 -61.47
CA GLU A 812 -34.36 -72.21 -62.08
C GLU A 812 -35.07 -73.54 -61.82
N ALA A 813 -36.06 -73.53 -60.94
CA ALA A 813 -36.90 -74.70 -60.72
C ALA A 813 -38.15 -74.63 -61.60
N SER A 823 -51.72 -57.70 -63.66
CA SER A 823 -50.50 -57.09 -63.16
C SER A 823 -50.62 -55.58 -63.06
N ARG A 824 -51.09 -54.96 -64.14
CA ARG A 824 -51.14 -53.50 -64.20
C ARG A 824 -52.21 -52.93 -63.30
N ARG A 825 -53.15 -53.76 -62.86
CA ARG A 825 -54.10 -53.34 -61.83
C ARG A 825 -53.43 -53.23 -60.47
N GLY A 826 -52.49 -54.14 -60.18
CA GLY A 826 -51.88 -54.16 -58.85
C GLY A 826 -50.87 -53.05 -58.64
N ARG A 827 -50.04 -52.77 -59.66
CA ARG A 827 -49.07 -51.70 -59.55
C ARG A 827 -49.75 -50.34 -59.54
N ALA A 828 -50.89 -50.22 -60.23
CA ALA A 828 -51.63 -48.96 -60.21
C ALA A 828 -52.39 -48.80 -58.90
N LEU A 829 -52.77 -49.91 -58.26
CA LEU A 829 -53.43 -49.82 -56.97
C LEU A 829 -52.45 -49.41 -55.88
N LEU A 830 -51.18 -49.77 -56.05
CA LEU A 830 -50.18 -49.49 -55.02
C LEU A 830 -49.84 -48.00 -54.98
N ALA A 831 -49.85 -47.35 -56.14
CA ALA A 831 -49.58 -45.92 -56.17
C ALA A 831 -50.73 -45.12 -55.59
N VAL A 832 -51.95 -45.64 -55.70
CA VAL A 832 -53.10 -44.97 -55.11
C VAL A 832 -53.12 -45.15 -53.60
N ALA A 833 -52.76 -46.36 -53.14
CA ALA A 833 -52.81 -46.66 -51.71
C ALA A 833 -51.74 -45.91 -50.93
N LEU A 834 -50.58 -45.68 -51.55
CA LEU A 834 -49.54 -44.92 -50.87
C LEU A 834 -49.88 -43.44 -50.82
N ASN A 835 -50.44 -42.91 -51.90
CA ASN A 835 -50.83 -41.50 -51.92
C ASN A 835 -52.03 -41.26 -51.03
N LEU A 836 -52.85 -42.29 -50.80
CA LEU A 836 -53.94 -42.18 -49.84
C LEU A 836 -53.39 -42.10 -48.42
N LEU A 837 -52.26 -42.74 -48.17
CA LEU A 837 -51.56 -42.55 -46.90
C LEU A 837 -50.92 -41.17 -46.83
N ALA A 838 -50.37 -40.69 -47.96
CA ALA A 838 -49.84 -39.33 -48.00
C ALA A 838 -50.96 -38.31 -47.89
N LEU A 839 -52.18 -38.67 -48.30
CA LEU A 839 -53.34 -37.87 -47.96
C LEU A 839 -53.61 -37.90 -46.47
N LEU A 840 -53.33 -39.01 -45.81
CA LEU A 840 -53.63 -39.13 -44.38
C LEU A 840 -52.52 -38.50 -43.54
N PHE A 841 -51.27 -38.86 -43.81
CA PHE A 841 -50.16 -38.45 -42.94
C PHE A 841 -49.93 -36.95 -42.99
N ALA A 842 -50.01 -36.35 -44.17
CA ALA A 842 -49.77 -34.92 -44.30
C ALA A 842 -50.91 -34.11 -43.68
N THR A 843 -52.12 -34.66 -43.68
CA THR A 843 -53.23 -33.95 -43.07
C THR A 843 -53.33 -34.25 -41.58
N THR A 844 -52.81 -35.40 -41.14
CA THR A 844 -52.73 -35.63 -39.70
C THR A 844 -51.69 -34.72 -39.07
N ALA A 845 -50.60 -34.46 -39.80
CA ALA A 845 -49.60 -33.51 -39.34
C ALA A 845 -50.14 -32.08 -39.34
N PHE A 846 -50.97 -31.76 -40.33
CA PHE A 846 -51.40 -30.38 -40.48
C PHE A 846 -52.47 -30.01 -39.46
N LEU A 847 -53.28 -30.98 -39.04
CA LEU A 847 -54.32 -30.68 -38.05
C LEU A 847 -53.78 -30.70 -36.63
N THR A 848 -52.85 -31.60 -36.34
CA THR A 848 -52.30 -31.72 -34.99
C THR A 848 -51.42 -30.52 -34.64
N THR A 849 -51.29 -30.28 -33.35
CA THR A 849 -50.41 -29.25 -32.81
C THR A 849 -49.35 -29.82 -31.88
N TYR A 850 -48.93 -31.07 -32.11
CA TYR A 850 -47.96 -31.75 -31.26
C TYR A 850 -46.59 -31.87 -31.94
N TRP A 851 -46.18 -30.87 -32.72
CA TRP A 851 -44.94 -31.02 -33.49
C TRP A 851 -43.71 -30.92 -32.62
N CYS A 852 -43.70 -30.02 -31.63
CA CYS A 852 -42.52 -29.81 -30.81
C CYS A 852 -42.89 -29.94 -29.34
N GLN A 853 -42.64 -31.12 -28.77
CA GLN A 853 -42.97 -31.42 -27.39
C GLN A 853 -41.92 -30.80 -26.48
N GLY A 854 -42.15 -29.58 -26.04
CA GLY A 854 -41.22 -28.85 -25.19
C GLY A 854 -41.71 -28.81 -23.76
N THR A 855 -40.85 -28.36 -22.87
CA THR A 855 -41.16 -28.19 -21.46
C THR A 855 -40.54 -26.90 -20.95
N GLN A 856 -41.17 -26.30 -19.96
CA GLN A 856 -40.76 -24.98 -19.45
C GLN A 856 -40.93 -24.92 -17.94
N ARG A 857 -39.82 -24.67 -17.25
CA ARG A 857 -39.83 -24.52 -15.80
C ARG A 857 -40.12 -23.07 -15.45
N VAL A 858 -40.87 -22.86 -14.39
CA VAL A 858 -41.00 -21.57 -13.72
C VAL A 858 -40.42 -21.73 -12.31
N PRO A 859 -39.84 -20.67 -11.71
CA PRO A 859 -39.24 -20.80 -10.38
C PRO A 859 -40.24 -21.10 -9.26
N PHE A 905 -38.68 -24.41 -11.63
CA PHE A 905 -38.72 -25.64 -10.85
C PHE A 905 -40.03 -26.38 -11.13
N GLN A 906 -41.12 -25.63 -11.23
CA GLN A 906 -42.40 -26.16 -11.69
C GLN A 906 -42.39 -26.17 -13.21
N LEU A 907 -42.20 -27.36 -13.79
CA LEU A 907 -42.15 -27.50 -15.24
C LEU A 907 -43.50 -27.96 -15.76
N ARG A 908 -43.92 -27.38 -16.88
CA ARG A 908 -45.14 -27.77 -17.58
C ARG A 908 -44.74 -28.39 -18.91
N ARG A 909 -45.50 -29.38 -19.36
CA ARG A 909 -45.23 -29.99 -20.66
C ARG A 909 -46.15 -29.38 -21.71
N PHE A 910 -45.60 -29.10 -22.89
CA PHE A 910 -46.44 -28.51 -23.93
C PHE A 910 -46.09 -29.08 -25.29
N HIS A 911 -46.72 -28.49 -26.32
CA HIS A 911 -46.66 -28.93 -27.70
C HIS A 911 -47.15 -27.79 -28.58
N THR A 912 -46.45 -27.53 -29.68
CA THR A 912 -46.82 -26.46 -30.59
C THR A 912 -46.78 -26.95 -32.03
N GLY A 913 -47.79 -26.57 -32.81
CA GLY A 913 -47.86 -26.94 -34.20
C GLY A 913 -47.45 -25.81 -35.11
N ILE A 914 -48.23 -25.62 -36.17
CA ILE A 914 -47.93 -24.59 -37.15
C ILE A 914 -48.82 -23.37 -36.93
N TRP A 915 -49.99 -23.56 -36.34
CA TRP A 915 -50.91 -22.44 -36.18
C TRP A 915 -51.05 -21.98 -34.74
N TYR A 916 -51.30 -22.90 -33.81
CA TYR A 916 -51.64 -22.55 -32.44
C TYR A 916 -50.70 -23.26 -31.47
N SER A 917 -50.11 -22.49 -30.57
CA SER A 917 -49.21 -22.99 -29.55
C SER A 917 -49.96 -23.10 -28.24
N CYS A 918 -50.22 -24.33 -27.81
CA CYS A 918 -51.07 -24.60 -26.66
C CYS A 918 -50.22 -25.27 -25.58
N GLU A 919 -50.17 -24.67 -24.39
CA GLU A 919 -49.45 -25.25 -23.27
C GLU A 919 -50.43 -25.76 -22.23
N GLU A 920 -50.06 -26.84 -21.55
CA GLU A 920 -50.93 -27.42 -20.55
C GLU A 920 -50.71 -26.75 -19.20
N GLU A 921 -51.78 -26.22 -18.62
CA GLU A 921 -51.71 -25.66 -17.29
C GLU A 921 -51.60 -26.76 -16.25
N LEU A 922 -51.14 -26.39 -15.06
CA LEU A 922 -50.75 -27.39 -14.07
C LEU A 922 -51.96 -28.01 -13.42
N GLY A 923 -52.28 -29.23 -13.82
CA GLY A 923 -53.33 -30.01 -13.13
C GLY A 923 -54.73 -29.50 -13.39
N GLY A 924 -55.10 -29.34 -14.65
CA GLY A 924 -56.42 -28.88 -14.99
C GLY A 924 -56.79 -29.23 -16.41
N PRO A 925 -57.72 -28.46 -17.01
CA PRO A 925 -58.03 -28.67 -18.43
C PRO A 925 -56.89 -28.29 -19.36
N GLY A 926 -56.14 -27.24 -19.02
CA GLY A 926 -54.93 -26.91 -19.75
C GLY A 926 -55.23 -26.34 -21.12
N GLU A 927 -54.27 -26.52 -22.04
CA GLU A 927 -54.34 -26.12 -23.44
C GLU A 927 -54.61 -24.61 -23.59
N LYS A 928 -53.79 -23.81 -22.92
CA LYS A 928 -53.84 -22.37 -23.13
C LYS A 928 -53.15 -22.03 -24.44
N CYS A 929 -53.94 -21.64 -25.43
CA CYS A 929 -53.50 -21.59 -26.82
C CYS A 929 -53.20 -20.16 -27.24
N ARG A 930 -51.92 -19.87 -27.44
CA ARG A 930 -51.48 -18.69 -28.18
C ARG A 930 -51.42 -19.05 -29.65
N SER A 931 -51.72 -18.08 -30.52
CA SER A 931 -51.46 -18.25 -31.93
C SER A 931 -49.95 -18.23 -32.18
N PHE A 932 -49.48 -19.12 -33.05
CA PHE A 932 -48.04 -19.24 -33.28
C PHE A 932 -47.51 -18.07 -34.11
N ILE A 933 -48.40 -17.27 -34.69
CA ILE A 933 -47.99 -16.23 -35.62
C ILE A 933 -47.38 -15.04 -34.88
N ASP A 934 -48.10 -14.50 -33.89
CA ASP A 934 -47.69 -13.23 -33.31
C ASP A 934 -46.52 -13.39 -32.35
N LEU A 935 -46.29 -14.60 -31.84
CA LEU A 935 -45.15 -14.84 -30.97
C LEU A 935 -43.82 -14.88 -31.72
N ALA A 936 -43.84 -15.17 -33.01
CA ALA A 936 -42.65 -15.21 -33.84
C ALA A 936 -42.08 -13.81 -34.02
N PRO A 937 -40.78 -13.69 -34.28
CA PRO A 937 -40.20 -12.37 -34.56
C PRO A 937 -40.66 -11.83 -35.91
N ALA A 938 -40.44 -10.52 -36.08
CA ALA A 938 -41.07 -9.78 -37.17
C ALA A 938 -40.47 -10.15 -38.53
N SER A 939 -39.16 -10.38 -38.58
CA SER A 939 -38.55 -10.80 -39.84
C SER A 939 -38.93 -12.24 -40.17
N GLU A 940 -39.00 -13.11 -39.15
CA GLU A 940 -39.26 -14.52 -39.41
C GLU A 940 -40.76 -14.80 -39.50
N LYS A 941 -41.59 -13.77 -39.31
CA LYS A 941 -43.03 -13.98 -39.42
C LYS A 941 -43.44 -14.12 -40.88
N GLY A 942 -42.99 -13.20 -41.74
CA GLY A 942 -43.30 -13.31 -43.17
C GLY A 942 -42.56 -14.45 -43.83
N VAL A 943 -41.45 -14.89 -43.23
CA VAL A 943 -40.82 -16.14 -43.62
C VAL A 943 -41.75 -17.32 -43.30
N LEU A 944 -42.41 -17.26 -42.13
CA LEU A 944 -43.29 -18.34 -41.72
C LEU A 944 -44.54 -18.41 -42.58
N TRP A 945 -45.01 -17.26 -43.08
CA TRP A 945 -46.17 -17.28 -43.97
C TRP A 945 -45.86 -18.00 -45.28
N LEU A 946 -44.60 -17.97 -45.71
CA LEU A 946 -44.23 -18.69 -46.92
C LEU A 946 -44.20 -20.20 -46.67
N SER A 947 -44.04 -20.61 -45.41
CA SER A 947 -44.17 -22.02 -45.09
C SER A 947 -45.63 -22.45 -45.07
N VAL A 948 -46.51 -21.58 -44.55
CA VAL A 948 -47.92 -21.94 -44.45
C VAL A 948 -48.58 -21.86 -45.82
N VAL A 949 -48.16 -20.91 -46.65
CA VAL A 949 -48.62 -20.86 -48.04
C VAL A 949 -48.20 -22.11 -48.80
N SER A 950 -46.95 -22.53 -48.64
CA SER A 950 -46.48 -23.70 -49.35
C SER A 950 -47.07 -24.99 -48.79
N GLU A 951 -47.42 -25.00 -47.50
CA GLU A 951 -47.99 -26.20 -46.91
C GLU A 951 -49.43 -26.41 -47.39
N VAL A 952 -50.20 -25.32 -47.48
CA VAL A 952 -51.48 -25.36 -48.18
C VAL A 952 -51.27 -25.70 -49.65
N LEU A 953 -50.16 -25.23 -50.24
CA LEU A 953 -49.84 -25.59 -51.61
C LEU A 953 -49.35 -27.03 -51.70
N TYR A 954 -48.96 -27.62 -50.57
CA TYR A 954 -48.55 -29.03 -50.56
C TYR A 954 -49.75 -29.96 -50.47
N ILE A 955 -50.70 -29.64 -49.59
CA ILE A 955 -51.84 -30.53 -49.40
C ILE A 955 -52.77 -30.46 -50.60
N LEU A 956 -52.89 -29.26 -51.19
CA LEU A 956 -53.68 -29.09 -52.40
C LEU A 956 -53.11 -29.87 -53.57
N LEU A 957 -51.81 -29.75 -53.82
CA LEU A 957 -51.21 -30.42 -54.97
C LEU A 957 -51.04 -31.91 -54.74
N LEU A 958 -51.21 -32.38 -53.50
CA LEU A 958 -51.29 -33.81 -53.26
C LEU A 958 -52.69 -34.32 -53.58
N VAL A 959 -53.72 -33.54 -53.25
CA VAL A 959 -55.09 -33.90 -53.61
C VAL A 959 -55.28 -33.82 -55.12
N VAL A 960 -54.66 -32.82 -55.76
CA VAL A 960 -54.60 -32.78 -57.22
C VAL A 960 -53.81 -33.98 -57.74
N GLY A 961 -52.79 -34.40 -57.01
CA GLY A 961 -52.08 -35.62 -57.37
C GLY A 961 -52.91 -36.87 -57.12
N PHE A 962 -53.58 -36.95 -55.97
CA PHE A 962 -54.29 -38.17 -55.59
C PHE A 962 -55.57 -38.36 -56.41
N SER A 963 -56.25 -37.27 -56.75
CA SER A 963 -57.46 -37.41 -57.55
C SER A 963 -57.12 -37.80 -58.99
N LEU A 964 -55.91 -37.49 -59.44
CA LEU A 964 -55.47 -37.97 -60.74
C LEU A 964 -54.98 -39.41 -60.66
N MET A 965 -54.63 -39.86 -59.46
CA MET A 965 -54.39 -41.29 -59.27
C MET A 965 -55.69 -42.08 -59.33
N CYS A 966 -56.83 -41.42 -59.06
CA CYS A 966 -58.11 -42.09 -59.23
C CYS A 966 -58.47 -42.26 -60.70
N LEU A 967 -57.84 -41.47 -61.58
CA LEU A 967 -58.03 -41.68 -63.01
C LEU A 967 -57.06 -42.73 -63.55
N GLU A 968 -56.13 -43.20 -62.70
CA GLU A 968 -55.29 -44.33 -63.08
C GLU A 968 -56.08 -45.63 -63.04
N LEU A 969 -57.16 -45.65 -62.26
CA LEU A 969 -58.11 -46.74 -62.27
C LEU A 969 -58.74 -46.87 -63.65
N LEU A 970 -58.83 -48.11 -64.16
CA LEU A 970 -59.44 -48.30 -65.47
C LEU A 970 -60.96 -48.38 -65.35
N HIS A 971 -61.48 -48.43 -64.11
CA HIS A 971 -62.90 -48.21 -63.90
C HIS A 971 -63.27 -46.74 -64.15
N SER A 972 -62.28 -45.86 -64.16
CA SER A 972 -62.44 -44.50 -64.66
C SER A 972 -62.37 -44.49 -66.19
N SER A 973 -62.09 -43.30 -66.74
CA SER A 973 -62.43 -42.82 -68.10
C SER A 973 -62.13 -43.82 -69.20
N SER A 974 -60.86 -44.16 -69.48
CA SER A 974 -60.55 -44.99 -70.65
C SER A 974 -59.11 -45.48 -70.59
N VAL A 975 -58.75 -46.26 -71.62
CA VAL A 975 -57.35 -46.57 -71.89
C VAL A 975 -56.73 -45.47 -72.75
N ILE A 976 -57.52 -44.92 -73.68
CA ILE A 976 -57.02 -43.96 -74.66
C ILE A 976 -56.74 -42.63 -73.97
N ASP A 977 -55.50 -42.16 -74.12
CA ASP A 977 -54.89 -41.01 -73.45
C ASP A 977 -54.90 -41.12 -71.93
N GLY A 978 -55.08 -42.32 -71.37
CA GLY A 978 -54.99 -42.47 -69.94
C GLY A 978 -53.56 -42.65 -69.47
N LEU A 979 -52.68 -43.07 -70.38
CA LEU A 979 -51.27 -43.23 -70.04
C LEU A 979 -50.62 -41.86 -69.86
N LYS A 980 -51.10 -40.86 -70.59
CA LYS A 980 -50.65 -39.49 -70.37
C LYS A 980 -51.18 -38.92 -69.07
N LEU A 981 -52.31 -39.48 -68.59
CA LEU A 981 -52.84 -39.04 -67.30
C LEU A 981 -51.99 -39.55 -66.14
N ASN A 982 -51.23 -40.63 -66.37
CA ASN A 982 -50.37 -41.15 -65.31
C ASN A 982 -48.98 -40.51 -65.39
N ALA A 983 -48.56 -40.11 -66.59
CA ALA A 983 -47.35 -39.32 -66.72
C ALA A 983 -47.52 -37.94 -66.10
N PHE A 984 -48.75 -37.40 -66.16
CA PHE A 984 -49.04 -36.17 -65.43
C PHE A 984 -49.22 -36.43 -63.94
N ALA A 985 -49.38 -37.70 -63.55
CA ALA A 985 -49.81 -37.99 -62.18
C ALA A 985 -48.64 -37.94 -61.20
N ALA A 986 -47.53 -38.61 -61.51
CA ALA A 986 -46.37 -38.60 -60.63
C ALA A 986 -45.74 -37.21 -60.57
N VAL A 987 -45.86 -36.45 -61.66
CA VAL A 987 -45.41 -35.06 -61.69
C VAL A 987 -46.24 -34.23 -60.72
N PHE A 988 -47.52 -34.54 -60.58
CA PHE A 988 -48.37 -33.83 -59.64
C PHE A 988 -48.05 -34.20 -58.20
N THR A 989 -47.35 -35.32 -57.99
CA THR A 989 -46.93 -35.68 -56.64
C THR A 989 -45.49 -35.29 -56.36
N VAL A 990 -44.64 -35.28 -57.38
CA VAL A 990 -43.24 -34.90 -57.17
C VAL A 990 -43.12 -33.40 -57.00
N LEU A 991 -43.79 -32.62 -57.86
CA LEU A 991 -43.79 -31.17 -57.68
C LEU A 991 -44.54 -30.75 -56.44
N SER A 992 -45.37 -31.64 -55.88
CA SER A 992 -45.96 -31.38 -54.57
C SER A 992 -44.94 -31.61 -53.46
N GLY A 993 -44.24 -32.75 -53.50
CA GLY A 993 -43.37 -33.12 -52.39
C GLY A 993 -42.13 -32.25 -52.29
N LEU A 994 -41.66 -31.71 -53.42
CA LEU A 994 -40.54 -30.79 -53.39
C LEU A 994 -40.92 -29.49 -52.71
N LEU A 995 -42.13 -29.00 -52.99
CA LEU A 995 -42.66 -27.86 -52.26
C LEU A 995 -43.01 -28.26 -50.83
N GLY A 996 -43.24 -29.56 -50.62
CA GLY A 996 -43.62 -30.01 -49.30
C GLY A 996 -42.45 -30.17 -48.35
N MET A 997 -41.30 -30.62 -48.86
CA MET A 997 -40.14 -30.77 -48.00
C MET A 997 -39.62 -29.43 -47.54
N VAL A 998 -39.60 -28.45 -48.45
CA VAL A 998 -39.17 -27.08 -48.12
C VAL A 998 -40.13 -26.47 -47.11
N ALA A 999 -41.41 -26.79 -47.20
CA ALA A 999 -42.41 -26.23 -46.28
C ALA A 999 -42.21 -26.72 -44.86
N HIS A 1000 -41.56 -27.87 -44.68
CA HIS A 1000 -41.18 -28.26 -43.34
C HIS A 1000 -39.81 -27.69 -42.98
N MET A 1001 -38.93 -27.59 -43.98
CA MET A 1001 -37.63 -26.94 -43.78
C MET A 1001 -37.78 -25.46 -43.50
N MET A 1002 -38.77 -24.82 -44.12
CA MET A 1002 -39.05 -23.43 -43.81
C MET A 1002 -39.62 -23.28 -42.41
N TYR A 1003 -40.27 -24.33 -41.89
CA TYR A 1003 -40.83 -24.22 -40.55
C TYR A 1003 -39.76 -24.40 -39.48
N THR A 1004 -38.86 -25.36 -39.69
CA THR A 1004 -37.94 -25.75 -38.62
C THR A 1004 -36.91 -24.66 -38.34
N GLN A 1005 -36.42 -23.97 -39.38
CA GLN A 1005 -35.43 -22.94 -39.16
C GLN A 1005 -36.06 -21.70 -38.52
N VAL A 1006 -37.38 -21.54 -38.66
CA VAL A 1006 -38.08 -20.49 -37.92
C VAL A 1006 -38.20 -20.90 -36.45
N PHE A 1007 -38.49 -22.17 -36.20
CA PHE A 1007 -38.64 -22.63 -34.82
C PHE A 1007 -37.32 -22.62 -34.07
N GLN A 1008 -36.19 -22.78 -34.78
CA GLN A 1008 -34.89 -22.69 -34.13
C GLN A 1008 -34.62 -21.27 -33.63
N VAL A 1009 -35.18 -20.27 -34.32
CA VAL A 1009 -35.02 -18.89 -33.86
C VAL A 1009 -35.86 -18.65 -32.62
N THR A 1010 -37.06 -19.22 -32.58
CA THR A 1010 -38.00 -18.93 -31.49
C THR A 1010 -37.58 -19.61 -30.20
N VAL A 1011 -36.77 -20.66 -30.29
CA VAL A 1011 -36.15 -21.19 -29.08
C VAL A 1011 -35.10 -20.20 -28.57
N SER A 1012 -34.41 -19.53 -29.49
CA SER A 1012 -33.31 -18.67 -29.09
C SER A 1012 -33.78 -17.29 -28.65
N LEU A 1013 -34.34 -16.48 -29.55
CA LEU A 1013 -34.52 -15.07 -29.25
C LEU A 1013 -35.90 -14.51 -29.56
N GLY A 1014 -36.76 -15.29 -30.24
CA GLY A 1014 -37.96 -14.77 -30.85
C GLY A 1014 -39.03 -14.23 -29.92
N PRO A 1015 -39.74 -15.08 -29.19
CA PRO A 1015 -40.89 -14.58 -28.42
C PRO A 1015 -40.53 -13.91 -27.11
N GLU A 1016 -41.55 -13.56 -26.33
CA GLU A 1016 -41.41 -12.81 -25.09
C GLU A 1016 -41.25 -13.79 -23.93
N ASP A 1017 -39.99 -14.11 -23.62
CA ASP A 1017 -39.51 -14.68 -22.37
C ASP A 1017 -40.05 -16.06 -22.03
N TRP A 1018 -40.73 -16.74 -22.95
CA TRP A 1018 -40.97 -18.17 -22.82
C TRP A 1018 -40.02 -18.87 -23.79
N ARG A 1019 -39.11 -19.66 -23.23
CA ARG A 1019 -38.10 -20.35 -24.02
C ARG A 1019 -38.05 -21.78 -23.50
N PRO A 1020 -38.22 -22.78 -24.36
CA PRO A 1020 -38.39 -24.14 -23.86
C PRO A 1020 -37.09 -24.76 -23.36
N HIS A 1021 -37.24 -25.63 -22.36
CA HIS A 1021 -36.10 -26.42 -21.89
C HIS A 1021 -35.67 -27.44 -22.94
N SER A 1022 -36.62 -27.94 -23.73
CA SER A 1022 -36.34 -28.86 -24.82
C SER A 1022 -37.00 -28.35 -26.10
N TRP A 1023 -36.26 -28.43 -27.21
CA TRP A 1023 -36.82 -28.08 -28.52
C TRP A 1023 -37.09 -29.33 -29.37
N ASP A 1024 -37.32 -30.48 -28.72
CA ASP A 1024 -37.35 -31.76 -29.42
C ASP A 1024 -38.60 -31.90 -30.29
N TYR A 1025 -38.41 -32.48 -31.46
CA TYR A 1025 -39.53 -32.75 -32.36
C TYR A 1025 -40.37 -33.89 -31.81
N GLY A 1026 -41.66 -33.65 -31.63
CA GLY A 1026 -42.58 -34.67 -31.16
C GLY A 1026 -43.10 -35.51 -32.31
N TRP A 1027 -44.17 -36.27 -32.02
CA TRP A 1027 -44.82 -37.03 -33.07
C TRP A 1027 -45.60 -36.11 -33.98
N SER A 1028 -46.00 -36.67 -35.14
CA SER A 1028 -46.64 -36.04 -36.30
C SER A 1028 -45.66 -35.17 -37.09
N PHE A 1029 -44.45 -34.98 -36.57
CA PHE A 1029 -43.38 -34.45 -37.40
C PHE A 1029 -42.69 -35.58 -38.14
N CYS A 1030 -42.58 -36.74 -37.51
CA CYS A 1030 -42.16 -37.94 -38.21
C CYS A 1030 -43.23 -38.39 -39.19
N LEU A 1031 -44.49 -38.06 -38.90
CA LEU A 1031 -45.56 -38.32 -39.86
C LEU A 1031 -45.56 -37.28 -40.96
N ALA A 1032 -44.92 -36.14 -40.73
CA ALA A 1032 -44.82 -35.12 -41.77
C ALA A 1032 -43.82 -35.54 -42.84
N TRP A 1033 -42.72 -36.17 -42.45
CA TRP A 1033 -41.76 -36.67 -43.42
C TRP A 1033 -42.29 -37.89 -44.14
N GLY A 1034 -43.10 -38.70 -43.45
CA GLY A 1034 -43.55 -39.95 -44.02
C GLY A 1034 -44.48 -39.77 -45.19
N SER A 1035 -45.28 -38.70 -45.18
CA SER A 1035 -46.11 -38.37 -46.33
C SER A 1035 -45.25 -37.96 -47.51
N PHE A 1036 -44.20 -37.18 -47.25
CA PHE A 1036 -43.23 -36.86 -48.29
C PHE A 1036 -42.46 -38.09 -48.74
N THR A 1037 -42.24 -39.04 -47.83
CA THR A 1037 -41.63 -40.31 -48.21
C THR A 1037 -42.58 -41.13 -49.08
N CYS A 1038 -43.86 -41.13 -48.73
CA CYS A 1038 -44.82 -41.94 -49.48
C CYS A 1038 -45.17 -41.30 -50.82
N CYS A 1039 -44.95 -39.99 -50.97
CA CYS A 1039 -45.12 -39.38 -52.29
C CYS A 1039 -44.06 -39.86 -53.26
N MET A 1040 -42.85 -40.10 -52.76
CA MET A 1040 -41.77 -40.51 -53.64
C MET A 1040 -41.78 -42.01 -53.87
N ALA A 1041 -42.33 -42.76 -52.92
CA ALA A 1041 -42.45 -44.21 -53.11
C ALA A 1041 -43.59 -44.53 -54.05
N ALA A 1042 -44.58 -43.65 -54.15
CA ALA A 1042 -45.71 -43.90 -55.04
C ALA A 1042 -45.41 -43.43 -56.45
N SER A 1043 -44.56 -42.41 -56.59
CA SER A 1043 -44.27 -41.85 -57.91
C SER A 1043 -43.39 -42.80 -58.71
N VAL A 1044 -42.63 -43.64 -58.03
CA VAL A 1044 -41.80 -44.60 -58.75
C VAL A 1044 -42.60 -45.85 -59.07
N THR A 1045 -43.68 -46.09 -58.32
CA THR A 1045 -44.52 -47.26 -58.57
C THR A 1045 -45.35 -47.04 -59.84
N THR A 1046 -45.68 -45.79 -60.14
CA THR A 1046 -46.44 -45.52 -61.36
C THR A 1046 -45.51 -45.26 -62.55
N LEU A 1047 -44.20 -45.31 -62.32
CA LEU A 1047 -43.27 -45.03 -63.42
C LEU A 1047 -42.48 -46.26 -63.83
N ASN A 1048 -42.27 -47.22 -62.94
CA ASN A 1048 -41.63 -48.45 -63.39
C ASN A 1048 -42.63 -49.33 -64.14
N SER A 1049 -43.91 -49.22 -63.78
CA SER A 1049 -44.96 -49.89 -64.55
C SER A 1049 -45.28 -49.10 -65.83
N TYR A 1050 -44.86 -47.84 -65.88
CA TYR A 1050 -44.93 -47.07 -67.12
C TYR A 1050 -43.97 -47.62 -68.16
N THR A 1051 -42.89 -48.27 -67.71
CA THR A 1051 -41.91 -48.82 -68.65
C THR A 1051 -42.14 -50.30 -68.91
N LYS A 1052 -42.24 -51.10 -67.84
CA LYS A 1052 -42.36 -52.55 -68.00
C LYS A 1052 -43.76 -52.94 -68.49
N ASN B 1 -23.47 26.53 81.26
CA ASN B 1 -23.19 25.22 81.84
C ASN B 1 -21.77 24.82 81.49
N SER B 2 -21.04 24.24 82.45
CA SER B 2 -19.63 23.92 82.30
C SER B 2 -19.51 22.52 81.72
N ILE B 3 -19.31 22.43 80.40
CA ILE B 3 -19.05 21.18 79.69
C ILE B 3 -17.63 21.27 79.15
N GLN B 4 -16.79 20.31 79.49
CA GLN B 4 -15.41 20.30 79.02
C GLN B 4 -15.22 19.23 77.96
N ILE B 5 -14.33 19.50 77.00
CA ILE B 5 -13.94 18.56 75.96
C ILE B 5 -12.43 18.56 75.86
N GLY B 6 -11.91 17.68 75.00
CA GLY B 6 -10.48 17.44 74.94
C GLY B 6 -9.92 17.61 73.54
N GLY B 7 -8.66 18.00 73.50
CA GLY B 7 -7.98 18.23 72.24
C GLY B 7 -6.73 17.40 72.11
N LEU B 8 -6.50 16.89 70.90
CA LEU B 8 -5.33 16.09 70.53
C LEU B 8 -4.67 16.61 69.28
N PHE B 9 -4.40 17.91 69.21
CA PHE B 9 -3.89 18.47 67.97
C PHE B 9 -2.40 18.18 67.82
N PRO B 10 -1.92 17.94 66.60
CA PRO B 10 -0.52 17.53 66.42
C PRO B 10 0.46 18.68 66.50
N ARG B 11 1.74 18.34 66.37
CA ARG B 11 2.78 19.34 66.23
C ARG B 11 2.72 19.97 64.86
N GLY B 12 2.92 21.29 64.80
CA GLY B 12 2.95 22.00 63.54
C GLY B 12 1.60 22.28 62.92
N ALA B 13 0.53 21.66 63.42
CA ALA B 13 -0.81 21.93 62.93
C ALA B 13 -1.34 23.19 63.59
N ASP B 14 -1.64 24.19 62.78
CA ASP B 14 -2.05 25.49 63.29
C ASP B 14 -3.35 25.98 62.65
N GLN B 15 -3.51 25.73 61.35
CA GLN B 15 -4.72 26.14 60.67
C GLN B 15 -5.91 25.30 61.11
N GLU B 16 -5.65 24.06 61.52
CA GLU B 16 -6.71 23.25 62.10
C GLU B 16 -7.10 23.74 63.48
N TYR B 17 -6.14 24.24 64.25
CA TYR B 17 -6.44 24.70 65.60
C TYR B 17 -6.96 26.12 65.62
N SER B 18 -6.56 26.93 64.64
CA SER B 18 -7.16 28.26 64.49
C SER B 18 -8.61 28.14 64.05
N ALA B 19 -8.92 27.15 63.22
CA ALA B 19 -10.30 26.95 62.81
C ALA B 19 -11.08 26.18 63.86
N PHE B 20 -10.42 25.75 64.94
CA PHE B 20 -11.13 25.22 66.08
C PHE B 20 -11.59 26.33 67.00
N ARG B 21 -10.83 27.42 67.08
CA ARG B 21 -11.22 28.54 67.92
C ARG B 21 -12.41 29.28 67.32
N VAL B 22 -12.41 29.44 66.00
CA VAL B 22 -13.46 30.17 65.30
C VAL B 22 -14.80 29.45 65.44
N GLY B 23 -14.77 28.12 65.38
CA GLY B 23 -15.99 27.36 65.64
C GLY B 23 -16.41 27.42 67.10
N MET B 24 -15.44 27.55 68.00
CA MET B 24 -15.76 27.70 69.41
C MET B 24 -16.40 29.06 69.67
N VAL B 25 -15.99 30.09 68.93
CA VAL B 25 -16.54 31.42 69.14
C VAL B 25 -17.97 31.51 68.61
N GLN B 26 -18.18 31.12 67.35
CA GLN B 26 -19.48 31.32 66.72
C GLN B 26 -20.54 30.36 67.27
N PHE B 27 -20.21 29.09 67.42
CA PHE B 27 -21.19 28.10 67.85
C PHE B 27 -21.38 28.02 69.36
N SER B 28 -20.91 29.02 70.11
CA SER B 28 -21.10 29.01 71.55
C SER B 28 -22.56 29.31 71.90
N THR B 29 -22.95 28.92 73.10
CA THR B 29 -24.29 29.16 73.61
C THR B 29 -24.18 29.60 75.07
N SER B 30 -25.07 30.52 75.49
CA SER B 30 -25.14 30.89 76.90
C SER B 30 -25.76 29.78 77.73
N GLU B 31 -26.49 28.87 77.10
CA GLU B 31 -27.13 27.77 77.82
C GLU B 31 -26.10 26.73 78.25
N PHE B 32 -25.18 26.40 77.36
CA PHE B 32 -24.13 25.42 77.63
C PHE B 32 -22.85 25.84 76.94
N ARG B 33 -21.73 25.71 77.67
CA ARG B 33 -20.44 26.23 77.23
C ARG B 33 -19.48 25.06 77.04
N LEU B 34 -18.76 25.05 75.93
CA LEU B 34 -17.73 24.06 75.70
C LEU B 34 -16.37 24.57 76.19
N THR B 35 -15.67 23.75 76.94
CA THR B 35 -14.39 24.13 77.53
C THR B 35 -13.28 23.29 76.91
N PRO B 36 -12.49 23.84 75.99
CA PRO B 36 -11.41 23.05 75.39
C PRO B 36 -10.20 22.93 76.30
N HIS B 37 -9.58 21.76 76.27
CA HIS B 37 -8.30 21.49 76.92
C HIS B 37 -7.38 20.88 75.87
N ILE B 38 -6.44 21.69 75.37
CA ILE B 38 -5.74 21.35 74.15
C ILE B 38 -4.32 20.89 74.47
N ASP B 39 -3.91 19.79 73.83
CA ASP B 39 -2.55 19.25 73.96
C ASP B 39 -1.91 19.22 72.58
N ASN B 40 -0.76 19.88 72.44
CA ASN B 40 -0.01 19.89 71.18
C ASN B 40 1.07 18.83 71.26
N LEU B 41 0.72 17.58 70.97
CA LEU B 41 1.63 16.46 71.11
C LEU B 41 1.76 15.71 69.80
N GLU B 42 2.84 14.95 69.68
CA GLU B 42 3.18 14.26 68.45
C GLU B 42 2.18 13.14 68.17
N VAL B 43 1.68 13.09 66.94
CA VAL B 43 0.60 12.18 66.64
C VAL B 43 1.16 10.83 66.16
N ALA B 44 2.47 10.77 65.94
CA ALA B 44 3.06 9.53 65.46
C ALA B 44 3.44 8.61 66.61
N ASN B 45 4.03 9.16 67.68
CA ASN B 45 4.42 8.36 68.82
C ASN B 45 3.18 7.95 69.60
N SER B 46 2.85 6.66 69.56
CA SER B 46 1.61 6.20 70.18
C SER B 46 1.72 6.15 71.70
N PHE B 47 2.94 6.27 72.23
CA PHE B 47 3.11 6.44 73.66
C PHE B 47 2.62 7.80 74.12
N ALA B 48 2.90 8.84 73.33
CA ALA B 48 2.46 10.18 73.69
C ALA B 48 0.98 10.36 73.39
N VAL B 49 0.46 9.58 72.44
CA VAL B 49 -0.97 9.62 72.17
C VAL B 49 -1.73 8.90 73.27
N THR B 50 -1.10 7.89 73.88
CA THR B 50 -1.72 7.18 74.99
C THR B 50 -1.79 8.07 76.23
N ASN B 51 -0.71 8.78 76.53
CA ASN B 51 -0.64 9.60 77.73
C ASN B 51 -1.61 10.76 77.68
N ALA B 52 -1.75 11.37 76.50
CA ALA B 52 -2.68 12.49 76.36
C ALA B 52 -4.12 12.01 76.46
N PHE B 53 -4.36 10.74 76.17
CA PHE B 53 -5.71 10.22 76.30
C PHE B 53 -6.07 10.01 77.77
N CYS B 54 -5.10 9.64 78.60
CA CYS B 54 -5.39 9.40 80.00
C CYS B 54 -5.52 10.70 80.79
N SER B 55 -4.69 11.69 80.46
CA SER B 55 -4.72 12.96 81.19
C SER B 55 -6.00 13.72 80.91
N GLN B 56 -6.55 13.58 79.69
CA GLN B 56 -7.85 14.17 79.42
C GLN B 56 -8.98 13.33 79.96
N PHE B 57 -8.77 12.01 80.06
CA PHE B 57 -9.77 11.17 80.72
C PHE B 57 -9.75 11.35 82.22
N SER B 58 -8.62 11.81 82.76
CA SER B 58 -8.57 12.16 84.18
C SER B 58 -9.31 13.46 84.46
N ARG B 59 -9.49 14.30 83.43
CA ARG B 59 -10.27 15.52 83.60
C ARG B 59 -11.75 15.24 83.65
N GLY B 60 -12.17 14.11 83.10
CA GLY B 60 -13.58 13.78 83.04
C GLY B 60 -14.32 14.36 81.85
N VAL B 61 -13.66 14.50 80.70
CA VAL B 61 -14.30 15.07 79.52
C VAL B 61 -15.31 14.09 78.96
N TYR B 62 -16.28 14.61 78.21
CA TYR B 62 -17.37 13.76 77.75
C TYR B 62 -17.15 13.31 76.31
N ALA B 63 -16.40 14.08 75.53
CA ALA B 63 -16.11 13.74 74.15
C ALA B 63 -14.81 14.41 73.73
N ILE B 64 -13.90 13.62 73.18
CA ILE B 64 -12.55 14.08 72.85
C ILE B 64 -12.49 14.35 71.36
N PHE B 65 -11.88 15.46 70.98
CA PHE B 65 -11.66 15.82 69.60
C PHE B 65 -10.17 15.77 69.31
N GLY B 66 -9.79 15.13 68.20
CA GLY B 66 -8.38 15.07 67.88
C GLY B 66 -8.13 14.46 66.53
N PHE B 67 -6.85 14.36 66.18
CA PHE B 67 -6.42 13.75 64.93
C PHE B 67 -5.70 12.45 65.24
N TYR B 68 -5.57 11.59 64.25
CA TYR B 68 -4.71 10.41 64.39
C TYR B 68 -4.08 10.04 63.06
N ASP B 69 -3.14 9.10 63.14
CA ASP B 69 -2.26 8.71 62.06
C ASP B 69 -2.31 7.20 61.95
N LYS B 70 -1.60 6.63 60.97
CA LYS B 70 -1.48 5.18 60.86
C LYS B 70 -0.81 4.59 62.08
N LYS B 71 0.17 5.31 62.65
CA LYS B 71 0.85 4.83 63.84
C LYS B 71 0.03 4.93 65.11
N SER B 72 -1.18 5.49 65.04
CA SER B 72 -2.00 5.57 66.24
C SER B 72 -3.49 5.33 66.00
N VAL B 73 -3.89 4.92 64.80
CA VAL B 73 -5.30 4.65 64.53
C VAL B 73 -5.80 3.49 65.40
N ASN B 74 -4.95 2.50 65.63
CA ASN B 74 -5.39 1.33 66.35
C ASN B 74 -5.21 1.52 67.85
N THR B 75 -4.63 2.64 68.25
CA THR B 75 -4.53 2.95 69.66
C THR B 75 -5.78 3.66 70.15
N ILE B 76 -6.16 4.74 69.46
CA ILE B 76 -7.29 5.57 69.88
C ILE B 76 -8.60 4.82 69.77
N THR B 77 -8.78 4.05 68.71
CA THR B 77 -10.05 3.34 68.55
C THR B 77 -10.15 2.15 69.49
N SER B 78 -9.03 1.73 70.08
CA SER B 78 -9.09 0.64 71.05
C SER B 78 -9.39 1.16 72.44
N PHE B 79 -8.82 2.32 72.79
CA PHE B 79 -9.15 2.94 74.07
C PHE B 79 -10.58 3.47 74.08
N CYS B 80 -11.01 4.09 72.98
CA CYS B 80 -12.35 4.66 72.93
C CYS B 80 -13.40 3.57 72.84
N GLY B 81 -13.05 2.42 72.27
CA GLY B 81 -13.98 1.32 72.23
C GLY B 81 -14.17 0.66 73.59
N THR B 82 -13.16 0.75 74.45
CA THR B 82 -13.24 0.07 75.73
C THR B 82 -13.63 1.02 76.86
N LEU B 83 -13.00 2.19 76.94
CA LEU B 83 -13.32 3.16 77.99
C LEU B 83 -14.57 3.96 77.69
N HIS B 84 -15.21 3.73 76.54
CA HIS B 84 -16.56 4.22 76.20
C HIS B 84 -16.62 5.75 76.16
N VAL B 85 -15.51 6.37 75.82
CA VAL B 85 -15.41 7.82 75.63
C VAL B 85 -15.45 8.06 74.13
N SER B 86 -16.41 8.86 73.68
CA SER B 86 -16.56 9.13 72.25
C SER B 86 -15.40 9.95 71.72
N PHE B 87 -15.22 9.94 70.41
CA PHE B 87 -14.04 10.53 69.78
C PHE B 87 -14.44 11.11 68.44
N ILE B 88 -14.21 12.41 68.26
CA ILE B 88 -14.54 13.11 67.03
C ILE B 88 -13.24 13.37 66.29
N THR B 89 -13.23 13.12 64.98
CA THR B 89 -12.00 13.27 64.23
C THR B 89 -12.27 13.68 62.80
N PRO B 90 -11.40 14.53 62.24
CA PRO B 90 -11.34 14.75 60.79
C PRO B 90 -10.29 13.92 60.07
N SER B 91 -9.67 12.95 60.71
CA SER B 91 -8.60 12.18 60.08
C SER B 91 -9.18 11.13 59.14
N PHE B 92 -8.34 10.22 58.67
CA PHE B 92 -8.77 9.23 57.71
C PHE B 92 -9.70 8.22 58.36
N PRO B 93 -10.72 7.73 57.65
CA PRO B 93 -11.66 6.79 58.25
C PRO B 93 -11.02 5.43 58.45
N THR B 94 -11.38 4.77 59.54
CA THR B 94 -10.92 3.41 59.76
C THR B 94 -11.65 2.46 58.81
N ASP B 95 -11.00 1.35 58.48
CA ASP B 95 -11.59 0.42 57.53
C ASP B 95 -12.61 -0.47 58.19
N GLY B 96 -12.23 -1.10 59.30
CA GLY B 96 -13.19 -1.86 60.08
C GLY B 96 -14.11 -0.91 60.82
N THR B 97 -15.37 -1.32 60.99
CA THR B 97 -16.32 -0.50 61.74
C THR B 97 -15.93 -0.43 63.20
N HIS B 98 -15.81 0.78 63.72
CA HIS B 98 -15.35 1.03 65.06
C HIS B 98 -16.41 1.82 65.82
N PRO B 99 -17.02 1.25 66.86
CA PRO B 99 -17.93 2.05 67.69
C PRO B 99 -17.16 3.06 68.52
N PHE B 100 -17.89 4.08 68.98
CA PHE B 100 -17.43 5.18 69.84
C PHE B 100 -16.35 6.04 69.21
N VAL B 101 -16.15 5.99 67.90
CA VAL B 101 -15.28 6.92 67.19
C VAL B 101 -16.04 7.43 65.98
N ILE B 102 -16.43 8.70 66.00
CA ILE B 102 -17.15 9.31 64.90
C ILE B 102 -16.11 9.97 63.99
N GLN B 103 -16.37 9.99 62.68
CA GLN B 103 -15.40 10.48 61.70
C GLN B 103 -16.04 11.59 60.88
N MET B 104 -15.47 12.78 60.95
CA MET B 104 -16.02 13.90 60.19
C MET B 104 -15.59 13.84 58.73
N ARG B 105 -14.52 13.13 58.44
CA ARG B 105 -13.98 13.15 57.09
C ARG B 105 -14.73 12.14 56.23
N PRO B 106 -15.17 12.52 55.04
CA PRO B 106 -15.91 11.58 54.20
C PRO B 106 -14.96 10.59 53.55
N ASP B 107 -15.45 9.37 53.37
CA ASP B 107 -14.70 8.38 52.60
C ASP B 107 -14.83 8.67 51.11
N LEU B 108 -13.75 8.42 50.38
CA LEU B 108 -13.68 8.79 48.98
C LEU B 108 -13.51 7.60 48.04
N LYS B 109 -13.71 6.37 48.53
CA LYS B 109 -13.40 5.19 47.73
C LYS B 109 -14.35 5.04 46.56
N GLY B 110 -15.64 5.22 46.82
CA GLY B 110 -16.61 5.09 45.75
C GLY B 110 -16.59 6.25 44.78
N ALA B 111 -16.00 7.37 45.20
CA ALA B 111 -15.84 8.50 44.28
C ALA B 111 -14.68 8.27 43.35
N LEU B 112 -13.58 7.72 43.87
CA LEU B 112 -12.40 7.48 43.07
C LEU B 112 -12.64 6.34 42.09
N LEU B 113 -13.47 5.38 42.48
CA LEU B 113 -13.82 4.30 41.57
C LEU B 113 -14.89 4.73 40.57
N SER B 114 -15.54 5.86 40.83
CA SER B 114 -16.49 6.38 39.86
C SER B 114 -15.80 7.27 38.85
N LEU B 115 -14.74 7.96 39.27
CA LEU B 115 -14.09 8.92 38.38
C LEU B 115 -13.25 8.23 37.32
N ILE B 116 -12.58 7.13 37.71
CA ILE B 116 -11.81 6.34 36.75
C ILE B 116 -12.71 5.74 35.70
N GLU B 117 -13.86 5.23 36.11
CA GLU B 117 -14.81 4.65 35.16
C GLU B 117 -15.46 5.76 34.32
N TYR B 118 -15.45 6.99 34.81
CA TYR B 118 -15.99 8.10 34.02
C TYR B 118 -15.06 8.45 32.87
N TYR B 119 -13.76 8.54 33.14
CA TYR B 119 -12.83 8.80 32.04
C TYR B 119 -12.53 7.54 31.23
N GLN B 120 -13.03 6.38 31.67
CA GLN B 120 -12.85 5.10 31.00
C GLN B 120 -11.38 4.76 30.84
N TRP B 121 -10.70 4.58 31.97
CA TRP B 121 -9.30 4.19 31.95
C TRP B 121 -9.16 2.69 31.93
N ASP B 122 -7.98 2.23 31.56
CA ASP B 122 -7.63 0.82 31.68
C ASP B 122 -6.24 0.57 32.23
N LYS B 123 -5.35 1.56 32.18
CA LYS B 123 -3.94 1.37 32.52
C LYS B 123 -3.41 2.68 33.09
N PHE B 124 -3.02 2.66 34.36
CA PHE B 124 -2.65 3.88 35.07
C PHE B 124 -1.82 3.55 36.29
N ALA B 125 -0.83 4.39 36.58
CA ALA B 125 -0.07 4.25 37.81
C ALA B 125 -0.88 4.72 39.00
N TYR B 126 -0.36 4.50 40.19
CA TYR B 126 -1.04 4.92 41.43
C TYR B 126 0.03 5.16 42.48
N LEU B 127 0.41 6.41 42.67
CA LEU B 127 1.39 6.73 43.69
C LEU B 127 0.68 6.94 45.01
N TYR B 128 0.91 6.05 45.98
CA TYR B 128 0.24 6.13 47.26
C TYR B 128 1.21 6.56 48.34
N ASP B 129 0.67 6.78 49.53
CA ASP B 129 1.43 7.26 50.68
C ASP B 129 1.16 6.38 51.87
N SER B 130 2.22 5.86 52.49
CA SER B 130 2.05 4.90 53.58
C SER B 130 1.49 5.57 54.83
N ASP B 131 1.89 6.82 55.08
CA ASP B 131 1.40 7.54 56.26
C ASP B 131 -0.07 7.86 56.14
N ARG B 132 -0.56 8.02 54.91
CA ARG B 132 -1.99 8.14 54.70
C ARG B 132 -2.69 6.81 54.96
N GLY B 133 -1.99 5.71 54.72
CA GLY B 133 -2.58 4.39 54.87
C GLY B 133 -2.61 3.67 53.54
N LEU B 134 -2.96 2.39 53.58
CA LEU B 134 -3.11 1.62 52.35
C LEU B 134 -4.56 1.25 52.11
N SER B 135 -5.48 2.01 52.69
CA SER B 135 -6.89 1.65 52.64
C SER B 135 -7.46 1.85 51.24
N THR B 136 -7.14 2.97 50.60
CA THR B 136 -7.62 3.20 49.24
C THR B 136 -6.89 2.31 48.25
N LEU B 137 -5.65 1.93 48.57
CA LEU B 137 -4.89 1.03 47.74
C LEU B 137 -5.54 -0.35 47.69
N GLN B 138 -6.18 -0.76 48.77
CA GLN B 138 -6.94 -2.01 48.74
C GLN B 138 -8.18 -1.87 47.88
N ALA B 139 -8.71 -0.65 47.73
CA ALA B 139 -9.95 -0.47 47.00
C ALA B 139 -9.71 -0.51 45.49
N VAL B 140 -8.64 0.12 45.02
CA VAL B 140 -8.41 0.14 43.58
C VAL B 140 -7.55 -1.04 43.15
N LEU B 141 -7.20 -1.95 44.07
CA LEU B 141 -6.63 -3.23 43.66
C LEU B 141 -7.66 -4.33 43.68
N ASP B 142 -8.58 -4.32 44.65
CA ASP B 142 -9.65 -5.30 44.64
C ASP B 142 -10.62 -5.04 43.49
N SER B 143 -10.90 -3.78 43.19
CA SER B 143 -11.78 -3.50 42.07
C SER B 143 -11.05 -3.54 40.75
N ALA B 144 -9.72 -3.63 40.78
CA ALA B 144 -8.97 -3.79 39.53
C ALA B 144 -9.15 -5.19 38.95
N ALA B 145 -9.40 -6.17 39.82
CA ALA B 145 -9.61 -7.54 39.36
C ALA B 145 -10.93 -7.66 38.61
N GLU B 146 -11.95 -6.92 39.04
CA GLU B 146 -13.29 -7.09 38.48
C GLU B 146 -13.40 -6.41 37.12
N LYS B 147 -12.65 -5.34 36.90
CA LYS B 147 -12.84 -4.53 35.70
C LYS B 147 -11.57 -4.37 34.88
N LYS B 148 -10.55 -5.19 35.18
CA LYS B 148 -9.33 -5.34 34.37
C LYS B 148 -8.57 -4.03 34.19
N TRP B 149 -8.05 -3.51 35.30
CA TRP B 149 -7.21 -2.32 35.30
C TRP B 149 -5.77 -2.71 35.58
N GLN B 150 -4.87 -2.37 34.67
CA GLN B 150 -3.46 -2.71 34.85
C GLN B 150 -2.78 -1.70 35.76
N VAL B 151 -3.11 -1.79 37.05
CA VAL B 151 -2.66 -0.81 38.03
C VAL B 151 -1.20 -1.06 38.38
N THR B 152 -0.38 -0.04 38.22
CA THR B 152 1.00 -0.07 38.66
C THR B 152 1.10 0.74 39.94
N ALA B 153 0.92 0.08 41.08
CA ALA B 153 0.91 0.74 42.37
C ALA B 153 2.34 0.88 42.85
N ILE B 154 2.75 2.11 43.13
CA ILE B 154 4.11 2.41 43.57
C ILE B 154 4.04 3.23 44.85
N ASN B 155 4.69 2.74 45.90
CA ASN B 155 4.85 3.49 47.14
C ASN B 155 5.72 4.71 46.86
N VAL B 156 5.36 5.84 47.43
CA VAL B 156 6.13 7.06 47.26
C VAL B 156 6.32 7.81 48.57
N GLY B 157 5.58 7.45 49.62
CA GLY B 157 5.69 8.18 50.87
C GLY B 157 6.90 7.75 51.71
N ASN B 158 7.58 6.70 51.28
CA ASN B 158 8.78 6.26 52.00
C ASN B 158 9.98 7.11 51.64
N ILE B 159 9.85 8.00 50.67
CA ILE B 159 10.95 8.84 50.23
C ILE B 159 11.28 9.86 51.30
N ASN B 160 12.55 9.91 51.69
CA ASN B 160 12.98 10.75 52.79
C ASN B 160 13.13 12.21 52.35
N ASN B 161 13.20 13.09 53.34
CA ASN B 161 13.22 14.52 53.07
C ASN B 161 14.57 14.99 52.57
N ASP B 162 15.62 14.22 52.82
CA ASP B 162 16.96 14.64 52.42
C ASP B 162 17.19 14.41 50.94
N LYS B 163 16.91 13.21 50.45
CA LYS B 163 17.15 12.84 49.05
C LYS B 163 15.81 12.56 48.40
N LYS B 164 15.19 13.58 47.81
CA LYS B 164 13.91 13.44 47.14
C LYS B 164 14.01 13.66 45.64
N ASP B 165 15.09 14.28 45.18
CA ASP B 165 15.18 14.64 43.77
C ASP B 165 15.57 13.45 42.92
N GLU B 166 16.61 12.72 43.34
CA GLU B 166 17.10 11.60 42.55
C GLU B 166 16.12 10.43 42.58
N THR B 167 15.36 10.31 43.67
CA THR B 167 14.41 9.21 43.78
C THR B 167 13.16 9.47 42.96
N TYR B 168 12.64 10.71 42.99
CA TYR B 168 11.46 11.04 42.19
C TYR B 168 11.79 11.01 40.70
N ARG B 169 13.00 11.44 40.33
CA ARG B 169 13.38 11.38 38.92
C ARG B 169 13.60 9.95 38.47
N SER B 170 14.11 9.09 39.35
CA SER B 170 14.23 7.68 38.99
C SER B 170 12.86 7.00 39.02
N LEU B 171 11.89 7.64 39.66
CA LEU B 171 10.54 7.09 39.66
C LEU B 171 9.82 7.33 38.34
N PHE B 172 9.82 8.57 37.85
CA PHE B 172 9.02 8.86 36.68
C PHE B 172 9.64 8.34 35.39
N GLN B 173 10.95 8.03 35.43
CA GLN B 173 11.55 7.40 34.26
C GLN B 173 11.13 5.94 34.17
N ASP B 174 10.72 5.35 35.30
CA ASP B 174 10.15 4.02 35.25
C ASP B 174 8.75 4.04 34.63
N LEU B 175 7.95 5.05 34.98
CA LEU B 175 6.61 5.15 34.42
C LEU B 175 6.65 5.54 32.95
N GLU B 176 7.75 6.18 32.52
CA GLU B 176 7.89 6.49 31.11
C GLU B 176 8.16 5.25 30.28
N LEU B 177 8.96 4.32 30.82
CA LEU B 177 9.31 3.13 30.05
C LEU B 177 8.15 2.16 29.97
N LYS B 178 7.23 2.23 30.93
CA LYS B 178 6.00 1.44 30.84
C LYS B 178 4.90 2.18 30.10
N LYS B 179 5.19 3.42 29.68
CA LYS B 179 4.26 4.30 28.97
C LYS B 179 3.00 4.56 29.81
N GLU B 180 3.22 5.02 31.03
CA GLU B 180 2.13 5.31 31.96
C GLU B 180 1.86 6.81 31.93
N ARG B 181 0.90 7.22 31.11
CA ARG B 181 0.55 8.62 31.04
C ARG B 181 -0.36 9.02 32.21
N ARG B 182 -1.28 8.15 32.57
CA ARG B 182 -2.32 8.46 33.54
C ARG B 182 -1.83 8.11 34.94
N VAL B 183 -1.84 9.08 35.83
CA VAL B 183 -1.28 8.91 37.17
C VAL B 183 -2.33 9.33 38.18
N ILE B 184 -2.61 8.47 39.15
CA ILE B 184 -3.41 8.89 40.29
C ILE B 184 -2.50 9.08 41.48
N LEU B 185 -2.03 10.30 41.69
CA LEU B 185 -1.24 10.58 42.87
C LEU B 185 -2.18 10.76 44.05
N ASP B 186 -1.78 10.28 45.22
CA ASP B 186 -2.67 10.20 46.36
C ASP B 186 -1.87 10.30 47.64
N CYS B 187 -1.79 11.49 48.19
CA CYS B 187 -0.96 11.77 49.36
C CYS B 187 -1.37 13.10 49.95
N GLU B 188 -0.78 13.44 51.11
CA GLU B 188 -1.14 14.66 51.79
C GLU B 188 -0.56 15.88 51.06
N ARG B 189 -0.84 17.06 51.63
CA ARG B 189 -0.44 18.31 50.99
C ARG B 189 1.08 18.49 51.03
N ASP B 190 1.75 17.80 51.95
CA ASP B 190 3.21 17.76 51.92
C ASP B 190 3.70 17.08 50.63
N LYS B 191 3.15 15.92 50.32
CA LYS B 191 3.73 15.13 49.24
C LYS B 191 3.03 15.39 47.91
N VAL B 192 2.01 16.24 47.87
CA VAL B 192 1.49 16.64 46.57
C VAL B 192 2.40 17.71 45.97
N ASN B 193 2.84 18.66 46.79
CA ASN B 193 3.66 19.76 46.28
C ASN B 193 5.07 19.29 45.93
N ASP B 194 5.51 18.20 46.54
CA ASP B 194 6.85 17.71 46.19
C ASP B 194 6.79 16.82 44.95
N ILE B 195 5.66 16.17 44.70
CA ILE B 195 5.56 15.40 43.46
C ILE B 195 5.32 16.34 42.28
N VAL B 196 4.44 17.33 42.46
CA VAL B 196 4.10 18.23 41.36
C VAL B 196 5.30 19.07 40.95
N ASP B 197 6.11 19.52 41.90
CA ASP B 197 7.32 20.26 41.56
C ASP B 197 8.34 19.39 40.85
N GLN B 198 8.33 18.08 41.09
CA GLN B 198 9.21 17.22 40.32
C GLN B 198 8.56 16.78 39.01
N VAL B 199 7.25 16.96 38.90
CA VAL B 199 6.62 16.80 37.59
C VAL B 199 6.93 18.01 36.72
N ILE B 200 6.92 19.21 37.31
CA ILE B 200 7.21 20.45 36.59
C ILE B 200 8.64 20.46 36.07
N THR B 201 9.60 20.03 36.89
CA THR B 201 10.99 20.09 36.49
C THR B 201 11.32 19.05 35.43
N ILE B 202 10.76 17.84 35.55
CA ILE B 202 10.96 16.82 34.54
C ILE B 202 10.13 17.18 33.32
N GLY B 203 9.02 17.87 33.54
CA GLY B 203 8.20 18.24 32.40
C GLY B 203 7.29 17.13 31.95
N LYS B 204 6.68 16.44 32.91
CA LYS B 204 5.66 15.44 32.63
C LYS B 204 4.27 16.03 32.58
N HIS B 205 4.13 17.32 32.28
CA HIS B 205 2.85 17.98 32.35
C HIS B 205 2.46 18.67 31.07
N VAL B 206 3.01 18.22 29.93
CA VAL B 206 2.51 18.68 28.65
C VAL B 206 1.21 17.95 28.31
N LYS B 207 0.59 18.39 27.23
CA LYS B 207 -0.62 17.75 26.73
C LYS B 207 -0.35 16.28 26.41
N GLY B 208 -1.23 15.43 26.92
CA GLY B 208 -1.08 13.99 26.83
C GLY B 208 -1.07 13.30 28.17
N TYR B 209 -0.56 13.94 29.21
CA TYR B 209 -0.51 13.39 30.56
C TYR B 209 -1.78 13.77 31.27
N HIS B 210 -2.27 12.89 32.13
CA HIS B 210 -3.47 13.13 32.90
C HIS B 210 -3.15 12.82 34.35
N TYR B 211 -3.76 13.56 35.27
CA TYR B 211 -3.50 13.39 36.69
C TYR B 211 -4.84 13.36 37.42
N ILE B 212 -4.89 12.71 38.57
CA ILE B 212 -6.01 12.83 39.48
C ILE B 212 -5.44 13.00 40.88
N ILE B 213 -5.49 14.21 41.40
CA ILE B 213 -5.11 14.45 42.79
C ILE B 213 -6.25 13.89 43.63
N ALA B 214 -6.03 12.73 44.25
CA ALA B 214 -7.11 12.06 44.97
C ALA B 214 -7.16 12.47 46.43
N ASN B 215 -7.17 13.78 46.65
CA ASN B 215 -7.39 14.32 47.97
C ASN B 215 -8.74 15.01 48.02
N LEU B 216 -9.20 15.24 49.24
CA LEU B 216 -10.41 16.02 49.40
C LEU B 216 -10.14 17.51 49.24
N GLY B 217 -8.88 17.92 49.31
CA GLY B 217 -8.53 19.30 49.05
C GLY B 217 -7.83 19.44 47.72
N PHE B 218 -8.55 19.93 46.71
CA PHE B 218 -7.95 20.05 45.40
C PHE B 218 -7.39 21.44 45.16
N THR B 219 -8.05 22.47 45.68
CA THR B 219 -7.53 23.82 45.54
C THR B 219 -6.48 24.09 46.60
N ASP B 220 -6.40 23.22 47.60
CA ASP B 220 -5.49 23.38 48.73
C ASP B 220 -4.04 23.28 48.29
N GLY B 221 -3.75 22.45 47.28
CA GLY B 221 -2.41 22.37 46.76
C GLY B 221 -2.07 23.53 45.85
N ASP B 222 -0.80 23.60 45.47
CA ASP B 222 -0.40 24.57 44.46
C ASP B 222 -0.97 24.15 43.12
N LEU B 223 -1.53 25.11 42.40
CA LEU B 223 -2.32 24.70 41.25
C LEU B 223 -1.99 25.59 40.05
N LEU B 224 -1.43 26.76 40.32
CA LEU B 224 -1.09 27.67 39.23
C LEU B 224 0.07 27.16 38.40
N LYS B 225 0.96 26.38 39.01
CA LYS B 225 2.14 25.93 38.31
C LYS B 225 1.83 24.78 37.36
N ILE B 226 0.80 24.00 37.67
CA ILE B 226 0.47 22.85 36.84
C ILE B 226 -0.57 23.22 35.80
N GLN B 227 -1.10 24.43 35.91
CA GLN B 227 -2.33 24.79 35.21
C GLN B 227 -2.11 24.98 33.72
N PHE B 228 -1.14 25.82 33.35
CA PHE B 228 -1.03 26.28 31.98
C PHE B 228 -0.31 25.29 31.09
N GLY B 229 0.19 24.20 31.66
CA GLY B 229 1.01 23.29 30.90
C GLY B 229 0.25 22.43 29.91
N GLY B 230 -1.03 22.19 30.19
CA GLY B 230 -1.81 21.34 29.34
C GLY B 230 -2.07 19.94 29.86
N ALA B 231 -1.81 19.69 31.13
CA ALA B 231 -2.09 18.40 31.76
C ALA B 231 -3.41 18.49 32.49
N GLU B 232 -4.34 17.61 32.14
CA GLU B 232 -5.69 17.65 32.70
C GLU B 232 -5.65 17.10 34.11
N VAL B 233 -5.67 17.98 35.09
CA VAL B 233 -5.56 17.57 36.50
C VAL B 233 -6.96 17.60 37.10
N SER B 234 -7.60 16.43 37.19
CA SER B 234 -8.90 16.32 37.83
C SER B 234 -8.73 16.29 39.34
N GLY B 235 -9.80 16.06 40.08
CA GLY B 235 -9.64 15.96 41.52
C GLY B 235 -10.98 16.02 42.23
N PHE B 236 -10.89 16.18 43.55
CA PHE B 236 -12.05 16.15 44.42
C PHE B 236 -11.97 17.30 45.42
N GLN B 237 -13.09 17.95 45.65
CA GLN B 237 -13.15 19.07 46.58
C GLN B 237 -14.38 18.90 47.44
N ILE B 238 -14.21 18.97 48.76
CA ILE B 238 -15.28 18.64 49.67
C ILE B 238 -16.10 19.88 50.02
N VAL B 239 -15.48 21.05 50.02
CA VAL B 239 -16.14 22.30 50.38
C VAL B 239 -16.24 23.17 49.13
N ASP B 240 -17.43 23.69 48.84
CA ASP B 240 -17.65 24.44 47.63
C ASP B 240 -17.87 25.90 47.96
N TYR B 241 -17.11 26.78 47.31
CA TYR B 241 -16.99 28.16 47.76
C TYR B 241 -18.21 29.01 47.38
N ASP B 242 -19.05 28.52 46.49
CA ASP B 242 -20.22 29.30 46.08
C ASP B 242 -21.51 28.79 46.71
N ASP B 243 -21.40 28.12 47.86
CA ASP B 243 -22.60 27.64 48.54
C ASP B 243 -23.29 28.71 49.38
N SER B 244 -22.68 29.88 49.55
CA SER B 244 -23.18 31.07 50.24
C SER B 244 -23.35 30.90 51.75
N LEU B 245 -23.13 29.69 52.26
CA LEU B 245 -22.80 29.54 53.67
C LEU B 245 -21.28 29.47 53.84
N VAL B 246 -20.60 29.00 52.81
CA VAL B 246 -19.15 28.92 52.81
C VAL B 246 -18.53 30.28 52.61
N SER B 247 -19.08 31.07 51.67
CA SER B 247 -18.46 32.33 51.32
C SER B 247 -18.70 33.39 52.40
N LYS B 248 -19.69 33.17 53.26
CA LYS B 248 -19.79 33.98 54.47
C LYS B 248 -18.66 33.67 55.43
N PHE B 249 -18.20 32.41 55.43
CA PHE B 249 -17.11 32.02 56.33
C PHE B 249 -15.76 32.50 55.81
N ILE B 250 -15.58 32.50 54.49
CA ILE B 250 -14.32 32.92 53.89
C ILE B 250 -14.03 34.38 54.18
N GLU B 251 -15.07 35.21 54.20
CA GLU B 251 -14.93 36.61 54.56
C GLU B 251 -14.50 36.75 56.02
N ARG B 252 -15.10 35.97 56.91
CA ARG B 252 -14.75 36.03 58.32
C ARG B 252 -13.42 35.32 58.58
N TRP B 253 -13.01 34.46 57.66
CA TRP B 253 -11.71 33.80 57.78
C TRP B 253 -10.59 34.76 57.39
N SER B 254 -10.77 35.49 56.30
CA SER B 254 -9.70 36.34 55.77
C SER B 254 -9.49 37.57 56.63
N THR B 255 -10.53 38.04 57.30
CA THR B 255 -10.45 39.27 58.11
C THR B 255 -10.06 39.01 59.55
N LEU B 256 -9.34 37.93 59.83
CA LEU B 256 -8.74 37.73 61.14
C LEU B 256 -7.27 38.08 61.05
N GLU B 257 -6.67 38.30 62.22
CA GLU B 257 -5.26 38.67 62.26
C GLU B 257 -4.39 37.44 62.07
N GLU B 258 -3.17 37.67 61.58
CA GLU B 258 -2.24 36.58 61.38
C GLU B 258 -1.55 36.20 62.69
N LYS B 259 -1.33 37.17 63.57
CA LYS B 259 -0.60 36.90 64.79
C LYS B 259 -1.50 36.28 65.85
N GLU B 260 -2.81 36.38 65.68
CA GLU B 260 -3.73 35.82 66.68
C GLU B 260 -4.20 34.43 66.28
N TYR B 261 -4.48 34.25 64.99
CA TYR B 261 -4.87 32.95 64.45
C TYR B 261 -3.91 32.65 63.31
N PRO B 262 -2.85 31.86 63.55
CA PRO B 262 -1.84 31.66 62.50
C PRO B 262 -2.38 30.81 61.35
N GLY B 263 -2.10 31.26 60.13
CA GLY B 263 -2.62 30.61 58.95
C GLY B 263 -4.05 30.97 58.62
N ALA B 264 -4.62 32.00 59.24
CA ALA B 264 -6.03 32.31 58.98
C ALA B 264 -6.17 33.39 57.91
N HIS B 265 -5.15 34.21 57.70
CA HIS B 265 -5.23 35.31 56.73
C HIS B 265 -4.96 34.75 55.33
N THR B 266 -5.92 33.97 54.84
CA THR B 266 -5.81 33.24 53.58
C THR B 266 -7.08 33.44 52.77
N ALA B 267 -6.97 33.12 51.48
CA ALA B 267 -8.16 33.12 50.63
C ALA B 267 -8.89 31.79 50.71
N THR B 268 -8.16 30.69 50.76
CA THR B 268 -8.72 29.36 50.79
C THR B 268 -8.56 28.74 52.18
N ILE B 269 -9.16 27.58 52.35
CA ILE B 269 -9.12 26.83 53.59
C ILE B 269 -8.69 25.39 53.28
N LYS B 270 -7.89 24.81 54.17
CA LYS B 270 -7.58 23.40 54.05
C LYS B 270 -8.83 22.57 54.32
N TYR B 271 -8.86 21.36 53.74
CA TYR B 271 -10.04 20.52 53.89
C TYR B 271 -10.13 19.93 55.29
N THR B 272 -9.01 19.90 56.02
CA THR B 272 -9.08 19.46 57.41
C THR B 272 -9.69 20.54 58.29
N SER B 273 -9.37 21.81 58.02
CA SER B 273 -9.94 22.90 58.81
C SER B 273 -11.42 23.08 58.51
N ALA B 274 -11.85 22.67 57.33
CA ALA B 274 -13.28 22.75 57.01
C ALA B 274 -14.06 21.71 57.78
N LEU B 275 -13.46 20.54 58.03
CA LEU B 275 -14.15 19.53 58.83
C LEU B 275 -13.88 19.74 60.31
N THR B 276 -12.81 20.46 60.65
CA THR B 276 -12.61 20.83 62.05
C THR B 276 -13.64 21.85 62.49
N TYR B 277 -13.92 22.82 61.62
CA TYR B 277 -14.94 23.82 61.92
C TYR B 277 -16.33 23.21 61.92
N ASP B 278 -16.56 22.19 61.10
CA ASP B 278 -17.86 21.54 61.08
C ASP B 278 -18.06 20.67 62.32
N ALA B 279 -16.97 20.20 62.91
CA ALA B 279 -17.11 19.24 64.01
C ALA B 279 -17.53 19.92 65.29
N VAL B 280 -17.23 21.21 65.44
CA VAL B 280 -17.68 21.94 66.61
C VAL B 280 -19.19 22.13 66.55
N GLN B 281 -19.72 22.30 65.34
CA GLN B 281 -21.17 22.40 65.14
C GLN B 281 -21.86 21.11 65.55
N VAL B 282 -21.25 19.96 65.27
CA VAL B 282 -21.89 18.69 65.59
C VAL B 282 -21.81 18.43 67.08
N MET B 283 -20.68 18.77 67.72
CA MET B 283 -20.59 18.65 69.17
C MET B 283 -21.54 19.60 69.87
N THR B 284 -21.77 20.78 69.28
CA THR B 284 -22.73 21.71 69.86
C THR B 284 -24.15 21.21 69.70
N GLU B 285 -24.50 20.75 68.49
CA GLU B 285 -25.87 20.33 68.20
C GLU B 285 -26.25 19.08 68.99
N ALA B 286 -25.30 18.17 69.18
CA ALA B 286 -25.59 16.96 69.95
C ALA B 286 -25.69 17.27 71.44
N PHE B 287 -24.87 18.21 71.93
CA PHE B 287 -24.99 18.64 73.31
C PHE B 287 -26.23 19.49 73.52
N ARG B 288 -26.65 20.22 72.47
CA ARG B 288 -27.92 20.91 72.54
C ARG B 288 -29.09 19.93 72.58
N ASN B 289 -29.01 18.86 71.79
CA ASN B 289 -30.06 17.84 71.83
C ASN B 289 -29.95 17.00 73.09
N LEU B 290 -28.77 17.01 73.72
CA LEU B 290 -28.63 16.39 75.03
C LEU B 290 -29.28 17.24 76.11
N ARG B 291 -29.48 18.53 75.80
CA ARG B 291 -30.05 19.45 76.78
C ARG B 291 -31.57 19.51 76.64
N LYS B 292 -32.08 19.44 75.41
CA LYS B 292 -33.51 19.43 75.17
C LYS B 292 -34.15 18.15 75.69
N GLN B 293 -33.70 17.00 75.21
CA GLN B 293 -34.03 15.74 75.87
C GLN B 293 -33.03 15.59 77.01
N ARG B 294 -33.42 16.14 78.16
CA ARG B 294 -32.52 16.30 79.30
C ARG B 294 -32.27 14.95 79.98
N ILE B 295 -31.01 14.73 80.34
CA ILE B 295 -30.57 13.57 81.11
C ILE B 295 -29.52 14.04 82.11
N GLU B 296 -29.05 13.10 82.93
CA GLU B 296 -27.96 13.39 83.85
C GLU B 296 -26.65 13.45 83.04
N ILE B 297 -26.36 14.66 82.55
CA ILE B 297 -25.11 14.88 81.84
C ILE B 297 -23.94 14.85 82.81
N SER B 298 -24.13 15.41 84.00
CA SER B 298 -23.10 15.55 85.02
C SER B 298 -22.60 14.20 85.51
N ARG B 299 -21.28 14.01 85.47
CA ARG B 299 -20.64 12.79 85.92
C ARG B 299 -19.66 13.13 87.03
N ARG B 300 -19.53 12.22 87.99
CA ARG B 300 -18.56 12.39 89.07
C ARG B 300 -17.15 12.21 88.51
N GLY B 301 -16.51 13.31 88.15
CA GLY B 301 -15.23 13.27 87.44
C GLY B 301 -14.05 12.87 88.30
N ASN B 302 -14.05 11.62 88.75
CA ASN B 302 -12.97 11.09 89.58
C ASN B 302 -12.46 9.76 89.05
N ALA B 303 -12.40 9.59 87.72
CA ALA B 303 -11.84 8.38 87.14
C ALA B 303 -10.33 8.34 87.34
N GLY B 304 -9.61 9.28 86.73
CA GLY B 304 -8.22 9.49 87.08
C GLY B 304 -7.25 8.49 86.49
N ASP B 305 -7.44 7.22 86.83
CA ASP B 305 -6.45 6.16 86.66
C ASP B 305 -6.08 5.83 85.21
N CYS B 306 -7.05 5.33 84.43
CA CYS B 306 -6.96 4.68 83.10
C CYS B 306 -6.14 3.38 83.12
N LEU B 307 -5.77 2.91 84.30
CA LEU B 307 -5.18 1.59 84.50
C LEU B 307 -6.05 0.73 85.40
N ALA B 308 -7.36 0.93 85.34
CA ALA B 308 -8.26 0.25 86.27
C ALA B 308 -8.35 -1.23 85.95
N ASN B 309 -8.34 -2.04 87.00
CA ASN B 309 -8.31 -3.49 86.84
C ASN B 309 -9.55 -4.10 87.46
N PRO B 310 -10.58 -4.44 86.67
CA PRO B 310 -10.72 -4.16 85.23
C PRO B 310 -11.28 -2.77 85.00
N ALA B 311 -11.01 -2.17 83.83
CA ALA B 311 -11.60 -0.88 83.53
C ALA B 311 -13.05 -1.04 83.09
N VAL B 312 -13.91 -0.18 83.63
CA VAL B 312 -15.35 -0.34 83.47
C VAL B 312 -15.88 0.77 82.57
N PRO B 313 -17.03 0.56 81.93
CA PRO B 313 -17.68 1.64 81.20
C PRO B 313 -18.39 2.59 82.14
N TRP B 314 -19.10 3.55 81.54
CA TRP B 314 -20.10 4.35 82.23
C TRP B 314 -21.23 4.64 81.26
N GLY B 315 -22.46 4.30 81.66
CA GLY B 315 -23.53 4.09 80.69
C GLY B 315 -24.08 5.38 80.11
N GLN B 316 -23.71 6.53 80.69
CA GLN B 316 -24.16 7.79 80.10
C GLN B 316 -23.31 8.14 78.89
N GLY B 317 -22.16 7.51 78.72
CA GLY B 317 -21.34 7.77 77.55
C GLY B 317 -21.95 7.20 76.29
N VAL B 318 -22.71 6.11 76.42
CA VAL B 318 -23.44 5.56 75.29
C VAL B 318 -24.56 6.51 74.89
N GLU B 319 -25.15 7.19 75.88
CA GLU B 319 -26.20 8.17 75.61
C GLU B 319 -25.65 9.36 74.84
N ILE B 320 -24.37 9.67 75.06
CA ILE B 320 -23.71 10.77 74.34
C ILE B 320 -23.54 10.43 72.88
N GLU B 321 -23.06 9.21 72.59
CA GLU B 321 -22.83 8.81 71.21
C GLU B 321 -24.14 8.66 70.46
N ARG B 322 -25.19 8.20 71.14
CA ARG B 322 -26.51 8.10 70.53
C ARG B 322 -27.04 9.46 70.13
N ALA B 323 -26.64 10.52 70.85
CA ALA B 323 -26.92 11.87 70.40
C ALA B 323 -25.97 12.30 69.29
N LEU B 324 -24.72 11.83 69.33
CA LEU B 324 -23.75 12.23 68.32
C LEU B 324 -24.04 11.58 66.97
N LYS B 325 -24.59 10.36 66.99
CA LYS B 325 -25.05 9.76 65.73
C LYS B 325 -26.30 10.46 65.23
N GLN B 326 -27.18 10.87 66.14
CA GLN B 326 -28.42 11.56 65.81
C GLN B 326 -28.17 13.05 65.57
N VAL B 327 -27.47 13.39 64.49
CA VAL B 327 -27.17 14.76 64.10
C VAL B 327 -27.41 14.88 62.61
N GLN B 328 -28.21 15.85 62.20
CA GLN B 328 -28.32 16.21 60.79
C GLN B 328 -28.31 17.72 60.69
N VAL B 329 -27.15 18.29 60.39
CA VAL B 329 -26.95 19.73 60.33
C VAL B 329 -26.46 20.09 58.95
N GLU B 330 -26.18 21.37 58.76
CA GLU B 330 -25.52 21.87 57.56
C GLU B 330 -24.25 22.59 57.94
N GLY B 331 -23.16 22.29 57.25
CA GLY B 331 -21.89 22.91 57.51
C GLY B 331 -21.16 23.19 56.22
N LEU B 332 -19.83 23.26 56.32
CA LEU B 332 -19.01 23.55 55.15
C LEU B 332 -19.01 22.38 54.19
N SER B 333 -18.90 21.15 54.71
CA SER B 333 -18.81 20.00 53.83
C SER B 333 -20.16 19.66 53.21
N GLY B 334 -21.25 20.03 53.88
CA GLY B 334 -22.57 19.76 53.36
C GLY B 334 -23.49 19.14 54.39
N ASN B 335 -24.30 18.18 53.95
CA ASN B 335 -25.21 17.51 54.87
C ASN B 335 -24.43 16.54 55.74
N ILE B 336 -24.43 16.81 57.05
CA ILE B 336 -23.66 15.98 57.98
C ILE B 336 -24.61 15.10 58.77
N LYS B 337 -24.75 13.85 58.34
CA LYS B 337 -25.51 12.85 59.09
C LYS B 337 -24.76 11.53 59.04
N PHE B 338 -24.87 10.75 60.10
CA PHE B 338 -24.07 9.56 60.26
C PHE B 338 -24.93 8.31 60.18
N ASP B 339 -24.26 7.16 60.06
CA ASP B 339 -24.92 5.87 60.18
C ASP B 339 -24.72 5.31 61.59
N GLN B 340 -25.08 4.05 61.77
CA GLN B 340 -24.88 3.41 63.08
C GLN B 340 -23.40 3.06 63.29
N ASN B 341 -22.61 3.00 62.22
CA ASN B 341 -21.18 2.73 62.39
C ASN B 341 -20.43 3.99 62.79
N GLY B 342 -20.53 5.04 61.97
CA GLY B 342 -19.84 6.27 62.21
C GLY B 342 -19.35 7.00 60.98
N LYS B 343 -19.38 6.38 59.81
CA LYS B 343 -18.99 7.07 58.59
C LYS B 343 -20.13 7.99 58.16
N ARG B 344 -19.80 9.00 57.37
CA ARG B 344 -20.84 9.92 56.94
C ARG B 344 -21.64 9.34 55.79
N ILE B 345 -22.90 9.79 55.67
CA ILE B 345 -23.81 9.34 54.63
C ILE B 345 -24.60 10.56 54.17
N ASN B 346 -25.08 10.48 52.92
CA ASN B 346 -25.73 11.57 52.20
C ASN B 346 -24.85 12.81 52.18
N TYR B 347 -23.57 12.60 51.90
CA TYR B 347 -22.63 13.66 51.63
C TYR B 347 -22.39 13.73 50.14
N THR B 348 -21.66 14.75 49.70
CA THR B 348 -21.50 15.01 48.28
C THR B 348 -20.13 15.61 48.01
N ILE B 349 -19.36 14.94 47.16
CA ILE B 349 -18.00 15.34 46.81
C ILE B 349 -18.03 15.94 45.42
N ASN B 350 -17.45 17.12 45.27
CA ASN B 350 -17.42 17.79 43.98
C ASN B 350 -16.21 17.32 43.18
N ILE B 351 -16.47 16.79 41.98
CA ILE B 351 -15.41 16.49 41.04
C ILE B 351 -15.00 17.80 40.38
N MET B 352 -13.77 18.21 40.61
CA MET B 352 -13.23 19.44 40.04
C MET B 352 -12.22 19.09 38.97
N GLU B 353 -12.27 19.79 37.85
CA GLU B 353 -11.31 19.61 36.78
C GLU B 353 -10.60 20.94 36.56
N LEU B 354 -9.31 20.88 36.25
CA LEU B 354 -8.53 22.11 36.14
C LEU B 354 -8.51 22.63 34.72
N LYS B 355 -9.04 23.83 34.53
CA LYS B 355 -8.99 24.53 33.25
C LYS B 355 -8.23 25.83 33.43
N THR B 356 -8.11 26.60 32.34
CA THR B 356 -7.27 27.78 32.37
C THR B 356 -7.91 28.92 33.16
N ASN B 357 -9.20 28.81 33.45
CA ASN B 357 -9.81 29.73 34.43
C ASN B 357 -9.28 29.44 35.83
N GLY B 358 -8.97 28.17 36.11
CA GLY B 358 -8.66 27.73 37.44
C GLY B 358 -9.42 26.46 37.71
N PRO B 359 -9.77 26.21 38.97
CA PRO B 359 -10.64 25.07 39.27
C PRO B 359 -12.03 25.26 38.69
N ARG B 360 -12.52 24.21 38.06
CA ARG B 360 -13.81 24.22 37.37
C ARG B 360 -14.55 22.96 37.76
N LYS B 361 -15.86 23.10 37.99
CA LYS B 361 -16.69 22.01 38.46
C LYS B 361 -17.39 21.34 37.29
N ILE B 362 -17.36 20.01 37.24
CA ILE B 362 -18.06 19.28 36.19
C ILE B 362 -19.14 18.35 36.73
N GLY B 363 -19.12 18.02 38.01
CA GLY B 363 -20.10 17.07 38.52
C GLY B 363 -20.05 17.00 40.02
N TYR B 364 -20.82 16.06 40.56
CA TYR B 364 -20.76 15.75 41.98
C TYR B 364 -21.06 14.27 42.20
N TRP B 365 -20.21 13.63 42.98
CA TRP B 365 -20.37 12.25 43.40
C TRP B 365 -21.25 12.24 44.65
N SER B 366 -22.10 11.22 44.78
CA SER B 366 -22.91 11.08 45.98
C SER B 366 -23.15 9.61 46.27
N GLU B 367 -23.82 9.35 47.38
CA GLU B 367 -24.01 7.96 47.80
C GLU B 367 -25.25 7.35 47.18
N VAL B 368 -26.37 8.08 47.19
CA VAL B 368 -27.60 7.49 46.67
C VAL B 368 -27.63 7.55 45.15
N ASP B 369 -26.92 8.50 44.55
CA ASP B 369 -26.79 8.61 43.11
C ASP B 369 -25.33 8.83 42.72
N LYS B 370 -24.75 7.89 41.98
CA LYS B 370 -23.30 7.63 41.90
C LYS B 370 -22.56 8.87 41.40
N MET B 371 -22.71 9.29 40.15
CA MET B 371 -21.97 10.42 39.65
C MET B 371 -22.85 11.24 38.74
N VAL B 372 -23.47 12.28 39.31
CA VAL B 372 -24.32 13.19 38.56
C VAL B 372 -23.41 14.18 37.85
N LEU B 373 -23.18 13.93 36.58
CA LEU B 373 -22.58 14.93 35.71
C LEU B 373 -23.53 16.13 35.61
N THR B 374 -23.05 17.31 35.98
CA THR B 374 -23.92 18.47 36.05
C THR B 374 -24.26 19.01 34.66
N GLU B 375 -24.92 20.16 34.63
CA GLU B 375 -25.27 20.80 33.37
C GLU B 375 -23.99 21.20 32.64
N ASP B 376 -23.90 20.76 31.39
CA ASP B 376 -22.68 20.90 30.62
C ASP B 376 -22.84 22.01 29.60
N ASP B 377 -21.82 22.84 29.49
CA ASP B 377 -21.75 23.84 28.44
C ASP B 377 -21.15 23.29 27.16
N THR B 378 -21.06 21.96 27.04
CA THR B 378 -20.30 21.25 26.02
C THR B 378 -18.87 21.78 25.93
N SER B 379 -18.09 21.50 26.99
CA SER B 379 -16.91 22.23 27.53
C SER B 379 -16.02 22.75 26.40
N GLY B 380 -15.45 21.90 25.56
CA GLY B 380 -14.90 22.38 24.29
C GLY B 380 -15.99 22.34 23.24
N LEU B 381 -16.46 23.52 22.83
CA LEU B 381 -17.64 23.59 21.96
C LEU B 381 -17.30 23.09 20.57
N GLU B 382 -18.08 22.13 20.10
CA GLU B 382 -17.71 21.35 18.93
C GLU B 382 -17.92 22.14 17.65
N GLN B 383 -17.02 21.90 16.68
CA GLN B 383 -17.24 22.35 15.32
C GLN B 383 -18.45 21.63 14.74
N LYS B 384 -19.15 22.30 13.81
CA LYS B 384 -20.29 21.67 13.18
C LYS B 384 -19.82 20.59 12.22
N THR B 385 -20.41 19.40 12.34
CA THR B 385 -20.19 18.35 11.36
C THR B 385 -20.77 18.77 10.01
N VAL B 386 -20.02 18.52 8.95
CA VAL B 386 -20.37 19.07 7.65
C VAL B 386 -21.52 18.29 7.05
N VAL B 387 -22.64 18.98 6.83
CA VAL B 387 -23.83 18.39 6.25
C VAL B 387 -23.62 18.28 4.75
N VAL B 388 -23.40 17.05 4.27
CA VAL B 388 -23.10 16.78 2.89
C VAL B 388 -24.40 16.46 2.17
N THR B 389 -24.66 17.14 1.06
CA THR B 389 -25.82 16.83 0.25
C THR B 389 -25.38 16.01 -0.96
N THR B 390 -26.23 15.05 -1.34
CA THR B 390 -26.01 14.20 -2.51
C THR B 390 -27.33 13.57 -2.92
N ILE B 391 -27.44 13.28 -4.20
CA ILE B 391 -28.64 12.68 -4.76
C ILE B 391 -28.52 11.16 -4.70
N LEU B 392 -29.65 10.49 -4.50
CA LEU B 392 -29.67 9.03 -4.48
C LEU B 392 -29.66 8.55 -5.92
N GLU B 393 -28.45 8.33 -6.43
CA GLU B 393 -28.24 7.88 -7.79
C GLU B 393 -27.24 6.74 -7.80
N SER B 394 -27.57 5.68 -8.53
CA SER B 394 -26.65 4.56 -8.67
C SER B 394 -25.72 4.79 -9.86
N PRO B 395 -24.47 4.31 -9.79
CA PRO B 395 -23.78 3.65 -8.69
C PRO B 395 -23.12 4.64 -7.76
N TYR B 396 -23.57 5.89 -7.79
CA TYR B 396 -22.90 6.92 -7.00
C TYR B 396 -23.29 6.82 -5.54
N VAL B 397 -24.59 6.84 -5.24
CA VAL B 397 -25.06 6.78 -3.86
C VAL B 397 -26.27 5.84 -3.80
N MET B 398 -26.18 4.85 -2.93
CA MET B 398 -27.30 3.95 -2.66
C MET B 398 -27.20 3.48 -1.21
N MET B 399 -28.34 3.09 -0.65
CA MET B 399 -28.41 2.62 0.74
C MET B 399 -28.02 1.16 0.79
N LYS B 400 -27.67 0.68 1.98
CA LYS B 400 -27.41 -0.74 2.13
C LYS B 400 -28.67 -1.46 2.62
N LYS B 401 -28.50 -2.76 2.90
CA LYS B 401 -29.62 -3.58 3.33
C LYS B 401 -30.02 -3.24 4.77
N ASN B 402 -29.05 -2.93 5.62
CA ASN B 402 -29.31 -2.62 7.03
C ASN B 402 -29.52 -1.12 7.21
N HIS B 403 -30.50 -0.59 6.46
CA HIS B 403 -30.78 0.83 6.51
C HIS B 403 -31.59 1.19 7.74
N GLU B 404 -32.35 0.23 8.28
CA GLU B 404 -33.15 0.49 9.47
C GLU B 404 -32.33 0.28 10.73
N MET B 405 -31.23 -0.46 10.64
CA MET B 405 -30.45 -0.79 11.83
C MET B 405 -29.50 0.35 12.20
N LEU B 406 -28.57 0.68 11.32
CA LEU B 406 -27.54 1.66 11.59
C LEU B 406 -27.88 2.97 10.91
N GLU B 407 -27.50 4.08 11.55
CA GLU B 407 -27.97 5.40 11.18
C GLU B 407 -26.83 6.29 10.70
N GLY B 408 -26.98 6.80 9.48
CA GLY B 408 -26.15 7.89 9.01
C GLY B 408 -24.89 7.52 8.26
N ASN B 409 -23.75 7.68 8.93
CA ASN B 409 -22.44 7.64 8.26
C ASN B 409 -22.11 6.23 7.77
N GLU B 410 -22.59 5.21 8.47
CA GLU B 410 -22.28 3.86 8.07
C GLU B 410 -23.24 3.38 6.99
N ARG B 411 -24.43 3.96 6.93
CA ARG B 411 -25.54 3.39 6.16
C ARG B 411 -25.28 3.44 4.66
N TYR B 412 -24.73 4.53 4.16
CA TYR B 412 -24.68 4.72 2.71
C TYR B 412 -23.46 4.05 2.10
N GLU B 413 -23.64 3.54 0.88
CA GLU B 413 -22.56 2.98 0.09
C GLU B 413 -22.62 3.58 -1.30
N GLY B 414 -21.54 3.41 -2.04
CA GLY B 414 -21.47 3.91 -3.40
C GLY B 414 -20.16 4.63 -3.66
N TYR B 415 -20.09 5.25 -4.83
CA TYR B 415 -18.85 5.91 -5.21
C TYR B 415 -18.68 7.25 -4.52
N CYS B 416 -19.76 8.03 -4.42
CA CYS B 416 -19.66 9.35 -3.80
C CYS B 416 -19.51 9.26 -2.30
N VAL B 417 -19.86 8.11 -1.72
CA VAL B 417 -19.66 7.89 -0.29
C VAL B 417 -18.17 7.81 0.03
N ASP B 418 -17.42 7.01 -0.73
CA ASP B 418 -15.99 6.88 -0.47
C ASP B 418 -15.24 8.12 -0.91
N LEU B 419 -15.76 8.84 -1.90
CA LEU B 419 -15.18 10.13 -2.26
C LEU B 419 -15.40 11.14 -1.15
N ALA B 420 -16.53 11.03 -0.45
CA ALA B 420 -16.77 11.88 0.72
C ALA B 420 -15.83 11.52 1.85
N ALA B 421 -15.41 10.26 1.93
CA ALA B 421 -14.50 9.86 2.99
C ALA B 421 -13.10 10.41 2.75
N GLU B 422 -12.64 10.38 1.49
CA GLU B 422 -11.23 10.66 1.24
C GLU B 422 -10.95 12.16 1.20
N ILE B 423 -11.96 12.96 0.87
CA ILE B 423 -11.83 14.41 1.06
C ILE B 423 -11.80 14.74 2.54
N ALA B 424 -12.57 13.99 3.34
CA ALA B 424 -12.68 14.26 4.77
C ALA B 424 -11.38 13.93 5.50
N LYS B 425 -10.58 13.02 4.94
CA LYS B 425 -9.29 12.72 5.53
C LYS B 425 -8.30 13.86 5.29
N HIS B 426 -8.13 14.27 4.03
CA HIS B 426 -7.11 15.25 3.69
C HIS B 426 -7.48 16.66 4.12
N CYS B 427 -8.76 16.92 4.38
CA CYS B 427 -9.19 18.22 4.86
C CYS B 427 -9.59 18.19 6.34
N GLY B 428 -9.67 17.01 6.94
CA GLY B 428 -9.74 16.90 8.40
C GLY B 428 -11.02 17.38 9.04
N PHE B 429 -12.13 17.35 8.31
CA PHE B 429 -13.42 17.79 8.83
C PHE B 429 -14.29 16.58 9.10
N LYS B 430 -15.20 16.72 10.06
CA LYS B 430 -16.20 15.69 10.28
C LYS B 430 -17.38 15.94 9.36
N TYR B 431 -18.16 14.89 9.11
CA TYR B 431 -19.14 14.93 8.03
C TYR B 431 -20.35 14.09 8.38
N LYS B 432 -21.49 14.43 7.79
CA LYS B 432 -22.71 13.63 7.88
C LYS B 432 -23.32 13.53 6.49
N LEU B 433 -23.58 12.30 6.05
CA LEU B 433 -23.97 12.04 4.67
C LEU B 433 -25.50 11.96 4.58
N THR B 434 -26.08 12.87 3.80
CA THR B 434 -27.53 13.03 3.74
C THR B 434 -27.99 13.00 2.29
N ILE B 435 -29.17 12.45 2.06
CA ILE B 435 -29.81 12.54 0.75
C ILE B 435 -30.53 13.89 0.63
N VAL B 436 -30.46 14.48 -0.56
CA VAL B 436 -31.29 15.62 -0.90
C VAL B 436 -32.68 15.11 -1.26
N GLY B 437 -33.71 15.75 -0.72
CA GLY B 437 -35.07 15.42 -1.02
C GLY B 437 -35.71 16.27 -2.08
N ASP B 438 -34.92 17.04 -2.82
CA ASP B 438 -35.48 17.95 -3.81
C ASP B 438 -35.80 17.24 -5.11
N GLY B 439 -35.07 16.16 -5.41
CA GLY B 439 -35.26 15.42 -6.64
C GLY B 439 -34.55 16.00 -7.85
N LYS B 440 -34.02 17.21 -7.75
CA LYS B 440 -33.32 17.86 -8.84
C LYS B 440 -31.84 17.92 -8.53
N TYR B 441 -31.00 17.80 -9.56
CA TYR B 441 -29.58 18.05 -9.40
C TYR B 441 -29.32 19.53 -9.11
N GLY B 442 -30.14 20.39 -9.71
CA GLY B 442 -30.02 21.81 -9.53
C GLY B 442 -30.15 22.57 -10.83
N ALA B 443 -31.17 23.42 -10.86
CA ALA B 443 -31.48 24.27 -11.99
C ALA B 443 -32.42 25.36 -11.49
N ARG B 444 -32.43 26.49 -12.18
CA ARG B 444 -33.24 27.62 -11.79
C ARG B 444 -34.41 27.75 -12.75
N ASP B 445 -35.58 28.09 -12.21
CA ASP B 445 -36.72 28.45 -13.04
C ASP B 445 -36.81 29.96 -13.12
N ALA B 446 -36.87 30.50 -14.34
CA ALA B 446 -36.81 31.95 -14.52
C ALA B 446 -38.10 32.63 -14.05
N ASP B 447 -39.20 31.86 -13.94
CA ASP B 447 -40.43 32.43 -13.44
C ASP B 447 -40.43 32.54 -11.92
N THR B 448 -39.70 31.65 -11.25
CA THR B 448 -39.65 31.70 -9.79
C THR B 448 -38.37 32.32 -9.29
N LYS B 449 -37.32 32.32 -10.11
CA LYS B 449 -35.97 32.84 -9.81
C LYS B 449 -35.34 32.21 -8.59
N ILE B 450 -35.67 30.95 -8.30
CA ILE B 450 -35.12 30.23 -7.15
C ILE B 450 -34.52 28.92 -7.62
N TRP B 451 -33.24 28.71 -7.32
CA TRP B 451 -32.60 27.42 -7.55
C TRP B 451 -33.18 26.37 -6.60
N ASN B 452 -33.58 25.23 -7.15
CA ASN B 452 -33.93 24.07 -6.36
C ASN B 452 -32.77 23.08 -6.40
N GLY B 453 -32.79 22.09 -5.53
CA GLY B 453 -31.82 21.02 -5.66
C GLY B 453 -30.53 21.27 -4.92
N MET B 454 -29.47 20.60 -5.37
CA MET B 454 -28.21 20.65 -4.64
C MET B 454 -27.47 21.95 -4.90
N VAL B 455 -27.85 22.66 -5.95
CA VAL B 455 -27.30 24.00 -6.16
C VAL B 455 -27.97 24.99 -5.21
N GLY B 456 -29.30 24.89 -5.07
CA GLY B 456 -30.00 25.79 -4.17
C GLY B 456 -29.72 25.53 -2.71
N GLU B 457 -29.35 24.29 -2.37
CA GLU B 457 -29.05 23.98 -0.98
C GLU B 457 -27.65 24.45 -0.59
N LEU B 458 -26.88 24.97 -1.55
CA LEU B 458 -25.62 25.61 -1.20
C LEU B 458 -25.73 27.11 -1.27
N VAL B 459 -26.62 27.62 -2.13
CA VAL B 459 -26.85 29.06 -2.21
C VAL B 459 -27.58 29.55 -0.97
N TYR B 460 -28.63 28.84 -0.56
CA TYR B 460 -29.42 29.25 0.60
C TYR B 460 -28.87 28.72 1.91
N GLY B 461 -27.63 28.23 1.90
CA GLY B 461 -26.96 27.81 3.11
C GLY B 461 -27.50 26.55 3.75
N LYS B 462 -28.33 25.78 3.05
CA LYS B 462 -28.94 24.60 3.63
C LYS B 462 -27.92 23.46 3.79
N ALA B 463 -26.93 23.40 2.90
CA ALA B 463 -25.90 22.37 2.94
C ALA B 463 -24.52 23.01 2.82
N ASP B 464 -23.48 22.22 3.12
CA ASP B 464 -22.14 22.79 3.17
C ASP B 464 -21.27 22.33 2.00
N ILE B 465 -21.57 21.16 1.42
CA ILE B 465 -20.76 20.60 0.36
C ILE B 465 -21.63 19.62 -0.44
N ALA B 466 -21.37 19.52 -1.74
CA ALA B 466 -22.14 18.65 -2.61
C ALA B 466 -21.19 17.72 -3.34
N ILE B 467 -21.24 16.45 -3.00
CA ILE B 467 -20.42 15.41 -3.62
C ILE B 467 -21.38 14.50 -4.36
N ALA B 468 -21.56 14.76 -5.65
CA ALA B 468 -22.69 14.21 -6.37
C ALA B 468 -22.47 14.34 -7.87
N PRO B 469 -23.25 13.66 -8.72
CA PRO B 469 -23.13 13.92 -10.18
C PRO B 469 -23.69 15.28 -10.58
N LEU B 470 -22.89 16.31 -10.36
CA LEU B 470 -23.29 17.68 -10.65
C LEU B 470 -22.45 18.18 -11.83
N THR B 471 -23.06 18.22 -13.00
CA THR B 471 -22.34 18.59 -14.21
C THR B 471 -22.04 20.08 -14.21
N ILE B 472 -20.77 20.42 -14.39
CA ILE B 472 -20.32 21.80 -14.33
C ILE B 472 -20.82 22.55 -15.55
N THR B 473 -21.75 23.47 -15.33
CA THR B 473 -22.31 24.28 -16.40
C THR B 473 -21.93 25.74 -16.17
N LEU B 474 -22.40 26.59 -17.08
CA LEU B 474 -22.13 28.02 -16.94
C LEU B 474 -23.00 28.63 -15.85
N VAL B 475 -24.24 28.18 -15.75
CA VAL B 475 -25.19 28.80 -14.82
C VAL B 475 -24.92 28.32 -13.39
N ARG B 476 -24.28 27.17 -13.23
CA ARG B 476 -23.99 26.67 -11.89
C ARG B 476 -22.73 27.30 -11.34
N GLU B 477 -21.84 27.75 -12.23
CA GLU B 477 -20.60 28.36 -11.76
C GLU B 477 -20.82 29.75 -11.19
N GLU B 478 -21.89 30.43 -11.62
CA GLU B 478 -22.14 31.80 -11.17
C GLU B 478 -22.54 31.85 -9.70
N VAL B 479 -23.26 30.86 -9.21
CA VAL B 479 -23.81 30.89 -7.87
C VAL B 479 -22.94 30.13 -6.87
N ILE B 480 -22.25 29.08 -7.32
CA ILE B 480 -21.36 28.30 -6.46
C ILE B 480 -20.09 27.97 -7.23
N ASP B 481 -19.01 27.77 -6.49
CA ASP B 481 -17.72 27.44 -7.09
C ASP B 481 -17.47 25.93 -7.02
N PHE B 482 -16.73 25.41 -7.98
CA PHE B 482 -16.39 24.00 -8.03
C PHE B 482 -14.89 23.80 -7.82
N SER B 483 -14.55 22.59 -7.42
CA SER B 483 -13.18 22.12 -7.51
C SER B 483 -12.92 21.63 -8.92
N LYS B 484 -11.71 21.14 -9.13
CA LYS B 484 -11.36 20.62 -10.45
C LYS B 484 -12.11 19.31 -10.68
N PRO B 485 -12.33 18.90 -11.94
CA PRO B 485 -13.11 17.68 -12.17
C PRO B 485 -12.42 16.42 -11.72
N PHE B 486 -13.04 15.72 -10.78
CA PHE B 486 -12.50 14.44 -10.32
C PHE B 486 -12.78 13.34 -11.32
N MET B 487 -13.80 13.51 -12.15
CA MET B 487 -14.16 12.54 -13.17
C MET B 487 -14.40 13.26 -14.48
N SER B 488 -13.85 12.72 -15.56
CA SER B 488 -14.18 13.15 -16.91
C SER B 488 -15.31 12.27 -17.42
N LEU B 489 -16.08 12.80 -18.37
CA LEU B 489 -17.15 12.03 -18.99
C LEU B 489 -17.44 12.62 -20.36
N GLY B 490 -18.48 12.09 -21.00
CA GLY B 490 -18.89 12.60 -22.30
C GLY B 490 -20.17 11.94 -22.74
N ILE B 491 -20.68 12.42 -23.88
CA ILE B 491 -21.81 11.77 -24.52
C ILE B 491 -21.30 10.58 -25.32
N SER B 492 -21.84 9.39 -25.04
CA SER B 492 -21.34 8.18 -25.67
C SER B 492 -22.51 7.29 -26.06
N ILE B 493 -22.28 6.47 -27.09
CA ILE B 493 -23.36 5.72 -27.69
C ILE B 493 -23.53 4.39 -26.96
N MET B 494 -24.78 4.07 -26.61
CA MET B 494 -25.13 2.76 -26.06
C MET B 494 -25.88 1.96 -27.10
N ILE B 495 -25.37 0.77 -27.42
CA ILE B 495 -26.06 -0.17 -28.29
C ILE B 495 -26.05 -1.54 -27.66
N LYS B 496 -26.81 -2.45 -28.27
CA LYS B 496 -26.94 -3.82 -27.78
C LYS B 496 -25.62 -4.56 -27.93
N LYS B 497 -25.36 -5.51 -27.02
CA LYS B 497 -24.27 -6.45 -27.23
C LYS B 497 -24.51 -7.21 -28.52
N PRO B 498 -23.56 -7.22 -29.45
CA PRO B 498 -23.79 -7.92 -30.70
C PRO B 498 -23.72 -9.41 -30.49
N GLN B 499 -24.88 -10.03 -30.40
CA GLN B 499 -25.01 -11.47 -30.29
C GLN B 499 -24.84 -12.06 -31.67
N LYS B 500 -24.82 -13.38 -31.74
CA LYS B 500 -24.95 -14.02 -33.04
C LYS B 500 -26.36 -13.80 -33.55
N SER B 501 -26.47 -13.37 -34.81
CA SER B 501 -27.77 -13.15 -35.41
C SER B 501 -28.29 -14.46 -35.98
N LYS B 502 -29.34 -14.35 -36.78
CA LYS B 502 -29.66 -15.45 -37.66
C LYS B 502 -28.54 -15.59 -38.69
N PRO B 503 -28.05 -16.80 -38.93
CA PRO B 503 -27.15 -16.98 -40.07
C PRO B 503 -27.93 -16.77 -41.36
N GLY B 504 -27.24 -16.21 -42.35
CA GLY B 504 -27.92 -15.72 -43.53
C GLY B 504 -28.49 -16.84 -44.39
N VAL B 505 -29.37 -16.44 -45.30
CA VAL B 505 -30.06 -17.38 -46.17
C VAL B 505 -29.11 -17.90 -47.25
N PHE B 506 -28.09 -17.11 -47.58
CA PHE B 506 -26.95 -17.57 -48.38
C PHE B 506 -25.67 -17.59 -47.59
N SER B 507 -25.69 -18.06 -46.35
CA SER B 507 -24.50 -18.03 -45.52
C SER B 507 -23.55 -19.19 -45.74
N PHE B 508 -23.84 -20.08 -46.70
CA PHE B 508 -22.89 -21.15 -46.97
C PHE B 508 -21.69 -20.63 -47.74
N LEU B 509 -21.86 -19.57 -48.51
CA LEU B 509 -20.74 -19.00 -49.25
C LEU B 509 -20.11 -17.81 -48.56
N ASP B 510 -20.23 -17.75 -47.24
CA ASP B 510 -19.48 -16.81 -46.42
C ASP B 510 -17.94 -16.85 -46.50
N PRO B 511 -17.26 -18.00 -46.70
CA PRO B 511 -15.79 -17.92 -46.79
C PRO B 511 -15.26 -17.21 -48.01
N LEU B 512 -15.65 -17.63 -49.20
CA LEU B 512 -15.17 -16.98 -50.40
C LEU B 512 -16.08 -15.81 -50.72
N ALA B 513 -15.46 -14.63 -50.89
CA ALA B 513 -16.23 -13.42 -51.05
C ALA B 513 -16.89 -13.37 -52.43
N TYR B 514 -17.67 -12.32 -52.66
CA TYR B 514 -18.48 -12.25 -53.87
C TYR B 514 -17.62 -11.95 -55.10
N GLU B 515 -16.37 -11.55 -54.91
CA GLU B 515 -15.51 -11.33 -56.06
C GLU B 515 -15.01 -12.64 -56.63
N ILE B 516 -15.13 -13.73 -55.88
CA ILE B 516 -14.58 -15.00 -56.35
C ILE B 516 -15.68 -15.86 -56.98
N TRP B 517 -16.87 -15.86 -56.38
CA TRP B 517 -17.95 -16.71 -56.89
C TRP B 517 -18.42 -16.22 -58.26
N MET B 518 -18.29 -14.92 -58.52
CA MET B 518 -18.53 -14.44 -59.87
C MET B 518 -17.39 -14.85 -60.80
N CYS B 519 -16.16 -14.82 -60.29
CA CYS B 519 -15.00 -15.02 -61.15
C CYS B 519 -14.78 -16.50 -61.44
N ILE B 520 -15.20 -17.37 -60.52
CA ILE B 520 -15.18 -18.81 -60.78
C ILE B 520 -16.14 -19.14 -61.93
N VAL B 521 -17.34 -18.57 -61.89
CA VAL B 521 -18.33 -18.79 -62.95
C VAL B 521 -17.83 -18.19 -64.26
N PHE B 522 -17.16 -17.04 -64.20
CA PHE B 522 -16.49 -16.49 -65.38
C PHE B 522 -15.38 -17.41 -65.86
N ALA B 523 -14.67 -18.07 -64.93
CA ALA B 523 -13.64 -19.01 -65.34
C ALA B 523 -14.22 -20.39 -65.61
N TYR B 524 -15.44 -20.65 -65.13
CA TYR B 524 -16.12 -21.89 -65.50
C TYR B 524 -16.51 -21.88 -66.98
N ILE B 525 -17.00 -20.74 -67.45
CA ILE B 525 -17.44 -20.63 -68.84
C ILE B 525 -16.24 -20.66 -69.78
N GLY B 526 -15.17 -19.95 -69.43
CA GLY B 526 -14.06 -19.79 -70.35
C GLY B 526 -13.30 -21.08 -70.60
N VAL B 527 -13.09 -21.87 -69.54
CA VAL B 527 -12.37 -23.12 -69.69
C VAL B 527 -13.24 -24.15 -70.42
N SER B 528 -14.56 -24.04 -70.27
CA SER B 528 -15.46 -24.89 -71.04
C SER B 528 -15.46 -24.52 -72.52
N VAL B 529 -15.47 -23.23 -72.83
CA VAL B 529 -15.52 -22.78 -74.22
C VAL B 529 -14.20 -23.09 -74.93
N VAL B 530 -13.08 -22.88 -74.25
CA VAL B 530 -11.77 -23.13 -74.86
C VAL B 530 -11.55 -24.63 -75.10
N LEU B 531 -12.15 -25.47 -74.25
CA LEU B 531 -12.07 -26.91 -74.49
C LEU B 531 -12.89 -27.32 -75.71
N PHE B 532 -13.96 -26.59 -76.01
CA PHE B 532 -14.71 -26.83 -77.24
C PHE B 532 -13.94 -26.34 -78.46
N LEU B 533 -13.14 -25.29 -78.30
CA LEU B 533 -12.36 -24.78 -79.42
C LEU B 533 -11.23 -25.72 -79.78
N VAL B 534 -10.78 -26.53 -78.83
CA VAL B 534 -9.71 -27.48 -79.11
C VAL B 534 -10.22 -28.64 -79.97
N SER B 535 -11.36 -29.22 -79.59
CA SER B 535 -11.90 -30.32 -80.38
C SER B 535 -12.56 -29.85 -81.67
N ARG B 536 -12.79 -28.54 -81.82
CA ARG B 536 -13.22 -28.03 -83.11
C ARG B 536 -12.04 -27.84 -84.05
N PHE B 537 -10.86 -27.55 -83.51
CA PHE B 537 -9.65 -27.44 -84.32
C PHE B 537 -9.13 -28.82 -84.69
N SER B 538 -8.75 -29.61 -83.70
CA SER B 538 -8.22 -30.96 -83.92
C SER B 538 -9.11 -31.96 -83.23
N PRO B 539 -9.60 -32.99 -83.95
CA PRO B 539 -10.55 -33.93 -83.31
C PRO B 539 -9.92 -34.87 -82.31
N TYR B 540 -8.63 -35.15 -82.44
CA TYR B 540 -7.92 -36.02 -81.50
C TYR B 540 -6.43 -35.71 -81.50
N SER B 558 -13.61 -41.12 -84.29
CA SER B 558 -13.50 -40.16 -85.39
C SER B 558 -14.39 -38.94 -85.13
N THR B 559 -15.62 -39.19 -84.69
CA THR B 559 -16.51 -38.12 -84.31
C THR B 559 -16.08 -37.52 -82.98
N ASN B 560 -16.39 -36.24 -82.79
CA ASN B 560 -16.00 -35.58 -81.55
C ASN B 560 -16.94 -35.98 -80.41
N GLU B 561 -16.36 -36.46 -79.33
CA GLU B 561 -17.14 -36.66 -78.11
C GLU B 561 -17.50 -35.33 -77.47
N PHE B 562 -16.53 -34.43 -77.39
CA PHE B 562 -16.73 -33.13 -76.76
C PHE B 562 -17.41 -32.20 -77.73
N GLY B 563 -18.73 -32.06 -77.59
CA GLY B 563 -19.45 -30.93 -78.11
C GLY B 563 -19.35 -29.79 -77.11
N ILE B 564 -20.07 -28.72 -77.41
CA ILE B 564 -20.07 -27.57 -76.50
C ILE B 564 -20.96 -27.84 -75.31
N PHE B 565 -21.90 -28.78 -75.45
CA PHE B 565 -22.77 -29.10 -74.33
C PHE B 565 -22.16 -30.14 -73.41
N ASN B 566 -21.31 -31.02 -73.96
CA ASN B 566 -20.57 -31.94 -73.12
C ASN B 566 -19.41 -31.24 -72.44
N SER B 567 -18.98 -30.11 -72.97
CA SER B 567 -17.83 -29.41 -72.41
C SER B 567 -18.20 -28.56 -71.21
N LEU B 568 -19.46 -28.12 -71.14
CA LEU B 568 -19.94 -27.57 -69.87
C LEU B 568 -20.09 -28.67 -68.83
N TRP B 569 -20.31 -29.89 -69.28
CA TRP B 569 -20.50 -31.01 -68.37
C TRP B 569 -19.19 -31.49 -67.80
N PHE B 570 -18.10 -31.36 -68.55
CA PHE B 570 -16.82 -31.83 -68.04
C PHE B 570 -16.24 -30.86 -67.04
N SER B 571 -16.41 -29.55 -67.28
CA SER B 571 -15.90 -28.58 -66.34
C SER B 571 -16.71 -28.55 -65.05
N LEU B 572 -17.99 -28.89 -65.13
CA LEU B 572 -18.79 -28.99 -63.91
C LEU B 572 -18.40 -30.21 -63.10
N GLY B 573 -18.15 -31.33 -63.76
CA GLY B 573 -17.75 -32.54 -63.04
C GLY B 573 -16.37 -32.41 -62.45
N ALA B 574 -15.51 -31.64 -63.10
CA ALA B 574 -14.18 -31.42 -62.55
C ALA B 574 -14.23 -30.48 -61.36
N PHE B 575 -15.20 -29.57 -61.32
CA PHE B 575 -15.24 -28.63 -60.21
C PHE B 575 -15.87 -29.25 -58.98
N MET B 576 -16.78 -30.20 -59.16
CA MET B 576 -17.44 -30.82 -58.03
C MET B 576 -16.79 -32.12 -57.63
N GLN B 577 -15.56 -32.37 -58.09
CA GLN B 577 -14.75 -33.57 -57.86
C GLN B 577 -15.47 -34.85 -58.23
N GLN B 578 -16.34 -34.81 -59.23
CA GLN B 578 -17.10 -35.96 -59.67
C GLN B 578 -16.51 -36.40 -61.00
N GLY B 579 -15.77 -37.51 -61.00
CA GLY B 579 -15.03 -37.96 -62.15
C GLY B 579 -15.89 -38.32 -63.35
N CYS B 580 -15.83 -37.48 -64.38
CA CYS B 580 -16.64 -37.71 -65.56
C CYS B 580 -16.07 -38.86 -66.37
N ASP B 581 -16.97 -39.62 -67.00
CA ASP B 581 -16.55 -40.77 -67.81
C ASP B 581 -15.85 -40.32 -69.09
N ILE B 582 -16.25 -39.17 -69.62
CA ILE B 582 -15.64 -38.67 -70.85
C ILE B 582 -14.34 -37.95 -70.50
N SER B 583 -13.27 -38.33 -71.19
CA SER B 583 -11.96 -37.78 -70.87
C SER B 583 -11.33 -37.12 -72.09
N PRO B 584 -10.56 -36.07 -71.91
CA PRO B 584 -9.83 -35.49 -73.04
C PRO B 584 -8.72 -36.41 -73.51
N ARG B 585 -8.44 -36.36 -74.81
CA ARG B 585 -7.38 -37.17 -75.40
C ARG B 585 -6.31 -36.35 -76.09
N SER B 586 -6.65 -35.26 -76.77
CA SER B 586 -5.67 -34.44 -77.44
C SER B 586 -4.84 -33.67 -76.40
N LEU B 587 -3.63 -33.28 -76.81
CA LEU B 587 -2.72 -32.57 -75.92
C LEU B 587 -3.29 -31.22 -75.50
N SER B 588 -3.91 -30.49 -76.42
CA SER B 588 -4.50 -29.22 -76.05
C SER B 588 -5.85 -29.43 -75.39
N GLY B 589 -6.37 -30.66 -75.44
CA GLY B 589 -7.49 -30.99 -74.58
C GLY B 589 -7.03 -31.36 -73.18
N ARG B 590 -5.79 -31.84 -73.06
CA ARG B 590 -5.31 -32.30 -71.76
C ARG B 590 -4.54 -31.22 -71.03
N ILE B 591 -4.14 -30.15 -71.72
CA ILE B 591 -3.61 -28.99 -71.00
C ILE B 591 -4.78 -28.20 -70.39
N VAL B 592 -5.92 -28.17 -71.08
CA VAL B 592 -7.10 -27.53 -70.52
C VAL B 592 -7.63 -28.31 -69.34
N GLY B 593 -7.78 -29.62 -69.49
CA GLY B 593 -8.25 -30.44 -68.38
C GLY B 593 -7.18 -30.68 -67.33
N GLY B 594 -5.94 -30.30 -67.64
CA GLY B 594 -4.87 -30.46 -66.65
C GLY B 594 -4.73 -29.26 -65.74
N VAL B 595 -4.91 -28.05 -66.29
CA VAL B 595 -4.77 -26.86 -65.47
C VAL B 595 -6.04 -26.62 -64.67
N TRP B 596 -7.19 -26.89 -65.27
CA TRP B 596 -8.46 -26.72 -64.59
C TRP B 596 -8.60 -27.65 -63.40
N TRP B 597 -8.00 -28.84 -63.47
CA TRP B 597 -8.03 -29.75 -62.34
C TRP B 597 -7.25 -29.20 -61.16
N PHE B 598 -6.20 -28.43 -61.41
CA PHE B 598 -5.49 -27.79 -60.33
C PHE B 598 -6.24 -26.57 -59.81
N PHE B 599 -7.13 -26.00 -60.63
CA PHE B 599 -7.96 -24.91 -60.15
C PHE B 599 -8.96 -25.40 -59.11
N THR B 600 -9.42 -26.64 -59.24
CA THR B 600 -10.42 -27.11 -58.29
C THR B 600 -9.78 -27.64 -57.04
N LEU B 601 -8.50 -28.02 -57.11
CA LEU B 601 -7.84 -28.53 -55.93
C LEU B 601 -7.56 -27.41 -54.94
N ILE B 602 -7.31 -26.20 -55.45
CA ILE B 602 -7.05 -25.10 -54.55
C ILE B 602 -8.34 -24.53 -53.98
N ILE B 603 -9.34 -24.32 -54.83
CA ILE B 603 -10.54 -23.61 -54.42
C ILE B 603 -11.38 -24.44 -53.45
N ILE B 604 -11.47 -25.75 -53.67
CA ILE B 604 -12.20 -26.59 -52.73
C ILE B 604 -11.41 -26.72 -51.43
N SER B 605 -10.08 -26.71 -51.52
CA SER B 605 -9.30 -26.74 -50.29
C SER B 605 -9.24 -25.36 -49.65
N SER B 606 -9.45 -24.30 -50.41
CA SER B 606 -9.54 -23.00 -49.77
C SER B 606 -10.89 -22.84 -49.09
N TYR B 607 -11.94 -23.43 -49.66
CA TYR B 607 -13.26 -23.28 -49.07
C TYR B 607 -13.41 -24.13 -47.82
N THR B 608 -12.82 -25.32 -47.82
CA THR B 608 -12.88 -26.18 -46.64
C THR B 608 -12.03 -25.61 -45.52
N ALA B 609 -10.89 -25.02 -45.86
CA ALA B 609 -10.03 -24.45 -44.83
C ALA B 609 -10.63 -23.21 -44.22
N ASN B 610 -11.38 -22.43 -44.99
CA ASN B 610 -11.82 -21.16 -44.45
C ASN B 610 -13.11 -21.31 -43.65
N LEU B 611 -13.93 -22.32 -43.96
CA LEU B 611 -15.05 -22.64 -43.07
C LEU B 611 -14.57 -23.16 -41.73
N ALA B 612 -13.37 -23.73 -41.68
CA ALA B 612 -12.78 -24.08 -40.39
C ALA B 612 -12.43 -22.82 -39.63
N ALA B 613 -12.08 -21.76 -40.35
CA ALA B 613 -11.65 -20.53 -39.69
C ALA B 613 -12.83 -19.75 -39.15
N PHE B 614 -14.05 -20.06 -39.59
CA PHE B 614 -15.22 -19.38 -39.03
C PHE B 614 -15.74 -20.10 -37.81
N LEU B 615 -15.88 -21.42 -37.89
CA LEU B 615 -16.53 -22.13 -36.81
C LEU B 615 -15.60 -22.32 -35.62
N THR B 616 -14.30 -22.21 -35.82
CA THR B 616 -13.38 -22.32 -34.71
C THR B 616 -13.34 -21.02 -33.93
N VAL B 617 -12.96 -19.93 -34.59
CA VAL B 617 -12.86 -18.65 -33.90
C VAL B 617 -13.78 -17.66 -34.57
N GLU B 618 -14.87 -17.32 -33.89
CA GLU B 618 -15.87 -16.38 -34.39
C GLU B 618 -15.64 -15.02 -33.73
N ARG B 619 -15.84 -13.96 -34.50
CA ARG B 619 -15.66 -12.61 -34.02
C ARG B 619 -16.91 -11.82 -34.35
N MET B 620 -17.72 -11.56 -33.34
CA MET B 620 -18.98 -10.82 -33.49
C MET B 620 -18.65 -9.33 -33.50
N VAL B 621 -19.03 -8.66 -34.58
CA VAL B 621 -18.61 -7.29 -34.85
C VAL B 621 -19.81 -6.36 -34.65
N SER B 622 -19.55 -5.17 -34.15
CA SER B 622 -20.62 -4.22 -33.89
C SER B 622 -21.08 -3.58 -35.18
N PRO B 623 -22.34 -3.16 -35.28
CA PRO B 623 -22.78 -2.45 -36.49
C PRO B 623 -22.16 -1.08 -36.63
N ILE B 624 -22.10 -0.32 -35.53
CA ILE B 624 -21.57 1.05 -35.55
C ILE B 624 -20.36 1.11 -34.62
N GLU B 625 -19.45 2.06 -34.91
CA GLU B 625 -18.25 2.25 -34.09
C GLU B 625 -17.93 3.72 -33.90
N SER B 626 -18.78 4.63 -34.37
CA SER B 626 -18.52 6.06 -34.29
C SER B 626 -19.83 6.81 -34.43
N ALA B 627 -19.82 8.07 -34.02
CA ALA B 627 -20.99 8.91 -34.19
C ALA B 627 -21.15 9.34 -35.65
N GLU B 628 -20.07 9.30 -36.41
CA GLU B 628 -20.20 9.53 -37.86
C GLU B 628 -20.83 8.32 -38.54
N ASP B 629 -20.82 7.16 -37.88
CA ASP B 629 -21.43 5.98 -38.46
C ASP B 629 -22.94 5.99 -38.22
N LEU B 630 -23.39 6.70 -37.20
CA LEU B 630 -24.83 6.95 -37.05
C LEU B 630 -25.30 8.05 -38.00
N SER B 631 -24.37 8.83 -38.53
CA SER B 631 -24.75 9.86 -39.49
C SER B 631 -25.04 9.28 -40.85
N LYS B 632 -24.06 8.57 -41.43
CA LYS B 632 -24.16 8.05 -42.79
C LYS B 632 -25.06 6.83 -42.91
N GLN B 633 -25.55 6.30 -41.78
CA GLN B 633 -26.45 5.16 -41.82
C GLN B 633 -27.75 5.48 -41.10
N THR B 634 -28.86 5.35 -41.82
CA THR B 634 -30.17 5.68 -41.29
C THR B 634 -31.00 4.44 -40.96
N GLU B 635 -30.38 3.26 -40.91
CA GLU B 635 -31.14 2.05 -40.65
C GLU B 635 -31.33 1.82 -39.15
N ILE B 636 -30.41 2.32 -38.33
CA ILE B 636 -30.46 2.11 -36.88
C ILE B 636 -30.87 3.42 -36.23
N ALA B 637 -31.92 3.38 -35.42
CA ALA B 637 -32.41 4.59 -34.76
C ALA B 637 -31.52 4.94 -33.57
N TYR B 638 -31.47 6.22 -33.25
CA TYR B 638 -30.67 6.72 -32.14
C TYR B 638 -31.32 7.93 -31.51
N GLY B 639 -31.34 7.98 -30.18
CA GLY B 639 -32.00 9.06 -29.46
C GLY B 639 -31.40 9.34 -28.10
N THR B 640 -31.89 10.42 -27.50
CA THR B 640 -31.41 10.91 -26.21
C THR B 640 -32.57 10.96 -25.22
N LEU B 641 -32.32 11.62 -24.08
CA LEU B 641 -33.38 11.81 -23.10
C LEU B 641 -34.13 13.12 -23.42
N ASP B 642 -35.41 13.17 -23.06
CA ASP B 642 -36.28 14.24 -23.54
C ASP B 642 -35.98 15.57 -22.85
N SER B 643 -35.55 15.52 -21.59
CA SER B 643 -35.27 16.73 -20.82
C SER B 643 -33.90 16.57 -20.17
N GLY B 644 -32.86 16.95 -20.89
CA GLY B 644 -31.52 16.85 -20.36
C GLY B 644 -30.58 17.72 -21.15
N SER B 645 -29.35 17.81 -20.64
CA SER B 645 -28.32 18.62 -21.30
C SER B 645 -27.84 17.97 -22.60
N THR B 646 -28.06 16.67 -22.75
CA THR B 646 -27.61 15.96 -23.94
C THR B 646 -28.47 16.34 -25.15
N LYS B 647 -29.78 16.50 -24.93
CA LYS B 647 -30.64 17.00 -26.00
C LYS B 647 -30.38 18.48 -26.24
N GLU B 648 -29.99 19.20 -25.18
CA GLU B 648 -29.61 20.60 -25.29
C GLU B 648 -28.32 20.77 -26.10
N PHE B 649 -27.50 19.72 -26.15
CA PHE B 649 -26.19 19.84 -26.77
C PHE B 649 -26.28 19.85 -28.29
N PHE B 650 -27.14 18.99 -28.86
CA PHE B 650 -27.15 18.82 -30.32
C PHE B 650 -27.87 19.96 -31.01
N ARG B 651 -28.73 20.69 -30.29
CA ARG B 651 -29.40 21.84 -30.87
C ARG B 651 -28.42 22.98 -31.12
N ARG B 652 -27.55 23.26 -30.16
CA ARG B 652 -26.61 24.36 -30.25
C ARG B 652 -25.31 23.98 -30.93
N SER B 653 -25.26 22.85 -31.60
CA SER B 653 -24.02 22.40 -32.22
C SER B 653 -23.78 23.15 -33.52
N LYS B 654 -22.49 23.34 -33.84
CA LYS B 654 -22.07 23.78 -35.16
C LYS B 654 -21.08 22.80 -35.78
N ILE B 655 -21.08 21.56 -35.33
CA ILE B 655 -20.29 20.49 -35.91
C ILE B 655 -21.08 19.94 -37.08
N ALA B 656 -20.39 19.56 -38.16
CA ALA B 656 -21.06 19.11 -39.38
C ALA B 656 -21.82 17.81 -39.14
N VAL B 657 -21.22 16.87 -38.42
CA VAL B 657 -21.88 15.60 -38.16
C VAL B 657 -22.99 15.78 -37.13
N PHE B 658 -22.73 16.58 -36.08
CA PHE B 658 -23.67 16.72 -34.99
C PHE B 658 -24.87 17.57 -35.39
N ASP B 659 -24.73 18.35 -36.46
CA ASP B 659 -25.90 19.05 -36.99
C ASP B 659 -26.79 18.09 -37.75
N LYS B 660 -26.19 17.07 -38.38
CA LYS B 660 -26.98 16.08 -39.10
C LYS B 660 -27.71 15.16 -38.13
N MET B 661 -27.14 14.94 -36.96
CA MET B 661 -27.75 14.04 -36.00
C MET B 661 -28.95 14.69 -35.32
N TRP B 662 -28.89 16.01 -35.11
CA TRP B 662 -30.00 16.69 -34.44
C TRP B 662 -31.21 16.81 -35.35
N THR B 663 -30.99 16.96 -36.66
CA THR B 663 -32.11 17.00 -37.58
C THR B 663 -32.79 15.63 -37.66
N TYR B 664 -32.00 14.56 -37.61
CA TYR B 664 -32.56 13.22 -37.75
C TYR B 664 -33.31 12.80 -36.49
N MET B 665 -33.01 13.44 -35.35
CA MET B 665 -33.80 13.20 -34.15
C MET B 665 -35.17 13.85 -34.26
N ARG B 666 -35.33 14.80 -35.19
CA ARG B 666 -36.58 15.52 -35.33
C ARG B 666 -37.27 15.21 -36.67
N SER B 667 -36.50 15.07 -37.75
CA SER B 667 -37.12 14.98 -39.08
C SER B 667 -37.75 13.61 -39.32
N ALA B 668 -36.93 12.57 -39.41
CA ALA B 668 -37.44 11.21 -39.61
C ALA B 668 -37.76 10.62 -38.25
N GLU B 669 -39.04 10.61 -37.89
CA GLU B 669 -39.38 10.41 -36.50
C GLU B 669 -40.70 9.69 -36.31
N PRO B 670 -40.67 8.39 -36.00
CA PRO B 670 -41.56 7.86 -34.97
C PRO B 670 -40.85 8.14 -33.64
N SER B 671 -41.49 7.99 -32.48
CA SER B 671 -41.05 8.68 -31.27
C SER B 671 -39.66 8.23 -30.82
N VAL B 672 -38.68 9.09 -31.07
CA VAL B 672 -37.26 8.80 -30.91
C VAL B 672 -36.87 8.91 -29.44
N PHE B 673 -37.24 10.02 -28.82
CA PHE B 673 -36.84 10.30 -27.45
C PHE B 673 -37.62 9.42 -26.49
N VAL B 674 -37.08 9.29 -25.27
CA VAL B 674 -37.72 8.51 -24.22
C VAL B 674 -38.01 9.43 -23.04
N ARG B 675 -38.65 8.86 -22.03
CA ARG B 675 -39.02 9.66 -20.87
C ARG B 675 -37.81 9.94 -19.97
N THR B 676 -37.23 8.89 -19.39
CA THR B 676 -36.09 9.06 -18.50
C THR B 676 -35.04 8.05 -18.98
N THR B 677 -33.98 7.87 -18.17
CA THR B 677 -32.84 7.05 -18.57
C THR B 677 -33.21 5.57 -18.60
N ALA B 678 -34.03 5.12 -17.65
CA ALA B 678 -34.39 3.71 -17.56
C ALA B 678 -35.27 3.28 -18.73
N GLU B 679 -36.06 4.20 -19.28
CA GLU B 679 -36.83 3.87 -20.47
C GLU B 679 -35.95 3.86 -21.70
N GLY B 680 -34.85 4.61 -21.68
CA GLY B 680 -33.92 4.56 -22.80
C GLY B 680 -33.14 3.26 -22.84
N VAL B 681 -32.75 2.75 -21.68
CA VAL B 681 -32.08 1.46 -21.59
C VAL B 681 -33.05 0.34 -21.99
N ALA B 682 -34.32 0.48 -21.62
CA ALA B 682 -35.29 -0.56 -21.90
C ALA B 682 -35.65 -0.62 -23.38
N ARG B 683 -35.45 0.49 -24.11
CA ARG B 683 -35.70 0.43 -25.54
C ARG B 683 -34.54 -0.26 -26.26
N VAL B 684 -33.34 -0.19 -25.69
CA VAL B 684 -32.19 -0.88 -26.27
C VAL B 684 -32.34 -2.39 -26.16
N ARG B 685 -32.83 -2.87 -25.01
CA ARG B 685 -33.04 -4.30 -24.83
C ARG B 685 -34.17 -4.82 -25.70
N LYS B 686 -35.16 -3.98 -25.96
CA LYS B 686 -36.34 -4.42 -26.70
C LYS B 686 -36.16 -4.36 -28.21
N SER B 687 -35.59 -3.28 -28.75
CA SER B 687 -35.59 -3.08 -30.19
C SER B 687 -34.50 -3.87 -30.91
N LYS B 688 -33.68 -4.63 -30.19
CA LYS B 688 -32.81 -5.68 -30.73
C LYS B 688 -31.78 -5.14 -31.71
N GLY B 689 -31.09 -4.07 -31.31
CA GLY B 689 -30.05 -3.50 -32.14
C GLY B 689 -30.53 -2.48 -33.14
N LYS B 690 -31.81 -2.12 -33.13
CA LYS B 690 -32.30 -1.06 -33.99
C LYS B 690 -32.34 0.30 -33.31
N TYR B 691 -32.25 0.34 -31.98
CA TYR B 691 -32.26 1.60 -31.24
C TYR B 691 -30.97 1.76 -30.47
N ALA B 692 -30.24 2.84 -30.78
CA ALA B 692 -29.11 3.29 -29.99
C ALA B 692 -29.60 4.37 -29.04
N TYR B 693 -28.94 4.51 -27.89
CA TYR B 693 -29.35 5.49 -26.90
C TYR B 693 -28.14 6.30 -26.44
N LEU B 694 -28.16 7.60 -26.74
CA LEU B 694 -27.03 8.47 -26.46
C LEU B 694 -27.19 9.02 -25.05
N LEU B 695 -26.17 8.83 -24.22
CA LEU B 695 -26.24 9.26 -22.83
C LEU B 695 -24.82 9.48 -22.32
N GLU B 696 -24.72 9.72 -21.00
CA GLU B 696 -23.43 10.02 -20.39
C GLU B 696 -22.51 8.81 -20.42
N SER B 697 -21.20 9.08 -20.35
CA SER B 697 -20.23 7.99 -20.39
C SER B 697 -20.08 7.34 -19.03
N THR B 698 -20.57 7.98 -17.97
CA THR B 698 -20.53 7.35 -16.66
C THR B 698 -21.73 6.45 -16.44
N MET B 699 -22.79 6.64 -17.22
CA MET B 699 -23.93 5.72 -17.17
C MET B 699 -23.80 4.64 -18.21
N ASN B 700 -23.06 4.90 -19.29
CA ASN B 700 -22.92 3.91 -20.36
C ASN B 700 -22.00 2.77 -19.91
N GLU B 701 -21.20 2.99 -18.89
CA GLU B 701 -20.36 1.91 -18.40
C GLU B 701 -21.06 1.10 -17.31
N TYR B 702 -21.84 1.75 -16.46
CA TYR B 702 -22.45 1.01 -15.35
C TYR B 702 -23.60 0.13 -15.81
N ILE B 703 -24.35 0.57 -16.83
CA ILE B 703 -25.37 -0.29 -17.42
C ILE B 703 -24.72 -1.46 -18.14
N GLU B 704 -23.53 -1.24 -18.70
CA GLU B 704 -22.77 -2.31 -19.34
C GLU B 704 -22.33 -3.36 -18.33
N GLN B 705 -22.03 -2.95 -17.11
CA GLN B 705 -21.50 -3.85 -16.08
C GLN B 705 -22.57 -4.30 -15.09
N ARG B 706 -23.80 -4.51 -15.55
CA ARG B 706 -24.92 -4.85 -14.67
C ARG B 706 -25.89 -5.74 -15.44
N LYS B 707 -26.60 -6.60 -14.70
CA LYS B 707 -27.51 -7.57 -15.31
C LYS B 707 -28.66 -6.86 -16.03
N PRO B 708 -29.21 -7.45 -17.10
CA PRO B 708 -28.86 -8.70 -17.79
C PRO B 708 -27.71 -8.60 -18.79
N CYS B 709 -26.85 -7.59 -18.69
CA CYS B 709 -25.63 -7.44 -19.48
C CYS B 709 -25.89 -7.43 -20.98
N ASP B 710 -26.60 -6.43 -21.48
CA ASP B 710 -27.01 -6.50 -22.87
C ASP B 710 -26.61 -5.23 -23.63
N THR B 711 -25.83 -4.36 -23.00
CA THR B 711 -25.38 -3.11 -23.61
C THR B 711 -23.85 -3.06 -23.68
N MET B 712 -23.34 -2.32 -24.66
CA MET B 712 -21.92 -2.06 -24.74
C MET B 712 -21.68 -0.59 -25.01
N LYS B 713 -20.42 -0.19 -24.94
CA LYS B 713 -20.02 1.20 -25.16
C LYS B 713 -19.20 1.28 -26.44
N VAL B 714 -19.78 1.87 -27.48
CA VAL B 714 -19.11 2.01 -28.75
C VAL B 714 -18.76 3.47 -28.98
N GLY B 715 -17.76 3.70 -29.83
CA GLY B 715 -17.33 5.04 -30.14
C GLY B 715 -16.51 5.66 -29.04
N GLY B 716 -16.08 6.88 -29.30
CA GLY B 716 -15.34 7.62 -28.29
C GLY B 716 -16.25 8.57 -27.56
N ASN B 717 -15.71 9.31 -26.60
CA ASN B 717 -16.49 10.37 -25.97
C ASN B 717 -16.56 11.55 -26.92
N LEU B 718 -17.77 12.01 -27.18
CA LEU B 718 -17.97 13.04 -28.21
C LEU B 718 -17.54 14.41 -27.72
N ASP B 719 -18.21 14.92 -26.70
CA ASP B 719 -17.79 16.14 -26.02
C ASP B 719 -17.22 15.78 -24.66
N SER B 720 -16.72 16.78 -23.95
CA SER B 720 -16.17 16.57 -22.62
C SER B 720 -16.97 17.38 -21.60
N LYS B 721 -17.32 16.74 -20.50
CA LYS B 721 -17.97 17.39 -19.38
C LYS B 721 -17.18 17.06 -18.12
N GLY B 722 -17.71 17.49 -16.98
CA GLY B 722 -17.04 17.28 -15.73
C GLY B 722 -18.02 17.15 -14.58
N TYR B 723 -17.59 16.40 -13.57
CA TYR B 723 -18.26 16.34 -12.28
C TYR B 723 -17.36 17.00 -11.26
N GLY B 724 -17.93 17.83 -10.41
CA GLY B 724 -17.14 18.57 -9.44
C GLY B 724 -17.80 18.58 -8.09
N ILE B 725 -16.97 18.45 -7.06
CA ILE B 725 -17.44 18.70 -5.70
C ILE B 725 -17.76 20.17 -5.56
N ALA B 726 -18.99 20.47 -5.16
CA ALA B 726 -19.47 21.84 -5.09
C ALA B 726 -19.32 22.37 -3.68
N THR B 727 -19.24 23.69 -3.57
CA THR B 727 -19.08 24.42 -2.33
C THR B 727 -19.83 25.72 -2.52
N PRO B 728 -20.47 26.25 -1.47
CA PRO B 728 -21.03 27.60 -1.55
C PRO B 728 -19.97 28.65 -1.83
N LYS B 729 -20.41 29.75 -2.44
CA LYS B 729 -19.49 30.72 -3.02
C LYS B 729 -18.76 31.50 -1.94
N GLY B 730 -17.43 31.56 -2.06
CA GLY B 730 -16.60 32.25 -1.11
C GLY B 730 -16.37 31.52 0.20
N SER B 731 -16.83 30.28 0.32
CA SER B 731 -16.74 29.56 1.58
C SER B 731 -15.29 29.14 1.86
N SER B 732 -15.05 28.69 3.09
CA SER B 732 -13.69 28.36 3.50
C SER B 732 -13.22 27.05 2.90
N LEU B 733 -14.14 26.21 2.43
CA LEU B 733 -13.79 24.94 1.79
C LEU B 733 -13.67 25.11 0.27
N GLY B 734 -12.92 26.14 -0.13
CA GLY B 734 -12.67 26.39 -1.53
C GLY B 734 -11.25 26.01 -1.90
N THR B 735 -10.33 26.33 -1.02
CA THR B 735 -8.92 26.00 -1.21
C THR B 735 -8.58 24.55 -0.81
N PRO B 736 -8.95 24.02 0.38
CA PRO B 736 -8.47 22.66 0.69
C PRO B 736 -9.19 21.56 -0.06
N VAL B 737 -10.46 21.77 -0.42
CA VAL B 737 -11.17 20.77 -1.22
C VAL B 737 -10.56 20.69 -2.61
N ASN B 738 -10.16 21.84 -3.15
CA ASN B 738 -9.51 21.87 -4.46
C ASN B 738 -8.14 21.25 -4.40
N LEU B 739 -7.42 21.47 -3.31
CA LEU B 739 -6.10 20.86 -3.17
C LEU B 739 -6.20 19.38 -2.80
N ALA B 740 -7.38 18.94 -2.35
CA ALA B 740 -7.53 17.54 -2.01
C ALA B 740 -7.77 16.68 -3.24
N VAL B 741 -8.64 17.15 -4.15
CA VAL B 741 -9.01 16.38 -5.33
C VAL B 741 -7.82 16.17 -6.24
N LEU B 742 -6.97 17.20 -6.36
CA LEU B 742 -5.77 17.06 -7.17
C LEU B 742 -4.71 16.22 -6.47
N LYS B 743 -4.86 16.02 -5.16
CA LYS B 743 -3.99 15.06 -4.48
C LYS B 743 -4.50 13.64 -4.64
N LEU B 744 -5.82 13.48 -4.77
CA LEU B 744 -6.38 12.15 -4.96
C LEU B 744 -6.11 11.65 -6.37
N SER B 745 -6.25 12.51 -7.38
CA SER B 745 -5.98 12.10 -8.75
C SER B 745 -4.47 11.91 -8.98
N GLU B 746 -3.65 12.56 -8.18
CA GLU B 746 -2.21 12.36 -8.27
C GLU B 746 -1.83 10.98 -7.77
N GLN B 747 -2.40 10.56 -6.63
CA GLN B 747 -2.04 9.28 -6.04
C GLN B 747 -2.74 8.11 -6.72
N GLY B 748 -3.60 8.39 -7.68
CA GLY B 748 -4.38 7.35 -8.32
C GLY B 748 -5.55 6.86 -7.51
N VAL B 749 -5.89 7.55 -6.42
CA VAL B 749 -6.93 7.06 -5.53
C VAL B 749 -8.31 7.27 -6.15
N LEU B 750 -8.45 8.26 -7.04
CA LEU B 750 -9.70 8.39 -7.78
C LEU B 750 -9.82 7.28 -8.81
N ASP B 751 -8.70 6.81 -9.36
CA ASP B 751 -8.76 5.76 -10.36
C ASP B 751 -9.06 4.42 -9.71
N LYS B 752 -8.49 4.19 -8.52
CA LYS B 752 -8.70 2.93 -7.82
C LYS B 752 -10.12 2.86 -7.25
N LEU B 753 -10.75 4.02 -7.05
CA LEU B 753 -12.16 4.02 -6.63
C LEU B 753 -13.09 4.00 -7.83
N LYS B 754 -12.58 4.35 -9.01
CA LYS B 754 -13.39 4.19 -10.22
C LYS B 754 -13.17 2.82 -10.83
N ASN B 755 -11.98 2.23 -10.61
CA ASN B 755 -11.75 0.84 -11.02
C ASN B 755 -12.60 -0.11 -10.21
N LYS B 756 -13.02 0.31 -9.01
CA LYS B 756 -13.69 -0.61 -8.11
C LYS B 756 -15.20 -0.57 -8.32
N TRP B 757 -15.83 0.60 -8.13
CA TRP B 757 -17.30 0.66 -8.11
C TRP B 757 -17.92 0.43 -9.48
N TRP B 758 -17.11 0.41 -10.54
CA TRP B 758 -17.65 0.07 -11.84
C TRP B 758 -17.30 -1.35 -12.25
N TYR B 759 -16.28 -1.95 -11.63
CA TYR B 759 -15.85 -3.26 -12.14
C TYR B 759 -15.73 -4.31 -11.03
N ASP B 760 -15.49 -3.91 -9.78
CA ASP B 760 -15.52 -4.88 -8.69
C ASP B 760 -16.95 -5.32 -8.43
N LYS B 761 -17.85 -4.37 -8.26
CA LYS B 761 -19.28 -4.66 -8.23
C LYS B 761 -19.88 -4.72 -9.62
N GLY B 762 -19.28 -5.51 -10.50
CA GLY B 762 -19.76 -5.69 -11.85
C GLY B 762 -20.23 -7.11 -12.04
N GLU B 763 -21.44 -7.27 -12.54
CA GLU B 763 -22.04 -8.60 -12.61
C GLU B 763 -21.40 -9.44 -13.70
N CYS B 764 -21.09 -8.81 -14.83
CA CYS B 764 -20.36 -9.46 -15.92
C CYS B 764 -19.07 -8.67 -16.20
N GLY B 765 -17.96 -9.12 -15.62
CA GLY B 765 -16.70 -8.45 -15.86
C GLY B 765 -16.18 -8.71 -17.26
N ALA B 766 -15.06 -8.05 -17.59
CA ALA B 766 -14.48 -8.21 -18.91
C ALA B 766 -13.85 -9.59 -19.07
N LYS B 767 -13.43 -10.20 -17.96
CA LYS B 767 -13.03 -11.59 -17.98
C LYS B 767 -14.24 -12.50 -18.15
N ASP B 768 -15.40 -12.08 -17.62
CA ASP B 768 -16.57 -12.95 -17.54
C ASP B 768 -17.14 -13.21 -18.93
N SER B 769 -17.36 -12.15 -19.70
CA SER B 769 -17.71 -12.34 -21.10
C SER B 769 -16.52 -12.80 -21.92
N GLY B 770 -15.30 -12.59 -21.40
CA GLY B 770 -14.12 -13.06 -22.09
C GLY B 770 -13.88 -14.55 -21.90
N SER B 771 -14.47 -15.12 -20.84
CA SER B 771 -14.30 -16.55 -20.57
C SER B 771 -15.48 -17.40 -21.01
N LYS B 772 -16.65 -16.80 -21.24
CA LYS B 772 -17.80 -17.56 -21.74
C LYS B 772 -17.71 -17.66 -23.27
N GLU B 773 -16.99 -18.68 -23.72
CA GLU B 773 -17.03 -19.13 -25.10
C GLU B 773 -17.20 -20.64 -25.13
N LYS B 774 -17.70 -21.15 -26.25
CA LYS B 774 -17.94 -22.58 -26.38
C LYS B 774 -17.90 -22.94 -27.86
N THR B 775 -18.17 -24.21 -28.15
CA THR B 775 -18.24 -24.72 -29.52
C THR B 775 -19.67 -25.15 -29.82
N SER B 776 -19.96 -25.31 -31.11
CA SER B 776 -21.32 -25.54 -31.55
C SER B 776 -21.35 -26.49 -32.74
N ALA B 777 -22.40 -27.30 -32.79
CA ALA B 777 -22.71 -28.04 -34.00
C ALA B 777 -23.32 -27.10 -35.03
N LEU B 778 -23.19 -27.45 -36.30
CA LEU B 778 -23.86 -26.67 -37.33
C LEU B 778 -25.36 -26.86 -37.25
N SER B 779 -26.07 -25.75 -37.12
CA SER B 779 -27.51 -25.73 -37.10
C SER B 779 -28.03 -25.93 -38.51
N LEU B 780 -29.35 -26.03 -38.63
CA LEU B 780 -29.94 -26.17 -39.95
C LEU B 780 -29.85 -24.88 -40.74
N SER B 781 -29.87 -23.74 -40.05
CA SER B 781 -29.89 -22.47 -40.75
C SER B 781 -28.54 -22.12 -41.35
N ASN B 782 -27.48 -22.79 -40.91
CA ASN B 782 -26.14 -22.50 -41.44
C ASN B 782 -26.01 -22.98 -42.88
N VAL B 783 -26.51 -24.18 -43.17
CA VAL B 783 -26.49 -24.71 -44.52
C VAL B 783 -27.89 -24.78 -45.11
N ALA B 784 -28.80 -23.91 -44.66
CA ALA B 784 -30.18 -23.94 -45.12
C ALA B 784 -30.30 -23.54 -46.57
N GLY B 785 -29.38 -22.69 -47.04
CA GLY B 785 -29.41 -22.23 -48.40
C GLY B 785 -29.21 -23.32 -49.42
N VAL B 786 -28.39 -24.32 -49.11
CA VAL B 786 -28.02 -25.32 -50.10
C VAL B 786 -29.17 -26.25 -50.43
N PHE B 787 -30.02 -26.56 -49.44
CA PHE B 787 -31.24 -27.31 -49.70
C PHE B 787 -32.18 -26.51 -50.59
N TYR B 788 -32.17 -25.20 -50.45
CA TYR B 788 -33.05 -24.38 -51.28
C TYR B 788 -32.45 -24.20 -52.66
N ILE B 789 -31.12 -24.25 -52.75
CA ILE B 789 -30.48 -24.37 -54.06
C ILE B 789 -30.74 -25.75 -54.62
N LEU B 790 -30.86 -26.75 -53.76
CA LEU B 790 -31.14 -28.10 -54.22
C LEU B 790 -32.53 -28.21 -54.81
N VAL B 791 -33.56 -27.87 -54.03
CA VAL B 791 -34.93 -27.99 -54.51
C VAL B 791 -35.21 -26.96 -55.59
N GLY B 792 -34.62 -25.77 -55.46
CA GLY B 792 -34.72 -24.79 -56.53
C GLY B 792 -33.99 -25.24 -57.79
N GLY B 793 -33.03 -26.14 -57.65
CA GLY B 793 -32.47 -26.79 -58.82
C GLY B 793 -33.36 -27.91 -59.33
N LEU B 794 -34.18 -28.50 -58.44
CA LEU B 794 -35.04 -29.59 -58.85
C LEU B 794 -36.24 -29.08 -59.64
N GLY B 795 -36.78 -27.93 -59.24
CA GLY B 795 -37.90 -27.37 -59.97
C GLY B 795 -37.51 -26.85 -61.34
N LEU B 796 -36.25 -26.44 -61.48
CA LEU B 796 -35.77 -26.04 -62.80
C LEU B 796 -35.47 -27.26 -63.66
N ALA B 797 -35.16 -28.38 -63.02
CA ALA B 797 -34.93 -29.61 -63.78
C ALA B 797 -36.23 -30.22 -64.26
N MET B 798 -37.33 -29.95 -63.56
CA MET B 798 -38.63 -30.38 -64.05
C MET B 798 -39.13 -29.47 -65.16
N LEU B 799 -38.73 -28.18 -65.11
CA LEU B 799 -39.22 -27.22 -66.09
C LEU B 799 -38.59 -27.42 -67.45
N VAL B 800 -37.31 -27.80 -67.49
CA VAL B 800 -36.67 -28.03 -68.78
C VAL B 800 -37.08 -29.40 -69.33
N ALA B 801 -37.51 -30.29 -68.44
CA ALA B 801 -37.95 -31.63 -68.86
C ALA B 801 -39.23 -31.57 -69.68
N LEU B 802 -40.00 -30.49 -69.55
CA LEU B 802 -41.19 -30.33 -70.37
C LEU B 802 -40.83 -29.77 -71.74
N ILE B 803 -39.94 -28.78 -71.79
CA ILE B 803 -39.70 -28.08 -73.04
C ILE B 803 -38.80 -28.90 -73.96
N GLU B 804 -37.90 -29.69 -73.37
CA GLU B 804 -37.14 -30.64 -74.18
C GLU B 804 -38.02 -31.77 -74.67
N PHE B 805 -39.07 -32.09 -73.92
CA PHE B 805 -40.10 -33.00 -74.42
C PHE B 805 -40.93 -32.32 -75.50
N CYS B 806 -41.02 -30.99 -75.46
CA CYS B 806 -41.69 -30.26 -76.53
C CYS B 806 -40.80 -30.12 -77.76
N TYR B 807 -39.51 -29.83 -77.55
CA TYR B 807 -38.59 -29.61 -78.66
C TYR B 807 -38.36 -30.89 -79.45
N LYS B 808 -38.29 -32.03 -78.75
CA LYS B 808 -38.08 -33.30 -79.44
C LYS B 808 -39.34 -33.74 -80.19
N SER B 809 -40.52 -33.40 -79.65
CA SER B 809 -41.76 -33.87 -80.24
C SER B 809 -42.10 -33.10 -81.51
N ARG B 810 -41.68 -31.83 -81.61
CA ARG B 810 -41.97 -31.05 -82.80
C ARG B 810 -41.12 -31.49 -83.99
N ALA B 811 -39.93 -32.02 -83.72
CA ALA B 811 -39.05 -32.48 -84.78
C ALA B 811 -39.36 -33.93 -85.14
N ASN C 1 6.35 92.69 22.56
CA ASN C 1 6.88 91.61 23.37
C ASN C 1 7.50 90.55 22.46
N SER C 2 8.78 90.27 22.65
CA SER C 2 9.47 89.31 21.80
C SER C 2 9.46 87.93 22.44
N ILE C 3 9.27 86.90 21.60
CA ILE C 3 9.31 85.51 22.03
C ILE C 3 10.55 84.87 21.42
N GLN C 4 11.38 84.28 22.28
CA GLN C 4 12.69 83.78 21.89
C GLN C 4 12.62 82.26 21.71
N ILE C 5 12.97 81.80 20.50
CA ILE C 5 13.06 80.37 20.21
C ILE C 5 14.39 80.10 19.51
N GLY C 6 14.63 78.84 19.20
CA GLY C 6 15.91 78.43 18.67
C GLY C 6 15.79 77.37 17.60
N GLY C 7 16.75 77.37 16.68
CA GLY C 7 16.78 76.42 15.59
C GLY C 7 18.03 75.56 15.60
N LEU C 8 17.88 74.28 15.23
CA LEU C 8 19.01 73.35 15.14
C LEU C 8 19.08 72.67 13.79
N PHE C 9 19.05 73.44 12.72
CA PHE C 9 19.04 72.89 11.38
C PHE C 9 20.41 72.35 11.01
N PRO C 10 20.51 71.11 10.56
CA PRO C 10 21.81 70.57 10.15
C PRO C 10 22.28 71.18 8.83
N ARG C 11 23.58 71.03 8.59
CA ARG C 11 24.17 71.50 7.35
C ARG C 11 23.70 70.63 6.19
N GLY C 12 23.24 71.28 5.13
CA GLY C 12 22.61 70.59 4.03
C GLY C 12 21.11 70.67 4.04
N ALA C 13 20.51 71.19 5.11
CA ALA C 13 19.07 71.44 5.17
C ALA C 13 18.75 72.88 4.81
N ASP C 14 19.14 73.30 3.61
CA ASP C 14 18.92 74.67 3.18
C ASP C 14 17.46 74.92 2.85
N GLN C 15 16.78 73.92 2.28
CA GLN C 15 15.37 74.11 1.93
C GLN C 15 14.50 74.10 3.18
N GLU C 16 14.86 73.29 4.17
CA GLU C 16 14.09 73.26 5.42
C GLU C 16 14.29 74.54 6.20
N TYR C 17 15.45 75.17 6.09
CA TYR C 17 15.63 76.48 6.70
C TYR C 17 14.96 77.56 5.89
N SER C 18 14.89 77.39 4.56
CA SER C 18 14.14 78.33 3.73
C SER C 18 12.65 78.24 4.01
N ALA C 19 12.13 77.02 4.14
CA ALA C 19 10.72 76.85 4.47
C ALA C 19 10.45 77.16 5.94
N PHE C 20 11.50 77.32 6.73
CA PHE C 20 11.34 77.88 8.07
C PHE C 20 11.16 79.39 8.01
N ARG C 21 11.94 80.08 7.18
CA ARG C 21 11.87 81.53 7.14
C ARG C 21 10.59 82.02 6.47
N VAL C 22 10.07 81.27 5.49
CA VAL C 22 8.83 81.66 4.85
C VAL C 22 7.67 81.53 5.84
N GLY C 23 7.76 80.56 6.75
CA GLY C 23 6.82 80.53 7.86
C GLY C 23 7.02 81.66 8.84
N MET C 24 8.26 82.16 8.95
CA MET C 24 8.53 83.28 9.84
C MET C 24 8.01 84.59 9.24
N VAL C 25 8.03 84.69 7.91
CA VAL C 25 7.53 85.90 7.25
C VAL C 25 6.01 85.96 7.36
N GLN C 26 5.33 84.86 7.05
CA GLN C 26 3.87 84.88 6.97
C GLN C 26 3.25 84.83 8.36
N PHE C 27 3.61 83.83 9.17
CA PHE C 27 3.07 83.71 10.52
C PHE C 27 3.80 84.65 11.48
N SER C 28 3.35 85.90 11.51
CA SER C 28 3.88 86.91 12.42
C SER C 28 2.72 87.64 13.07
N THR C 29 2.45 87.32 14.33
CA THR C 29 1.42 88.04 15.07
C THR C 29 1.89 89.47 15.31
N SER C 30 0.95 90.41 15.32
CA SER C 30 1.33 91.81 15.46
C SER C 30 1.85 92.12 16.86
N GLU C 31 1.37 91.39 17.87
CA GLU C 31 1.71 91.76 19.24
C GLU C 31 2.82 90.88 19.81
N PHE C 32 3.23 89.83 19.08
CA PHE C 32 4.47 89.12 19.37
C PHE C 32 4.98 88.46 18.10
N ARG C 33 6.29 88.50 17.91
CA ARG C 33 6.92 87.77 16.82
C ARG C 33 7.98 86.85 17.40
N LEU C 34 8.22 85.72 16.75
CA LEU C 34 9.20 84.77 17.23
C LEU C 34 10.60 85.25 16.89
N THR C 35 11.52 85.04 17.81
CA THR C 35 12.89 85.44 17.59
C THR C 35 13.73 84.18 17.37
N PRO C 36 14.13 83.87 16.15
CA PRO C 36 14.93 82.66 15.94
C PRO C 36 16.39 82.88 16.31
N HIS C 37 16.96 81.87 16.94
CA HIS C 37 18.40 81.82 17.21
C HIS C 37 18.95 80.58 16.50
N ILE C 38 19.31 80.76 15.23
CA ILE C 38 19.61 79.63 14.37
C ILE C 38 21.03 79.15 14.63
N ASP C 39 21.18 77.85 14.82
CA ASP C 39 22.47 77.20 14.95
C ASP C 39 22.60 76.14 13.87
N ASN C 40 23.79 76.03 13.28
CA ASN C 40 24.07 74.99 12.31
C ASN C 40 25.20 74.13 12.83
N LEU C 41 24.85 72.97 13.39
CA LEU C 41 25.85 71.98 13.76
C LEU C 41 25.37 70.62 13.30
N GLU C 42 26.34 69.75 12.97
CA GLU C 42 26.05 68.44 12.40
C GLU C 42 25.36 67.57 13.43
N VAL C 43 24.24 66.97 13.03
CA VAL C 43 23.31 66.42 14.00
C VAL C 43 23.69 64.99 14.36
N ALA C 44 24.62 64.39 13.61
CA ALA C 44 25.13 63.07 13.96
C ALA C 44 26.05 63.14 15.17
N ASN C 45 26.88 64.18 15.25
CA ASN C 45 27.77 64.36 16.39
C ASN C 45 26.98 64.77 17.62
N SER C 46 26.86 63.88 18.60
CA SER C 46 26.07 64.20 19.79
C SER C 46 26.77 65.22 20.67
N PHE C 47 28.08 65.40 20.48
CA PHE C 47 28.78 66.47 21.19
C PHE C 47 28.33 67.84 20.72
N ALA C 48 28.16 68.00 19.41
CA ALA C 48 27.76 69.29 18.87
C ALA C 48 26.29 69.57 19.18
N VAL C 49 25.48 68.51 19.23
CA VAL C 49 24.08 68.68 19.58
C VAL C 49 23.95 69.01 21.07
N THR C 50 24.90 68.52 21.87
CA THR C 50 24.90 68.83 23.30
C THR C 50 25.20 70.30 23.55
N ASN C 51 26.23 70.82 22.89
CA ASN C 51 26.63 72.20 23.13
C ASN C 51 25.60 73.18 22.61
N ALA C 52 25.02 72.90 21.44
CA ALA C 52 24.02 73.80 20.87
C ALA C 52 22.73 73.78 21.67
N PHE C 53 22.41 72.63 22.28
CA PHE C 53 21.26 72.60 23.17
C PHE C 53 21.55 73.36 24.45
N CYS C 54 22.75 73.22 24.98
CA CYS C 54 23.12 73.93 26.19
C CYS C 54 23.39 75.40 25.89
N SER C 55 23.69 75.72 24.62
CA SER C 55 23.80 77.11 24.22
C SER C 55 22.45 77.80 24.27
N GLN C 56 21.43 77.21 23.66
CA GLN C 56 20.11 77.82 23.64
C GLN C 56 19.44 77.76 25.01
N PHE C 57 19.91 76.88 25.90
CA PHE C 57 19.47 76.92 27.28
C PHE C 57 20.03 78.15 27.99
N SER C 58 21.13 78.70 27.48
CA SER C 58 21.71 79.90 28.08
C SER C 58 21.07 81.16 27.54
N ARG C 59 20.54 81.12 26.32
CA ARG C 59 19.83 82.29 25.80
C ARG C 59 18.44 82.43 26.39
N GLY C 60 17.93 81.42 27.07
CA GLY C 60 16.60 81.54 27.65
C GLY C 60 15.49 81.43 26.63
N VAL C 61 15.60 80.50 25.69
CA VAL C 61 14.55 80.30 24.70
C VAL C 61 13.34 79.62 25.34
N TYR C 62 12.19 79.75 24.70
CA TYR C 62 11.00 79.10 25.22
C TYR C 62 10.81 77.72 24.63
N ALA C 63 10.82 77.62 23.30
CA ALA C 63 10.68 76.35 22.62
C ALA C 63 11.85 76.18 21.66
N ILE C 64 12.21 74.92 21.40
CA ILE C 64 13.37 74.61 20.57
C ILE C 64 12.91 73.75 19.40
N PHE C 65 13.24 74.20 18.20
CA PHE C 65 12.93 73.49 16.97
C PHE C 65 14.23 72.96 16.39
N GLY C 66 14.27 71.67 16.07
CA GLY C 66 15.50 71.09 15.57
C GLY C 66 15.24 69.71 15.03
N PHE C 67 16.25 69.19 14.34
CA PHE C 67 16.13 67.85 13.76
C PHE C 67 16.98 66.92 14.61
N TYR C 68 16.81 65.62 14.40
CA TYR C 68 17.73 64.66 14.99
C TYR C 68 17.83 63.40 14.14
N ASP C 69 18.75 62.54 14.54
CA ASP C 69 19.11 61.32 13.83
C ASP C 69 19.10 60.18 14.84
N LYS C 70 19.49 58.97 14.44
CA LYS C 70 19.50 57.87 15.39
C LYS C 70 20.64 58.00 16.39
N LYS C 71 21.62 58.83 16.09
CA LYS C 71 22.67 59.09 17.06
C LYS C 71 22.17 59.98 18.17
N SER C 72 21.48 61.07 17.82
CA SER C 72 21.11 62.06 18.82
C SER C 72 19.66 61.99 19.26
N VAL C 73 18.91 60.95 18.86
CA VAL C 73 17.56 60.76 19.39
C VAL C 73 17.63 60.44 20.88
N ASN C 74 18.73 59.83 21.32
CA ASN C 74 18.86 59.49 22.72
C ASN C 74 19.39 60.66 23.52
N THR C 75 19.82 61.72 22.83
CA THR C 75 20.36 62.88 23.52
C THR C 75 19.28 63.91 23.82
N ILE C 76 18.53 64.31 22.80
CA ILE C 76 17.58 65.40 22.92
C ILE C 76 16.39 65.00 23.80
N THR C 77 15.94 63.75 23.67
CA THR C 77 14.80 63.31 24.47
C THR C 77 15.18 63.15 25.94
N SER C 78 16.48 63.02 26.23
CA SER C 78 16.92 62.96 27.61
C SER C 78 17.14 64.35 28.17
N PHE C 79 17.76 65.23 27.39
CA PHE C 79 17.98 66.61 27.83
C PHE C 79 16.67 67.39 27.99
N CYS C 80 15.73 67.21 27.06
CA CYS C 80 14.46 67.93 27.16
C CYS C 80 13.58 67.34 28.25
N GLY C 81 13.82 66.08 28.61
CA GLY C 81 13.03 65.48 29.67
C GLY C 81 13.35 66.06 31.04
N THR C 82 14.64 66.22 31.34
CA THR C 82 15.01 66.67 32.68
C THR C 82 14.94 68.20 32.77
N LEU C 83 15.40 68.90 31.75
CA LEU C 83 15.36 70.36 31.77
C LEU C 83 13.99 70.93 31.47
N HIS C 84 13.02 70.06 31.12
CA HIS C 84 11.60 70.40 31.03
C HIS C 84 11.31 71.45 29.95
N VAL C 85 12.14 71.46 28.91
CA VAL C 85 12.03 72.40 27.79
C VAL C 85 11.42 71.67 26.61
N SER C 86 10.40 72.26 26.00
CA SER C 86 9.70 71.63 24.89
C SER C 86 10.57 71.57 23.64
N PHE C 87 10.31 70.58 22.80
CA PHE C 87 11.09 70.33 21.59
C PHE C 87 10.15 69.92 20.47
N ILE C 88 10.33 70.52 19.29
CA ILE C 88 9.47 70.32 18.13
C ILE C 88 10.35 69.80 17.00
N THR C 89 9.90 68.75 16.33
CA THR C 89 10.72 68.14 15.30
C THR C 89 9.89 67.61 14.15
N PRO C 90 10.40 67.73 12.93
CA PRO C 90 9.86 66.95 11.80
C PRO C 90 10.65 65.69 11.45
N SER C 91 11.59 65.27 12.28
CA SER C 91 12.37 64.07 12.02
C SER C 91 11.56 62.83 12.39
N PHE C 92 12.21 61.68 12.43
CA PHE C 92 11.51 60.43 12.70
C PHE C 92 11.02 60.42 14.14
N PRO C 93 9.80 59.96 14.40
CA PRO C 93 9.24 60.03 15.74
C PRO C 93 9.90 59.05 16.68
N THR C 94 9.82 59.35 17.98
CA THR C 94 10.43 58.49 18.98
C THR C 94 9.70 57.17 19.06
N ASP C 95 10.39 56.14 19.55
CA ASP C 95 9.80 54.81 19.55
C ASP C 95 8.83 54.65 20.71
N GLY C 96 9.34 54.71 21.94
CA GLY C 96 8.48 54.76 23.09
C GLY C 96 8.04 56.19 23.34
N THR C 97 7.11 56.38 24.27
CA THR C 97 6.67 57.73 24.61
C THR C 97 7.78 58.48 25.36
N HIS C 98 8.15 59.64 24.84
CA HIS C 98 9.17 60.46 25.46
C HIS C 98 8.57 61.80 25.84
N PRO C 99 8.86 62.31 27.03
CA PRO C 99 8.22 63.55 27.48
C PRO C 99 8.82 64.74 26.77
N PHE C 100 8.04 65.82 26.66
CA PHE C 100 8.45 67.15 26.20
C PHE C 100 8.91 67.21 24.76
N VAL C 101 8.81 66.13 23.99
CA VAL C 101 9.28 66.11 22.62
C VAL C 101 8.08 65.94 21.72
N ILE C 102 7.90 66.87 20.79
CA ILE C 102 6.69 66.96 19.97
C ILE C 102 7.09 66.69 18.53
N GLN C 103 6.34 65.81 17.87
CA GLN C 103 6.69 65.31 16.55
C GLN C 103 5.73 65.88 15.52
N MET C 104 6.28 66.48 14.46
CA MET C 104 5.47 66.96 13.36
C MET C 104 5.36 65.96 12.22
N ARG C 105 6.12 64.87 12.29
CA ARG C 105 6.14 63.90 11.22
C ARG C 105 5.25 62.73 11.60
N PRO C 106 4.26 62.38 10.78
CA PRO C 106 3.34 61.31 11.16
C PRO C 106 4.03 59.96 11.09
N ASP C 107 3.56 59.04 11.91
CA ASP C 107 4.09 57.69 11.88
C ASP C 107 3.52 56.95 10.66
N LEU C 108 4.36 56.14 10.03
CA LEU C 108 3.92 55.42 8.84
C LEU C 108 4.00 53.91 9.01
N LYS C 109 4.40 53.42 10.19
CA LYS C 109 4.53 51.98 10.38
C LYS C 109 3.17 51.30 10.38
N GLY C 110 2.11 52.03 10.71
CA GLY C 110 0.78 51.50 10.56
C GLY C 110 0.31 51.51 9.12
N ALA C 111 0.70 52.55 8.37
CA ALA C 111 0.24 52.66 6.99
C ALA C 111 1.02 51.74 6.08
N LEU C 112 2.24 51.38 6.47
CA LEU C 112 2.99 50.42 5.68
C LEU C 112 2.39 49.04 5.81
N LEU C 113 1.95 48.67 7.01
CA LEU C 113 1.30 47.38 7.20
C LEU C 113 -0.06 47.34 6.51
N SER C 114 -0.77 48.47 6.48
CA SER C 114 -2.06 48.50 5.83
C SER C 114 -1.93 48.46 4.32
N LEU C 115 -0.80 48.94 3.80
CA LEU C 115 -0.59 48.87 2.36
C LEU C 115 -0.23 47.45 1.94
N ILE C 116 0.56 46.75 2.76
CA ILE C 116 0.97 45.38 2.42
C ILE C 116 -0.22 44.44 2.48
N GLU C 117 -1.08 44.60 3.50
CA GLU C 117 -2.25 43.73 3.61
C GLU C 117 -3.29 44.03 2.54
N TYR C 118 -3.18 45.17 1.88
CA TYR C 118 -4.01 45.40 0.70
C TYR C 118 -3.53 44.57 -0.47
N TYR C 119 -2.23 44.64 -0.79
CA TYR C 119 -1.70 43.94 -1.96
C TYR C 119 -1.60 42.44 -1.78
N GLN C 120 -1.84 41.92 -0.56
CA GLN C 120 -1.82 40.50 -0.22
C GLN C 120 -0.45 39.89 -0.52
N TRP C 121 0.54 40.41 0.21
CA TRP C 121 1.92 39.97 0.11
C TRP C 121 2.26 39.03 1.24
N ASP C 122 3.11 38.06 0.94
CA ASP C 122 3.67 37.20 1.96
C ASP C 122 5.15 36.94 1.74
N LYS C 123 5.69 37.30 0.59
CA LYS C 123 7.07 37.00 0.23
C LYS C 123 7.70 38.23 -0.40
N PHE C 124 8.29 39.10 0.42
CA PHE C 124 8.82 40.36 -0.08
C PHE C 124 10.13 40.69 0.63
N ALA C 125 11.08 41.22 -0.12
CA ALA C 125 12.31 41.72 0.49
C ALA C 125 12.06 43.10 1.08
N TYR C 126 12.98 43.54 1.92
CA TYR C 126 12.80 44.77 2.66
C TYR C 126 14.16 45.44 2.81
N LEU C 127 14.50 46.33 1.87
CA LEU C 127 15.74 47.06 1.98
C LEU C 127 15.55 48.27 2.88
N TYR C 128 16.25 48.29 4.01
CA TYR C 128 16.09 49.34 4.99
C TYR C 128 17.40 50.06 5.19
N ASP C 129 17.30 51.31 5.65
CA ASP C 129 18.45 52.12 6.00
C ASP C 129 18.59 52.17 7.51
N SER C 130 19.83 52.08 8.00
CA SER C 130 20.02 52.06 9.44
C SER C 130 19.92 53.47 10.03
N ASP C 131 20.46 54.47 9.32
CA ASP C 131 20.66 55.79 9.90
C ASP C 131 19.34 56.52 10.17
N ARG C 132 18.28 56.14 9.47
CA ARG C 132 16.97 56.72 9.72
C ARG C 132 16.39 56.21 11.03
N GLY C 133 16.82 55.03 11.47
CA GLY C 133 16.23 54.37 12.60
C GLY C 133 15.68 53.03 12.18
N LEU C 134 15.33 52.17 13.14
CA LEU C 134 14.87 50.82 12.80
C LEU C 134 13.49 50.54 13.37
N SER C 135 12.71 51.57 13.70
CA SER C 135 11.41 51.35 14.31
C SER C 135 10.42 50.76 13.31
N THR C 136 10.62 51.03 12.03
CA THR C 136 9.74 50.45 11.03
C THR C 136 10.06 48.97 10.84
N LEU C 137 11.33 48.59 11.08
CA LEU C 137 11.72 47.19 10.90
C LEU C 137 11.11 46.31 11.97
N GLN C 138 10.96 46.82 13.18
CA GLN C 138 10.38 46.03 14.26
C GLN C 138 8.88 45.84 14.03
N ALA C 139 8.25 46.75 13.31
CA ALA C 139 6.83 46.62 13.04
C ALA C 139 6.58 45.58 11.96
N VAL C 140 7.42 45.54 10.93
CA VAL C 140 7.20 44.62 9.83
C VAL C 140 7.95 43.32 10.07
N LEU C 141 8.49 43.12 11.27
CA LEU C 141 8.93 41.79 11.66
C LEU C 141 7.99 41.17 12.67
N ASP C 142 7.42 41.98 13.57
CA ASP C 142 6.37 41.46 14.44
C ASP C 142 5.12 41.13 13.65
N SER C 143 4.77 41.95 12.68
CA SER C 143 3.64 41.62 11.83
C SER C 143 4.03 40.61 10.76
N ALA C 144 5.31 40.26 10.66
CA ALA C 144 5.70 39.14 9.81
C ALA C 144 5.39 37.82 10.47
N ALA C 145 5.19 37.83 11.79
CA ALA C 145 4.86 36.59 12.49
C ALA C 145 3.41 36.20 12.27
N GLU C 146 2.47 37.04 12.72
CA GLU C 146 1.08 36.61 12.80
C GLU C 146 0.34 36.67 11.48
N LYS C 147 0.98 37.03 10.38
CA LYS C 147 0.30 37.08 9.09
C LYS C 147 1.01 36.25 8.03
N LYS C 148 1.97 35.42 8.44
CA LYS C 148 2.71 34.48 7.58
C LYS C 148 3.43 35.22 6.46
N TRP C 149 4.42 36.02 6.83
CA TRP C 149 5.22 36.75 5.86
C TRP C 149 6.64 36.21 5.84
N GLN C 150 7.22 36.13 4.66
CA GLN C 150 8.60 35.70 4.50
C GLN C 150 9.44 36.90 4.09
N VAL C 151 9.87 37.67 5.07
CA VAL C 151 10.56 38.94 4.86
C VAL C 151 12.06 38.67 4.78
N THR C 152 12.70 39.25 3.77
CA THR C 152 14.15 39.18 3.63
C THR C 152 14.71 40.57 3.90
N ALA C 153 14.96 40.88 5.16
CA ALA C 153 15.29 42.23 5.57
C ALA C 153 16.80 42.42 5.45
N ILE C 154 17.21 43.28 4.54
CA ILE C 154 18.62 43.48 4.22
C ILE C 154 18.97 44.94 4.49
N ASN C 155 19.98 45.17 5.32
CA ASN C 155 20.45 46.51 5.61
C ASN C 155 21.26 47.01 4.42
N VAL C 156 21.16 48.31 4.15
CA VAL C 156 21.80 48.89 2.99
C VAL C 156 22.51 50.19 3.34
N GLY C 157 22.43 50.63 4.59
CA GLY C 157 22.92 51.96 4.94
C GLY C 157 24.42 52.03 5.13
N ASN C 158 25.07 50.89 5.36
CA ASN C 158 26.51 50.93 5.62
C ASN C 158 27.35 50.99 4.35
N ILE C 159 26.75 51.18 3.19
CA ILE C 159 27.52 51.13 1.95
C ILE C 159 28.23 52.47 1.74
N ASN C 160 29.49 52.41 1.35
CA ASN C 160 30.38 53.57 1.29
C ASN C 160 30.04 54.49 0.13
N ASN C 161 30.90 55.48 -0.06
CA ASN C 161 30.75 56.40 -1.20
C ASN C 161 31.44 55.85 -2.43
N ASP C 162 32.49 55.04 -2.24
CA ASP C 162 33.29 54.59 -3.38
C ASP C 162 32.66 53.38 -4.06
N LYS C 163 32.52 52.28 -3.34
CA LYS C 163 32.12 51.00 -3.90
C LYS C 163 30.61 50.76 -3.84
N LYS C 164 29.83 51.83 -3.97
CA LYS C 164 28.38 51.69 -3.78
C LYS C 164 27.72 51.02 -4.98
N ASP C 165 28.35 51.12 -6.15
CA ASP C 165 27.72 50.58 -7.35
C ASP C 165 27.98 49.08 -7.48
N GLU C 166 29.10 48.60 -6.94
CA GLU C 166 29.41 47.19 -7.08
C GLU C 166 28.67 46.35 -6.05
N THR C 167 28.40 46.91 -4.88
CA THR C 167 27.72 46.15 -3.84
C THR C 167 26.23 46.08 -4.11
N TYR C 168 25.67 47.15 -4.69
CA TYR C 168 24.26 47.13 -5.08
C TYR C 168 24.03 46.15 -6.23
N ARG C 169 25.03 45.95 -7.08
CA ARG C 169 24.94 44.88 -8.07
C ARG C 169 25.01 43.52 -7.40
N SER C 170 25.79 43.41 -6.33
CA SER C 170 25.81 42.16 -5.57
C SER C 170 24.58 42.05 -4.69
N LEU C 171 23.89 43.17 -4.46
CA LEU C 171 22.70 43.14 -3.62
C LEU C 171 21.50 42.60 -4.38
N PHE C 172 21.20 43.18 -5.55
CA PHE C 172 19.99 42.77 -6.27
C PHE C 172 20.15 41.41 -6.94
N GLN C 173 21.39 40.96 -7.12
CA GLN C 173 21.59 39.59 -7.58
C GLN C 173 21.24 38.59 -6.48
N ASP C 174 21.35 39.00 -5.22
CA ASP C 174 20.94 38.13 -4.13
C ASP C 174 19.41 38.06 -4.04
N LEU C 175 18.73 39.05 -4.63
CA LEU C 175 17.28 38.96 -4.74
C LEU C 175 16.87 38.35 -6.08
N GLU C 176 17.84 37.80 -6.82
CA GLU C 176 17.50 37.06 -8.04
C GLU C 176 17.76 35.57 -7.87
N LEU C 177 18.65 35.18 -6.96
CA LEU C 177 18.71 33.79 -6.57
C LEU C 177 17.46 33.39 -5.80
N LYS C 178 16.97 34.30 -4.96
CA LYS C 178 15.75 34.06 -4.23
C LYS C 178 14.51 34.38 -5.06
N LYS C 179 14.67 35.21 -6.10
CA LYS C 179 13.57 35.77 -6.90
C LYS C 179 12.54 36.47 -6.01
N GLU C 180 12.97 37.54 -5.36
CA GLU C 180 12.07 38.47 -4.69
C GLU C 180 11.74 39.57 -5.69
N ARG C 181 10.51 39.57 -6.17
CA ARG C 181 10.10 40.61 -7.09
C ARG C 181 9.88 41.93 -6.37
N ARG C 182 9.07 41.91 -5.33
CA ARG C 182 8.54 43.12 -4.73
C ARG C 182 9.39 43.49 -3.52
N VAL C 183 9.83 44.75 -3.49
CA VAL C 183 10.89 45.24 -2.62
C VAL C 183 10.41 46.53 -1.99
N ILE C 184 10.36 46.57 -0.66
CA ILE C 184 10.03 47.80 0.03
C ILE C 184 11.34 48.55 0.24
N LEU C 185 11.44 49.73 -0.35
CA LEU C 185 12.55 50.60 -0.01
C LEU C 185 12.15 51.48 1.16
N ASP C 186 13.00 51.53 2.16
CA ASP C 186 12.71 52.28 3.37
C ASP C 186 13.97 53.07 3.71
N CYS C 187 14.09 54.24 3.11
CA CYS C 187 15.32 55.02 3.27
C CYS C 187 15.04 56.48 2.96
N GLU C 188 16.06 57.30 3.22
CA GLU C 188 15.98 58.74 2.99
C GLU C 188 16.03 59.02 1.50
N ARG C 189 15.78 60.29 1.14
CA ARG C 189 15.62 60.67 -0.27
C ARG C 189 16.93 60.48 -1.04
N ASP C 190 18.06 60.62 -0.36
CA ASP C 190 19.34 60.45 -1.04
C ASP C 190 19.66 58.97 -1.25
N LYS C 191 19.10 58.11 -0.41
CA LYS C 191 19.33 56.68 -0.61
C LYS C 191 18.27 56.08 -1.51
N VAL C 192 17.18 56.80 -1.78
CA VAL C 192 16.19 56.31 -2.73
C VAL C 192 16.76 56.33 -4.14
N ASN C 193 17.29 57.47 -4.57
CA ASN C 193 17.72 57.60 -5.95
C ASN C 193 18.99 56.83 -6.24
N ASP C 194 19.79 56.57 -5.21
CA ASP C 194 20.99 55.76 -5.41
C ASP C 194 20.65 54.28 -5.49
N ILE C 195 19.45 53.91 -5.07
CA ILE C 195 18.99 52.54 -5.29
C ILE C 195 18.22 52.44 -6.61
N VAL C 196 17.50 53.48 -6.97
CA VAL C 196 16.80 53.51 -8.26
C VAL C 196 17.80 53.56 -9.42
N ASP C 197 18.94 54.22 -9.21
CA ASP C 197 19.96 54.29 -10.26
C ASP C 197 20.67 52.95 -10.46
N GLN C 198 20.51 52.02 -9.53
CA GLN C 198 21.06 50.69 -9.76
C GLN C 198 19.98 49.72 -10.22
N VAL C 199 18.73 49.98 -9.85
CA VAL C 199 17.60 49.26 -10.44
C VAL C 199 17.50 49.54 -11.93
N ILE C 200 17.68 50.79 -12.31
CA ILE C 200 17.53 51.17 -13.72
C ILE C 200 18.77 50.77 -14.51
N THR C 201 19.85 50.40 -13.82
CA THR C 201 21.08 50.03 -14.50
C THR C 201 21.12 48.53 -14.80
N ILE C 202 20.79 47.71 -13.81
CA ILE C 202 20.78 46.26 -13.98
C ILE C 202 19.55 45.90 -14.81
N GLY C 203 18.50 46.72 -14.71
CA GLY C 203 17.34 46.52 -15.55
C GLY C 203 16.22 45.76 -14.87
N LYS C 204 15.98 46.07 -13.60
CA LYS C 204 14.87 45.48 -12.87
C LYS C 204 13.58 46.27 -13.04
N HIS C 205 13.56 47.25 -13.94
CA HIS C 205 12.38 48.07 -14.11
C HIS C 205 11.34 47.45 -15.03
N VAL C 206 11.53 46.19 -15.43
CA VAL C 206 10.56 45.47 -16.24
C VAL C 206 9.32 45.12 -15.42
N LYS C 207 8.30 44.63 -16.11
CA LYS C 207 7.02 44.31 -15.49
C LYS C 207 7.15 43.21 -14.46
N GLY C 208 6.48 43.39 -13.32
CA GLY C 208 6.45 42.44 -12.23
C GLY C 208 7.02 42.95 -10.93
N TYR C 209 8.14 43.67 -10.98
CA TYR C 209 8.81 44.21 -9.81
C TYR C 209 7.97 45.34 -9.23
N HIS C 210 7.52 45.18 -7.99
CA HIS C 210 6.56 46.10 -7.40
C HIS C 210 7.19 46.77 -6.20
N TYR C 211 7.81 47.93 -6.40
CA TYR C 211 8.51 48.64 -5.33
C TYR C 211 7.51 49.40 -4.48
N ILE C 212 7.89 49.69 -3.24
CA ILE C 212 7.17 50.63 -2.39
C ILE C 212 8.18 51.57 -1.78
N ILE C 213 8.15 52.84 -2.15
CA ILE C 213 9.10 53.80 -1.64
C ILE C 213 8.53 54.27 -0.31
N ALA C 214 8.79 53.51 0.74
CA ALA C 214 8.08 53.70 2.00
C ALA C 214 8.71 54.80 2.86
N ASN C 215 8.84 55.98 2.27
CA ASN C 215 9.15 57.18 3.00
C ASN C 215 7.94 58.09 2.96
N LEU C 216 8.00 59.19 3.69
CA LEU C 216 6.80 60.01 3.84
C LEU C 216 6.55 60.85 2.60
N GLY C 217 7.61 61.23 1.89
CA GLY C 217 7.45 61.97 0.65
C GLY C 217 7.77 61.12 -0.55
N PHE C 218 6.74 60.67 -1.26
CA PHE C 218 6.97 59.86 -2.45
C PHE C 218 7.33 60.72 -3.65
N THR C 219 6.66 61.86 -3.81
CA THR C 219 6.86 62.67 -5.00
C THR C 219 8.06 63.60 -4.83
N ASP C 220 8.79 63.47 -3.72
CA ASP C 220 9.99 64.25 -3.52
C ASP C 220 11.07 63.91 -4.53
N GLY C 221 11.43 62.63 -4.63
CA GLY C 221 12.36 62.21 -5.65
C GLY C 221 11.72 62.15 -7.02
N ASP C 222 12.56 62.18 -8.05
CA ASP C 222 12.08 62.10 -9.42
C ASP C 222 11.74 60.66 -9.77
N LEU C 223 10.46 60.42 -10.05
CA LEU C 223 10.00 59.09 -10.44
C LEU C 223 9.94 58.92 -11.94
N LEU C 224 10.55 59.82 -12.71
CA LEU C 224 10.52 59.72 -14.15
C LEU C 224 11.39 58.58 -14.66
N LYS C 225 12.34 58.13 -13.84
CA LYS C 225 13.28 57.12 -14.30
C LYS C 225 12.65 55.74 -14.36
N ILE C 226 11.77 55.42 -13.41
CA ILE C 226 11.13 54.11 -13.47
C ILE C 226 9.65 54.24 -13.81
N GLN C 227 9.24 55.40 -14.33
CA GLN C 227 7.91 55.49 -14.90
C GLN C 227 7.85 54.86 -16.28
N PHE C 228 8.97 54.89 -16.99
CA PHE C 228 9.05 54.39 -18.36
C PHE C 228 9.50 52.94 -18.45
N GLY C 229 9.24 52.14 -17.43
CA GLY C 229 9.75 50.78 -17.43
C GLY C 229 8.70 49.70 -17.43
N GLY C 230 7.55 49.98 -16.84
CA GLY C 230 6.51 48.99 -16.66
C GLY C 230 6.41 48.43 -15.26
N ALA C 231 7.37 48.73 -14.39
CA ALA C 231 7.27 48.34 -13.00
C ALA C 231 6.19 49.17 -12.30
N GLU C 232 5.71 48.66 -11.18
CA GLU C 232 4.59 49.29 -10.47
C GLU C 232 5.05 49.75 -9.09
N VAL C 233 5.34 51.02 -8.97
CA VAL C 233 5.93 51.56 -7.75
C VAL C 233 4.89 52.41 -7.03
N SER C 234 4.46 51.95 -5.86
CA SER C 234 3.53 52.68 -5.01
C SER C 234 4.31 53.65 -4.14
N GLY C 235 3.66 54.21 -3.12
CA GLY C 235 4.37 55.16 -2.28
C GLY C 235 3.50 55.62 -1.12
N PHE C 236 3.91 56.75 -0.56
CA PHE C 236 3.18 57.45 0.49
C PHE C 236 3.49 58.93 0.39
N GLN C 237 2.46 59.76 0.49
CA GLN C 237 2.64 61.20 0.40
C GLN C 237 1.75 61.86 1.43
N ILE C 238 2.27 62.88 2.10
CA ILE C 238 1.53 63.50 3.20
C ILE C 238 0.99 64.86 2.78
N VAL C 239 1.60 65.48 1.77
CA VAL C 239 1.23 66.82 1.33
C VAL C 239 0.64 66.69 -0.07
N ASP C 240 -0.68 66.75 -0.16
CA ASP C 240 -1.38 66.58 -1.42
C ASP C 240 -1.57 67.94 -2.08
N TYR C 241 -1.45 67.96 -3.40
CA TYR C 241 -1.33 69.23 -4.10
C TYR C 241 -2.68 69.72 -4.64
N ASP C 242 -3.77 69.04 -4.27
CA ASP C 242 -5.08 69.37 -4.82
C ASP C 242 -5.92 70.23 -3.87
N ASP C 243 -5.61 70.21 -2.58
CA ASP C 243 -6.52 70.70 -1.54
C ASP C 243 -6.71 72.21 -1.49
N SER C 244 -5.95 72.95 -2.32
CA SER C 244 -6.06 74.38 -2.61
C SER C 244 -5.61 75.28 -1.45
N LEU C 245 -5.35 74.71 -0.28
CA LEU C 245 -4.57 75.43 0.72
C LEU C 245 -3.08 75.16 0.50
N VAL C 246 -2.76 73.95 0.03
CA VAL C 246 -1.41 73.65 -0.40
C VAL C 246 -1.10 74.38 -1.71
N SER C 247 -2.08 74.44 -2.60
CA SER C 247 -1.85 75.00 -3.94
C SER C 247 -1.66 76.50 -3.87
N LYS C 248 -2.19 77.14 -2.83
CA LYS C 248 -1.90 78.55 -2.61
C LYS C 248 -0.47 78.74 -2.09
N PHE C 249 0.06 77.74 -1.38
CA PHE C 249 1.41 77.84 -0.87
C PHE C 249 2.43 77.67 -1.98
N ILE C 250 2.14 76.80 -2.96
CA ILE C 250 3.09 76.50 -4.03
C ILE C 250 3.33 77.72 -4.91
N GLU C 251 2.30 78.57 -5.04
CA GLU C 251 2.45 79.83 -5.78
C GLU C 251 3.44 80.75 -5.10
N ARG C 252 3.36 80.87 -3.77
CA ARG C 252 4.32 81.71 -3.06
C ARG C 252 5.66 81.00 -2.91
N TRP C 253 5.66 79.67 -2.99
CA TRP C 253 6.90 78.92 -2.84
C TRP C 253 7.74 78.98 -4.11
N SER C 254 7.10 78.80 -5.27
CA SER C 254 7.84 78.78 -6.52
C SER C 254 8.37 80.17 -6.87
N THR C 255 7.59 81.20 -6.61
CA THR C 255 7.99 82.55 -6.95
C THR C 255 8.86 83.15 -5.85
N LEU C 256 10.10 82.67 -5.74
CA LEU C 256 11.06 83.22 -4.80
C LEU C 256 12.42 83.33 -5.44
N GLU C 257 13.20 84.29 -4.97
CA GLU C 257 14.59 84.40 -5.37
C GLU C 257 15.40 83.29 -4.72
N GLU C 258 16.21 82.59 -5.52
CA GLU C 258 16.95 81.45 -4.98
C GLU C 258 18.13 81.92 -4.12
N LYS C 259 18.57 83.16 -4.30
CA LYS C 259 19.65 83.69 -3.49
C LYS C 259 19.14 84.08 -2.09
N GLU C 260 17.83 84.31 -1.97
CA GLU C 260 17.25 84.52 -0.66
C GLU C 260 16.85 83.19 -0.03
N TYR C 261 16.41 82.24 -0.84
CA TYR C 261 15.94 80.94 -0.36
C TYR C 261 16.52 79.87 -1.29
N PRO C 262 17.62 79.22 -0.92
CA PRO C 262 18.24 78.25 -1.81
C PRO C 262 17.41 76.98 -1.95
N GLY C 263 17.28 76.51 -3.18
CA GLY C 263 16.52 75.32 -3.48
C GLY C 263 15.03 75.46 -3.32
N ALA C 264 14.50 76.68 -3.23
CA ALA C 264 13.07 76.85 -2.98
C ALA C 264 12.29 77.03 -4.27
N HIS C 265 12.94 77.48 -5.34
CA HIS C 265 12.26 77.74 -6.61
C HIS C 265 12.01 76.42 -7.34
N THR C 266 11.02 75.69 -6.84
CA THR C 266 10.61 74.41 -7.40
C THR C 266 9.09 74.34 -7.40
N ALA C 267 8.56 73.37 -8.14
CA ALA C 267 7.11 73.17 -8.16
C ALA C 267 6.69 72.25 -7.02
N THR C 268 7.59 71.40 -6.54
CA THR C 268 7.32 70.48 -5.45
C THR C 268 8.21 70.82 -4.25
N ILE C 269 7.80 70.37 -3.08
CA ILE C 269 8.50 70.65 -1.84
C ILE C 269 8.81 69.33 -1.14
N LYS C 270 9.92 69.30 -0.40
CA LYS C 270 10.27 68.10 0.35
C LYS C 270 9.32 67.88 1.51
N TYR C 271 9.25 66.64 1.98
CA TYR C 271 8.32 66.33 3.07
C TYR C 271 8.84 66.83 4.40
N THR C 272 10.16 67.00 4.54
CA THR C 272 10.69 67.59 5.76
C THR C 272 10.50 69.09 5.76
N SER C 273 10.59 69.73 4.59
CA SER C 273 10.44 71.17 4.51
C SER C 273 8.99 71.59 4.72
N ALA C 274 8.05 70.80 4.22
CA ALA C 274 6.64 71.13 4.39
C ALA C 274 6.21 70.96 5.84
N LEU C 275 6.83 70.00 6.54
CA LEU C 275 6.53 69.86 7.96
C LEU C 275 7.26 70.91 8.78
N THR C 276 8.26 71.58 8.19
CA THR C 276 8.86 72.72 8.87
C THR C 276 7.93 73.92 8.83
N TYR C 277 7.32 74.18 7.67
CA TYR C 277 6.35 75.26 7.55
C TYR C 277 5.12 75.01 8.41
N ASP C 278 4.77 73.73 8.60
CA ASP C 278 3.67 73.41 9.50
C ASP C 278 4.04 73.70 10.93
N ALA C 279 5.30 73.48 11.31
CA ALA C 279 5.69 73.58 12.70
C ALA C 279 5.78 75.02 13.17
N VAL C 280 6.01 75.96 12.25
CA VAL C 280 5.98 77.36 12.61
C VAL C 280 4.56 77.78 12.97
N GLN C 281 3.58 77.24 12.24
CA GLN C 281 2.17 77.50 12.54
C GLN C 281 1.77 76.94 13.90
N VAL C 282 2.40 75.84 14.32
CA VAL C 282 2.02 75.24 15.59
C VAL C 282 2.64 76.03 16.74
N MET C 283 3.87 76.51 16.57
CA MET C 283 4.51 77.31 17.61
C MET C 283 3.82 78.65 17.78
N THR C 284 3.47 79.30 16.66
CA THR C 284 2.88 80.63 16.72
C THR C 284 1.47 80.60 17.30
N GLU C 285 0.66 79.63 16.85
CA GLU C 285 -0.72 79.56 17.33
C GLU C 285 -0.80 79.02 18.76
N ALA C 286 0.31 78.49 19.28
CA ALA C 286 0.31 78.06 20.68
C ALA C 286 0.50 79.24 21.62
N PHE C 287 1.37 80.19 21.27
CA PHE C 287 1.57 81.34 22.14
C PHE C 287 0.42 82.33 22.00
N ARG C 288 -0.27 82.34 20.86
CA ARG C 288 -1.50 83.11 20.74
C ARG C 288 -2.58 82.56 21.66
N ASN C 289 -2.70 81.23 21.73
CA ASN C 289 -3.65 80.63 22.65
C ASN C 289 -3.09 80.59 24.07
N LEU C 290 -1.81 80.92 24.23
CA LEU C 290 -1.30 81.24 25.56
C LEU C 290 -1.60 82.68 25.92
N ARG C 291 -1.66 83.55 24.90
CA ARG C 291 -1.91 84.97 25.12
C ARG C 291 -3.35 85.21 25.58
N LYS C 292 -4.30 84.48 25.00
CA LYS C 292 -5.69 84.64 25.39
C LYS C 292 -5.94 84.08 26.78
N GLN C 293 -5.13 83.13 27.21
CA GLN C 293 -5.15 82.66 28.60
C GLN C 293 -4.14 83.46 29.39
N ARG C 294 -3.80 82.98 30.59
CA ARG C 294 -2.72 83.58 31.35
C ARG C 294 -1.39 83.36 30.63
N ILE C 295 -0.57 84.40 30.60
CA ILE C 295 0.75 84.28 30.01
C ILE C 295 1.79 84.92 30.92
N GLU C 296 2.43 84.10 31.74
CA GLU C 296 3.48 84.56 32.66
C GLU C 296 4.84 84.16 32.09
N ILE C 297 5.21 84.85 31.02
CA ILE C 297 6.48 84.55 30.35
C ILE C 297 7.60 85.31 31.06
N SER C 298 8.12 84.69 32.11
CA SER C 298 9.12 85.30 32.97
C SER C 298 10.25 84.32 33.24
N ARG C 299 11.42 84.62 32.69
CA ARG C 299 12.66 83.95 33.02
C ARG C 299 13.79 84.89 32.61
N ARG C 300 14.91 84.81 33.32
CA ARG C 300 16.04 85.71 33.16
C ARG C 300 16.68 85.56 31.78
N GLY C 301 17.55 86.53 31.46
CA GLY C 301 18.28 86.48 30.20
C GLY C 301 19.29 85.35 30.17
N ASN C 302 19.83 84.98 31.32
CA ASN C 302 20.66 83.79 31.49
C ASN C 302 19.85 82.83 32.36
N ALA C 303 19.34 81.76 31.74
CA ALA C 303 18.47 80.85 32.47
C ALA C 303 19.25 79.97 33.43
N GLY C 304 20.42 79.50 33.02
CA GLY C 304 21.22 78.65 33.86
C GLY C 304 22.24 77.89 33.04
N ASP C 305 22.64 76.74 33.57
CA ASP C 305 23.59 75.88 32.89
C ASP C 305 23.06 74.45 32.88
N CYS C 306 23.46 73.71 31.84
CA CYS C 306 23.21 72.28 31.76
C CYS C 306 24.12 71.45 32.67
N LEU C 307 25.09 72.09 33.32
CA LEU C 307 25.95 71.46 34.31
C LEU C 307 25.41 71.65 35.73
N ALA C 308 24.15 72.09 35.86
CA ALA C 308 23.57 72.36 37.17
C ALA C 308 23.34 71.06 37.92
N ASN C 309 23.87 70.99 39.14
CA ASN C 309 23.85 69.77 39.92
C ASN C 309 23.19 70.04 41.27
N PRO C 310 21.91 69.66 41.46
CA PRO C 310 21.00 69.10 40.45
C PRO C 310 20.36 70.18 39.58
N ALA C 311 20.01 69.83 38.35
CA ALA C 311 19.35 70.78 37.46
C ALA C 311 17.91 71.01 37.90
N VAL C 312 17.51 72.29 37.89
CA VAL C 312 16.21 72.71 38.39
C VAL C 312 15.32 73.02 37.20
N PRO C 313 14.08 72.54 37.18
CA PRO C 313 13.14 72.91 36.12
C PRO C 313 12.58 74.30 36.36
N TRP C 314 11.61 74.67 35.52
CA TRP C 314 10.89 75.94 35.63
C TRP C 314 9.44 75.70 35.25
N GLY C 315 8.54 76.18 36.10
CA GLY C 315 7.17 75.68 36.07
C GLY C 315 6.35 76.20 34.91
N GLN C 316 6.81 77.28 34.29
CA GLN C 316 6.15 77.80 33.10
C GLN C 316 6.43 76.91 31.89
N GLY C 317 7.56 76.18 31.93
CA GLY C 317 7.90 75.31 30.81
C GLY C 317 6.98 74.11 30.69
N VAL C 318 6.38 73.69 31.80
CA VAL C 318 5.35 72.66 31.73
C VAL C 318 4.11 73.22 31.05
N GLU C 319 3.80 74.49 31.33
CA GLU C 319 2.64 75.13 30.72
C GLU C 319 2.87 75.39 29.23
N ILE C 320 4.13 75.58 28.82
CA ILE C 320 4.43 75.70 27.40
C ILE C 320 4.27 74.35 26.71
N GLU C 321 4.55 73.27 27.45
CA GLU C 321 4.42 71.93 26.90
C GLU C 321 2.97 71.60 26.57
N ARG C 322 2.05 71.94 27.47
CA ARG C 322 0.64 71.70 27.20
C ARG C 322 0.08 72.71 26.21
N ALA C 323 0.78 73.83 26.01
CA ALA C 323 0.34 74.82 25.05
C ALA C 323 0.56 74.34 23.62
N LEU C 324 1.73 73.73 23.36
CA LEU C 324 2.00 73.19 22.03
C LEU C 324 1.15 71.96 21.75
N LYS C 325 0.87 71.17 22.78
CA LYS C 325 0.10 69.94 22.59
C LYS C 325 -1.36 70.25 22.29
N GLN C 326 -1.91 71.29 22.91
CA GLN C 326 -3.31 71.64 22.72
C GLN C 326 -3.47 72.60 21.54
N VAL C 327 -3.02 72.15 20.38
CA VAL C 327 -3.14 72.89 19.13
C VAL C 327 -3.89 72.03 18.14
N GLN C 328 -5.00 72.55 17.63
CA GLN C 328 -5.76 71.88 16.58
C GLN C 328 -5.96 72.86 15.44
N VAL C 329 -5.06 72.83 14.46
CA VAL C 329 -5.10 73.73 13.31
C VAL C 329 -5.01 72.89 12.05
N GLU C 330 -4.96 73.57 10.92
CA GLU C 330 -4.65 72.91 9.66
C GLU C 330 -3.24 73.24 9.22
N GLY C 331 -2.81 72.60 8.14
CA GLY C 331 -1.49 72.82 7.61
C GLY C 331 -1.33 72.13 6.28
N LEU C 332 -0.08 72.05 5.84
CA LEU C 332 0.22 71.41 4.57
C LEU C 332 0.01 69.90 4.66
N SER C 333 0.23 69.31 5.83
CA SER C 333 0.00 67.88 5.97
C SER C 333 -1.47 67.56 6.11
N GLY C 334 -2.23 68.48 6.70
CA GLY C 334 -3.64 68.25 6.94
C GLY C 334 -4.04 68.60 8.35
N ASN C 335 -4.66 67.65 9.07
CA ASN C 335 -4.93 67.86 10.48
C ASN C 335 -3.63 67.86 11.28
N ILE C 336 -3.47 68.87 12.12
CA ILE C 336 -2.35 68.89 13.06
C ILE C 336 -2.92 68.98 14.46
N LYS C 337 -3.01 67.85 15.14
CA LYS C 337 -3.41 67.80 16.53
C LYS C 337 -2.69 66.65 17.21
N PHE C 338 -2.59 66.72 18.53
CA PHE C 338 -1.69 65.85 19.27
C PHE C 338 -2.43 65.13 20.38
N ASP C 339 -1.87 64.00 20.81
CA ASP C 339 -2.30 63.36 22.03
C ASP C 339 -1.53 63.94 23.21
N GLN C 340 -1.62 63.24 24.34
CA GLN C 340 -0.85 63.65 25.51
C GLN C 340 0.62 63.28 25.36
N ASN C 341 0.93 62.32 24.47
CA ASN C 341 2.31 61.87 24.33
C ASN C 341 3.13 62.85 23.52
N GLY C 342 2.66 63.18 22.31
CA GLY C 342 3.39 64.03 21.40
C GLY C 342 3.40 63.56 19.96
N LYS C 343 2.81 62.41 19.66
CA LYS C 343 2.65 61.99 18.28
C LYS C 343 1.36 62.56 17.72
N ARG C 344 1.33 62.74 16.40
CA ARG C 344 0.15 63.32 15.77
C ARG C 344 -0.98 62.30 15.71
N ILE C 345 -2.20 62.77 15.94
CA ILE C 345 -3.39 61.92 15.88
C ILE C 345 -4.35 62.53 14.86
N ASN C 346 -5.29 61.68 14.42
CA ASN C 346 -6.30 62.02 13.40
C ASN C 346 -5.66 62.57 12.12
N TYR C 347 -4.57 61.97 11.68
CA TYR C 347 -3.89 62.40 10.48
C TYR C 347 -4.26 61.50 9.30
N THR C 348 -3.81 61.89 8.11
CA THR C 348 -4.24 61.23 6.89
C THR C 348 -3.09 61.18 5.90
N ILE C 349 -2.75 59.96 5.46
CA ILE C 349 -1.65 59.73 4.52
C ILE C 349 -2.24 59.29 3.19
N ASN C 350 -1.80 59.92 2.10
CA ASN C 350 -2.38 59.72 0.79
C ASN C 350 -1.51 58.75 -0.01
N ILE C 351 -2.01 57.53 -0.20
CA ILE C 351 -1.25 56.50 -0.91
C ILE C 351 -1.20 56.82 -2.39
N MET C 352 0.00 56.96 -2.92
CA MET C 352 0.19 57.31 -4.31
C MET C 352 0.70 56.10 -5.06
N GLU C 353 0.15 55.83 -6.24
CA GLU C 353 0.57 54.72 -7.09
C GLU C 353 0.97 55.28 -8.44
N LEU C 354 2.19 54.98 -8.87
CA LEU C 354 2.71 55.58 -10.09
C LEU C 354 2.09 54.94 -11.33
N LYS C 355 1.40 55.76 -12.12
CA LYS C 355 0.81 55.35 -13.39
C LYS C 355 1.60 55.96 -14.54
N THR C 356 1.06 55.80 -15.76
CA THR C 356 1.80 56.19 -16.95
C THR C 356 1.86 57.70 -17.11
N ASN C 357 0.77 58.41 -16.77
CA ASN C 357 0.81 59.86 -16.84
C ASN C 357 1.59 60.47 -15.69
N GLY C 358 1.55 59.82 -14.52
CA GLY C 358 2.25 60.29 -13.36
C GLY C 358 1.68 59.69 -12.09
N PRO C 359 2.09 60.21 -10.93
CA PRO C 359 1.53 59.68 -9.68
C PRO C 359 0.11 60.17 -9.45
N ARG C 360 -0.71 59.29 -8.88
CA ARG C 360 -2.11 59.59 -8.61
C ARG C 360 -2.51 58.95 -7.29
N LYS C 361 -3.41 59.61 -6.56
CA LYS C 361 -3.97 59.03 -5.34
C LYS C 361 -4.81 57.81 -5.66
N ILE C 362 -4.65 56.76 -4.87
CA ILE C 362 -5.59 55.65 -4.91
C ILE C 362 -6.38 55.51 -3.63
N GLY C 363 -6.00 56.20 -2.55
CA GLY C 363 -6.73 56.06 -1.31
C GLY C 363 -6.02 56.76 -0.20
N TYR C 364 -6.73 56.94 0.91
CA TYR C 364 -6.19 57.64 2.06
C TYR C 364 -6.21 56.71 3.27
N TRP C 365 -5.14 56.76 4.07
CA TRP C 365 -5.00 55.97 5.27
C TRP C 365 -5.35 56.83 6.48
N SER C 366 -5.83 56.20 7.54
CA SER C 366 -6.17 56.93 8.76
C SER C 366 -5.83 56.08 9.97
N GLU C 367 -6.27 56.55 11.14
CA GLU C 367 -6.02 55.80 12.37
C GLU C 367 -7.19 54.88 12.71
N VAL C 368 -8.42 55.37 12.58
CA VAL C 368 -9.60 54.56 12.82
C VAL C 368 -10.40 54.31 11.55
N ASP C 369 -10.05 54.94 10.44
CA ASP C 369 -10.75 54.82 9.16
C ASP C 369 -9.93 54.07 8.12
N LYS C 370 -9.35 52.93 8.49
CA LYS C 370 -8.03 52.35 8.12
C LYS C 370 -7.67 52.63 6.66
N MET C 371 -8.40 52.08 5.68
CA MET C 371 -7.99 52.22 4.29
C MET C 371 -9.22 52.36 3.40
N VAL C 372 -9.38 53.54 2.82
CA VAL C 372 -10.53 53.85 1.97
C VAL C 372 -10.02 54.20 0.59
N LEU C 373 -10.16 53.27 -0.34
CA LEU C 373 -9.83 53.50 -1.74
C LEU C 373 -10.91 54.34 -2.40
N THR C 374 -10.49 55.40 -3.10
CA THR C 374 -11.44 56.35 -3.69
C THR C 374 -12.14 55.73 -4.89
N GLU C 375 -13.35 56.25 -5.17
CA GLU C 375 -14.21 55.60 -6.15
C GLU C 375 -13.76 55.89 -7.58
N ASP C 376 -13.37 57.12 -7.87
CA ASP C 376 -13.04 57.51 -9.24
C ASP C 376 -11.70 56.93 -9.67
N ASP C 377 -11.70 56.22 -10.79
CA ASP C 377 -10.48 55.71 -11.40
C ASP C 377 -10.27 56.19 -12.82
N THR C 378 -11.34 56.59 -13.51
CA THR C 378 -11.37 57.11 -14.88
C THR C 378 -10.77 56.16 -15.90
N SER C 379 -10.93 54.85 -15.72
CA SER C 379 -10.54 53.72 -16.54
C SER C 379 -9.02 53.51 -16.63
N GLY C 380 -8.20 54.36 -16.02
CA GLY C 380 -6.77 54.22 -16.07
C GLY C 380 -6.12 54.61 -17.38
N LEU C 381 -6.91 55.06 -18.37
CA LEU C 381 -6.52 55.60 -19.68
C LEU C 381 -5.91 54.58 -20.64
N GLU C 382 -5.68 53.35 -20.19
CA GLU C 382 -5.17 52.28 -21.04
C GLU C 382 -5.81 50.95 -20.67
N GLN C 383 -5.43 49.92 -21.42
CA GLN C 383 -5.97 48.59 -21.18
C GLN C 383 -4.92 47.72 -20.46
N LYS C 384 -3.70 48.25 -20.31
CA LYS C 384 -2.53 47.70 -19.61
C LYS C 384 -1.89 46.54 -20.39
N THR C 385 -2.53 46.11 -21.49
CA THR C 385 -2.03 45.15 -22.46
C THR C 385 -1.69 43.83 -21.77
N VAL C 386 -2.72 43.10 -21.34
CA VAL C 386 -2.56 41.83 -20.65
C VAL C 386 -1.78 40.85 -21.51
N VAL C 387 -0.58 40.50 -21.07
CA VAL C 387 0.34 39.71 -21.87
C VAL C 387 -0.03 38.24 -21.77
N VAL C 388 -0.36 37.64 -22.90
CA VAL C 388 -0.63 36.21 -22.97
C VAL C 388 0.68 35.53 -23.33
N THR C 389 1.31 34.88 -22.35
CA THR C 389 2.49 34.10 -22.65
C THR C 389 2.08 32.69 -23.05
N THR C 390 2.96 32.00 -23.78
CA THR C 390 2.70 30.65 -24.24
C THR C 390 4.03 30.04 -24.67
N ILE C 391 3.95 28.80 -25.14
CA ILE C 391 5.13 28.04 -25.55
C ILE C 391 4.91 27.57 -26.99
N LEU C 392 6.01 27.39 -27.72
CA LEU C 392 5.94 27.07 -29.14
C LEU C 392 5.95 25.55 -29.33
N GLU C 393 4.75 24.98 -29.33
CA GLU C 393 4.54 23.55 -29.56
C GLU C 393 3.42 23.38 -30.57
N SER C 394 3.67 22.62 -31.61
CA SER C 394 2.63 22.36 -32.59
C SER C 394 1.59 21.42 -31.98
N PRO C 395 0.31 21.57 -32.31
CA PRO C 395 -0.32 22.62 -33.12
C PRO C 395 -0.89 23.73 -32.26
N TYR C 396 -0.33 23.93 -31.07
CA TYR C 396 -0.89 24.92 -30.16
C TYR C 396 -0.45 26.32 -30.53
N VAL C 397 0.85 26.51 -30.73
CA VAL C 397 1.41 27.78 -31.19
C VAL C 397 2.43 27.50 -32.29
N MET C 398 2.20 28.07 -33.47
CA MET C 398 3.06 27.84 -34.62
C MET C 398 3.33 29.14 -35.36
N MET C 399 4.42 29.17 -36.10
CA MET C 399 4.78 30.32 -36.91
C MET C 399 3.96 30.34 -38.19
N LYS C 400 3.71 31.53 -38.71
CA LYS C 400 3.01 31.62 -39.99
C LYS C 400 4.00 31.68 -41.13
N LYS C 401 3.50 32.00 -42.33
CA LYS C 401 4.29 31.86 -43.55
C LYS C 401 5.32 32.97 -43.67
N ASN C 402 4.92 34.22 -43.40
CA ASN C 402 5.84 35.35 -43.40
C ASN C 402 5.69 36.08 -42.06
N HIS C 403 6.44 35.62 -41.06
CA HIS C 403 6.38 36.23 -39.74
C HIS C 403 7.31 37.44 -39.65
N GLU C 404 8.28 37.52 -40.56
CA GLU C 404 9.08 38.74 -40.64
C GLU C 404 8.27 39.88 -41.25
N MET C 405 7.34 39.54 -42.14
CA MET C 405 6.55 40.57 -42.82
C MET C 405 5.47 41.13 -41.91
N LEU C 406 5.13 40.41 -40.84
CA LEU C 406 4.12 40.88 -39.91
C LEU C 406 4.77 41.21 -38.56
N GLU C 407 3.96 41.73 -37.64
CA GLU C 407 4.43 42.03 -36.29
C GLU C 407 3.37 41.66 -35.26
N GLY C 408 3.83 41.41 -34.04
CA GLY C 408 2.92 41.29 -32.91
C GLY C 408 2.22 39.95 -32.87
N ASN C 409 0.88 40.01 -32.88
CA ASN C 409 0.09 38.79 -32.78
C ASN C 409 0.12 37.99 -34.07
N GLU C 410 0.35 38.66 -35.20
CA GLU C 410 0.21 38.01 -36.49
C GLU C 410 1.45 37.19 -36.83
N ARG C 411 2.45 37.19 -35.95
CA ARG C 411 3.62 36.36 -36.16
C ARG C 411 3.35 34.92 -35.73
N TYR C 412 2.24 34.69 -35.02
CA TYR C 412 1.95 33.38 -34.45
C TYR C 412 0.55 32.91 -34.85
N GLU C 413 0.39 31.60 -34.98
CA GLU C 413 -0.91 30.99 -35.18
C GLU C 413 -0.95 29.66 -34.45
N GLY C 414 -2.15 29.11 -34.33
CA GLY C 414 -2.30 27.81 -33.71
C GLY C 414 -3.60 27.74 -32.94
N TYR C 415 -3.69 26.68 -32.12
CA TYR C 415 -4.90 26.42 -31.36
C TYR C 415 -5.13 27.48 -30.29
N CYS C 416 -4.11 27.73 -29.45
CA CYS C 416 -4.28 28.65 -28.34
C CYS C 416 -4.37 30.09 -28.84
N VAL C 417 -3.84 30.35 -30.02
CA VAL C 417 -3.82 31.71 -30.55
C VAL C 417 -5.23 32.18 -30.89
N ASP C 418 -5.99 31.34 -31.58
CA ASP C 418 -7.39 31.68 -31.82
C ASP C 418 -8.23 31.48 -30.58
N LEU C 419 -7.76 30.66 -29.63
CA LEU C 419 -8.39 30.60 -28.32
C LEU C 419 -8.14 31.88 -27.54
N ALA C 420 -6.97 32.47 -27.71
CA ALA C 420 -6.65 33.72 -27.02
C ALA C 420 -7.56 34.85 -27.49
N ALA C 421 -7.90 34.86 -28.78
CA ALA C 421 -8.83 35.86 -29.28
C ALA C 421 -10.23 35.63 -28.76
N GLU C 422 -10.62 34.37 -28.58
CA GLU C 422 -11.97 34.08 -28.11
C GLU C 422 -12.10 34.33 -26.62
N ILE C 423 -10.98 34.42 -25.91
CA ILE C 423 -11.03 34.96 -24.56
C ILE C 423 -11.19 36.48 -24.62
N ALA C 424 -10.50 37.10 -25.59
CA ALA C 424 -10.47 38.57 -25.66
C ALA C 424 -11.81 39.13 -26.11
N LYS C 425 -12.52 38.40 -26.98
CA LYS C 425 -13.83 38.87 -27.41
C LYS C 425 -14.86 38.66 -26.32
N HIS C 426 -14.56 37.80 -25.34
CA HIS C 426 -15.50 37.58 -24.24
C HIS C 426 -15.23 38.51 -23.07
N CYS C 427 -13.96 38.67 -22.70
CA CYS C 427 -13.62 39.46 -21.52
C CYS C 427 -13.29 40.91 -21.83
N GLY C 428 -12.83 41.19 -23.05
CA GLY C 428 -12.58 42.57 -23.43
C GLY C 428 -11.25 43.15 -22.98
N PHE C 429 -10.15 42.59 -23.47
CA PHE C 429 -8.83 43.10 -23.11
C PHE C 429 -7.87 42.88 -24.27
N LYS C 430 -6.93 43.79 -24.42
CA LYS C 430 -5.89 43.66 -25.43
C LYS C 430 -4.88 42.60 -25.00
N TYR C 431 -4.17 42.04 -25.96
CA TYR C 431 -3.16 41.04 -25.65
C TYR C 431 -2.01 41.08 -26.65
N LYS C 432 -0.87 40.55 -26.23
CA LYS C 432 0.33 40.45 -27.06
C LYS C 432 1.04 39.16 -26.72
N LEU C 433 1.21 38.30 -27.72
CA LEU C 433 1.74 36.96 -27.49
C LEU C 433 3.25 37.01 -27.33
N THR C 434 3.73 36.49 -26.20
CA THR C 434 5.15 36.34 -25.94
C THR C 434 5.46 34.86 -25.77
N ILE C 435 6.60 34.43 -26.26
CA ILE C 435 7.02 33.04 -26.07
C ILE C 435 7.96 32.98 -24.88
N VAL C 436 7.74 32.01 -23.99
CA VAL C 436 8.65 31.77 -22.88
C VAL C 436 10.01 31.37 -23.43
N GLY C 437 11.08 31.85 -22.79
CA GLY C 437 12.39 31.82 -23.42
C GLY C 437 13.04 30.44 -23.40
N ASP C 438 12.97 29.77 -22.25
CA ASP C 438 13.72 28.53 -22.08
C ASP C 438 13.07 27.35 -22.78
N GLY C 439 11.80 27.49 -23.17
CA GLY C 439 11.12 26.43 -23.88
C GLY C 439 10.68 25.27 -23.03
N LYS C 440 10.41 25.51 -21.75
CA LYS C 440 9.96 24.47 -20.84
C LYS C 440 8.62 24.87 -20.24
N TYR C 441 7.78 23.87 -19.94
CA TYR C 441 6.60 24.16 -19.14
C TYR C 441 6.99 24.47 -17.71
N GLY C 442 8.08 23.89 -17.24
CA GLY C 442 8.64 24.34 -15.98
C GLY C 442 8.06 23.64 -14.78
N ALA C 443 8.96 23.25 -13.88
CA ALA C 443 8.58 22.65 -12.62
C ALA C 443 9.52 23.17 -11.55
N ARG C 444 9.13 22.99 -10.29
CA ARG C 444 9.90 23.50 -9.17
C ARG C 444 11.22 22.74 -9.05
N ASP C 445 12.31 23.48 -8.98
CA ASP C 445 13.60 22.87 -8.70
C ASP C 445 13.60 22.30 -7.29
N ALA C 446 14.36 21.21 -7.11
CA ALA C 446 14.33 20.48 -5.85
C ALA C 446 15.00 21.26 -4.73
N ASP C 447 16.13 21.90 -5.04
CA ASP C 447 16.95 22.54 -4.02
C ASP C 447 16.68 24.03 -3.90
N THR C 448 16.76 24.77 -5.02
CA THR C 448 16.65 26.22 -4.96
C THR C 448 15.22 26.68 -4.80
N LYS C 449 14.25 25.78 -5.03
CA LYS C 449 12.81 26.04 -4.95
C LYS C 449 12.37 27.17 -5.89
N ILE C 450 13.03 27.28 -7.03
CA ILE C 450 12.73 28.29 -8.03
C ILE C 450 11.78 27.66 -9.05
N TRP C 451 10.95 28.46 -9.67
CA TRP C 451 10.20 27.99 -10.83
C TRP C 451 10.87 28.50 -12.10
N ASN C 452 11.04 27.61 -13.06
CA ASN C 452 11.45 28.00 -14.39
C ASN C 452 10.27 27.89 -15.33
N GLY C 453 10.50 28.24 -16.58
CA GLY C 453 9.50 28.04 -17.61
C GLY C 453 8.31 28.96 -17.48
N MET C 454 7.17 28.45 -17.94
CA MET C 454 6.01 29.31 -18.12
C MET C 454 5.29 29.56 -16.80
N VAL C 455 5.30 28.58 -15.89
CA VAL C 455 4.80 28.85 -14.55
C VAL C 455 5.76 29.79 -13.82
N GLY C 456 7.03 29.81 -14.26
CA GLY C 456 7.96 30.79 -13.75
C GLY C 456 7.68 32.20 -14.23
N GLU C 457 6.82 32.34 -15.24
CA GLU C 457 6.41 33.66 -15.66
C GLU C 457 5.10 34.08 -15.00
N LEU C 458 4.27 33.12 -14.60
CA LEU C 458 3.02 33.49 -13.97
C LEU C 458 3.20 33.78 -12.49
N VAL C 459 4.03 32.99 -11.80
CA VAL C 459 4.27 33.25 -10.38
C VAL C 459 5.10 34.51 -10.22
N TYR C 460 6.16 34.64 -11.00
CA TYR C 460 7.09 35.75 -10.81
C TYR C 460 6.65 37.00 -11.55
N GLY C 461 5.54 36.95 -12.27
CA GLY C 461 4.86 38.13 -12.76
C GLY C 461 5.40 38.72 -14.05
N LYS C 462 6.16 37.98 -14.84
CA LYS C 462 6.60 38.52 -16.12
C LYS C 462 5.53 38.43 -17.20
N ALA C 463 4.38 37.84 -16.90
CA ALA C 463 3.23 37.80 -17.81
C ALA C 463 1.97 37.62 -16.99
N ASP C 464 0.81 37.83 -17.61
CA ASP C 464 -0.40 37.95 -16.83
C ASP C 464 -1.30 36.75 -16.96
N ILE C 465 -1.12 35.95 -18.02
CA ILE C 465 -1.95 34.78 -18.28
C ILE C 465 -1.22 33.88 -19.27
N ALA C 466 -1.46 32.57 -19.16
CA ALA C 466 -0.78 31.58 -20.01
C ALA C 466 -1.82 30.62 -20.59
N ILE C 467 -2.18 30.88 -21.85
CA ILE C 467 -3.05 29.98 -22.60
C ILE C 467 -2.15 29.04 -23.38
N ALA C 468 -1.98 27.82 -22.88
CA ALA C 468 -0.94 26.92 -23.35
C ALA C 468 -1.23 25.53 -22.81
N PRO C 469 -0.55 24.47 -23.34
CA PRO C 469 -0.78 23.14 -22.75
C PRO C 469 -0.20 22.94 -21.35
N LEU C 470 -0.82 23.56 -20.37
CA LEU C 470 -0.33 23.50 -19.01
C LEU C 470 -1.14 22.45 -18.26
N THR C 471 -0.50 21.35 -17.93
CA THR C 471 -1.18 20.19 -17.37
C THR C 471 -1.56 20.46 -15.92
N ILE C 472 -2.82 20.24 -15.57
CA ILE C 472 -3.26 20.45 -14.20
C ILE C 472 -2.66 19.39 -13.29
N THR C 473 -1.85 19.85 -12.32
CA THR C 473 -1.22 18.97 -11.34
C THR C 473 -1.51 19.51 -9.95
N LEU C 474 -0.82 18.96 -8.96
CA LEU C 474 -0.94 19.49 -7.60
C LEU C 474 0.10 20.55 -7.32
N VAL C 475 1.33 20.35 -7.82
CA VAL C 475 2.41 21.28 -7.52
C VAL C 475 2.23 22.58 -8.31
N ARG C 476 1.38 22.57 -9.33
CA ARG C 476 1.12 23.79 -10.08
C ARG C 476 -0.18 24.44 -9.62
N GLU C 477 -1.02 23.71 -8.90
CA GLU C 477 -2.23 24.33 -8.40
C GLU C 477 -1.95 25.26 -7.23
N GLU C 478 -0.94 24.94 -6.42
CA GLU C 478 -0.73 25.69 -5.19
C GLU C 478 -0.02 27.01 -5.43
N VAL C 479 0.48 27.26 -6.64
CA VAL C 479 1.21 28.49 -6.92
C VAL C 479 0.45 29.39 -7.90
N ILE C 480 -0.26 28.83 -8.86
CA ILE C 480 -1.10 29.60 -9.77
C ILE C 480 -2.47 28.94 -9.85
N ASP C 481 -3.48 29.72 -10.16
CA ASP C 481 -4.82 29.17 -10.24
C ASP C 481 -5.18 28.86 -11.67
N PHE C 482 -5.77 27.68 -11.87
CA PHE C 482 -6.16 27.21 -13.18
C PHE C 482 -7.64 27.48 -13.38
N SER C 483 -8.03 27.64 -14.63
CA SER C 483 -9.43 27.62 -15.02
C SER C 483 -9.94 26.19 -15.04
N LYS C 484 -11.16 26.03 -15.52
CA LYS C 484 -11.65 24.69 -15.81
C LYS C 484 -10.91 24.17 -17.05
N PRO C 485 -10.81 22.86 -17.23
CA PRO C 485 -10.07 22.33 -18.38
C PRO C 485 -10.77 22.64 -19.70
N PHE C 486 -10.03 23.27 -20.61
CA PHE C 486 -10.62 23.59 -21.90
C PHE C 486 -10.50 22.43 -22.87
N MET C 487 -9.69 21.44 -22.53
CA MET C 487 -9.75 20.14 -23.17
C MET C 487 -9.33 19.08 -22.17
N SER C 488 -9.80 17.87 -22.39
CA SER C 488 -9.48 16.74 -21.53
C SER C 488 -8.64 15.75 -22.32
N LEU C 489 -7.65 15.17 -21.67
CA LEU C 489 -6.72 14.27 -22.35
C LEU C 489 -6.12 13.29 -21.36
N GLY C 490 -5.40 12.32 -21.90
CA GLY C 490 -4.77 11.31 -21.08
C GLY C 490 -3.67 10.61 -21.84
N ILE C 491 -3.08 9.61 -21.19
CA ILE C 491 -2.08 8.79 -21.86
C ILE C 491 -2.78 7.86 -22.84
N SER C 492 -2.25 7.76 -24.05
CA SER C 492 -2.83 6.88 -25.05
C SER C 492 -1.72 6.13 -25.77
N ILE C 493 -2.08 4.97 -26.33
CA ILE C 493 -1.12 4.10 -26.98
C ILE C 493 -0.84 4.61 -28.38
N MET C 494 0.41 4.51 -28.82
CA MET C 494 0.79 4.90 -30.17
C MET C 494 1.50 3.73 -30.84
N ILE C 495 0.86 3.15 -31.86
CA ILE C 495 1.45 2.07 -32.63
C ILE C 495 1.41 2.42 -34.11
N LYS C 496 2.14 1.65 -34.91
CA LYS C 496 2.13 1.83 -36.35
C LYS C 496 0.80 1.35 -36.92
N LYS C 497 0.28 2.14 -37.87
CA LYS C 497 -0.89 1.76 -38.65
C LYS C 497 -0.64 0.43 -39.37
N PRO C 498 -1.54 -0.54 -39.25
CA PRO C 498 -1.40 -1.77 -40.04
C PRO C 498 -1.55 -1.49 -41.52
N GLN C 499 -0.54 -1.87 -42.29
CA GLN C 499 -0.56 -1.64 -43.72
C GLN C 499 -1.49 -2.61 -44.43
N LYS C 500 -1.45 -2.57 -45.75
CA LYS C 500 -2.17 -3.57 -46.53
C LYS C 500 -1.55 -4.94 -46.30
N SER C 501 -2.40 -5.92 -46.03
CA SER C 501 -1.95 -7.30 -45.94
C SER C 501 -1.77 -7.81 -47.36
N LYS C 502 -0.59 -7.57 -47.93
CA LYS C 502 -0.30 -7.91 -49.31
C LYS C 502 0.10 -9.36 -49.39
N PRO C 503 -0.69 -10.24 -50.00
CA PRO C 503 -0.39 -11.67 -49.92
C PRO C 503 0.70 -12.08 -50.89
N GLY C 504 0.72 -11.49 -52.06
CA GLY C 504 1.52 -11.96 -53.18
C GLY C 504 0.66 -12.71 -54.18
N VAL C 505 1.20 -12.85 -55.39
CA VAL C 505 0.45 -13.52 -56.44
C VAL C 505 0.53 -15.03 -56.26
N PHE C 506 1.52 -15.50 -55.52
CA PHE C 506 1.63 -16.93 -55.27
C PHE C 506 1.40 -17.27 -53.82
N SER C 507 0.39 -16.68 -53.19
CA SER C 507 0.14 -16.96 -51.79
C SER C 507 -0.57 -18.29 -51.58
N PHE C 508 -1.08 -18.93 -52.64
CA PHE C 508 -1.76 -20.19 -52.44
C PHE C 508 -0.78 -21.34 -52.26
N LEU C 509 0.43 -21.20 -52.76
CA LEU C 509 1.45 -22.25 -52.63
C LEU C 509 2.05 -22.29 -51.23
N ASP C 510 1.81 -21.26 -50.44
CA ASP C 510 2.41 -21.05 -49.12
C ASP C 510 2.28 -22.12 -48.02
N PRO C 511 1.21 -22.92 -47.91
CA PRO C 511 1.21 -23.91 -46.83
C PRO C 511 2.26 -24.99 -46.96
N LEU C 512 2.47 -25.50 -48.16
CA LEU C 512 3.53 -26.46 -48.39
C LEU C 512 4.80 -25.72 -48.78
N ALA C 513 5.92 -26.13 -48.21
CA ALA C 513 7.18 -25.47 -48.51
C ALA C 513 7.63 -25.78 -49.93
N TYR C 514 8.51 -24.94 -50.44
CA TYR C 514 8.91 -25.04 -51.84
C TYR C 514 9.81 -26.25 -52.10
N GLU C 515 10.32 -26.88 -51.05
CA GLU C 515 11.04 -28.14 -51.24
C GLU C 515 10.07 -29.32 -51.28
N ILE C 516 8.79 -29.06 -51.02
CA ILE C 516 7.78 -30.08 -51.25
C ILE C 516 7.19 -29.94 -52.64
N TRP C 517 6.87 -28.70 -53.06
CA TRP C 517 6.22 -28.47 -54.35
C TRP C 517 7.09 -28.90 -55.51
N MET C 518 8.41 -28.74 -55.39
CA MET C 518 9.29 -29.24 -56.42
C MET C 518 9.33 -30.76 -56.40
N CYS C 519 9.35 -31.35 -55.21
CA CYS C 519 9.50 -32.80 -55.12
C CYS C 519 8.20 -33.51 -55.47
N ILE C 520 7.07 -32.81 -55.41
CA ILE C 520 5.83 -33.37 -55.96
C ILE C 520 5.95 -33.52 -57.47
N VAL C 521 6.54 -32.51 -58.12
CA VAL C 521 6.68 -32.53 -59.57
C VAL C 521 7.70 -33.60 -59.99
N PHE C 522 8.80 -33.73 -59.25
CA PHE C 522 9.79 -34.72 -59.64
C PHE C 522 9.35 -36.14 -59.28
N ALA C 523 8.46 -36.29 -58.30
CA ALA C 523 7.91 -37.61 -58.05
C ALA C 523 6.69 -37.85 -58.92
N TYR C 524 6.16 -36.81 -59.54
CA TYR C 524 5.14 -37.00 -60.57
C TYR C 524 5.75 -37.65 -61.80
N ILE C 525 6.93 -37.17 -62.22
CA ILE C 525 7.58 -37.73 -63.41
C ILE C 525 8.09 -39.13 -63.09
N GLY C 526 8.37 -39.41 -61.81
CA GLY C 526 8.86 -40.72 -61.44
C GLY C 526 7.80 -41.80 -61.58
N VAL C 527 6.61 -41.54 -61.05
CA VAL C 527 5.55 -42.53 -61.11
C VAL C 527 4.98 -42.62 -62.51
N SER C 528 5.04 -41.52 -63.26
CA SER C 528 4.60 -41.55 -64.65
C SER C 528 5.53 -42.41 -65.51
N VAL C 529 6.82 -42.42 -65.18
CA VAL C 529 7.75 -43.27 -65.92
C VAL C 529 7.59 -44.73 -65.52
N VAL C 530 7.51 -45.01 -64.21
CA VAL C 530 7.47 -46.39 -63.74
C VAL C 530 6.17 -47.08 -64.16
N LEU C 531 5.08 -46.33 -64.24
CA LEU C 531 3.86 -46.90 -64.80
C LEU C 531 4.00 -47.13 -66.30
N PHE C 532 4.75 -46.24 -66.99
CA PHE C 532 5.03 -46.47 -68.41
C PHE C 532 6.01 -47.60 -68.60
N LEU C 533 6.95 -47.76 -67.65
CA LEU C 533 7.97 -48.79 -67.79
C LEU C 533 7.37 -50.18 -67.60
N VAL C 534 6.40 -50.31 -66.70
CA VAL C 534 5.81 -51.62 -66.44
C VAL C 534 4.90 -52.05 -67.58
N SER C 535 4.11 -51.12 -68.13
CA SER C 535 3.05 -51.49 -69.07
C SER C 535 3.56 -51.86 -70.45
N ARG C 536 4.87 -51.80 -70.70
CA ARG C 536 5.46 -52.25 -71.94
C ARG C 536 6.00 -53.67 -71.86
N PHE C 537 6.01 -54.26 -70.67
CA PHE C 537 6.44 -55.64 -70.46
C PHE C 537 5.21 -56.55 -70.51
N SER C 538 5.24 -57.76 -69.93
CA SER C 538 4.10 -58.68 -69.91
C SER C 538 2.75 -58.10 -69.48
N PRO C 539 2.64 -57.03 -68.69
CA PRO C 539 1.40 -56.23 -68.71
C PRO C 539 1.03 -55.77 -70.12
N TYR C 540 -0.07 -56.32 -70.63
CA TYR C 540 -0.51 -56.01 -71.98
C TYR C 540 -1.69 -55.04 -71.96
N SER C 558 -4.03 -58.60 -76.86
CA SER C 558 -4.32 -57.36 -76.16
C SER C 558 -3.51 -56.20 -76.72
N THR C 559 -3.66 -55.03 -76.10
CA THR C 559 -3.01 -53.82 -76.60
C THR C 559 -2.45 -53.01 -75.43
N ASN C 560 -1.19 -52.59 -75.54
CA ASN C 560 -0.58 -51.70 -74.56
C ASN C 560 -1.10 -50.30 -74.81
N GLU C 561 -1.88 -49.77 -73.87
CA GLU C 561 -2.48 -48.45 -74.03
C GLU C 561 -1.74 -47.39 -73.21
N PHE C 562 -1.12 -47.78 -72.11
CA PHE C 562 -0.44 -46.85 -71.21
C PHE C 562 0.88 -46.36 -71.79
N GLY C 563 0.80 -45.54 -72.83
CA GLY C 563 1.97 -44.87 -73.36
C GLY C 563 2.39 -43.72 -72.46
N ILE C 564 3.50 -43.07 -72.79
CA ILE C 564 4.02 -42.01 -71.93
C ILE C 564 3.14 -40.77 -72.01
N PHE C 565 2.37 -40.64 -73.09
CA PHE C 565 1.40 -39.56 -73.15
C PHE C 565 0.13 -39.94 -72.38
N ASN C 566 -0.04 -41.22 -72.08
CA ASN C 566 -1.17 -41.64 -71.26
C ASN C 566 -0.76 -41.81 -69.80
N SER C 567 0.49 -42.19 -69.56
CA SER C 567 0.92 -42.45 -68.18
C SER C 567 1.06 -41.16 -67.40
N LEU C 568 1.36 -40.05 -68.08
CA LEU C 568 1.27 -38.76 -67.40
C LEU C 568 -0.18 -38.38 -67.13
N TRP C 569 -1.10 -38.82 -67.99
CA TRP C 569 -2.47 -38.35 -67.86
C TRP C 569 -3.25 -39.18 -66.86
N PHE C 570 -2.80 -40.40 -66.58
CA PHE C 570 -3.40 -41.14 -65.49
C PHE C 570 -2.92 -40.61 -64.14
N SER C 571 -1.64 -40.25 -64.06
CA SER C 571 -1.09 -39.81 -62.79
C SER C 571 -1.58 -38.42 -62.42
N LEU C 572 -1.77 -37.56 -63.41
CA LEU C 572 -2.33 -36.25 -63.14
C LEU C 572 -3.80 -36.37 -62.77
N GLY C 573 -4.48 -37.37 -63.32
CA GLY C 573 -5.85 -37.64 -62.90
C GLY C 573 -5.93 -38.25 -61.53
N ALA C 574 -4.90 -39.01 -61.15
CA ALA C 574 -4.88 -39.55 -59.79
C ALA C 574 -4.50 -38.49 -58.78
N PHE C 575 -3.66 -37.53 -59.18
CA PHE C 575 -3.16 -36.56 -58.21
C PHE C 575 -4.19 -35.47 -57.92
N MET C 576 -5.01 -35.11 -58.91
CA MET C 576 -6.05 -34.12 -58.67
C MET C 576 -7.34 -34.75 -58.19
N GLN C 577 -7.33 -36.04 -57.89
CA GLN C 577 -8.47 -36.83 -57.44
C GLN C 577 -9.66 -36.79 -58.38
N GLN C 578 -9.43 -36.60 -59.68
CA GLN C 578 -10.51 -36.64 -60.64
C GLN C 578 -10.64 -38.01 -61.27
N GLY C 579 -9.51 -38.70 -61.45
CA GLY C 579 -9.50 -40.00 -62.08
C GLY C 579 -9.70 -39.91 -63.58
N CYS C 580 -9.46 -41.04 -64.24
CA CYS C 580 -9.72 -41.13 -65.67
C CYS C 580 -10.39 -42.46 -65.96
N ASP C 581 -10.84 -42.61 -67.21
CA ASP C 581 -11.49 -43.85 -67.62
C ASP C 581 -10.49 -45.00 -67.67
N ILE C 582 -9.22 -44.69 -67.95
CA ILE C 582 -8.23 -45.74 -68.03
C ILE C 582 -7.84 -46.19 -66.63
N SER C 583 -7.52 -47.47 -66.49
CA SER C 583 -7.11 -48.03 -65.21
C SER C 583 -6.12 -49.15 -65.44
N PRO C 584 -5.12 -49.29 -64.56
CA PRO C 584 -4.15 -50.38 -64.73
C PRO C 584 -4.79 -51.74 -64.48
N ARG C 585 -4.40 -52.72 -65.29
CA ARG C 585 -5.00 -54.03 -65.24
C ARG C 585 -4.07 -55.12 -64.75
N SER C 586 -2.77 -54.92 -64.82
CA SER C 586 -1.82 -55.88 -64.27
C SER C 586 -1.45 -55.49 -62.85
N LEU C 587 -0.98 -56.48 -62.08
CA LEU C 587 -0.73 -56.28 -60.66
C LEU C 587 0.38 -55.27 -60.43
N SER C 588 1.43 -55.31 -61.26
CA SER C 588 2.52 -54.35 -61.09
C SER C 588 2.12 -52.96 -61.54
N GLY C 589 1.08 -52.86 -62.37
CA GLY C 589 0.51 -51.57 -62.66
C GLY C 589 -0.46 -51.10 -61.59
N ARG C 590 -1.12 -52.05 -60.91
CA ARG C 590 -2.08 -51.67 -59.89
C ARG C 590 -1.38 -51.23 -58.61
N ILE C 591 -0.14 -51.66 -58.41
CA ILE C 591 0.61 -51.19 -57.24
C ILE C 591 1.11 -49.78 -57.45
N VAL C 592 1.71 -49.51 -58.62
CA VAL C 592 2.18 -48.16 -58.92
C VAL C 592 1.01 -47.20 -59.09
N GLY C 593 -0.15 -47.72 -59.50
CA GLY C 593 -1.36 -46.92 -59.46
C GLY C 593 -1.99 -46.92 -58.08
N GLY C 594 -1.54 -47.82 -57.21
CA GLY C 594 -2.11 -47.88 -55.87
C GLY C 594 -1.34 -47.04 -54.87
N VAL C 595 -0.02 -47.05 -54.96
CA VAL C 595 0.80 -46.31 -54.01
C VAL C 595 0.70 -44.82 -54.27
N TRP C 596 0.63 -44.42 -55.54
CA TRP C 596 0.51 -43.02 -55.89
C TRP C 596 -0.81 -42.43 -55.42
N TRP C 597 -1.82 -43.29 -55.28
CA TRP C 597 -3.07 -42.86 -54.65
C TRP C 597 -2.86 -42.52 -53.18
N PHE C 598 -2.08 -43.32 -52.47
CA PHE C 598 -1.84 -43.04 -51.05
C PHE C 598 -0.92 -41.85 -50.88
N PHE C 599 -0.15 -41.52 -51.91
CA PHE C 599 0.62 -40.29 -51.86
C PHE C 599 -0.28 -39.08 -52.02
N THR C 600 -1.27 -39.14 -52.91
CA THR C 600 -2.06 -37.94 -53.16
C THR C 600 -3.13 -37.77 -52.10
N LEU C 601 -3.34 -38.80 -51.27
CA LEU C 601 -4.31 -38.67 -50.20
C LEU C 601 -3.72 -37.91 -49.03
N ILE C 602 -2.42 -38.12 -48.78
CA ILE C 602 -1.80 -37.46 -47.63
C ILE C 602 -1.44 -36.02 -47.98
N ILE C 603 -0.93 -35.79 -49.19
CA ILE C 603 -0.45 -34.46 -49.55
C ILE C 603 -1.61 -33.48 -49.68
N ILE C 604 -2.72 -33.91 -50.27
CA ILE C 604 -3.88 -33.02 -50.37
C ILE C 604 -4.48 -32.76 -49.00
N SER C 605 -4.56 -33.79 -48.16
CA SER C 605 -5.09 -33.58 -46.81
C SER C 605 -4.11 -32.81 -45.94
N SER C 606 -2.82 -32.86 -46.25
CA SER C 606 -1.89 -32.00 -45.55
C SER C 606 -1.98 -30.58 -46.06
N TYR C 607 -2.39 -30.40 -47.31
CA TYR C 607 -2.53 -29.06 -47.85
C TYR C 607 -3.74 -28.35 -47.27
N THR C 608 -4.86 -29.05 -47.17
CA THR C 608 -6.08 -28.44 -46.67
C THR C 608 -5.96 -28.10 -45.19
N ALA C 609 -5.32 -28.97 -44.44
CA ALA C 609 -5.20 -28.74 -43.00
C ALA C 609 -4.24 -27.60 -42.70
N ASN C 610 -3.15 -27.50 -43.45
CA ASN C 610 -2.22 -26.41 -43.19
C ASN C 610 -2.78 -25.08 -43.67
N LEU C 611 -3.65 -25.10 -44.68
CA LEU C 611 -4.31 -23.86 -45.07
C LEU C 611 -5.41 -23.51 -44.08
N ALA C 612 -5.93 -24.51 -43.36
CA ALA C 612 -6.79 -24.23 -42.22
C ALA C 612 -5.98 -23.86 -40.99
N ALA C 613 -4.65 -24.01 -41.07
CA ALA C 613 -3.82 -23.59 -39.96
C ALA C 613 -3.38 -22.15 -40.12
N PHE C 614 -3.20 -21.69 -41.36
CA PHE C 614 -2.90 -20.27 -41.55
C PHE C 614 -4.13 -19.43 -41.25
N LEU C 615 -5.30 -19.88 -41.68
CA LEU C 615 -6.46 -19.00 -41.61
C LEU C 615 -7.11 -19.04 -40.24
N THR C 616 -6.69 -19.96 -39.38
CA THR C 616 -7.17 -19.91 -38.01
C THR C 616 -6.25 -19.03 -37.15
N VAL C 617 -4.94 -19.10 -37.38
CA VAL C 617 -4.03 -18.25 -36.62
C VAL C 617 -4.15 -16.80 -37.07
N GLU C 618 -4.41 -16.57 -38.36
CA GLU C 618 -4.67 -15.20 -38.81
C GLU C 618 -6.01 -14.69 -38.28
N ARG C 619 -6.94 -15.60 -37.99
CA ARG C 619 -8.20 -15.22 -37.40
C ARG C 619 -8.04 -14.90 -35.91
N MET C 620 -6.89 -15.24 -35.34
CA MET C 620 -6.70 -15.07 -33.90
C MET C 620 -5.63 -14.03 -33.58
N VAL C 621 -5.29 -13.16 -34.53
CA VAL C 621 -4.18 -12.22 -34.30
C VAL C 621 -4.55 -11.17 -33.26
N SER C 622 -5.79 -10.62 -33.32
CA SER C 622 -6.40 -9.69 -32.38
C SER C 622 -5.50 -8.50 -32.08
N PRO C 623 -5.35 -7.53 -33.02
CA PRO C 623 -4.43 -6.41 -32.79
C PRO C 623 -4.85 -5.55 -31.61
N ILE C 624 -3.92 -4.74 -31.10
CA ILE C 624 -3.97 -4.15 -29.77
C ILE C 624 -5.17 -3.24 -29.60
N GLU C 625 -6.06 -3.61 -28.67
CA GLU C 625 -7.27 -2.83 -28.46
C GLU C 625 -7.12 -1.86 -27.31
N SER C 626 -6.37 -2.23 -26.28
CA SER C 626 -6.15 -1.35 -25.13
C SER C 626 -4.84 -1.74 -24.47
N ALA C 627 -4.53 -1.04 -23.38
CA ALA C 627 -3.28 -1.31 -22.66
C ALA C 627 -3.37 -2.60 -21.87
N GLU C 628 -4.58 -3.11 -21.66
CA GLU C 628 -4.74 -4.44 -21.09
C GLU C 628 -4.16 -5.51 -22.01
N ASP C 629 -4.25 -5.29 -23.33
CA ASP C 629 -3.67 -6.25 -24.27
C ASP C 629 -2.20 -5.94 -24.55
N LEU C 630 -1.71 -4.79 -24.08
CA LEU C 630 -0.26 -4.60 -24.05
C LEU C 630 0.35 -5.29 -22.85
N SER C 631 -0.46 -5.60 -21.84
CA SER C 631 0.07 -6.28 -20.67
C SER C 631 0.34 -7.74 -20.96
N LYS C 632 -0.60 -8.42 -21.63
CA LYS C 632 -0.54 -9.86 -21.84
C LYS C 632 0.13 -10.25 -23.15
N GLN C 633 0.83 -9.32 -23.79
CA GLN C 633 1.47 -9.63 -25.08
C GLN C 633 2.76 -8.83 -25.15
N THR C 634 3.87 -9.45 -24.75
CA THR C 634 5.12 -8.74 -24.55
C THR C 634 6.11 -8.94 -25.69
N GLU C 635 5.63 -9.32 -26.86
CA GLU C 635 6.51 -9.34 -28.03
C GLU C 635 6.53 -7.97 -28.70
N ILE C 636 5.55 -7.12 -28.39
CA ILE C 636 5.57 -5.72 -28.78
C ILE C 636 6.15 -4.90 -27.64
N ALA C 637 7.17 -4.10 -27.94
CA ALA C 637 7.89 -3.33 -26.93
C ALA C 637 7.31 -1.93 -26.81
N TYR C 638 6.76 -1.61 -25.65
CA TYR C 638 6.21 -0.28 -25.41
C TYR C 638 7.09 0.51 -24.47
N GLY C 639 7.20 1.81 -24.73
CA GLY C 639 8.07 2.67 -23.94
C GLY C 639 7.53 4.08 -23.82
N THR C 640 8.19 4.86 -22.97
CA THR C 640 7.89 6.25 -22.73
C THR C 640 9.15 7.08 -22.92
N LEU C 641 9.08 8.33 -22.50
CA LEU C 641 10.23 9.22 -22.59
C LEU C 641 11.06 9.10 -21.31
N ASP C 642 12.29 9.65 -21.35
CA ASP C 642 13.25 9.50 -20.25
C ASP C 642 12.77 10.17 -18.98
N SER C 643 12.00 11.25 -19.10
CA SER C 643 11.41 11.92 -17.95
C SER C 643 10.07 12.49 -18.35
N GLY C 644 9.34 13.01 -17.37
CA GLY C 644 8.05 13.60 -17.64
C GLY C 644 6.99 12.95 -16.78
N SER C 645 5.76 13.44 -16.96
CA SER C 645 4.65 12.97 -16.14
C SER C 645 4.17 11.59 -16.60
N THR C 646 4.55 11.18 -17.80
CA THR C 646 4.11 9.90 -18.34
C THR C 646 4.86 8.75 -17.68
N LYS C 647 6.17 8.93 -17.48
CA LYS C 647 6.95 7.94 -16.75
C LYS C 647 6.54 7.90 -15.29
N GLU C 648 6.22 9.06 -14.72
CA GLU C 648 5.93 9.15 -13.29
C GLU C 648 4.54 8.62 -12.98
N PHE C 649 3.72 8.40 -14.01
CA PHE C 649 2.38 7.88 -13.77
C PHE C 649 2.40 6.39 -13.45
N PHE C 650 3.21 5.62 -14.17
CA PHE C 650 3.21 4.17 -13.97
C PHE C 650 3.96 3.77 -12.73
N ARG C 651 4.93 4.59 -12.32
CA ARG C 651 5.77 4.23 -11.17
C ARG C 651 4.99 4.28 -9.86
N ARG C 652 4.12 5.27 -9.71
CA ARG C 652 3.30 5.38 -8.50
C ARG C 652 1.94 4.72 -8.66
N SER C 653 1.71 3.99 -9.75
CA SER C 653 0.38 3.44 -10.00
C SER C 653 0.13 2.20 -9.17
N LYS C 654 -1.09 2.09 -8.66
CA LYS C 654 -1.52 0.92 -7.91
C LYS C 654 -2.65 0.17 -8.60
N ILE C 655 -2.74 0.24 -9.93
CA ILE C 655 -3.76 -0.46 -10.69
C ILE C 655 -3.15 -1.77 -11.18
N ALA C 656 -3.98 -2.82 -11.27
CA ALA C 656 -3.50 -4.15 -11.61
C ALA C 656 -2.97 -4.22 -13.04
N VAL C 657 -3.46 -3.35 -13.91
CA VAL C 657 -2.94 -3.33 -15.28
C VAL C 657 -1.65 -2.51 -15.33
N PHE C 658 -1.65 -1.33 -14.72
CA PHE C 658 -0.60 -0.37 -14.97
C PHE C 658 0.66 -0.68 -14.17
N ASP C 659 0.51 -1.31 -13.00
CA ASP C 659 1.69 -1.63 -12.21
C ASP C 659 2.48 -2.76 -12.86
N LYS C 660 1.77 -3.69 -13.49
CA LYS C 660 2.44 -4.73 -14.25
C LYS C 660 3.08 -4.17 -15.51
N MET C 661 2.51 -3.07 -16.04
CA MET C 661 3.10 -2.44 -17.21
C MET C 661 4.30 -1.57 -16.84
N TRP C 662 4.49 -1.31 -15.54
CA TRP C 662 5.70 -0.61 -15.13
C TRP C 662 6.82 -1.60 -14.82
N THR C 663 6.46 -2.80 -14.36
CA THR C 663 7.46 -3.83 -14.13
C THR C 663 8.11 -4.26 -15.44
N TYR C 664 7.35 -4.28 -16.53
CA TYR C 664 7.92 -4.63 -17.82
C TYR C 664 8.82 -3.51 -18.35
N MET C 665 8.50 -2.26 -18.01
CA MET C 665 9.38 -1.17 -18.35
C MET C 665 10.62 -1.17 -17.48
N ARG C 666 10.54 -1.77 -16.30
CA ARG C 666 11.58 -1.63 -15.29
C ARG C 666 12.84 -2.38 -15.66
N SER C 667 12.71 -3.57 -16.26
CA SER C 667 13.84 -4.44 -16.50
C SER C 667 13.89 -4.98 -17.94
N ALA C 668 13.76 -4.08 -18.92
CA ALA C 668 13.82 -4.46 -20.32
C ALA C 668 14.95 -3.70 -20.99
N GLU C 669 15.91 -4.44 -21.57
CA GLU C 669 17.05 -3.84 -22.24
C GLU C 669 17.15 -4.55 -23.59
N PRO C 670 17.33 -3.82 -24.72
CA PRO C 670 17.57 -2.39 -25.00
C PRO C 670 16.43 -1.48 -24.57
N SER C 671 16.78 -0.25 -24.22
CA SER C 671 15.90 0.60 -23.43
C SER C 671 14.68 1.04 -24.22
N VAL C 672 13.51 0.83 -23.61
CA VAL C 672 12.26 1.32 -24.19
C VAL C 672 12.10 2.80 -23.90
N PHE C 673 12.87 3.32 -22.94
CA PHE C 673 12.79 4.73 -22.61
C PHE C 673 13.60 5.54 -23.62
N VAL C 674 12.92 6.41 -24.36
CA VAL C 674 13.54 7.17 -25.44
C VAL C 674 13.82 8.58 -24.96
N ARG C 675 14.58 9.31 -25.77
CA ARG C 675 15.12 10.59 -25.35
C ARG C 675 14.10 11.70 -25.46
N THR C 676 13.52 11.88 -26.64
CA THR C 676 12.56 12.95 -26.91
C THR C 676 11.28 12.34 -27.44
N THR C 677 10.30 13.22 -27.68
CA THR C 677 9.13 12.83 -28.45
C THR C 677 9.51 12.64 -29.90
N ALA C 678 10.51 13.39 -30.37
CA ALA C 678 10.99 13.25 -31.74
C ALA C 678 11.69 11.90 -31.94
N GLU C 679 12.28 11.35 -30.89
CA GLU C 679 12.84 10.01 -30.99
C GLU C 679 11.80 8.96 -30.61
N GLY C 680 10.76 9.37 -29.88
CA GLY C 680 9.69 8.44 -29.57
C GLY C 680 8.84 8.12 -30.78
N VAL C 681 8.60 9.12 -31.64
CA VAL C 681 7.87 8.87 -32.87
C VAL C 681 8.77 8.17 -33.88
N ALA C 682 10.09 8.30 -33.72
CA ALA C 682 11.01 7.70 -34.68
C ALA C 682 11.07 6.19 -34.53
N ARG C 683 11.05 5.69 -33.31
CA ARG C 683 11.22 4.25 -33.10
C ARG C 683 9.93 3.51 -33.43
N VAL C 684 8.80 4.22 -33.50
CA VAL C 684 7.56 3.57 -33.93
C VAL C 684 7.62 3.23 -35.41
N ARG C 685 8.15 4.14 -36.22
CA ARG C 685 8.07 3.98 -37.67
C ARG C 685 9.09 3.00 -38.22
N LYS C 686 10.23 2.83 -37.55
CA LYS C 686 11.29 1.98 -38.06
C LYS C 686 11.54 0.74 -37.20
N SER C 687 10.56 0.29 -36.42
CA SER C 687 10.65 -1.00 -35.77
C SER C 687 9.55 -1.95 -36.19
N LYS C 688 8.92 -1.69 -37.34
CA LYS C 688 8.04 -2.64 -38.05
C LYS C 688 6.81 -3.02 -37.24
N GLY C 689 6.31 -2.07 -36.44
CA GLY C 689 5.13 -2.34 -35.65
C GLY C 689 5.37 -3.13 -34.39
N LYS C 690 6.61 -3.43 -34.05
CA LYS C 690 6.93 -4.08 -32.79
C LYS C 690 7.19 -3.09 -31.67
N TYR C 691 7.23 -1.79 -31.98
CA TYR C 691 7.47 -0.77 -30.96
C TYR C 691 6.23 0.08 -30.78
N ALA C 692 5.58 -0.08 -29.63
CA ALA C 692 4.50 0.81 -29.21
C ALA C 692 5.12 1.95 -28.44
N TYR C 693 4.34 2.99 -28.19
CA TYR C 693 4.80 4.17 -27.48
C TYR C 693 3.64 4.75 -26.70
N LEU C 694 3.91 5.24 -25.49
CA LEU C 694 2.87 5.79 -24.62
C LEU C 694 3.13 7.27 -24.43
N LEU C 695 2.12 8.09 -24.73
CA LEU C 695 2.27 9.54 -24.69
C LEU C 695 0.89 10.17 -24.53
N GLU C 696 0.87 11.50 -24.50
CA GLU C 696 -0.36 12.26 -24.30
C GLU C 696 -1.33 12.06 -25.46
N SER C 697 -2.62 12.25 -25.17
CA SER C 697 -3.65 11.96 -26.17
C SER C 697 -3.62 12.96 -27.32
N THR C 698 -3.46 14.24 -27.00
CA THR C 698 -3.56 15.25 -28.05
C THR C 698 -2.32 15.26 -28.92
N MET C 699 -1.19 14.83 -28.38
CA MET C 699 -0.02 14.67 -29.23
C MET C 699 -0.17 13.45 -30.13
N ASN C 700 -0.93 12.45 -29.67
CA ASN C 700 -1.05 11.22 -30.44
C ASN C 700 -2.03 11.40 -31.60
N GLU C 701 -3.09 12.18 -31.39
CA GLU C 701 -4.03 12.41 -32.49
C GLU C 701 -3.45 13.35 -33.52
N TYR C 702 -2.54 14.23 -33.11
CA TYR C 702 -1.96 15.16 -34.08
C TYR C 702 -0.97 14.46 -35.00
N ILE C 703 -0.15 13.58 -34.45
CA ILE C 703 0.86 12.91 -35.27
C ILE C 703 0.20 11.86 -36.16
N GLU C 704 -0.97 11.37 -35.76
CA GLU C 704 -1.79 10.55 -36.65
C GLU C 704 -2.22 11.34 -37.88
N GLN C 705 -2.46 12.64 -37.72
CA GLN C 705 -2.87 13.48 -38.83
C GLN C 705 -1.70 14.11 -39.56
N ARG C 706 -0.46 13.73 -39.26
CA ARG C 706 0.71 14.21 -39.98
C ARG C 706 1.16 13.15 -40.97
N LYS C 707 1.63 13.58 -42.12
CA LYS C 707 2.21 12.66 -43.08
C LYS C 707 3.54 12.13 -42.52
N PRO C 708 3.93 10.88 -42.85
CA PRO C 708 3.37 9.90 -43.79
C PRO C 708 2.25 9.01 -43.24
N CYS C 709 1.50 9.48 -42.24
CA CYS C 709 0.24 8.89 -41.79
C CYS C 709 0.44 7.45 -41.27
N ASP C 710 1.58 7.20 -40.64
CA ASP C 710 1.97 5.84 -40.30
C ASP C 710 1.53 5.38 -38.92
N THR C 711 1.06 6.28 -38.06
CA THR C 711 0.69 5.89 -36.70
C THR C 711 -0.79 6.11 -36.45
N MET C 712 -1.30 5.45 -35.42
CA MET C 712 -2.71 5.56 -35.07
C MET C 712 -2.85 5.45 -33.56
N LYS C 713 -3.96 5.96 -33.04
CA LYS C 713 -4.23 5.93 -31.61
C LYS C 713 -5.14 4.76 -31.30
N VAL C 714 -4.59 3.74 -30.67
CA VAL C 714 -5.37 2.60 -30.23
C VAL C 714 -5.57 2.70 -28.73
N GLY C 715 -6.68 2.17 -28.26
CA GLY C 715 -7.01 2.31 -26.86
C GLY C 715 -7.77 3.59 -26.58
N GLY C 716 -8.09 3.76 -25.30
CA GLY C 716 -8.72 4.97 -24.84
C GLY C 716 -7.79 5.74 -23.92
N ASN C 717 -8.34 6.73 -23.25
CA ASN C 717 -7.59 7.48 -22.26
C ASN C 717 -7.36 6.61 -21.04
N LEU C 718 -6.08 6.34 -20.74
CA LEU C 718 -5.75 5.49 -19.61
C LEU C 718 -6.00 6.20 -18.30
N ASP C 719 -5.70 7.49 -18.23
CA ASP C 719 -6.03 8.32 -17.09
C ASP C 719 -6.65 9.62 -17.58
N SER C 720 -6.80 10.55 -16.64
CA SER C 720 -7.42 11.84 -16.92
C SER C 720 -6.48 12.95 -16.48
N LYS C 721 -6.17 13.85 -17.41
CA LYS C 721 -5.46 15.07 -17.11
C LYS C 721 -6.34 16.25 -17.52
N GLY C 722 -5.74 17.42 -17.51
CA GLY C 722 -6.47 18.59 -17.98
C GLY C 722 -5.56 19.72 -18.39
N TYR C 723 -5.78 20.27 -19.57
CA TYR C 723 -5.10 21.50 -19.92
C TYR C 723 -5.95 22.68 -19.46
N GLY C 724 -5.32 23.63 -18.78
CA GLY C 724 -6.04 24.73 -18.20
C GLY C 724 -5.38 26.05 -18.49
N ILE C 725 -6.21 27.07 -18.70
CA ILE C 725 -5.71 28.43 -18.76
C ILE C 725 -5.42 28.89 -17.34
N ALA C 726 -4.20 29.37 -17.11
CA ALA C 726 -3.72 29.63 -15.76
C ALA C 726 -3.41 31.11 -15.57
N THR C 727 -3.88 31.65 -14.46
CA THR C 727 -3.65 33.01 -14.03
C THR C 727 -2.85 32.97 -12.72
N PRO C 728 -2.11 34.03 -12.40
CA PRO C 728 -1.41 34.06 -11.11
C PRO C 728 -2.36 34.17 -9.93
N LYS C 729 -1.80 33.93 -8.75
CA LYS C 729 -2.59 33.80 -7.55
C LYS C 729 -3.14 35.16 -7.11
N GLY C 730 -4.45 35.21 -6.90
CA GLY C 730 -5.08 36.43 -6.40
C GLY C 730 -5.12 37.55 -7.42
N SER C 731 -5.39 37.23 -8.68
CA SER C 731 -5.50 38.25 -9.70
C SER C 731 -6.96 38.52 -10.03
N SER C 732 -7.19 39.57 -10.81
CA SER C 732 -8.55 39.97 -11.14
C SER C 732 -9.10 39.18 -12.30
N LEU C 733 -8.23 38.55 -13.10
CA LEU C 733 -8.67 37.80 -14.27
C LEU C 733 -8.98 36.34 -13.97
N GLY C 734 -8.97 35.93 -12.71
CA GLY C 734 -9.22 34.54 -12.40
C GLY C 734 -10.66 34.14 -12.64
N THR C 735 -11.59 35.00 -12.24
CA THR C 735 -13.01 34.70 -12.43
C THR C 735 -13.53 34.95 -13.84
N PRO C 736 -13.21 36.05 -14.56
CA PRO C 736 -13.79 36.18 -15.91
C PRO C 736 -13.24 35.21 -16.93
N VAL C 737 -12.02 34.71 -16.75
CA VAL C 737 -11.51 33.67 -17.63
C VAL C 737 -12.20 32.34 -17.33
N ASN C 738 -12.50 32.10 -16.04
CA ASN C 738 -13.13 30.85 -15.64
C ASN C 738 -14.57 30.76 -16.14
N LEU C 739 -15.22 31.91 -16.32
CA LEU C 739 -16.55 31.90 -16.93
C LEU C 739 -16.46 31.91 -18.45
N ALA C 740 -15.28 32.21 -18.99
CA ALA C 740 -15.13 32.25 -20.44
C ALA C 740 -14.95 30.86 -21.01
N VAL C 741 -14.15 30.03 -20.33
CA VAL C 741 -13.86 28.67 -20.82
C VAL C 741 -15.10 27.80 -20.79
N LEU C 742 -15.89 27.91 -19.73
CA LEU C 742 -17.11 27.13 -19.64
C LEU C 742 -18.17 27.62 -20.63
N LYS C 743 -18.17 28.91 -20.95
CA LYS C 743 -19.07 29.40 -22.00
C LYS C 743 -18.61 28.92 -23.37
N LEU C 744 -17.30 28.86 -23.59
CA LEU C 744 -16.81 28.39 -24.88
C LEU C 744 -16.91 26.88 -25.02
N SER C 745 -17.19 26.18 -23.92
CA SER C 745 -17.40 24.73 -24.02
C SER C 745 -18.86 24.40 -24.25
N GLU C 746 -19.77 25.13 -23.60
CA GLU C 746 -21.20 24.90 -23.83
C GLU C 746 -21.62 25.37 -25.21
N GLN C 747 -20.97 26.40 -25.73
CA GLN C 747 -21.25 26.82 -27.09
C GLN C 747 -20.58 25.93 -28.13
N GLY C 748 -19.76 24.98 -27.70
CA GLY C 748 -19.10 24.07 -28.61
C GLY C 748 -17.99 24.68 -29.41
N VAL C 749 -17.51 25.88 -29.03
CA VAL C 749 -16.44 26.51 -29.77
C VAL C 749 -15.12 25.79 -29.56
N LEU C 750 -14.96 25.16 -28.40
CA LEU C 750 -13.78 24.33 -28.16
C LEU C 750 -13.83 23.06 -28.99
N ASP C 751 -15.02 22.48 -29.15
CA ASP C 751 -15.16 21.31 -30.01
C ASP C 751 -15.03 21.69 -31.47
N LYS C 752 -15.45 22.90 -31.84
CA LYS C 752 -15.31 23.35 -33.21
C LYS C 752 -13.85 23.57 -33.57
N LEU C 753 -13.05 24.04 -32.61
CA LEU C 753 -11.65 24.32 -32.89
C LEU C 753 -10.83 23.04 -32.95
N LYS C 754 -11.10 22.10 -32.04
CA LYS C 754 -10.37 20.84 -32.03
C LYS C 754 -10.69 20.03 -33.26
N ASN C 755 -11.91 20.20 -33.79
CA ASN C 755 -12.28 19.58 -35.06
C ASN C 755 -11.51 20.21 -36.22
N LYS C 756 -10.98 21.43 -36.02
CA LYS C 756 -10.47 22.19 -37.16
C LYS C 756 -8.95 22.18 -37.20
N TRP C 757 -8.29 22.17 -36.04
CA TRP C 757 -6.84 22.29 -36.04
C TRP C 757 -6.16 20.93 -36.15
N TRP C 758 -6.85 19.87 -35.76
CA TRP C 758 -6.29 18.54 -35.94
C TRP C 758 -6.64 17.95 -37.30
N TYR C 759 -7.81 18.31 -37.84
CA TYR C 759 -8.29 17.59 -39.00
C TYR C 759 -8.23 18.44 -40.27
N ASP C 760 -8.77 19.66 -40.22
CA ASP C 760 -8.84 20.48 -41.43
C ASP C 760 -7.47 21.03 -41.82
N LYS C 761 -6.59 21.19 -40.86
CA LYS C 761 -5.19 21.42 -41.21
C LYS C 761 -4.41 20.13 -41.37
N GLY C 762 -5.09 18.98 -41.28
CA GLY C 762 -4.43 17.70 -41.33
C GLY C 762 -3.85 17.34 -42.68
N GLU C 763 -2.55 17.03 -42.71
CA GLU C 763 -1.92 16.58 -43.94
C GLU C 763 -2.49 15.25 -44.41
N CYS C 764 -2.83 14.37 -43.47
CA CYS C 764 -3.61 13.19 -43.80
C CYS C 764 -5.03 13.63 -44.10
N GLY C 765 -5.59 13.11 -45.20
CA GLY C 765 -6.92 13.55 -45.59
C GLY C 765 -7.96 12.50 -45.28
N ALA C 766 -9.01 12.94 -44.55
CA ALA C 766 -10.17 12.12 -44.17
C ALA C 766 -9.76 10.88 -43.40
N LYS C 767 -8.97 11.09 -42.34
CA LYS C 767 -8.35 9.96 -41.66
C LYS C 767 -9.35 9.25 -40.75
N ASP C 768 -10.36 9.97 -40.26
CA ASP C 768 -11.45 9.31 -39.54
C ASP C 768 -12.30 8.45 -40.48
N SER C 769 -12.41 8.85 -41.74
CA SER C 769 -13.31 8.16 -42.65
C SER C 769 -12.68 6.89 -43.20
N GLY C 770 -11.39 6.65 -42.92
CA GLY C 770 -10.73 5.46 -43.43
C GLY C 770 -10.61 4.33 -42.43
N SER C 771 -11.48 4.27 -41.41
CA SER C 771 -11.29 3.30 -40.34
C SER C 771 -12.22 2.10 -40.49
N LYS C 772 -13.16 2.15 -41.43
CA LYS C 772 -14.19 1.12 -41.50
C LYS C 772 -13.79 -0.04 -42.40
N GLU C 773 -12.58 0.01 -42.96
CA GLU C 773 -12.13 -1.08 -43.82
C GLU C 773 -11.75 -2.30 -42.99
N LYS C 774 -12.48 -3.39 -43.20
CA LYS C 774 -12.23 -4.63 -42.46
C LYS C 774 -12.81 -5.79 -43.26
N THR C 775 -11.99 -6.82 -43.45
CA THR C 775 -12.41 -7.98 -44.22
C THR C 775 -12.37 -9.21 -43.32
N SER C 776 -13.32 -10.11 -43.56
CA SER C 776 -13.42 -11.35 -42.81
C SER C 776 -13.73 -12.50 -43.74
N ALA C 777 -13.17 -12.49 -44.95
CA ALA C 777 -13.45 -13.54 -45.91
C ALA C 777 -12.27 -13.66 -46.85
N LEU C 778 -12.26 -14.74 -47.62
CA LEU C 778 -11.17 -14.94 -48.56
C LEU C 778 -11.40 -14.07 -49.78
N SER C 779 -10.39 -13.30 -50.15
CA SER C 779 -10.51 -12.34 -51.23
C SER C 779 -9.91 -12.94 -52.49
N LEU C 780 -10.03 -12.20 -53.60
CA LEU C 780 -9.53 -12.70 -54.87
C LEU C 780 -8.02 -12.71 -54.90
N SER C 781 -7.39 -11.84 -54.10
CA SER C 781 -5.94 -11.71 -54.14
C SER C 781 -5.26 -12.93 -53.54
N ASN C 782 -5.90 -13.58 -52.57
CA ASN C 782 -5.30 -14.74 -51.92
C ASN C 782 -5.28 -15.97 -52.82
N VAL C 783 -6.20 -16.08 -53.77
CA VAL C 783 -6.18 -17.17 -54.72
C VAL C 783 -5.93 -16.68 -56.15
N ALA C 784 -5.18 -15.59 -56.29
CA ALA C 784 -5.07 -14.92 -57.58
C ALA C 784 -4.21 -15.70 -58.56
N GLY C 785 -3.16 -16.35 -58.08
CA GLY C 785 -2.23 -16.99 -58.99
C GLY C 785 -2.75 -18.28 -59.59
N VAL C 786 -3.81 -18.82 -58.99
CA VAL C 786 -4.45 -19.99 -59.59
C VAL C 786 -5.14 -19.61 -60.87
N PHE C 787 -5.79 -18.44 -60.89
CA PHE C 787 -6.32 -17.89 -62.13
C PHE C 787 -5.19 -17.52 -63.08
N TYR C 788 -4.05 -17.09 -62.56
CA TYR C 788 -2.93 -16.75 -63.42
C TYR C 788 -2.33 -18.01 -64.03
N ILE C 789 -2.37 -19.12 -63.30
CA ILE C 789 -2.02 -20.41 -63.90
C ILE C 789 -3.12 -20.84 -64.86
N LEU C 790 -4.38 -20.52 -64.55
CA LEU C 790 -5.49 -20.96 -65.39
C LEU C 790 -5.53 -20.19 -66.70
N VAL C 791 -5.36 -18.86 -66.64
CA VAL C 791 -5.33 -18.08 -67.87
C VAL C 791 -4.04 -18.35 -68.63
N GLY C 792 -2.94 -18.54 -67.92
CA GLY C 792 -1.72 -18.97 -68.57
C GLY C 792 -1.81 -20.39 -69.10
N GLY C 793 -2.65 -21.21 -68.48
CA GLY C 793 -2.83 -22.57 -68.97
C GLY C 793 -3.65 -22.63 -70.24
N LEU C 794 -4.57 -21.68 -70.42
CA LEU C 794 -5.36 -21.65 -71.64
C LEU C 794 -4.53 -21.11 -72.80
N GLY C 795 -3.67 -20.14 -72.52
CA GLY C 795 -2.91 -19.50 -73.59
C GLY C 795 -1.83 -20.40 -74.15
N LEU C 796 -1.29 -21.29 -73.34
CA LEU C 796 -0.35 -22.27 -73.86
C LEU C 796 -1.10 -23.43 -74.51
N ALA C 797 -2.36 -23.61 -74.15
CA ALA C 797 -3.14 -24.70 -74.74
C ALA C 797 -3.56 -24.36 -76.16
N MET C 798 -3.97 -23.11 -76.41
CA MET C 798 -4.39 -22.73 -77.75
C MET C 798 -3.20 -22.65 -78.70
N LEU C 799 -2.00 -22.42 -78.16
CA LEU C 799 -0.81 -22.41 -79.00
C LEU C 799 -0.48 -23.80 -79.53
N VAL C 800 -0.59 -24.82 -78.67
CA VAL C 800 -0.25 -26.19 -79.09
C VAL C 800 -1.30 -26.73 -80.05
N ALA C 801 -2.55 -26.25 -79.93
CA ALA C 801 -3.59 -26.59 -80.88
C ALA C 801 -3.29 -26.03 -82.26
N LEU C 802 -2.53 -24.93 -82.31
CA LEU C 802 -2.07 -24.42 -83.61
C LEU C 802 -0.87 -25.23 -84.10
N ILE C 803 -0.02 -25.69 -83.18
CA ILE C 803 1.17 -26.45 -83.57
C ILE C 803 0.77 -27.85 -84.03
N GLU C 804 -0.25 -28.43 -83.40
CA GLU C 804 -0.72 -29.74 -83.83
C GLU C 804 -1.49 -29.65 -85.15
N PHE C 805 -2.22 -28.55 -85.36
CA PHE C 805 -3.00 -28.41 -86.58
C PHE C 805 -2.10 -28.17 -87.80
N CYS C 806 -0.95 -27.53 -87.58
CA CYS C 806 0.01 -27.40 -88.66
C CYS C 806 0.72 -28.72 -88.94
N TYR C 807 0.84 -29.57 -87.92
CA TYR C 807 1.44 -30.88 -88.12
C TYR C 807 0.49 -31.80 -88.87
N LYS C 808 -0.82 -31.59 -88.75
CA LYS C 808 -1.77 -32.39 -89.50
C LYS C 808 -1.86 -31.92 -90.94
N SER C 809 -1.71 -30.61 -91.18
CA SER C 809 -1.71 -30.12 -92.56
C SER C 809 -0.40 -30.45 -93.27
N ARG C 810 0.64 -30.80 -92.51
CA ARG C 810 1.87 -31.30 -93.10
C ARG C 810 1.65 -32.68 -93.70
N ALA C 811 0.86 -33.51 -93.02
CA ALA C 811 0.60 -34.86 -93.53
C ALA C 811 -0.44 -34.84 -94.64
N GLU C 812 -1.37 -33.88 -94.59
CA GLU C 812 -2.44 -33.82 -95.58
C GLU C 812 -1.97 -33.22 -96.90
N ALA C 813 -0.77 -32.64 -96.91
CA ALA C 813 -0.16 -32.16 -98.14
C ALA C 813 0.73 -33.24 -98.74
N SER C 823 16.15 -44.72 -88.47
CA SER C 823 15.30 -44.25 -87.39
C SER C 823 15.76 -44.80 -86.05
N ARG C 824 15.99 -46.11 -85.98
CA ARG C 824 16.30 -46.76 -84.72
C ARG C 824 17.70 -46.41 -84.23
N ARG C 825 18.54 -45.88 -85.13
CA ARG C 825 19.82 -45.34 -84.71
C ARG C 825 19.65 -44.02 -83.96
N GLY C 826 18.68 -43.19 -84.38
CA GLY C 826 18.53 -41.89 -83.78
C GLY C 826 17.89 -41.93 -82.41
N ARG C 827 16.86 -42.76 -82.25
CA ARG C 827 16.21 -42.89 -80.94
C ARG C 827 17.13 -43.57 -79.94
N ALA C 828 17.99 -44.47 -80.41
CA ALA C 828 18.94 -45.11 -79.51
C ALA C 828 20.09 -44.17 -79.17
N LEU C 829 20.41 -43.24 -80.07
CA LEU C 829 21.45 -42.26 -79.77
C LEU C 829 20.95 -41.24 -78.74
N LEU C 830 19.65 -40.98 -78.73
CA LEU C 830 19.10 -39.96 -77.84
C LEU C 830 19.11 -40.45 -76.39
N ALA C 831 18.88 -41.75 -76.19
CA ALA C 831 18.92 -42.29 -74.83
C ALA C 831 20.34 -42.34 -74.29
N VAL C 832 21.33 -42.48 -75.16
CA VAL C 832 22.71 -42.48 -74.72
C VAL C 832 23.16 -41.06 -74.41
N ALA C 833 22.72 -40.09 -75.22
CA ALA C 833 23.17 -38.71 -75.04
C ALA C 833 22.57 -38.09 -73.78
N LEU C 834 21.35 -38.48 -73.42
CA LEU C 834 20.75 -37.94 -72.20
C LEU C 834 21.38 -38.57 -70.97
N ASN C 835 21.67 -39.87 -71.02
CA ASN C 835 22.32 -40.53 -69.89
C ASN C 835 23.76 -40.09 -69.75
N LEU C 836 24.38 -39.65 -70.84
CA LEU C 836 25.71 -39.06 -70.77
C LEU C 836 25.66 -37.72 -70.07
N LEU C 837 24.55 -36.99 -70.20
CA LEU C 837 24.35 -35.79 -69.41
C LEU C 837 24.06 -36.14 -67.96
N ALA C 838 23.30 -37.22 -67.72
CA ALA C 838 23.07 -37.70 -66.36
C ALA C 838 24.36 -38.24 -65.75
N LEU C 839 25.28 -38.72 -66.59
CA LEU C 839 26.63 -38.99 -66.12
C LEU C 839 27.35 -37.69 -65.73
N LEU C 840 27.05 -36.60 -66.44
CA LEU C 840 27.76 -35.35 -66.16
C LEU C 840 27.12 -34.62 -64.98
N PHE C 841 25.79 -34.46 -65.01
CA PHE C 841 25.12 -33.61 -64.02
C PHE C 841 25.21 -34.19 -62.62
N ALA C 842 25.03 -35.51 -62.49
CA ALA C 842 25.07 -36.15 -61.18
C ALA C 842 26.48 -36.15 -60.61
N THR C 843 27.49 -36.19 -61.47
CA THR C 843 28.86 -36.16 -60.98
C THR C 843 29.36 -34.74 -60.79
N THR C 844 28.78 -33.77 -61.52
CA THR C 844 29.11 -32.38 -61.23
C THR C 844 28.53 -31.97 -59.88
N ALA C 845 27.33 -32.49 -59.55
CA ALA C 845 26.75 -32.24 -58.25
C ALA C 845 27.53 -32.92 -57.14
N PHE C 846 28.07 -34.11 -57.43
CA PHE C 846 28.70 -34.90 -56.39
C PHE C 846 30.10 -34.36 -56.04
N LEU C 847 30.78 -33.77 -57.03
CA LEU C 847 32.11 -33.23 -56.76
C LEU C 847 32.05 -31.84 -56.15
N THR C 848 31.08 -31.02 -56.57
CA THR C 848 30.98 -29.66 -56.05
C THR C 848 30.52 -29.65 -54.61
N THR C 849 30.85 -28.55 -53.92
CA THR C 849 30.41 -28.29 -52.55
C THR C 849 29.60 -27.01 -52.44
N TYR C 850 28.90 -26.63 -53.50
CA TYR C 850 28.11 -25.40 -53.54
C TYR C 850 26.61 -25.66 -53.44
N TRP C 851 26.18 -26.67 -52.67
CA TRP C 851 24.77 -27.04 -52.68
C TRP C 851 23.91 -26.04 -51.92
N CYS C 852 24.40 -25.51 -50.81
CA CYS C 852 23.61 -24.61 -49.98
C CYS C 852 24.37 -23.33 -49.72
N GLN C 853 24.08 -22.30 -50.51
CA GLN C 853 24.76 -21.02 -50.43
C GLN C 853 24.19 -20.23 -49.26
N GLY C 854 24.81 -20.38 -48.09
CA GLY C 854 24.35 -19.72 -46.88
C GLY C 854 25.27 -18.56 -46.53
N THR C 855 24.83 -17.77 -45.56
CA THR C 855 25.60 -16.63 -45.06
C THR C 855 25.45 -16.57 -43.54
N GLN C 856 26.48 -16.06 -42.86
CA GLN C 856 26.52 -16.04 -41.41
C GLN C 856 27.15 -14.75 -40.90
N ARG C 857 26.40 -14.00 -40.11
CA ARG C 857 26.88 -12.77 -39.51
C ARG C 857 27.56 -13.10 -38.19
N VAL C 858 28.64 -12.39 -37.89
CA VAL C 858 29.23 -12.34 -36.55
C VAL C 858 29.10 -10.90 -36.06
N PRO C 859 28.96 -10.67 -34.74
CA PRO C 859 28.79 -9.30 -34.24
C PRO C 859 30.01 -8.40 -34.44
N PHE C 905 27.15 -8.86 -37.70
CA PHE C 905 27.18 -7.67 -38.55
C PHE C 905 28.16 -7.90 -39.70
N GLN C 906 29.29 -8.53 -39.41
CA GLN C 906 30.22 -8.99 -40.42
C GLN C 906 29.73 -10.34 -40.93
N LEU C 907 29.13 -10.35 -42.11
CA LEU C 907 28.61 -11.58 -42.70
C LEU C 907 29.60 -12.14 -43.70
N ARG C 908 29.76 -13.46 -43.68
CA ARG C 908 30.59 -14.18 -44.63
C ARG C 908 29.68 -15.05 -45.50
N ARG C 909 30.04 -15.21 -46.76
CA ARG C 909 29.25 -16.06 -47.65
C ARG C 909 29.90 -17.44 -47.73
N PHE C 910 29.09 -18.50 -47.70
CA PHE C 910 29.65 -19.83 -47.77
C PHE C 910 28.79 -20.75 -48.62
N HIS C 911 29.17 -22.02 -48.62
CA HIS C 911 28.60 -23.08 -49.45
C HIS C 911 29.01 -24.41 -48.87
N THR C 912 28.07 -25.35 -48.79
CA THR C 912 28.35 -26.68 -48.24
C THR C 912 27.77 -27.75 -49.13
N GLY C 913 28.53 -28.81 -49.35
CA GLY C 913 28.10 -29.92 -50.16
C GLY C 913 27.65 -31.10 -49.32
N ILE C 914 28.09 -32.28 -49.74
CA ILE C 914 27.71 -33.50 -49.04
C ILE C 914 28.86 -33.99 -48.16
N TRP C 915 30.10 -33.63 -48.50
CA TRP C 915 31.22 -34.13 -47.73
C TRP C 915 31.89 -33.06 -46.89
N TYR C 916 32.23 -31.92 -47.49
CA TYR C 916 33.04 -30.90 -46.84
C TYR C 916 32.33 -29.57 -46.86
N SER C 917 32.22 -28.95 -45.70
CA SER C 917 31.60 -27.65 -45.53
C SER C 917 32.69 -26.59 -45.43
N CYS C 918 32.81 -25.76 -46.47
CA CYS C 918 33.90 -24.81 -46.59
C CYS C 918 33.32 -23.40 -46.57
N GLU C 919 33.76 -22.57 -45.64
CA GLU C 919 33.33 -21.19 -45.57
C GLU C 919 34.46 -20.26 -45.98
N GLU C 920 34.11 -19.14 -46.61
CA GLU C 920 35.10 -18.19 -47.08
C GLU C 920 35.45 -17.22 -45.97
N GLU C 921 36.74 -17.14 -45.63
CA GLU C 921 37.21 -16.17 -44.66
C GLU C 921 37.21 -14.78 -45.28
N LEU C 922 37.23 -13.76 -44.43
CA LEU C 922 36.96 -12.41 -44.87
C LEU C 922 38.17 -11.81 -45.58
N GLY C 923 38.10 -11.76 -46.91
CA GLY C 923 39.11 -11.07 -47.68
C GLY C 923 40.43 -11.79 -47.76
N GLY C 924 40.43 -13.06 -48.14
CA GLY C 924 41.63 -13.83 -48.25
C GLY C 924 41.46 -15.04 -49.14
N PRO C 925 42.28 -16.07 -48.93
CA PRO C 925 42.09 -17.32 -49.68
C PRO C 925 40.82 -18.05 -49.29
N GLY C 926 40.45 -18.01 -48.02
CA GLY C 926 39.17 -18.55 -47.58
C GLY C 926 39.13 -20.06 -47.63
N GLU C 927 37.92 -20.59 -47.78
CA GLU C 927 37.63 -22.03 -47.90
C GLU C 927 38.14 -22.81 -46.70
N LYS C 928 37.76 -22.36 -45.50
CA LYS C 928 38.03 -23.13 -44.30
C LYS C 928 37.05 -24.30 -44.21
N CYS C 929 37.56 -25.51 -44.43
CA CYS C 929 36.72 -26.67 -44.71
C CYS C 929 36.61 -27.56 -43.48
N ARG C 930 35.42 -27.58 -42.89
CA ARG C 930 35.02 -28.61 -41.94
C ARG C 930 34.43 -29.77 -42.73
N SER C 931 34.64 -30.99 -42.24
CA SER C 931 33.91 -32.13 -42.77
C SER C 931 32.45 -32.04 -42.36
N PHE C 932 31.55 -32.36 -43.30
CA PHE C 932 30.12 -32.22 -43.04
C PHE C 932 29.61 -33.30 -42.10
N ILE C 933 30.42 -34.33 -41.86
CA ILE C 933 29.96 -35.50 -41.10
C ILE C 933 29.87 -35.18 -39.61
N ASP C 934 30.96 -34.66 -39.02
CA ASP C 934 31.02 -34.56 -37.57
C ASP C 934 30.19 -33.40 -37.04
N LEU C 935 29.90 -32.42 -37.89
CA LEU C 935 29.07 -31.30 -37.46
C LEU C 935 27.60 -31.68 -37.34
N ALA C 936 27.15 -32.71 -38.02
CA ALA C 936 25.77 -33.18 -37.97
C ALA C 936 25.47 -33.78 -36.60
N PRO C 937 24.21 -33.78 -36.17
CA PRO C 937 23.86 -34.44 -34.91
C PRO C 937 23.98 -35.95 -35.00
N ALA C 938 23.98 -36.58 -33.83
CA ALA C 938 24.38 -37.99 -33.71
C ALA C 938 23.33 -38.92 -34.30
N SER C 939 22.05 -38.60 -34.13
CA SER C 939 21.00 -39.43 -34.73
C SER C 939 20.96 -39.23 -36.24
N GLU C 940 21.16 -37.99 -36.70
CA GLU C 940 21.03 -37.71 -38.12
C GLU C 940 22.33 -37.99 -38.86
N LYS C 941 23.38 -38.41 -38.14
CA LYS C 941 24.63 -38.74 -38.80
C LYS C 941 24.53 -40.06 -39.54
N GLY C 942 24.03 -41.10 -38.86
CA GLY C 942 23.86 -42.39 -39.52
C GLY C 942 22.72 -42.38 -40.52
N VAL C 943 21.80 -41.43 -40.38
CA VAL C 943 20.83 -41.14 -41.43
C VAL C 943 21.55 -40.58 -42.66
N LEU C 944 22.53 -39.71 -42.44
CA LEU C 944 23.26 -39.10 -43.54
C LEU C 944 24.14 -40.10 -44.26
N TRP C 945 24.65 -41.11 -43.55
CA TRP C 945 25.45 -42.14 -44.21
C TRP C 945 24.61 -42.95 -45.18
N LEU C 946 23.31 -43.08 -44.91
CA LEU C 946 22.44 -43.79 -45.83
C LEU C 946 22.18 -42.96 -47.09
N SER C 947 22.33 -41.64 -47.00
CA SER C 947 22.27 -40.82 -48.20
C SER C 947 23.54 -40.93 -49.02
N VAL C 948 24.70 -41.01 -48.35
CA VAL C 948 25.96 -41.07 -49.07
C VAL C 948 26.17 -42.46 -49.65
N VAL C 949 25.71 -43.50 -48.94
CA VAL C 949 25.72 -44.86 -49.49
C VAL C 949 24.83 -44.94 -50.73
N SER C 950 23.65 -44.36 -50.66
CA SER C 950 22.73 -44.43 -51.80
C SER C 950 23.20 -43.54 -52.95
N GLU C 951 23.92 -42.45 -52.64
CA GLU C 951 24.39 -41.58 -53.71
C GLU C 951 25.53 -42.23 -54.49
N VAL C 952 26.43 -42.91 -53.79
CA VAL C 952 27.39 -43.79 -54.44
C VAL C 952 26.67 -44.92 -55.17
N LEU C 953 25.56 -45.39 -54.59
CA LEU C 953 24.76 -46.41 -55.26
C LEU C 953 23.98 -45.80 -56.43
N TYR C 954 23.85 -44.47 -56.46
CA TYR C 954 23.19 -43.83 -57.59
C TYR C 954 24.13 -43.62 -58.76
N ILE C 955 25.36 -43.17 -58.49
CA ILE C 955 26.30 -42.89 -59.56
C ILE C 955 26.79 -44.18 -60.18
N LEU C 956 26.97 -45.21 -59.34
CA LEU C 956 27.36 -46.53 -59.84
C LEU C 956 26.30 -47.14 -60.74
N LEU C 957 25.04 -47.13 -60.30
CA LEU C 957 23.99 -47.77 -61.10
C LEU C 957 23.60 -46.92 -62.31
N LEU C 958 24.05 -45.67 -62.37
CA LEU C 958 23.90 -44.90 -63.60
C LEU C 958 25.00 -45.29 -64.59
N VAL C 959 26.22 -45.51 -64.11
CA VAL C 959 27.31 -45.98 -64.95
C VAL C 959 27.02 -47.40 -65.44
N VAL C 960 26.46 -48.23 -64.56
CA VAL C 960 25.95 -49.54 -64.98
C VAL C 960 24.81 -49.36 -65.99
N GLY C 961 24.01 -48.32 -65.80
CA GLY C 961 22.99 -48.02 -66.80
C GLY C 961 23.57 -47.46 -68.08
N PHE C 962 24.54 -46.54 -67.98
CA PHE C 962 25.06 -45.88 -69.17
C PHE C 962 25.95 -46.79 -70.00
N SER C 963 26.71 -47.68 -69.36
CA SER C 963 27.54 -48.59 -70.11
C SER C 963 26.71 -49.65 -70.82
N LEU C 964 25.50 -49.91 -70.32
CA LEU C 964 24.59 -50.79 -71.05
C LEU C 964 23.86 -50.04 -72.16
N MET C 965 23.81 -48.71 -72.06
CA MET C 965 23.36 -47.93 -73.20
C MET C 965 24.39 -47.95 -74.32
N CYS C 966 25.66 -48.21 -74.00
CA CYS C 966 26.66 -48.35 -75.04
C CYS C 966 26.49 -49.67 -75.78
N LEU C 967 25.81 -50.65 -75.17
CA LEU C 967 25.50 -51.87 -75.90
C LEU C 967 24.20 -51.73 -76.70
N GLU C 968 23.52 -50.59 -76.56
CA GLU C 968 22.38 -50.29 -77.44
C GLU C 968 22.87 -49.91 -78.83
N LEU C 969 24.11 -49.43 -78.92
CA LEU C 969 24.76 -49.21 -80.20
C LEU C 969 24.88 -50.53 -80.96
N LEU C 970 24.56 -50.50 -82.25
CA LEU C 970 24.68 -51.72 -83.04
C LEU C 970 26.11 -51.91 -83.54
N HIS C 971 26.96 -50.89 -83.34
CA HIS C 971 28.39 -51.10 -83.52
C HIS C 971 28.97 -51.97 -82.40
N SER C 972 28.22 -52.13 -81.31
CA SER C 972 28.48 -53.16 -80.30
C SER C 972 27.94 -54.51 -80.78
N SER C 973 27.77 -55.42 -79.81
CA SER C 973 27.75 -56.90 -79.92
C SER C 973 26.92 -57.42 -81.09
N SER C 974 25.59 -57.25 -81.10
CA SER C 974 24.77 -57.90 -82.12
C SER C 974 23.35 -57.34 -82.11
N VAL C 975 22.53 -57.87 -83.02
CA VAL C 975 21.08 -57.69 -82.95
C VAL C 975 20.47 -58.77 -82.06
N ILE C 976 21.03 -59.99 -82.12
CA ILE C 976 20.44 -61.14 -81.44
C ILE C 976 20.68 -61.00 -79.94
N ASP C 977 19.58 -61.06 -79.18
CA ASP C 977 19.46 -60.79 -77.74
C ASP C 977 19.92 -59.38 -77.35
N GLY C 978 20.01 -58.45 -78.30
CA GLY C 978 20.35 -57.08 -77.93
C GLY C 978 19.13 -56.30 -77.50
N LEU C 979 17.95 -56.76 -77.90
CA LEU C 979 16.71 -56.09 -77.49
C LEU C 979 16.44 -56.34 -76.01
N LYS C 980 16.87 -57.50 -75.50
CA LYS C 980 16.79 -57.75 -74.07
C LYS C 980 17.82 -56.93 -73.31
N LEU C 981 18.90 -56.52 -73.98
CA LEU C 981 19.89 -55.65 -73.34
C LEU C 981 19.34 -54.24 -73.16
N ASN C 982 18.36 -53.85 -73.96
CA ASN C 982 17.78 -52.52 -73.81
C ASN C 982 16.59 -52.55 -72.84
N ALA C 983 15.92 -53.69 -72.74
CA ALA C 983 14.91 -53.87 -71.70
C ALA C 983 15.55 -53.90 -70.32
N PHE C 984 16.78 -54.42 -70.24
CA PHE C 984 17.53 -54.33 -68.99
C PHE C 984 18.11 -52.94 -68.79
N ALA C 985 18.13 -52.11 -69.84
CA ALA C 985 18.88 -50.87 -69.79
C ALA C 985 18.12 -49.76 -69.06
N ALA C 986 16.85 -49.54 -69.43
CA ALA C 986 16.05 -48.51 -68.77
C ALA C 986 15.78 -48.89 -67.32
N VAL C 987 15.70 -50.19 -67.03
CA VAL C 987 15.56 -50.67 -65.66
C VAL C 987 16.79 -50.32 -64.85
N PHE C 988 17.97 -50.34 -65.48
CA PHE C 988 19.20 -49.96 -64.79
C PHE C 988 19.27 -48.45 -64.55
N THR C 989 18.46 -47.67 -65.27
CA THR C 989 18.43 -46.24 -65.03
C THR C 989 17.26 -45.83 -64.15
N VAL C 990 16.14 -46.57 -64.21
CA VAL C 990 14.99 -46.25 -63.38
C VAL C 990 15.24 -46.67 -61.94
N LEU C 991 15.75 -47.88 -61.72
CA LEU C 991 16.10 -48.31 -60.37
C LEU C 991 17.29 -47.52 -59.82
N SER C 992 18.04 -46.85 -60.68
CA SER C 992 19.05 -45.92 -60.21
C SER C 992 18.41 -44.61 -59.75
N GLY C 993 17.50 -44.05 -60.55
CA GLY C 993 16.97 -42.73 -60.25
C GLY C 993 16.03 -42.71 -59.06
N LEU C 994 15.36 -43.83 -58.81
CA LEU C 994 14.50 -43.94 -57.63
C LEU C 994 15.35 -43.94 -56.35
N LEU C 995 16.47 -44.64 -56.38
CA LEU C 995 17.43 -44.55 -55.29
C LEU C 995 18.11 -43.19 -55.29
N GLY C 996 18.13 -42.53 -56.45
CA GLY C 996 18.80 -41.25 -56.55
C GLY C 996 17.98 -40.10 -56.01
N MET C 997 16.67 -40.13 -56.24
CA MET C 997 15.83 -39.05 -55.73
C MET C 997 15.76 -39.08 -54.21
N VAL C 998 15.66 -40.28 -53.64
CA VAL C 998 15.65 -40.43 -52.18
C VAL C 998 16.97 -39.97 -51.58
N ALA C 999 18.08 -40.20 -52.31
CA ALA C 999 19.39 -39.82 -51.80
C ALA C 999 19.56 -38.32 -51.72
N HIS C 1000 18.79 -37.56 -52.49
CA HIS C 1000 18.76 -36.11 -52.28
C HIS C 1000 17.72 -35.74 -51.22
N MET C 1001 16.61 -36.48 -51.20
CA MET C 1001 15.61 -36.29 -50.16
C MET C 1001 16.14 -36.67 -48.79
N MET C 1002 16.99 -37.69 -48.71
CA MET C 1002 17.64 -38.02 -47.45
C MET C 1002 18.63 -36.95 -47.05
N TYR C 1003 19.18 -36.22 -48.00
CA TYR C 1003 20.14 -35.17 -47.64
C TYR C 1003 19.44 -33.93 -47.12
N THR C 1004 18.34 -33.53 -47.77
CA THR C 1004 17.74 -32.23 -47.49
C THR C 1004 17.09 -32.21 -46.11
N GLN C 1005 16.46 -33.30 -45.68
CA GLN C 1005 15.83 -33.31 -44.38
C GLN C 1005 16.87 -33.37 -43.26
N VAL C 1006 18.08 -33.83 -43.57
CA VAL C 1006 19.17 -33.73 -42.61
C VAL C 1006 19.66 -32.30 -42.52
N PHE C 1007 19.75 -31.62 -43.67
CA PHE C 1007 20.23 -30.24 -43.68
C PHE C 1007 19.24 -29.29 -43.02
N GLN C 1008 17.94 -29.63 -43.04
CA GLN C 1008 16.95 -28.81 -42.34
C GLN C 1008 17.15 -28.86 -40.84
N VAL C 1009 17.65 -29.99 -40.33
CA VAL C 1009 17.93 -30.11 -38.91
C VAL C 1009 19.16 -29.28 -38.54
N THR C 1010 20.17 -29.27 -39.41
CA THR C 1010 21.43 -28.62 -39.08
C THR C 1010 21.31 -27.11 -39.14
N VAL C 1011 20.32 -26.59 -39.86
CA VAL C 1011 20.01 -25.17 -39.74
C VAL C 1011 19.39 -24.89 -38.37
N SER C 1012 18.60 -25.83 -37.86
CA SER C 1012 17.88 -25.59 -36.62
C SER C 1012 18.74 -25.83 -35.38
N LEU C 1013 19.14 -27.08 -35.14
CA LEU C 1013 19.69 -27.43 -33.83
C LEU C 1013 20.99 -28.21 -33.86
N GLY C 1014 21.42 -28.69 -35.05
CA GLY C 1014 22.44 -29.71 -35.15
C GLY C 1014 23.84 -29.32 -34.68
N PRO C 1015 24.56 -28.47 -35.42
CA PRO C 1015 25.97 -28.22 -35.09
C PRO C 1015 26.17 -27.24 -33.96
N GLU C 1016 27.45 -26.91 -33.69
CA GLU C 1016 27.85 -26.08 -32.57
C GLU C 1016 27.86 -24.62 -33.02
N ASP C 1017 26.73 -23.94 -32.82
CA ASP C 1017 26.55 -22.50 -32.77
C ASP C 1017 26.87 -21.77 -34.06
N TRP C 1018 27.09 -22.46 -35.17
CA TRP C 1018 27.05 -21.81 -36.49
C TRP C 1018 25.72 -22.20 -37.14
N ARG C 1019 24.89 -21.20 -37.38
CA ARG C 1019 23.57 -21.40 -37.94
C ARG C 1019 23.38 -20.36 -39.03
N PRO C 1020 23.08 -20.76 -40.26
CA PRO C 1020 23.11 -19.80 -41.37
C PRO C 1020 21.94 -18.84 -41.36
N HIS C 1021 22.20 -17.64 -41.85
CA HIS C 1021 21.14 -16.66 -42.05
C HIS C 1021 20.20 -17.10 -43.17
N SER C 1022 20.72 -17.80 -44.17
CA SER C 1022 19.94 -18.35 -45.26
C SER C 1022 20.25 -19.83 -45.43
N TRP C 1023 19.22 -20.64 -45.63
CA TRP C 1023 19.38 -22.05 -45.93
C TRP C 1023 19.12 -22.37 -47.40
N ASP C 1024 19.30 -21.38 -48.29
CA ASP C 1024 18.85 -21.50 -49.67
C ASP C 1024 19.71 -22.48 -50.46
N TYR C 1025 19.05 -23.26 -51.31
CA TYR C 1025 19.76 -24.18 -52.19
C TYR C 1025 20.45 -23.42 -53.30
N GLY C 1026 21.77 -23.63 -53.41
CA GLY C 1026 22.55 -23.01 -54.45
C GLY C 1026 22.51 -23.80 -55.74
N TRP C 1027 23.43 -23.47 -56.64
CA TRP C 1027 23.55 -24.23 -57.87
C TRP C 1027 24.18 -25.58 -57.59
N SER C 1028 24.08 -26.47 -58.59
CA SER C 1028 24.42 -27.89 -58.61
C SER C 1028 23.46 -28.74 -57.79
N PHE C 1029 22.54 -28.10 -57.06
CA PHE C 1029 21.39 -28.82 -56.54
C PHE C 1029 20.29 -28.89 -57.57
N CYS C 1030 20.15 -27.84 -58.37
CA CYS C 1030 19.29 -27.89 -59.54
C CYS C 1030 19.90 -28.81 -60.61
N LEU C 1031 21.21 -28.95 -60.60
CA LEU C 1031 21.85 -29.92 -61.47
C LEU C 1031 21.72 -31.33 -60.91
N ALA C 1032 21.43 -31.44 -59.61
CA ALA C 1032 21.22 -32.76 -59.02
C ALA C 1032 19.87 -33.33 -59.43
N TRP C 1033 18.85 -32.49 -59.52
CA TRP C 1033 17.54 -32.96 -59.99
C TRP C 1033 17.56 -33.23 -61.49
N GLY C 1034 18.37 -32.46 -62.23
CA GLY C 1034 18.35 -32.56 -63.68
C GLY C 1034 18.90 -33.88 -64.19
N SER C 1035 19.85 -34.46 -63.46
CA SER C 1035 20.33 -35.79 -63.81
C SER C 1035 19.24 -36.83 -63.56
N PHE C 1036 18.51 -36.70 -62.46
CA PHE C 1036 17.35 -37.55 -62.21
C PHE C 1036 16.24 -37.29 -63.23
N THR C 1037 16.13 -36.05 -63.70
CA THR C 1037 15.18 -35.76 -64.77
C THR C 1037 15.63 -36.40 -66.08
N CYS C 1038 16.93 -36.36 -66.36
CA CYS C 1038 17.43 -36.91 -67.63
C CYS C 1038 17.45 -38.43 -67.60
N CYS C 1039 17.47 -39.04 -66.42
CA CYS C 1039 17.35 -40.49 -66.36
C CYS C 1039 15.96 -40.94 -66.77
N MET C 1040 14.94 -40.14 -66.45
CA MET C 1040 13.58 -40.54 -66.77
C MET C 1040 13.21 -40.15 -68.20
N ALA C 1041 13.86 -39.11 -68.73
CA ALA C 1041 13.62 -38.73 -70.12
C ALA C 1041 14.32 -39.69 -71.07
N ALA C 1042 15.39 -40.33 -70.61
CA ALA C 1042 16.10 -41.27 -71.47
C ALA C 1042 15.48 -42.66 -71.42
N SER C 1043 14.86 -43.01 -70.29
CA SER C 1043 14.30 -44.34 -70.14
C SER C 1043 13.03 -44.50 -70.98
N VAL C 1044 12.35 -43.39 -71.27
CA VAL C 1044 11.17 -43.47 -72.10
C VAL C 1044 11.56 -43.42 -73.58
N THR C 1045 12.74 -42.89 -73.88
CA THR C 1045 13.21 -42.83 -75.25
C THR C 1045 13.62 -44.21 -75.74
N THR C 1046 14.09 -45.06 -74.82
CA THR C 1046 14.47 -46.41 -75.21
C THR C 1046 13.30 -47.38 -75.08
N LEU C 1047 12.13 -46.88 -74.65
CA LEU C 1047 10.99 -47.78 -74.48
C LEU C 1047 9.87 -47.49 -75.46
N ASN C 1048 9.75 -46.26 -75.96
CA ASN C 1048 8.78 -46.04 -77.02
C ASN C 1048 9.28 -46.55 -78.35
N SER C 1049 10.61 -46.55 -78.53
CA SER C 1049 11.21 -47.21 -79.70
C SER C 1049 11.27 -48.72 -79.51
N TYR C 1050 11.12 -49.18 -78.27
CA TYR C 1050 10.95 -50.61 -78.02
C TYR C 1050 9.62 -51.12 -78.55
N THR C 1051 8.63 -50.23 -78.66
CA THR C 1051 7.32 -50.65 -79.15
C THR C 1051 7.15 -50.32 -80.63
N LYS C 1052 7.41 -49.07 -81.03
CA LYS C 1052 7.17 -48.66 -82.40
C LYS C 1052 8.23 -49.24 -83.35
N ASN D 1 52.49 56.90 42.83
CA ASN D 1 52.14 57.99 41.94
C ASN D 1 50.62 58.13 41.91
N SER D 2 50.14 59.38 41.93
CA SER D 2 48.71 59.66 42.03
C SER D 2 48.12 59.73 40.62
N ILE D 3 47.52 58.63 40.18
CA ILE D 3 46.78 58.56 38.91
C ILE D 3 45.32 58.33 39.26
N GLN D 4 44.44 59.19 38.77
CA GLN D 4 43.02 59.07 39.05
C GLN D 4 42.28 58.59 37.80
N ILE D 5 41.22 57.82 38.01
CA ILE D 5 40.34 57.34 36.95
C ILE D 5 38.90 57.57 37.39
N GLY D 6 37.97 57.27 36.48
CA GLY D 6 36.58 57.61 36.69
C GLY D 6 35.67 56.41 36.56
N GLY D 7 34.56 56.47 37.29
CA GLY D 7 33.59 55.40 37.29
C GLY D 7 32.20 55.89 36.89
N LEU D 8 31.51 55.05 36.13
CA LEU D 8 30.16 55.29 35.65
C LEU D 8 29.26 54.10 35.91
N PHE D 9 29.25 53.58 37.14
CA PHE D 9 28.51 52.36 37.39
C PHE D 9 27.02 52.65 37.55
N PRO D 10 26.14 51.76 37.08
CA PRO D 10 24.71 52.05 37.09
C PRO D 10 24.07 51.87 38.46
N ARG D 11 22.78 52.15 38.49
CA ARG D 11 21.98 51.86 39.68
C ARG D 11 21.73 50.36 39.77
N GLY D 12 21.81 49.83 40.98
CA GLY D 12 21.54 48.42 41.21
C GLY D 12 22.66 47.47 40.84
N ALA D 13 23.67 47.94 40.13
CA ALA D 13 24.82 47.11 39.79
C ALA D 13 25.77 47.09 40.96
N ASP D 14 26.02 45.90 41.49
CA ASP D 14 26.83 45.76 42.70
C ASP D 14 27.92 44.73 42.53
N GLN D 15 27.63 43.64 41.82
CA GLN D 15 28.63 42.60 41.59
C GLN D 15 29.69 43.09 40.62
N GLU D 16 29.32 44.00 39.72
CA GLU D 16 30.31 44.62 38.85
C GLU D 16 31.20 45.56 39.62
N TYR D 17 30.64 46.26 40.62
CA TYR D 17 31.44 47.22 41.37
C TYR D 17 32.23 46.55 42.48
N SER D 18 31.72 45.44 43.02
CA SER D 18 32.52 44.66 43.96
C SER D 18 33.69 44.01 43.26
N ALA D 19 33.51 43.59 42.01
CA ALA D 19 34.63 43.01 41.27
C ALA D 19 35.52 44.10 40.68
N PHE D 20 35.14 45.37 40.86
CA PHE D 20 36.06 46.45 40.54
C PHE D 20 37.00 46.74 41.69
N ARG D 21 36.54 46.53 42.93
CA ARG D 21 37.40 46.75 44.08
C ARG D 21 38.47 45.67 44.17
N VAL D 22 38.09 44.43 43.88
CA VAL D 22 39.01 43.29 43.97
C VAL D 22 40.14 43.42 42.97
N GLY D 23 39.83 43.91 41.77
CA GLY D 23 40.87 44.19 40.79
C GLY D 23 41.72 45.37 41.20
N MET D 24 41.13 46.33 41.90
CA MET D 24 41.90 47.47 42.40
C MET D 24 42.86 47.02 43.49
N VAL D 25 42.47 46.03 44.29
CA VAL D 25 43.32 45.57 45.39
C VAL D 25 44.50 44.77 44.85
N GLN D 26 44.22 43.75 44.02
CA GLN D 26 45.27 42.84 43.59
C GLN D 26 46.22 43.48 42.59
N PHE D 27 45.70 44.20 41.60
CA PHE D 27 46.53 44.77 40.55
C PHE D 27 47.16 46.11 40.92
N SER D 28 47.17 46.48 42.20
CA SER D 28 47.80 47.73 42.61
C SER D 28 49.31 47.62 42.55
N THR D 29 49.98 48.76 42.46
CA THR D 29 51.43 48.84 42.42
C THR D 29 51.86 49.99 43.32
N SER D 30 53.00 49.81 43.99
CA SER D 30 53.59 50.91 44.77
C SER D 30 54.19 51.97 43.86
N GLU D 31 54.48 51.61 42.61
CA GLU D 31 55.07 52.55 41.67
C GLU D 31 54.04 53.58 41.20
N PHE D 32 52.83 53.10 40.89
CA PHE D 32 51.74 53.96 40.44
C PHE D 32 50.42 53.44 41.00
N ARG D 33 49.58 54.37 41.46
CA ARG D 33 48.36 54.05 42.18
C ARG D 33 47.17 54.55 41.38
N LEU D 34 46.15 53.71 41.24
CA LEU D 34 44.92 54.12 40.60
C LEU D 34 43.93 54.64 41.64
N THR D 35 43.33 55.78 41.36
CA THR D 35 42.41 56.43 42.29
C THR D 35 41.02 56.43 41.69
N PRO D 36 40.11 55.57 42.12
CA PRO D 36 38.75 55.57 41.56
C PRO D 36 37.89 56.68 42.13
N HIS D 37 37.06 57.25 41.26
CA HIS D 37 36.03 58.21 41.64
C HIS D 37 34.71 57.71 41.04
N ILE D 38 33.86 57.14 41.89
CA ILE D 38 32.75 56.34 41.39
C ILE D 38 31.44 57.10 41.53
N ASP D 39 30.63 57.06 40.47
CA ASP D 39 29.31 57.66 40.46
C ASP D 39 28.27 56.58 40.17
N ASN D 40 27.29 56.43 41.07
CA ASN D 40 26.22 55.47 40.91
C ASN D 40 25.01 56.19 40.32
N LEU D 41 25.00 56.35 39.01
CA LEU D 41 23.96 57.12 38.34
C LEU D 41 23.28 56.27 37.28
N GLU D 42 22.07 56.70 36.90
CA GLU D 42 21.23 55.95 35.98
C GLU D 42 21.83 55.94 34.59
N VAL D 43 21.91 54.76 33.99
CA VAL D 43 22.62 54.62 32.73
C VAL D 43 21.68 54.85 31.55
N ALA D 44 20.37 54.95 31.83
CA ALA D 44 19.41 55.15 30.75
C ALA D 44 19.24 56.63 30.42
N ASN D 45 19.13 57.47 31.44
CA ASN D 45 18.96 58.90 31.23
C ASN D 45 20.27 59.50 30.74
N SER D 46 20.29 59.90 29.46
CA SER D 46 21.54 60.39 28.88
C SER D 46 21.90 61.79 29.36
N PHE D 47 20.95 62.46 30.02
CA PHE D 47 21.29 63.71 30.69
C PHE D 47 22.17 63.47 31.90
N ALA D 48 21.87 62.41 32.66
CA ALA D 48 22.67 62.11 33.84
C ALA D 48 23.99 61.46 33.44
N VAL D 49 24.01 60.82 32.27
CA VAL D 49 25.26 60.25 31.78
C VAL D 49 26.16 61.37 31.25
N THR D 50 25.55 62.44 30.75
CA THR D 50 26.33 63.59 30.28
C THR D 50 26.96 64.33 31.45
N ASN D 51 26.20 64.53 32.53
CA ASN D 51 26.68 65.30 33.68
C ASN D 51 27.81 64.58 34.40
N ALA D 52 27.71 63.25 34.51
CA ALA D 52 28.75 62.49 35.17
C ALA D 52 30.02 62.47 34.33
N PHE D 53 29.89 62.66 33.01
CA PHE D 53 31.07 62.70 32.18
C PHE D 53 31.82 64.02 32.36
N CYS D 54 31.09 65.11 32.61
CA CYS D 54 31.76 66.40 32.75
C CYS D 54 32.38 66.56 34.13
N SER D 55 31.73 66.05 35.16
CA SER D 55 32.25 66.19 36.53
C SER D 55 33.50 65.35 36.72
N GLN D 56 33.60 64.22 36.02
CA GLN D 56 34.84 63.45 36.06
C GLN D 56 35.89 64.05 35.13
N PHE D 57 35.46 64.71 34.05
CA PHE D 57 36.41 65.41 33.20
C PHE D 57 36.90 66.69 33.87
N SER D 58 36.11 67.23 34.81
CA SER D 58 36.58 68.36 35.59
C SER D 58 37.63 67.94 36.61
N ARG D 59 37.64 66.65 36.98
CA ARG D 59 38.67 66.15 37.88
C ARG D 59 40.01 65.99 37.18
N GLY D 60 40.00 65.87 35.87
CA GLY D 60 41.21 65.65 35.11
C GLY D 60 41.64 64.20 35.01
N VAL D 61 40.70 63.25 34.97
CA VAL D 61 41.04 61.84 34.89
C VAL D 61 41.60 61.51 33.52
N TYR D 62 42.38 60.44 33.43
CA TYR D 62 43.07 60.14 32.18
C TYR D 62 42.32 59.08 31.37
N ALA D 63 41.55 58.24 32.04
CA ALA D 63 40.77 57.20 31.38
C ALA D 63 39.58 56.83 32.24
N ILE D 64 38.40 56.84 31.65
CA ILE D 64 37.15 56.65 32.37
C ILE D 64 36.68 55.23 32.14
N PHE D 65 36.23 54.58 33.20
CA PHE D 65 35.67 53.24 33.14
C PHE D 65 34.19 53.31 33.45
N GLY D 66 33.36 52.66 32.65
CA GLY D 66 31.94 52.70 32.93
C GLY D 66 31.16 51.79 32.02
N PHE D 67 29.85 51.78 32.21
CA PHE D 67 28.92 51.00 31.39
C PHE D 67 28.08 51.95 30.56
N TYR D 68 27.47 51.43 29.50
CA TYR D 68 26.47 52.20 28.78
C TYR D 68 25.40 51.30 28.19
N ASP D 69 24.36 51.95 27.68
CA ASP D 69 23.12 51.32 27.26
C ASP D 69 22.82 51.82 25.85
N LYS D 70 21.73 51.32 25.25
CA LYS D 70 21.29 51.83 23.95
C LYS D 70 20.92 53.30 24.03
N LYS D 71 20.35 53.72 25.16
CA LYS D 71 19.97 55.11 25.33
C LYS D 71 21.16 56.03 25.59
N SER D 72 22.38 55.51 25.69
CA SER D 72 23.52 56.37 25.89
C SER D 72 24.77 55.95 25.15
N VAL D 73 24.69 54.95 24.26
CA VAL D 73 25.86 54.52 23.49
C VAL D 73 26.35 55.64 22.59
N ASN D 74 25.42 56.42 22.04
CA ASN D 74 25.81 57.45 21.09
C ASN D 74 26.16 58.74 21.81
N THR D 75 25.97 58.77 23.12
CA THR D 75 26.38 59.94 23.89
C THR D 75 27.85 59.82 24.29
N ILE D 76 28.21 58.70 24.91
CA ILE D 76 29.55 58.51 25.44
C ILE D 76 30.59 58.44 24.33
N THR D 77 30.27 57.75 23.24
CA THR D 77 31.24 57.63 22.16
C THR D 77 31.37 58.93 21.37
N SER D 78 30.44 59.86 21.54
CA SER D 78 30.55 61.14 20.86
C SER D 78 31.38 62.11 21.70
N PHE D 79 31.21 62.08 23.01
CA PHE D 79 32.04 62.90 23.88
C PHE D 79 33.48 62.40 23.92
N CYS D 80 33.66 61.09 23.99
CA CYS D 80 35.02 60.53 24.05
C CYS D 80 35.73 60.66 22.72
N GLY D 81 34.98 60.69 21.63
CA GLY D 81 35.60 60.90 20.33
C GLY D 81 36.06 62.33 20.13
N THR D 82 35.41 63.28 20.81
CA THR D 82 35.74 64.68 20.60
C THR D 82 36.66 65.22 21.69
N LEU D 83 36.34 64.97 22.96
CA LEU D 83 37.16 65.45 24.06
C LEU D 83 38.40 64.59 24.30
N HIS D 84 38.60 63.52 23.51
CA HIS D 84 39.84 62.75 23.43
C HIS D 84 40.21 62.09 24.74
N VAL D 85 39.19 61.76 25.54
CA VAL D 85 39.35 61.04 26.79
C VAL D 85 38.96 59.58 26.51
N SER D 86 39.89 58.67 26.78
CA SER D 86 39.64 57.25 26.51
C SER D 86 38.57 56.71 27.44
N PHE D 87 37.99 55.57 27.05
CA PHE D 87 36.82 55.02 27.73
C PHE D 87 36.90 53.50 27.69
N ILE D 88 36.90 52.88 28.85
CA ILE D 88 36.97 51.42 28.98
C ILE D 88 35.59 50.93 29.37
N THR D 89 35.12 49.87 28.72
CA THR D 89 33.78 49.40 29.00
C THR D 89 33.67 47.90 28.82
N PRO D 90 32.88 47.25 29.67
CA PRO D 90 32.41 45.87 29.41
C PRO D 90 31.03 45.78 28.75
N SER D 91 30.45 46.88 28.29
CA SER D 91 29.10 46.84 27.73
C SER D 91 29.13 46.30 26.31
N PHE D 92 28.01 46.42 25.60
CA PHE D 92 27.90 45.86 24.27
C PHE D 92 28.77 46.66 23.29
N PRO D 93 29.38 46.01 22.31
CA PRO D 93 30.24 46.73 21.37
C PRO D 93 29.42 47.58 20.42
N THR D 94 29.96 48.73 20.08
CA THR D 94 29.32 49.57 19.07
C THR D 94 29.51 48.96 17.70
N ASP D 95 28.57 49.24 16.80
CA ASP D 95 28.62 48.64 15.47
C ASP D 95 29.59 49.38 14.57
N GLY D 96 29.45 50.69 14.49
CA GLY D 96 30.43 51.49 13.77
C GLY D 96 31.72 51.58 14.57
N THR D 97 32.84 51.63 13.87
CA THR D 97 34.12 51.77 14.56
C THR D 97 34.23 53.15 15.21
N HIS D 98 34.54 53.13 16.50
CA HIS D 98 34.59 54.34 17.31
C HIS D 98 35.97 54.48 17.93
N PRO D 99 36.74 55.50 17.57
CA PRO D 99 38.01 55.73 18.27
C PRO D 99 37.76 56.22 19.68
N PHE D 100 38.79 56.07 20.52
CA PHE D 100 38.87 56.50 21.92
C PHE D 100 37.86 55.83 22.83
N VAL D 101 37.24 54.71 22.41
CA VAL D 101 36.41 53.89 23.28
C VAL D 101 36.85 52.44 23.10
N ILE D 102 37.48 51.88 24.13
CA ILE D 102 37.94 50.50 24.09
C ILE D 102 36.83 49.65 24.69
N GLN D 103 36.66 48.41 24.20
CA GLN D 103 35.57 47.54 24.63
C GLN D 103 36.13 46.23 25.14
N MET D 104 35.88 45.94 26.42
CA MET D 104 36.38 44.70 26.98
C MET D 104 35.50 43.51 26.60
N ARG D 105 34.27 43.76 26.21
CA ARG D 105 33.38 42.66 25.94
C ARG D 105 33.59 42.14 24.54
N PRO D 106 33.70 40.83 24.35
CA PRO D 106 33.92 40.31 23.00
C PRO D 106 32.64 40.32 22.20
N ASP D 107 32.78 40.54 20.89
CA ASP D 107 31.64 40.41 20.01
C ASP D 107 31.35 38.94 19.73
N LEU D 108 30.07 38.61 19.60
CA LEU D 108 29.65 37.22 19.50
C LEU D 108 28.95 36.90 18.18
N LYS D 109 29.03 37.79 17.18
CA LYS D 109 28.24 37.62 15.96
C LYS D 109 28.73 36.44 15.15
N GLY D 110 30.05 36.32 14.99
CA GLY D 110 30.60 35.21 14.22
C GLY D 110 30.51 33.88 14.95
N ALA D 111 30.32 33.94 16.28
CA ALA D 111 30.13 32.70 17.02
C ALA D 111 28.71 32.20 16.87
N LEU D 112 27.74 33.12 16.91
CA LEU D 112 26.35 32.74 16.79
C LEU D 112 26.03 32.27 15.38
N LEU D 113 26.72 32.83 14.40
CA LEU D 113 26.54 32.38 13.02
C LEU D 113 27.31 31.10 12.75
N SER D 114 28.22 30.74 13.64
CA SER D 114 28.92 29.47 13.49
C SER D 114 28.14 28.35 14.17
N LEU D 115 27.44 28.66 15.25
CA LEU D 115 26.76 27.63 16.02
C LEU D 115 25.51 27.14 15.32
N ILE D 116 24.78 28.06 14.67
CA ILE D 116 23.59 27.70 13.89
C ILE D 116 23.96 26.79 12.73
N GLU D 117 25.06 27.13 12.05
CA GLU D 117 25.53 26.31 10.94
C GLU D 117 26.10 24.99 11.44
N TYR D 118 26.51 24.94 12.71
CA TYR D 118 26.99 23.67 13.27
C TYR D 118 25.85 22.70 13.51
N TYR D 119 24.74 23.17 14.08
CA TYR D 119 23.59 22.29 14.23
C TYR D 119 22.80 22.12 12.95
N GLN D 120 23.15 22.88 11.90
CA GLN D 120 22.51 22.83 10.58
C GLN D 120 21.02 23.13 10.70
N TRP D 121 20.71 24.36 11.11
CA TRP D 121 19.33 24.79 11.20
C TRP D 121 18.87 25.40 9.89
N ASP D 122 17.57 25.50 9.72
CA ASP D 122 16.99 26.24 8.61
C ASP D 122 15.81 27.11 9.00
N LYS D 123 15.19 26.88 10.15
CA LYS D 123 13.95 27.54 10.53
C LYS D 123 13.91 27.65 12.04
N PHE D 124 13.93 28.86 12.57
CA PHE D 124 14.06 29.09 14.00
C PHE D 124 13.61 30.48 14.37
N ALA D 125 12.96 30.62 15.52
CA ALA D 125 12.61 31.93 16.03
C ALA D 125 13.83 32.63 16.58
N TYR D 126 13.67 33.89 16.95
CA TYR D 126 14.76 34.68 17.51
C TYR D 126 14.16 35.76 18.40
N LEU D 127 14.12 35.50 19.69
CA LEU D 127 13.60 36.49 20.62
C LEU D 127 14.72 37.44 21.02
N TYR D 128 14.62 38.70 20.61
CA TYR D 128 15.66 39.67 20.89
C TYR D 128 15.18 40.67 21.94
N ASP D 129 16.10 41.53 22.36
CA ASP D 129 15.85 42.52 23.40
C ASP D 129 16.29 43.88 22.90
N SER D 130 15.39 44.86 22.98
CA SER D 130 15.69 46.18 22.43
C SER D 130 16.74 46.91 23.26
N ASP D 131 16.71 46.72 24.58
CA ASP D 131 17.67 47.39 25.46
C ASP D 131 19.07 46.84 25.24
N ARG D 132 19.17 45.57 24.83
CA ARG D 132 20.46 45.04 24.42
C ARG D 132 20.90 45.66 23.11
N GLY D 133 19.95 46.03 22.26
CA GLY D 133 20.26 46.57 20.96
C GLY D 133 19.74 45.67 19.86
N LEU D 134 19.79 46.13 18.62
CA LEU D 134 19.40 45.32 17.48
C LEU D 134 20.59 44.95 16.63
N SER D 135 21.79 44.97 17.21
CA SER D 135 23.00 44.76 16.44
C SER D 135 23.14 43.32 15.98
N THR D 136 22.87 42.37 16.87
CA THR D 136 22.94 40.96 16.48
C THR D 136 21.78 40.60 15.58
N LEU D 137 20.65 41.29 15.75
CA LEU D 137 19.49 41.07 14.90
C LEU D 137 19.79 41.44 13.45
N GLN D 138 20.64 42.43 13.24
CA GLN D 138 21.07 42.74 11.88
C GLN D 138 21.99 41.66 11.34
N ALA D 139 22.68 40.93 12.22
CA ALA D 139 23.64 39.94 11.74
C ALA D 139 22.94 38.67 11.30
N VAL D 140 21.92 38.22 12.03
CA VAL D 140 21.27 36.98 11.65
C VAL D 140 20.09 37.24 10.72
N LEU D 141 19.88 38.49 10.32
CA LEU D 141 18.94 38.76 9.23
C LEU D 141 19.67 39.00 7.93
N ASP D 142 20.83 39.68 7.97
CA ASP D 142 21.63 39.83 6.75
C ASP D 142 22.21 38.50 6.31
N SER D 143 22.63 37.68 7.26
CA SER D 143 23.17 36.37 6.87
C SER D 143 22.07 35.36 6.62
N ALA D 144 20.83 35.70 6.96
CA ALA D 144 19.71 34.82 6.64
C ALA D 144 19.41 34.82 5.15
N ALA D 145 19.70 35.94 4.48
CA ALA D 145 19.46 36.01 3.05
C ALA D 145 20.44 35.12 2.28
N GLU D 146 21.67 35.00 2.77
CA GLU D 146 22.69 34.29 2.02
C GLU D 146 22.52 32.78 2.14
N LYS D 147 21.97 32.31 3.26
CA LYS D 147 21.95 30.88 3.54
C LYS D 147 20.55 30.35 3.80
N LYS D 148 19.53 31.16 3.49
CA LYS D 148 18.11 30.74 3.47
C LYS D 148 17.62 30.22 4.82
N TRP D 149 17.59 31.12 5.81
CA TRP D 149 17.07 30.81 7.13
C TRP D 149 15.74 31.53 7.32
N GLN D 150 14.69 30.78 7.61
CA GLN D 150 13.37 31.36 7.80
C GLN D 150 13.24 31.91 9.22
N VAL D 151 13.92 33.03 9.44
CA VAL D 151 14.02 33.60 10.78
C VAL D 151 12.73 34.32 11.13
N THR D 152 12.12 33.94 12.24
CA THR D 152 10.97 34.64 12.79
C THR D 152 11.45 35.48 13.96
N ALA D 153 11.83 36.72 13.68
CA ALA D 153 12.38 37.60 14.69
C ALA D 153 11.24 38.28 15.43
N ILE D 154 11.20 38.12 16.75
CA ILE D 154 10.14 38.68 17.57
C ILE D 154 10.78 39.48 18.69
N ASN D 155 10.40 40.76 18.81
CA ASN D 155 10.80 41.59 19.94
C ASN D 155 10.15 41.03 21.19
N VAL D 156 10.91 41.01 22.28
CA VAL D 156 10.39 40.54 23.56
C VAL D 156 10.78 41.45 24.71
N GLY D 157 11.72 42.37 24.50
CA GLY D 157 12.15 43.21 25.60
C GLY D 157 11.21 44.38 25.87
N ASN D 158 10.22 44.58 25.00
CA ASN D 158 9.25 45.64 25.21
C ASN D 158 8.19 45.24 26.23
N ILE D 159 8.20 43.97 26.66
CA ILE D 159 7.21 43.49 27.62
C ILE D 159 7.45 44.10 28.98
N ASN D 160 6.41 44.69 29.55
CA ASN D 160 6.53 45.43 30.80
C ASN D 160 6.56 44.49 31.99
N ASN D 161 6.98 45.03 33.13
CA ASN D 161 7.20 44.22 34.32
C ASN D 161 5.88 43.87 35.00
N ASP D 162 4.82 44.62 34.71
CA ASP D 162 3.55 44.38 35.37
C ASP D 162 2.81 43.19 34.76
N LYS D 163 2.67 43.18 33.44
CA LYS D 163 1.95 42.13 32.73
C LYS D 163 2.92 41.38 31.84
N LYS D 164 3.53 40.33 32.38
CA LYS D 164 4.48 39.52 31.63
C LYS D 164 3.96 38.11 31.38
N ASP D 165 2.94 37.67 32.11
CA ASP D 165 2.50 36.29 31.99
C ASP D 165 1.62 36.09 30.77
N GLU D 166 0.64 36.98 30.59
CA GLU D 166 -0.29 36.81 29.47
C GLU D 166 0.38 37.10 28.15
N THR D 167 1.39 37.97 28.16
CA THR D 167 2.08 38.31 26.92
C THR D 167 3.04 37.21 26.49
N TYR D 168 3.79 36.64 27.44
CA TYR D 168 4.70 35.54 27.11
C TYR D 168 3.93 34.29 26.70
N ARG D 169 2.79 34.04 27.33
CA ARG D 169 1.98 32.89 26.95
C ARG D 169 1.33 33.09 25.59
N SER D 170 0.96 34.34 25.27
CA SER D 170 0.44 34.60 23.93
C SER D 170 1.57 34.62 22.91
N LEU D 171 2.81 34.72 23.38
CA LEU D 171 3.94 34.66 22.47
C LEU D 171 4.24 33.24 22.03
N PHE D 172 4.36 32.31 22.98
CA PHE D 172 4.80 30.97 22.61
C PHE D 172 3.70 30.18 21.91
N GLN D 173 2.44 30.59 22.07
CA GLN D 173 1.39 29.93 21.30
C GLN D 173 1.44 30.35 19.84
N ASP D 174 2.06 31.50 19.54
CA ASP D 174 2.30 31.88 18.16
C ASP D 174 3.40 31.03 17.55
N LEU D 175 4.46 30.76 18.32
CA LEU D 175 5.55 29.93 17.81
C LEU D 175 5.13 28.48 17.68
N GLU D 176 4.11 28.08 18.45
CA GLU D 176 3.61 26.72 18.32
C GLU D 176 2.83 26.54 17.03
N LEU D 177 2.08 27.55 16.62
CA LEU D 177 1.27 27.41 15.42
C LEU D 177 2.12 27.49 14.16
N LYS D 178 3.27 28.12 14.24
CA LYS D 178 4.21 28.10 13.14
C LYS D 178 5.16 26.91 13.21
N LYS D 179 5.02 26.11 14.27
CA LYS D 179 5.86 24.92 14.53
C LYS D 179 7.33 25.30 14.65
N GLU D 180 7.61 26.26 15.53
CA GLU D 180 8.97 26.75 15.75
C GLU D 180 9.52 26.06 16.99
N ARG D 181 10.24 24.97 16.78
CA ARG D 181 10.84 24.27 17.91
C ARG D 181 12.12 24.96 18.36
N ARG D 182 12.92 25.44 17.42
CA ARG D 182 14.24 25.96 17.69
C ARG D 182 14.14 27.45 17.99
N VAL D 183 14.64 27.86 19.15
CA VAL D 183 14.50 29.24 19.60
C VAL D 183 15.88 29.75 19.98
N ILE D 184 16.26 30.92 19.45
CA ILE D 184 17.45 31.58 19.94
C ILE D 184 17.00 32.76 20.78
N LEU D 185 16.91 32.56 22.08
CA LEU D 185 16.59 33.66 22.96
C LEU D 185 17.86 34.45 23.22
N ASP D 186 17.76 35.77 23.29
CA ASP D 186 18.92 36.64 23.32
C ASP D 186 18.60 37.91 24.08
N CYS D 187 18.95 37.94 25.36
CA CYS D 187 18.59 39.04 26.23
C CYS D 187 19.44 38.96 27.49
N GLU D 188 19.32 39.98 28.35
CA GLU D 188 20.12 40.01 29.57
C GLU D 188 19.62 39.00 30.59
N ARG D 189 20.30 38.98 31.74
CA ARG D 189 20.00 37.99 32.77
C ARG D 189 18.64 38.27 33.42
N ASP D 190 18.15 39.51 33.31
CA ASP D 190 16.78 39.79 33.72
C ASP D 190 15.79 39.03 32.86
N LYS D 191 15.96 39.09 31.53
CA LYS D 191 14.92 38.57 30.66
C LYS D 191 15.20 37.13 30.24
N VAL D 192 16.32 36.55 30.66
CA VAL D 192 16.47 35.12 30.44
C VAL D 192 15.67 34.34 31.48
N ASN D 193 15.72 34.79 32.74
CA ASN D 193 15.04 34.07 33.80
C ASN D 193 13.53 34.24 33.71
N ASP D 194 13.07 35.31 33.07
CA ASP D 194 11.62 35.47 32.93
C ASP D 194 11.10 34.71 31.72
N ILE D 195 11.94 34.51 30.70
CA ILE D 195 11.48 33.69 29.59
C ILE D 195 11.53 32.22 29.95
N VAL D 196 12.61 31.80 30.64
CA VAL D 196 12.78 30.38 30.97
C VAL D 196 11.70 29.92 31.95
N ASP D 197 11.35 30.77 32.92
CA ASP D 197 10.27 30.43 33.85
C ASP D 197 8.92 30.34 33.15
N GLN D 198 8.73 31.09 32.07
CA GLN D 198 7.50 30.92 31.32
C GLN D 198 7.62 29.80 30.30
N VAL D 199 8.83 29.35 30.01
CA VAL D 199 8.97 28.12 29.25
C VAL D 199 8.66 26.92 30.14
N ILE D 200 9.10 26.97 31.39
CA ILE D 200 8.87 25.89 32.36
C ILE D 200 7.38 25.72 32.64
N THR D 201 6.66 26.83 32.82
CA THR D 201 5.26 26.74 33.18
C THR D 201 4.41 26.27 32.00
N ILE D 202 4.71 26.75 30.80
CA ILE D 202 3.99 26.30 29.61
C ILE D 202 4.47 24.89 29.28
N GLY D 203 5.70 24.58 29.62
CA GLY D 203 6.19 23.24 29.33
C GLY D 203 6.66 23.09 27.91
N LYS D 204 7.37 24.09 27.41
CA LYS D 204 8.02 24.03 26.11
C LYS D 204 9.43 23.47 26.19
N HIS D 205 9.73 22.65 27.20
CA HIS D 205 11.07 22.18 27.42
C HIS D 205 11.18 20.67 27.48
N VAL D 206 10.23 19.96 26.89
CA VAL D 206 10.38 18.52 26.71
C VAL D 206 11.33 18.25 25.56
N LYS D 207 11.66 16.97 25.40
CA LYS D 207 12.48 16.53 24.29
C LYS D 207 11.84 16.88 22.95
N GLY D 208 12.63 17.50 22.08
CA GLY D 208 12.17 18.02 20.83
C GLY D 208 12.43 19.51 20.65
N TYR D 209 12.41 20.27 21.72
CA TYR D 209 12.66 21.71 21.68
C TYR D 209 14.15 21.93 21.85
N HIS D 210 14.68 22.94 21.19
CA HIS D 210 16.09 23.28 21.29
C HIS D 210 16.18 24.77 21.58
N TYR D 211 17.18 25.17 22.35
CA TYR D 211 17.35 26.56 22.76
C TYR D 211 18.81 26.93 22.55
N ILE D 212 19.08 28.20 22.33
CA ILE D 212 20.43 28.74 22.38
C ILE D 212 20.37 30.04 23.17
N ILE D 213 20.83 30.02 24.40
CA ILE D 213 20.97 31.23 25.18
C ILE D 213 22.16 31.97 24.61
N ALA D 214 21.92 33.02 23.85
CA ALA D 214 22.99 33.71 23.15
C ALA D 214 23.58 34.85 23.98
N ASN D 215 23.93 34.52 25.21
CA ASN D 215 24.66 35.43 26.06
C ASN D 215 26.08 34.92 26.27
N LEU D 216 26.94 35.83 26.73
CA LEU D 216 28.27 35.40 27.11
C LEU D 216 28.28 34.72 28.47
N GLY D 217 27.22 34.88 29.25
CA GLY D 217 27.10 34.17 30.50
C GLY D 217 26.06 33.08 30.41
N PHE D 218 26.53 31.84 30.29
CA PHE D 218 25.59 30.73 30.16
C PHE D 218 25.28 30.08 31.50
N THR D 219 26.27 30.00 32.38
CA THR D 219 26.02 29.44 33.70
C THR D 219 25.43 30.49 34.62
N ASP D 220 25.50 31.75 34.18
CA ASP D 220 25.03 32.88 34.99
C ASP D 220 23.53 32.83 35.20
N GLY D 221 22.78 32.33 34.22
CA GLY D 221 21.35 32.18 34.39
C GLY D 221 21.01 30.97 35.24
N ASP D 222 19.72 30.88 35.58
CA ASP D 222 19.22 29.67 36.23
C ASP D 222 19.25 28.52 35.24
N LEU D 223 19.76 27.38 35.69
CA LEU D 223 20.05 26.35 34.72
C LEU D 223 19.56 25.00 35.21
N LEU D 224 19.36 24.88 36.51
CA LEU D 224 18.91 23.61 37.08
C LEU D 224 17.46 23.33 36.72
N LYS D 225 16.66 24.37 36.49
CA LYS D 225 15.24 24.17 36.23
C LYS D 225 15.00 23.71 34.80
N ILE D 226 15.89 24.09 33.88
CA ILE D 226 15.70 23.75 32.48
C ILE D 226 16.43 22.45 32.15
N GLN D 227 17.20 21.94 33.11
CA GLN D 227 18.19 20.92 32.81
C GLN D 227 17.56 19.56 32.56
N PHE D 228 16.72 19.10 33.49
CA PHE D 228 16.29 17.72 33.49
C PHE D 228 15.14 17.47 32.53
N GLY D 229 14.63 18.51 31.90
CA GLY D 229 13.44 18.37 31.09
C GLY D 229 13.66 17.68 29.78
N GLY D 230 14.88 17.77 29.25
CA GLY D 230 15.17 17.17 27.97
C GLY D 230 15.26 18.14 26.81
N ALA D 231 15.37 19.44 27.08
CA ALA D 231 15.56 20.44 26.05
C ALA D 231 17.04 20.78 25.96
N GLU D 232 17.60 20.64 24.77
CA GLU D 232 19.04 20.83 24.57
C GLU D 232 19.33 22.32 24.54
N VAL D 233 19.83 22.85 25.65
CA VAL D 233 20.08 24.27 25.79
C VAL D 233 21.56 24.52 25.57
N SER D 234 21.94 24.93 24.36
CA SER D 234 23.33 25.27 24.06
C SER D 234 23.63 26.67 24.58
N GLY D 235 24.81 27.19 24.29
CA GLY D 235 25.09 28.55 24.71
C GLY D 235 26.56 28.88 24.58
N PHE D 236 26.92 30.02 25.18
CA PHE D 236 28.26 30.55 25.08
C PHE D 236 28.73 31.00 26.45
N GLN D 237 29.98 30.72 26.76
CA GLN D 237 30.57 31.08 28.05
C GLN D 237 31.94 31.67 27.80
N ILE D 238 32.20 32.85 28.35
CA ILE D 238 33.42 33.57 28.02
C ILE D 238 34.55 33.22 28.98
N VAL D 239 34.21 32.88 30.21
CA VAL D 239 35.20 32.56 31.24
C VAL D 239 35.07 31.08 31.58
N ASP D 240 36.20 30.37 31.58
CA ASP D 240 36.19 28.93 31.77
C ASP D 240 36.81 28.60 33.13
N TYR D 241 36.07 27.82 33.93
CA TYR D 241 36.39 27.70 35.35
C TYR D 241 37.59 26.78 35.61
N ASP D 242 37.99 25.99 34.61
CA ASP D 242 39.10 25.07 34.81
C ASP D 242 40.39 25.57 34.17
N ASP D 243 40.51 26.88 33.97
CA ASP D 243 41.73 27.44 33.40
C ASP D 243 42.85 27.60 34.41
N SER D 244 42.59 27.42 35.70
CA SER D 244 43.51 27.45 36.83
C SER D 244 44.10 28.83 37.13
N LEU D 245 43.80 29.83 36.28
CA LEU D 245 43.90 31.22 36.71
C LEU D 245 42.55 31.71 37.18
N VAL D 246 41.49 31.11 36.63
CA VAL D 246 40.12 31.46 37.01
C VAL D 246 39.78 30.86 38.36
N SER D 247 40.15 29.59 38.57
CA SER D 247 39.73 28.90 39.79
C SER D 247 40.51 29.38 41.00
N LYS D 248 41.66 30.04 40.78
CA LYS D 248 42.29 30.77 41.87
C LYS D 248 41.47 32.00 42.25
N PHE D 249 40.79 32.60 41.28
CA PHE D 249 39.99 33.78 41.56
C PHE D 249 38.67 33.41 42.25
N ILE D 250 38.09 32.26 41.87
CA ILE D 250 36.82 31.83 42.44
C ILE D 250 36.96 31.57 43.93
N GLU D 251 38.10 31.03 44.34
CA GLU D 251 38.38 30.83 45.77
C GLU D 251 38.46 32.16 46.50
N ARG D 252 39.13 33.15 45.89
CA ARG D 252 39.25 34.45 46.53
C ARG D 252 37.95 35.25 46.39
N TRP D 253 37.10 34.86 45.44
CA TRP D 253 35.80 35.49 45.31
C TRP D 253 34.84 35.00 46.38
N SER D 254 34.82 33.69 46.62
CA SER D 254 33.84 33.12 47.54
C SER D 254 34.17 33.43 48.99
N THR D 255 35.45 33.62 49.30
CA THR D 255 35.88 33.85 50.68
C THR D 255 35.91 35.34 51.04
N LEU D 256 35.10 36.17 50.40
CA LEU D 256 34.92 37.54 50.83
C LEU D 256 33.60 37.64 51.58
N GLU D 257 33.45 38.72 52.34
CA GLU D 257 32.24 38.89 53.12
C GLU D 257 31.11 39.39 52.24
N GLU D 258 29.88 39.12 52.66
CA GLU D 258 28.73 39.58 51.90
C GLU D 258 28.41 41.04 52.21
N LYS D 259 28.68 41.48 53.43
CA LYS D 259 28.32 42.84 53.82
C LYS D 259 29.36 43.85 53.33
N GLU D 260 30.55 43.38 52.96
CA GLU D 260 31.59 44.30 52.50
C GLU D 260 31.62 44.39 50.98
N TYR D 261 31.43 43.26 50.31
CA TYR D 261 31.35 43.22 48.85
C TYR D 261 30.05 42.52 48.51
N PRO D 262 28.98 43.27 48.21
CA PRO D 262 27.67 42.63 48.01
C PRO D 262 27.64 41.83 46.71
N GLY D 263 27.09 40.62 46.79
CA GLY D 263 27.08 39.72 45.67
C GLY D 263 28.37 38.98 45.43
N ALA D 264 29.31 39.00 46.38
CA ALA D 264 30.59 38.35 46.14
C ALA D 264 30.62 36.93 46.70
N HIS D 265 29.77 36.64 47.69
CA HIS D 265 29.78 35.31 48.32
C HIS D 265 28.98 34.35 47.45
N THR D 266 29.55 34.02 46.30
CA THR D 266 28.91 33.21 45.28
C THR D 266 29.87 32.15 44.78
N ALA D 267 29.31 31.14 44.11
CA ALA D 267 30.15 30.12 43.47
C ALA D 267 30.57 30.58 42.08
N THR D 268 29.67 31.22 41.35
CA THR D 268 29.92 31.67 39.99
C THR D 268 30.07 33.18 39.94
N ILE D 269 30.44 33.67 38.76
CA ILE D 269 30.64 35.09 38.52
C ILE D 269 29.84 35.47 37.27
N LYS D 270 29.26 36.67 37.29
CA LYS D 270 28.63 37.20 36.09
C LYS D 270 29.70 37.50 35.04
N TYR D 271 29.29 37.46 33.78
CA TYR D 271 30.25 37.68 32.70
C TYR D 271 30.65 39.14 32.60
N THR D 272 29.84 40.05 33.15
CA THR D 272 30.24 41.45 33.21
C THR D 272 31.31 41.67 34.27
N SER D 273 31.20 40.99 35.41
CA SER D 273 32.19 41.14 36.46
C SER D 273 33.51 40.50 36.08
N ALA D 274 33.46 39.51 35.18
CA ALA D 274 34.69 38.90 34.70
C ALA D 274 35.45 39.84 33.78
N LEU D 275 34.73 40.65 33.00
CA LEU D 275 35.40 41.63 32.16
C LEU D 275 35.66 42.92 32.91
N THR D 276 34.93 43.16 33.99
CA THR D 276 35.24 44.30 34.84
C THR D 276 36.56 44.07 35.58
N TYR D 277 36.76 42.85 36.08
CA TYR D 277 37.99 42.50 36.75
C TYR D 277 39.16 42.45 35.76
N ASP D 278 38.89 42.08 34.52
CA ASP D 278 39.96 42.06 33.53
C ASP D 278 40.36 43.46 33.10
N ALA D 279 39.43 44.41 33.20
CA ALA D 279 39.69 45.74 32.67
C ALA D 279 40.63 46.53 33.56
N VAL D 280 40.67 46.20 34.84
CA VAL D 280 41.60 46.88 35.74
C VAL D 280 43.02 46.43 35.43
N GLN D 281 43.18 45.15 35.02
CA GLN D 281 44.47 44.64 34.59
C GLN D 281 44.97 45.37 33.35
N VAL D 282 44.08 45.71 32.43
CA VAL D 282 44.50 46.37 31.21
C VAL D 282 44.84 47.83 31.48
N MET D 283 44.06 48.49 32.34
CA MET D 283 44.40 49.86 32.74
C MET D 283 45.70 49.90 33.52
N THR D 284 45.98 48.85 34.31
CA THR D 284 47.24 48.81 35.04
C THR D 284 48.41 48.55 34.09
N GLU D 285 48.26 47.59 33.17
CA GLU D 285 49.35 47.22 32.28
C GLU D 285 49.69 48.34 31.30
N ALA D 286 48.67 49.07 30.84
CA ALA D 286 48.93 50.18 29.94
C ALA D 286 49.55 51.36 30.67
N PHE D 287 49.14 51.59 31.92
CA PHE D 287 49.77 52.64 32.71
C PHE D 287 51.16 52.21 33.16
N ARG D 288 51.38 50.91 33.33
CA ARG D 288 52.73 50.41 33.58
C ARG D 288 53.61 50.61 32.36
N ASN D 289 53.08 50.34 31.16
CA ASN D 289 53.84 50.57 29.95
C ASN D 289 53.96 52.05 29.64
N LEU D 290 53.07 52.86 30.22
CA LEU D 290 53.21 54.31 30.13
C LEU D 290 54.32 54.79 31.04
N ARG D 291 54.68 53.97 32.04
CA ARG D 291 55.71 54.34 33.00
C ARG D 291 57.09 53.88 32.54
N LYS D 292 57.16 52.71 31.91
CA LYS D 292 58.42 52.19 31.38
C LYS D 292 58.91 53.03 30.21
N GLN D 293 58.09 53.16 29.16
CA GLN D 293 58.34 54.18 28.15
C GLN D 293 57.74 55.47 28.71
N ARG D 294 58.58 56.19 29.45
CA ARG D 294 58.12 57.34 30.23
C ARG D 294 57.82 58.53 29.34
N ILE D 295 56.72 59.21 29.66
CA ILE D 295 56.32 60.45 29.01
C ILE D 295 55.74 61.37 30.07
N GLU D 296 55.37 62.58 29.66
CA GLU D 296 54.70 63.51 30.55
C GLU D 296 53.26 63.03 30.74
N ILE D 297 53.08 62.19 31.75
CA ILE D 297 51.75 61.72 32.11
C ILE D 297 50.96 62.84 32.76
N SER D 298 51.63 63.64 33.59
CA SER D 298 51.01 64.71 34.37
C SER D 298 50.42 65.80 33.48
N ARG D 299 49.16 66.12 33.72
CA ARG D 299 48.44 67.13 32.96
C ARG D 299 47.95 68.20 33.93
N ARG D 300 47.94 69.45 33.48
CA ARG D 300 47.41 70.54 34.29
C ARG D 300 45.90 70.41 34.38
N GLY D 301 45.41 69.78 35.45
CA GLY D 301 44.01 69.43 35.57
C GLY D 301 43.10 70.60 35.87
N ASN D 302 42.97 71.51 34.91
CA ASN D 302 42.12 72.68 35.03
C ASN D 302 41.20 72.86 33.83
N ALA D 303 40.69 71.74 33.27
CA ALA D 303 39.74 71.83 32.17
C ALA D 303 38.40 72.34 32.67
N GLY D 304 37.74 71.57 33.54
CA GLY D 304 36.60 72.09 34.28
C GLY D 304 35.31 72.17 33.49
N ASP D 305 35.32 72.94 32.40
CA ASP D 305 34.13 73.42 31.71
C ASP D 305 33.27 72.34 31.06
N CYS D 306 33.81 71.63 30.05
CA CYS D 306 33.18 70.73 29.07
C CYS D 306 32.15 71.43 28.17
N LEU D 307 32.09 72.76 28.26
CA LEU D 307 31.32 73.58 27.32
C LEU D 307 32.23 74.54 26.58
N ALA D 308 33.48 74.14 26.32
CA ALA D 308 34.46 75.05 25.75
C ALA D 308 34.12 75.34 24.29
N ASN D 309 34.27 76.60 23.91
CA ASN D 309 33.89 77.04 22.59
C ASN D 309 35.11 77.58 21.85
N PRO D 310 35.74 76.79 20.97
CA PRO D 310 35.49 75.38 20.70
C PRO D 310 36.23 74.49 21.70
N ALA D 311 35.74 73.27 21.94
CA ALA D 311 36.46 72.36 22.80
C ALA D 311 37.63 71.73 22.06
N VAL D 312 38.78 71.69 22.74
CA VAL D 312 40.03 71.30 22.10
C VAL D 312 40.47 69.95 22.63
N PRO D 313 41.29 69.22 21.88
CA PRO D 313 41.89 68.00 22.40
C PRO D 313 43.05 68.30 23.34
N TRP D 314 43.71 67.24 23.77
CA TRP D 314 45.03 67.33 24.41
C TRP D 314 45.83 66.11 23.99
N GLY D 315 47.02 66.35 23.43
CA GLY D 315 47.67 65.34 22.60
C GLY D 315 48.27 64.19 23.39
N GLN D 316 48.35 64.33 24.71
CA GLN D 316 48.83 63.21 25.51
C GLN D 316 47.76 62.15 25.69
N GLY D 317 46.50 62.51 25.44
CA GLY D 317 45.43 61.53 25.53
C GLY D 317 45.49 60.50 24.43
N VAL D 318 46.01 60.89 23.27
CA VAL D 318 46.21 59.95 22.17
C VAL D 318 47.33 58.98 22.54
N GLU D 319 48.32 59.47 23.28
CA GLU D 319 49.41 58.62 23.75
C GLU D 319 48.92 57.57 24.73
N ILE D 320 47.86 57.91 25.48
CA ILE D 320 47.27 56.97 26.43
C ILE D 320 46.57 55.84 25.69
N GLU D 321 45.79 56.16 24.67
CA GLU D 321 45.06 55.14 23.93
C GLU D 321 46.01 54.25 23.15
N ARG D 322 47.10 54.83 22.64
CA ARG D 322 48.10 54.05 21.93
C ARG D 322 48.77 53.04 22.85
N ALA D 323 48.83 53.34 24.15
CA ALA D 323 49.24 52.34 25.12
C ALA D 323 48.10 51.37 25.44
N LEU D 324 46.86 51.87 25.43
CA LEU D 324 45.72 51.01 25.75
C LEU D 324 45.45 49.99 24.64
N LYS D 325 45.70 50.38 23.39
CA LYS D 325 45.61 49.41 22.30
C LYS D 325 46.77 48.41 22.37
N GLN D 326 47.95 48.88 22.76
CA GLN D 326 49.13 48.04 22.88
C GLN D 326 49.14 47.29 24.21
N VAL D 327 48.23 46.33 24.37
CA VAL D 327 48.12 45.52 25.56
C VAL D 327 47.89 44.08 25.11
N GLN D 328 48.71 43.16 25.59
CA GLN D 328 48.45 41.73 25.42
C GLN D 328 48.73 41.04 26.74
N VAL D 329 47.68 40.79 27.51
CA VAL D 329 47.78 40.21 28.84
C VAL D 329 46.96 38.93 28.87
N GLU D 330 46.92 38.31 30.04
CA GLU D 330 46.03 37.18 30.28
C GLU D 330 45.13 37.50 31.46
N GLY D 331 43.84 37.23 31.30
CA GLY D 331 42.87 37.48 32.32
C GLY D 331 41.85 36.37 32.39
N LEU D 332 40.67 36.71 32.90
CA LEU D 332 39.60 35.72 33.02
C LEU D 332 39.05 35.34 31.67
N SER D 333 38.87 36.30 30.77
CA SER D 333 38.27 36.00 29.49
C SER D 333 39.25 35.31 28.56
N GLY D 334 40.55 35.53 28.77
CA GLY D 334 41.55 34.89 27.95
C GLY D 334 42.60 35.85 27.45
N ASN D 335 43.01 35.69 26.20
CA ASN D 335 43.99 36.58 25.62
C ASN D 335 43.35 37.92 25.27
N ILE D 336 43.80 38.98 25.94
CA ILE D 336 43.21 40.30 25.76
C ILE D 336 44.15 41.16 24.92
N LYS D 337 43.88 41.25 23.62
CA LYS D 337 44.61 42.14 22.75
C LYS D 337 43.63 42.78 21.78
N PHE D 338 43.89 44.03 21.40
CA PHE D 338 42.95 44.82 20.63
C PHE D 338 43.47 45.07 19.23
N ASP D 339 42.58 45.54 18.37
CA ASP D 339 42.95 46.03 17.05
C ASP D 339 43.08 47.56 17.08
N GLN D 340 43.20 48.15 15.89
CA GLN D 340 43.29 49.61 15.81
C GLN D 340 41.93 50.26 16.04
N ASN D 341 40.84 49.49 15.88
CA ASN D 341 39.52 50.05 16.14
C ASN D 341 39.20 50.06 17.62
N GLY D 342 39.26 48.88 18.25
CA GLY D 342 38.95 48.75 19.66
C GLY D 342 38.27 47.47 20.06
N LYS D 343 37.80 46.67 19.11
CA LYS D 343 37.21 45.38 19.45
C LYS D 343 38.31 44.39 19.77
N ARG D 344 37.99 43.35 20.52
CA ARG D 344 39.01 42.38 20.88
C ARG D 344 39.27 41.41 19.74
N ILE D 345 40.49 40.88 19.71
CA ILE D 345 40.91 39.94 18.68
C ILE D 345 41.76 38.86 19.36
N ASN D 346 41.80 37.69 18.74
CA ASN D 346 42.40 36.46 19.27
C ASN D 346 41.84 36.14 20.65
N TYR D 347 40.53 36.24 20.77
CA TYR D 347 39.80 35.77 21.94
C TYR D 347 39.12 34.46 21.57
N THR D 348 38.52 33.82 22.56
CA THR D 348 37.98 32.48 22.39
C THR D 348 36.75 32.28 23.25
N ILE D 349 35.64 31.96 22.62
CA ILE D 349 34.36 31.78 23.29
C ILE D 349 34.08 30.28 23.36
N ASN D 350 33.73 29.80 24.54
CA ASN D 350 33.44 28.38 24.73
C ASN D 350 31.98 28.10 24.43
N ILE D 351 31.74 27.20 23.48
CA ILE D 351 30.40 26.69 23.23
C ILE D 351 30.08 25.67 24.31
N MET D 352 29.09 25.97 25.14
CA MET D 352 28.68 25.09 26.22
C MET D 352 27.34 24.49 25.86
N GLU D 353 27.18 23.20 26.12
CA GLU D 353 25.92 22.51 25.90
C GLU D 353 25.47 21.94 27.24
N LEU D 354 24.17 21.96 27.49
CA LEU D 354 23.67 21.53 28.79
C LEU D 354 23.31 20.05 28.80
N LYS D 355 24.00 19.29 29.64
CA LYS D 355 23.71 17.88 29.85
C LYS D 355 23.32 17.69 31.32
N THR D 356 23.03 16.43 31.68
CA THR D 356 22.51 16.16 33.02
C THR D 356 23.58 16.27 34.09
N ASN D 357 24.85 16.31 33.69
CA ASN D 357 25.91 16.69 34.62
C ASN D 357 25.80 18.16 34.99
N GLY D 358 25.33 18.98 34.06
CA GLY D 358 25.37 20.41 34.19
C GLY D 358 25.89 21.00 32.91
N PRO D 359 26.55 22.15 32.99
CA PRO D 359 27.21 22.70 31.80
C PRO D 359 28.36 21.82 31.34
N ARG D 360 28.41 21.56 30.04
CA ARG D 360 29.38 20.68 29.43
C ARG D 360 29.94 21.37 28.20
N LYS D 361 31.24 21.24 27.99
CA LYS D 361 31.94 21.93 26.92
C LYS D 361 32.07 21.00 25.72
N ILE D 362 31.76 21.50 24.53
CA ILE D 362 31.92 20.71 23.32
C ILE D 362 32.90 21.33 22.33
N GLY D 363 33.21 22.61 22.45
CA GLY D 363 34.08 23.23 21.47
C GLY D 363 34.49 24.62 21.92
N TYR D 364 35.17 25.31 21.02
CA TYR D 364 35.48 26.71 21.23
C TYR D 364 35.53 27.43 19.88
N TRP D 365 34.84 28.57 19.82
CA TRP D 365 34.85 29.47 18.67
C TRP D 365 36.04 30.39 18.80
N SER D 366 36.65 30.74 17.68
CA SER D 366 37.75 31.70 17.69
C SER D 366 37.75 32.50 16.39
N GLU D 367 38.67 33.46 16.32
CA GLU D 367 38.68 34.35 15.16
C GLU D 367 39.52 33.78 14.02
N VAL D 368 40.71 33.25 14.33
CA VAL D 368 41.57 32.77 13.25
C VAL D 368 41.12 31.38 12.79
N ASP D 369 40.49 30.62 13.68
CA ASP D 369 39.94 29.32 13.34
C ASP D 369 38.51 29.19 13.86
N LYS D 370 37.54 29.03 12.96
CA LYS D 370 36.11 29.36 13.16
C LYS D 370 35.54 28.57 14.33
N MET D 371 35.37 27.26 14.24
CA MET D 371 34.77 26.52 15.32
C MET D 371 35.48 25.18 15.49
N VAL D 372 36.44 25.15 16.40
CA VAL D 372 37.19 23.94 16.71
C VAL D 372 36.34 23.11 17.64
N LEU D 373 35.66 22.11 17.07
CA LEU D 373 35.06 21.07 17.87
C LEU D 373 36.15 20.30 18.61
N THR D 374 36.08 20.25 19.94
CA THR D 374 37.15 19.67 20.73
C THR D 374 37.13 18.15 20.64
N GLU D 375 37.98 17.52 21.46
CA GLU D 375 38.04 16.07 21.50
C GLU D 375 36.71 15.52 22.02
N ASP D 376 36.16 14.60 21.26
CA ASP D 376 34.82 14.12 21.51
C ASP D 376 34.88 12.72 22.10
N ASP D 377 34.06 12.51 23.13
CA ASP D 377 33.88 11.20 23.71
C ASP D 377 32.81 10.40 22.99
N THR D 378 32.42 10.83 21.79
CA THR D 378 31.24 10.37 21.05
C THR D 378 30.01 10.39 21.94
N SER D 379 29.55 11.61 22.28
CA SER D 379 28.77 12.03 23.48
C SER D 379 27.70 11.00 23.86
N GLY D 380 26.74 10.71 23.00
CA GLY D 380 25.95 9.51 23.18
C GLY D 380 26.62 8.36 22.46
N LEU D 381 27.15 7.42 23.23
CA LEU D 381 28.00 6.38 22.65
C LEU D 381 27.15 5.40 21.86
N GLU D 382 27.53 5.20 20.59
CA GLU D 382 26.65 4.55 19.63
C GLU D 382 26.61 3.05 19.84
N GLN D 383 25.44 2.47 19.60
CA GLN D 383 25.31 1.03 19.49
C GLN D 383 26.10 0.53 18.28
N LYS D 384 26.60 -0.69 18.36
CA LYS D 384 27.33 -1.24 17.23
C LYS D 384 26.37 -1.57 16.11
N THR D 385 26.71 -1.12 14.90
CA THR D 385 25.97 -1.53 13.72
C THR D 385 26.18 -3.02 13.47
N VAL D 386 25.10 -3.72 13.14
CA VAL D 386 25.14 -5.17 13.09
C VAL D 386 25.86 -5.63 11.83
N VAL D 387 26.97 -6.34 12.03
CA VAL D 387 27.77 -6.86 10.94
C VAL D 387 27.09 -8.11 10.42
N VAL D 388 26.48 -8.01 9.24
CA VAL D 388 25.70 -9.08 8.63
C VAL D 388 26.61 -9.85 7.71
N THR D 389 26.65 -11.17 7.87
CA THR D 389 27.41 -12.02 6.97
C THR D 389 26.46 -12.67 5.98
N THR D 390 26.91 -12.81 4.74
CA THR D 390 26.18 -13.46 3.67
C THR D 390 27.13 -13.86 2.55
N ILE D 391 26.78 -14.91 1.85
CA ILE D 391 27.60 -15.41 0.75
C ILE D 391 27.18 -14.73 -0.54
N LEU D 392 28.15 -14.52 -1.43
CA LEU D 392 27.88 -13.92 -2.73
C LEU D 392 27.31 -15.02 -3.63
N GLU D 393 26.00 -15.13 -3.61
CA GLU D 393 25.28 -16.13 -4.39
C GLU D 393 24.11 -15.47 -5.11
N SER D 394 23.97 -15.75 -6.40
CA SER D 394 22.84 -15.24 -7.15
C SER D 394 21.66 -16.20 -7.04
N PRO D 395 20.41 -15.69 -7.06
CA PRO D 395 19.98 -14.30 -7.07
C PRO D 395 19.86 -13.71 -5.68
N TYR D 396 20.53 -14.34 -4.71
CA TYR D 396 20.37 -13.91 -3.33
C TYR D 396 21.18 -12.65 -3.06
N VAL D 397 22.47 -12.65 -3.35
CA VAL D 397 23.33 -11.51 -3.11
C VAL D 397 24.26 -11.33 -4.30
N MET D 398 24.25 -10.13 -4.88
CA MET D 398 25.19 -9.77 -5.94
C MET D 398 25.44 -8.27 -5.85
N MET D 399 26.59 -7.85 -6.37
CA MET D 399 26.99 -6.45 -6.35
C MET D 399 26.34 -5.73 -7.52
N LYS D 400 26.29 -4.40 -7.44
CA LYS D 400 25.80 -3.64 -8.59
C LYS D 400 26.96 -3.19 -9.47
N LYS D 401 26.61 -2.38 -10.47
CA LYS D 401 27.63 -1.90 -11.41
C LYS D 401 28.51 -0.83 -10.77
N ASN D 402 27.94 0.00 -9.91
CA ASN D 402 28.68 1.07 -9.26
C ASN D 402 29.26 0.60 -7.92
N HIS D 403 30.03 -0.48 -8.00
CA HIS D 403 30.61 -1.07 -6.80
C HIS D 403 31.83 -0.28 -6.34
N GLU D 404 32.48 0.42 -7.26
CA GLU D 404 33.65 1.21 -6.88
C GLU D 404 33.25 2.60 -6.41
N MET D 405 32.04 3.04 -6.76
CA MET D 405 31.62 4.38 -6.41
C MET D 405 31.10 4.47 -4.98
N LEU D 406 30.03 3.74 -4.69
CA LEU D 406 29.36 3.81 -3.40
C LEU D 406 29.74 2.61 -2.56
N GLU D 407 29.81 2.81 -1.24
CA GLU D 407 30.42 1.86 -0.32
C GLU D 407 29.39 1.31 0.66
N GLY D 408 29.26 -0.01 0.67
CA GLY D 408 28.57 -0.69 1.76
C GLY D 408 27.10 -0.95 1.57
N ASN D 409 26.28 -0.18 2.30
CA ASN D 409 24.86 -0.49 2.44
C ASN D 409 24.10 -0.29 1.13
N GLU D 410 24.55 0.65 0.30
CA GLU D 410 23.85 0.90 -0.95
C GLU D 410 24.29 -0.08 -2.03
N ARG D 411 25.52 -0.62 -1.90
CA ARG D 411 26.18 -1.31 -3.00
C ARG D 411 25.48 -2.62 -3.38
N TYR D 412 25.05 -3.38 -2.39
CA TYR D 412 24.58 -4.74 -2.67
C TYR D 412 23.12 -4.77 -3.09
N GLU D 413 22.81 -5.68 -4.00
CA GLU D 413 21.44 -5.93 -4.43
C GLU D 413 21.18 -7.43 -4.36
N GLY D 414 19.92 -7.80 -4.42
CA GLY D 414 19.54 -9.20 -4.39
C GLY D 414 18.40 -9.44 -3.42
N TYR D 415 18.09 -10.72 -3.24
CA TYR D 415 16.96 -11.06 -2.39
C TYR D 415 17.31 -10.94 -0.92
N CYS D 416 18.50 -11.40 -0.52
CA CYS D 416 18.87 -11.35 0.89
C CYS D 416 19.17 -9.93 1.34
N VAL D 417 19.45 -9.03 0.39
CA VAL D 417 19.66 -7.63 0.73
C VAL D 417 18.37 -7.01 1.23
N ASP D 418 17.27 -7.20 0.50
CA ASP D 418 15.99 -6.62 0.92
C ASP D 418 15.42 -7.35 2.12
N LEU D 419 15.75 -8.63 2.27
CA LEU D 419 15.36 -9.34 3.49
C LEU D 419 16.13 -8.81 4.68
N ALA D 420 17.37 -8.36 4.46
CA ALA D 420 18.13 -7.72 5.52
C ALA D 420 17.54 -6.36 5.87
N ALA D 421 16.91 -5.71 4.90
CA ALA D 421 16.31 -4.41 5.18
C ALA D 421 15.04 -4.55 6.02
N GLU D 422 14.23 -5.56 5.72
CA GLU D 422 12.90 -5.61 6.33
C GLU D 422 12.95 -6.18 7.74
N ILE D 423 13.95 -7.00 8.04
CA ILE D 423 14.19 -7.39 9.42
C ILE D 423 14.70 -6.19 10.21
N ALA D 424 15.50 -5.35 9.57
CA ALA D 424 16.10 -4.20 10.24
C ALA D 424 15.05 -3.16 10.59
N LYS D 425 13.95 -3.11 9.84
CA LYS D 425 12.87 -2.19 10.18
C LYS D 425 12.13 -2.66 11.43
N HIS D 426 11.66 -3.91 11.43
CA HIS D 426 10.81 -4.38 12.51
C HIS D 426 11.58 -4.65 13.79
N CYS D 427 12.90 -4.79 13.70
CA CYS D 427 13.73 -4.97 14.89
C CYS D 427 14.55 -3.73 15.22
N GLY D 428 14.56 -2.72 14.35
CA GLY D 428 15.06 -1.40 14.69
C GLY D 428 16.55 -1.30 14.94
N PHE D 429 17.34 -2.16 14.33
CA PHE D 429 18.79 -2.15 14.50
C PHE D 429 19.43 -1.60 13.23
N LYS D 430 20.60 -0.98 13.39
CA LYS D 430 21.38 -0.59 12.23
C LYS D 430 22.24 -1.76 11.78
N TYR D 431 22.67 -1.73 10.52
CA TYR D 431 23.25 -2.92 9.90
C TYR D 431 24.31 -2.51 8.88
N LYS D 432 25.25 -3.42 8.64
CA LYS D 432 26.23 -3.29 7.58
C LYS D 432 26.35 -4.60 6.84
N LEU D 433 26.19 -4.56 5.52
CA LEU D 433 26.07 -5.76 4.71
C LEU D 433 27.43 -6.13 4.14
N THR D 434 27.94 -7.31 4.52
CA THR D 434 29.29 -7.74 4.18
C THR D 434 29.25 -9.12 3.54
N ILE D 435 30.17 -9.35 2.60
CA ILE D 435 30.37 -10.68 2.07
C ILE D 435 31.28 -11.48 3.01
N VAL D 436 30.97 -12.76 3.16
CA VAL D 436 31.87 -13.69 3.82
C VAL D 436 32.94 -14.11 2.80
N GLY D 437 34.20 -14.09 3.24
CA GLY D 437 35.31 -14.51 2.41
C GLY D 437 35.75 -15.94 2.63
N ASP D 438 34.93 -16.74 3.32
CA ASP D 438 35.33 -18.10 3.65
C ASP D 438 35.08 -19.06 2.48
N GLY D 439 34.09 -18.74 1.64
CA GLY D 439 33.73 -19.58 0.52
C GLY D 439 32.81 -20.74 0.87
N LYS D 440 32.60 -21.02 2.15
CA LYS D 440 31.75 -22.11 2.59
C LYS D 440 30.48 -21.54 3.20
N TYR D 441 29.36 -22.24 3.02
CA TYR D 441 28.15 -21.89 3.75
C TYR D 441 28.32 -22.17 5.23
N GLY D 442 29.05 -23.22 5.55
CA GLY D 442 29.30 -23.60 6.92
C GLY D 442 29.18 -25.11 7.12
N ALA D 443 30.29 -25.69 7.56
CA ALA D 443 30.41 -27.10 7.85
C ALA D 443 31.66 -27.28 8.69
N ARG D 444 31.69 -28.35 9.46
CA ARG D 444 32.80 -28.62 10.37
C ARG D 444 33.61 -29.77 9.80
N ASP D 445 34.94 -29.67 9.92
CA ASP D 445 35.81 -30.80 9.60
C ASP D 445 36.18 -31.49 10.90
N ALA D 446 35.98 -32.81 10.97
CA ALA D 446 36.17 -33.53 12.22
C ALA D 446 37.65 -33.67 12.57
N ASP D 447 38.53 -33.49 11.59
CA ASP D 447 39.96 -33.53 11.86
C ASP D 447 40.45 -32.22 12.47
N THR D 448 39.79 -31.10 12.12
CA THR D 448 40.22 -29.82 12.65
C THR D 448 39.31 -29.35 13.78
N LYS D 449 38.08 -29.87 13.83
CA LYS D 449 37.05 -29.52 14.81
C LYS D 449 36.70 -28.04 14.84
N ILE D 450 36.83 -27.35 13.72
CA ILE D 450 36.53 -25.92 13.62
C ILE D 450 35.55 -25.69 12.47
N TRP D 451 34.42 -25.07 12.79
CA TRP D 451 33.49 -24.61 11.77
C TRP D 451 34.09 -23.48 10.96
N ASN D 452 34.06 -23.60 9.63
CA ASN D 452 34.39 -22.50 8.74
C ASN D 452 33.09 -21.91 8.22
N GLY D 453 33.17 -20.73 7.61
CA GLY D 453 32.01 -20.22 6.91
C GLY D 453 31.09 -19.40 7.78
N MET D 454 29.83 -19.30 7.36
CA MET D 454 28.91 -18.41 8.04
C MET D 454 28.42 -19.01 9.35
N VAL D 455 28.59 -20.31 9.52
CA VAL D 455 28.30 -20.91 10.81
C VAL D 455 29.41 -20.60 11.80
N GLY D 456 30.66 -20.71 11.34
CA GLY D 456 31.79 -20.41 12.21
C GLY D 456 31.92 -18.95 12.55
N GLU D 457 31.43 -18.08 11.67
CA GLU D 457 31.51 -16.65 11.94
C GLU D 457 30.44 -16.19 12.92
N LEU D 458 29.54 -17.09 13.32
CA LEU D 458 28.61 -16.77 14.38
C LEU D 458 29.00 -17.47 15.68
N VAL D 459 29.67 -18.62 15.57
CA VAL D 459 30.16 -19.31 16.76
C VAL D 459 31.33 -18.55 17.39
N TYR D 460 32.28 -18.13 16.55
CA TYR D 460 33.46 -17.43 17.04
C TYR D 460 33.24 -15.93 17.18
N GLY D 461 31.98 -15.48 17.13
CA GLY D 461 31.66 -14.09 17.35
C GLY D 461 32.10 -13.12 16.27
N LYS D 462 32.48 -13.62 15.09
CA LYS D 462 32.97 -12.75 14.03
C LYS D 462 31.85 -11.95 13.39
N ALA D 463 30.64 -12.51 13.36
CA ALA D 463 29.49 -11.85 12.76
C ALA D 463 28.31 -11.91 13.72
N ASP D 464 27.26 -11.13 13.44
CA ASP D 464 26.15 -11.02 14.38
C ASP D 464 24.89 -11.70 13.86
N ILE D 465 24.74 -11.81 12.54
CA ILE D 465 23.54 -12.37 11.94
C ILE D 465 23.89 -12.86 10.54
N ALA D 466 23.23 -13.93 10.11
CA ALA D 466 23.49 -14.52 8.81
C ALA D 466 22.18 -14.60 8.03
N ILE D 467 22.07 -13.80 6.99
CA ILE D 467 20.90 -13.76 6.13
C ILE D 467 21.37 -14.26 4.77
N ALA D 468 21.19 -15.55 4.53
CA ALA D 468 21.90 -16.22 3.45
C ALA D 468 21.25 -17.57 3.14
N PRO D 469 21.58 -18.21 2.01
CA PRO D 469 21.06 -19.58 1.81
C PRO D 469 21.74 -20.61 2.72
N LEU D 470 21.29 -20.66 3.95
CA LEU D 470 21.84 -21.55 4.96
C LEU D 470 20.81 -22.61 5.27
N THR D 471 21.02 -23.81 4.73
CA THR D 471 20.06 -24.89 4.90
C THR D 471 20.09 -25.43 6.32
N ILE D 472 18.93 -25.45 6.96
CA ILE D 472 18.82 -25.85 8.36
C ILE D 472 19.06 -27.35 8.47
N THR D 473 20.18 -27.72 9.07
CA THR D 473 20.53 -29.12 9.27
C THR D 473 20.56 -29.41 10.76
N LEU D 474 20.88 -30.66 11.09
CA LEU D 474 20.98 -31.05 12.49
C LEU D 474 22.25 -30.50 13.12
N VAL D 475 23.35 -30.50 12.36
CA VAL D 475 24.63 -30.11 12.93
C VAL D 475 24.74 -28.59 13.06
N ARG D 476 23.96 -27.85 12.26
CA ARG D 476 23.99 -26.40 12.35
C ARG D 476 23.13 -25.89 13.49
N GLU D 477 22.13 -26.68 13.89
CA GLU D 477 21.24 -26.25 14.97
C GLU D 477 21.93 -26.34 16.32
N GLU D 478 22.92 -27.22 16.45
CA GLU D 478 23.58 -27.42 17.74
C GLU D 478 24.42 -26.21 18.14
N VAL D 479 25.04 -25.53 17.19
CA VAL D 479 25.97 -24.46 17.50
C VAL D 479 25.30 -23.09 17.41
N ILE D 480 24.31 -22.92 16.54
CA ILE D 480 23.59 -21.65 16.41
C ILE D 480 22.10 -21.94 16.25
N ASP D 481 21.28 -20.97 16.65
CA ASP D 481 19.84 -21.10 16.56
C ASP D 481 19.32 -20.38 15.32
N PHE D 482 18.22 -20.89 14.77
CA PHE D 482 17.59 -20.28 13.60
C PHE D 482 16.24 -19.71 13.95
N SER D 483 15.78 -18.80 13.10
CA SER D 483 14.39 -18.40 13.10
C SER D 483 13.60 -19.41 12.27
N LYS D 484 12.31 -19.16 12.14
CA LYS D 484 11.47 -20.05 11.35
C LYS D 484 11.82 -19.89 9.87
N PRO D 485 11.55 -20.89 9.04
CA PRO D 485 11.94 -20.77 7.62
C PRO D 485 11.17 -19.72 6.86
N PHE D 486 11.90 -18.74 6.35
CA PHE D 486 11.27 -17.70 5.54
C PHE D 486 10.99 -18.21 4.14
N MET D 487 11.71 -19.24 3.70
CA MET D 487 11.53 -19.83 2.39
C MET D 487 11.49 -21.34 2.53
N SER D 488 10.54 -21.96 1.86
CA SER D 488 10.51 -23.41 1.70
C SER D 488 11.21 -23.76 0.41
N LEU D 489 11.74 -24.97 0.33
CA LEU D 489 12.39 -25.44 -0.89
C LEU D 489 12.35 -26.97 -0.91
N GLY D 490 13.00 -27.54 -1.92
CA GLY D 490 13.09 -28.99 -2.02
C GLY D 490 14.00 -29.40 -3.15
N ILE D 491 14.21 -30.70 -3.24
CA ILE D 491 14.93 -31.25 -4.39
C ILE D 491 13.95 -31.40 -5.55
N SER D 492 14.29 -30.78 -6.68
CA SER D 492 13.38 -30.75 -7.82
C SER D 492 14.15 -30.99 -9.10
N ILE D 493 13.45 -31.53 -10.10
CA ILE D 493 14.11 -31.99 -11.31
C ILE D 493 14.22 -30.85 -12.31
N MET D 494 15.41 -30.67 -12.87
CA MET D 494 15.64 -29.73 -13.96
C MET D 494 15.84 -30.49 -15.25
N ILE D 495 15.02 -30.18 -16.26
CA ILE D 495 15.19 -30.74 -17.60
C ILE D 495 15.09 -29.62 -18.61
N LYS D 496 15.41 -29.96 -19.86
CA LYS D 496 15.40 -29.02 -20.96
C LYS D 496 13.98 -28.56 -21.26
N LYS D 497 13.82 -27.32 -21.73
CA LYS D 497 12.55 -26.89 -22.30
C LYS D 497 12.21 -27.80 -23.48
N PRO D 498 11.04 -28.43 -23.49
CA PRO D 498 10.72 -29.32 -24.60
C PRO D 498 10.39 -28.51 -25.84
N GLN D 499 11.38 -28.43 -26.73
CA GLN D 499 11.23 -27.78 -28.01
C GLN D 499 10.51 -28.74 -28.93
N LYS D 500 10.20 -28.27 -30.14
CA LYS D 500 9.78 -29.20 -31.17
C LYS D 500 10.99 -30.05 -31.57
N SER D 501 10.78 -31.36 -31.64
CA SER D 501 11.85 -32.25 -32.04
C SER D 501 11.88 -32.35 -33.56
N LYS D 502 12.62 -33.33 -34.05
CA LYS D 502 12.41 -33.74 -35.42
C LYS D 502 11.03 -34.36 -35.53
N PRO D 503 10.23 -34.00 -36.52
CA PRO D 503 9.01 -34.76 -36.79
C PRO D 503 9.38 -36.15 -37.26
N GLY D 504 8.54 -37.12 -36.88
CA GLY D 504 8.92 -38.52 -37.04
C GLY D 504 8.95 -38.95 -38.49
N VAL D 505 9.56 -40.11 -38.71
CA VAL D 505 9.73 -40.65 -40.04
C VAL D 505 8.41 -41.20 -40.56
N PHE D 506 7.52 -41.60 -39.65
CA PHE D 506 6.13 -41.89 -39.98
C PHE D 506 5.17 -40.91 -39.33
N SER D 507 5.48 -39.61 -39.36
CA SER D 507 4.64 -38.64 -38.67
C SER D 507 3.45 -38.18 -39.49
N PHE D 508 3.23 -38.73 -40.68
CA PHE D 508 2.04 -38.36 -41.44
C PHE D 508 0.79 -38.99 -40.85
N LEU D 509 0.94 -40.14 -40.21
CA LEU D 509 -0.22 -40.80 -39.59
C LEU D 509 -0.33 -40.52 -38.11
N ASP D 510 0.21 -39.40 -37.67
CA ASP D 510 -0.04 -38.89 -36.32
C ASP D 510 -1.49 -38.61 -35.91
N PRO D 511 -2.43 -38.19 -36.78
CA PRO D 511 -3.81 -38.00 -36.29
C PRO D 511 -4.52 -39.26 -35.88
N LEU D 512 -4.63 -40.24 -36.77
CA LEU D 512 -5.31 -41.47 -36.43
C LEU D 512 -4.32 -42.41 -35.76
N ALA D 513 -4.69 -42.89 -34.60
CA ALA D 513 -3.78 -43.69 -33.79
C ALA D 513 -3.58 -45.08 -34.42
N TYR D 514 -2.71 -45.86 -33.79
CA TYR D 514 -2.34 -47.14 -34.38
C TYR D 514 -3.44 -48.19 -34.25
N GLU D 515 -4.46 -47.91 -33.43
CA GLU D 515 -5.57 -48.85 -33.35
C GLU D 515 -6.49 -48.73 -34.55
N ILE D 516 -6.37 -47.64 -35.31
CA ILE D 516 -7.29 -47.45 -36.43
C ILE D 516 -6.65 -47.88 -37.74
N TRP D 517 -5.35 -47.60 -37.93
CA TRP D 517 -4.69 -47.95 -39.18
C TRP D 517 -4.58 -49.46 -39.34
N MET D 518 -4.51 -50.19 -38.23
CA MET D 518 -4.62 -51.64 -38.30
C MET D 518 -6.03 -52.05 -38.62
N CYS D 519 -7.02 -51.36 -38.04
CA CYS D 519 -8.40 -51.81 -38.15
C CYS D 519 -9.01 -51.42 -39.49
N ILE D 520 -8.51 -50.34 -40.10
CA ILE D 520 -8.91 -50.00 -41.47
C ILE D 520 -8.46 -51.08 -42.43
N VAL D 521 -7.21 -51.53 -42.28
CA VAL D 521 -6.67 -52.61 -43.13
C VAL D 521 -7.41 -53.91 -42.87
N PHE D 522 -7.77 -54.16 -41.62
CA PHE D 522 -8.65 -55.29 -41.30
C PHE D 522 -10.02 -55.13 -41.94
N ALA D 523 -10.52 -53.90 -42.00
CA ALA D 523 -11.80 -53.66 -42.65
C ALA D 523 -11.63 -53.47 -44.15
N TYR D 524 -10.41 -53.20 -44.61
CA TYR D 524 -10.16 -53.18 -46.04
C TYR D 524 -10.26 -54.57 -46.63
N ILE D 525 -9.71 -55.57 -45.93
CA ILE D 525 -9.71 -56.93 -46.42
C ILE D 525 -11.11 -57.51 -46.39
N GLY D 526 -11.86 -57.25 -45.30
CA GLY D 526 -13.14 -57.91 -45.11
C GLY D 526 -14.19 -57.46 -46.11
N VAL D 527 -14.22 -56.16 -46.40
CA VAL D 527 -15.19 -55.63 -47.35
C VAL D 527 -14.83 -56.06 -48.77
N SER D 528 -13.54 -56.24 -49.04
CA SER D 528 -13.12 -56.78 -50.33
C SER D 528 -13.51 -58.24 -50.49
N VAL D 529 -13.32 -59.05 -49.44
CA VAL D 529 -13.62 -60.48 -49.51
C VAL D 529 -15.12 -60.71 -49.60
N VAL D 530 -15.91 -59.95 -48.84
CA VAL D 530 -17.36 -60.13 -48.86
C VAL D 530 -17.95 -59.69 -50.20
N LEU D 531 -17.31 -58.72 -50.86
CA LEU D 531 -17.76 -58.34 -52.21
C LEU D 531 -17.46 -59.44 -53.22
N PHE D 532 -16.41 -60.22 -53.00
CA PHE D 532 -16.16 -61.37 -53.86
C PHE D 532 -17.15 -62.51 -53.57
N LEU D 533 -17.61 -62.62 -52.33
CA LEU D 533 -18.58 -63.66 -52.00
C LEU D 533 -19.94 -63.36 -52.61
N VAL D 534 -20.23 -62.09 -52.89
CA VAL D 534 -21.50 -61.74 -53.50
C VAL D 534 -21.53 -62.16 -54.96
N SER D 535 -20.48 -61.83 -55.71
CA SER D 535 -20.46 -62.20 -57.13
C SER D 535 -20.16 -63.68 -57.33
N ARG D 536 -19.72 -64.38 -56.28
CA ARG D 536 -19.61 -65.83 -56.38
C ARG D 536 -20.96 -66.49 -56.14
N PHE D 537 -21.82 -65.87 -55.34
CA PHE D 537 -23.17 -66.40 -55.14
C PHE D 537 -24.06 -66.07 -56.33
N SER D 538 -24.27 -64.78 -56.59
CA SER D 538 -25.12 -64.33 -57.69
C SER D 538 -24.28 -63.50 -58.65
N PRO D 539 -24.27 -63.82 -59.95
CA PRO D 539 -23.38 -63.09 -60.87
C PRO D 539 -23.85 -61.68 -61.19
N TYR D 540 -25.16 -61.42 -61.08
CA TYR D 540 -25.70 -60.09 -61.34
C TYR D 540 -27.01 -59.89 -60.60
N SER D 558 -22.36 -61.73 -68.56
CA SER D 558 -22.60 -63.07 -68.03
C SER D 558 -21.44 -63.50 -67.14
N THR D 559 -20.22 -63.28 -67.60
CA THR D 559 -19.04 -63.56 -66.80
C THR D 559 -18.91 -62.52 -65.70
N ASN D 560 -18.29 -62.92 -64.59
CA ASN D 560 -18.13 -61.99 -63.47
C ASN D 560 -16.99 -61.02 -63.74
N GLU D 561 -17.29 -59.73 -63.65
CA GLU D 561 -16.23 -58.73 -63.66
C GLU D 561 -15.42 -58.78 -62.39
N PHE D 562 -16.10 -58.86 -61.24
CA PHE D 562 -15.45 -58.85 -59.95
C PHE D 562 -14.92 -60.24 -59.65
N GLY D 563 -13.63 -60.44 -59.89
CA GLY D 563 -12.89 -61.51 -59.26
C GLY D 563 -12.43 -61.05 -57.90
N ILE D 564 -11.62 -61.90 -57.26
CA ILE D 564 -11.12 -61.55 -55.94
C ILE D 564 -9.96 -60.57 -56.07
N PHE D 565 -9.34 -60.51 -57.25
CA PHE D 565 -8.24 -59.57 -57.43
C PHE D 565 -8.76 -58.21 -57.87
N ASN D 566 -9.88 -58.17 -58.57
CA ASN D 566 -10.50 -56.88 -58.89
C ASN D 566 -11.22 -56.31 -57.68
N SER D 567 -11.56 -57.16 -56.71
CA SER D 567 -12.31 -56.69 -55.55
C SER D 567 -11.40 -56.03 -54.52
N LEU D 568 -10.12 -56.41 -54.48
CA LEU D 568 -9.16 -55.60 -53.73
C LEU D 568 -8.93 -54.26 -54.42
N TRP D 569 -9.12 -54.23 -55.73
CA TRP D 569 -8.89 -53.01 -56.48
C TRP D 569 -10.04 -52.03 -56.33
N PHE D 570 -11.25 -52.53 -56.10
CA PHE D 570 -12.38 -51.62 -55.97
C PHE D 570 -12.40 -50.99 -54.58
N SER D 571 -12.05 -51.76 -53.56
CA SER D 571 -12.03 -51.20 -52.21
C SER D 571 -10.87 -50.24 -52.03
N LEU D 572 -9.77 -50.44 -52.75
CA LEU D 572 -8.67 -49.48 -52.70
C LEU D 572 -9.04 -48.18 -53.39
N GLY D 573 -9.70 -48.27 -54.54
CA GLY D 573 -10.10 -47.07 -55.25
C GLY D 573 -11.18 -46.30 -54.51
N ALA D 574 -12.01 -47.00 -53.77
CA ALA D 574 -13.02 -46.33 -52.98
C ALA D 574 -12.43 -45.64 -51.77
N PHE D 575 -11.32 -46.18 -51.25
CA PHE D 575 -10.73 -45.57 -50.05
C PHE D 575 -9.89 -44.36 -50.41
N MET D 576 -9.31 -44.33 -51.59
CA MET D 576 -8.48 -43.22 -51.99
C MET D 576 -9.23 -42.20 -52.82
N GLN D 577 -10.56 -42.26 -52.81
CA GLN D 577 -11.48 -41.39 -53.54
C GLN D 577 -11.21 -41.37 -55.04
N GLN D 578 -10.70 -42.46 -55.59
CA GLN D 578 -10.38 -42.55 -57.01
C GLN D 578 -11.43 -43.44 -57.65
N GLY D 579 -12.34 -42.84 -58.40
CA GLY D 579 -13.49 -43.54 -58.95
C GLY D 579 -13.14 -44.64 -59.92
N CYS D 580 -13.34 -45.88 -59.50
CA CYS D 580 -13.00 -47.01 -60.35
C CYS D 580 -14.02 -47.16 -61.46
N ASP D 581 -13.54 -47.60 -62.62
CA ASP D 581 -14.42 -47.78 -63.77
C ASP D 581 -15.38 -48.95 -63.58
N ILE D 582 -14.93 -49.97 -62.86
CA ILE D 582 -15.78 -51.13 -62.62
C ILE D 582 -16.72 -50.84 -61.47
N SER D 583 -18.01 -51.09 -61.68
CA SER D 583 -19.01 -50.74 -60.69
C SER D 583 -19.83 -51.96 -60.30
N PRO D 584 -20.28 -52.06 -59.05
CA PRO D 584 -21.19 -53.15 -58.68
C PRO D 584 -22.56 -52.97 -59.33
N ARG D 585 -23.20 -54.09 -59.61
CA ARG D 585 -24.53 -54.07 -60.19
C ARG D 585 -25.58 -54.79 -59.36
N SER D 586 -25.23 -55.90 -58.72
CA SER D 586 -26.19 -56.62 -57.88
C SER D 586 -26.47 -55.84 -56.61
N LEU D 587 -27.64 -56.10 -56.02
CA LEU D 587 -28.05 -55.39 -54.80
C LEU D 587 -27.11 -55.67 -53.65
N SER D 588 -26.68 -56.92 -53.50
CA SER D 588 -25.75 -57.23 -52.42
C SER D 588 -24.33 -56.83 -52.81
N GLY D 589 -24.12 -56.50 -54.08
CA GLY D 589 -22.89 -55.83 -54.45
C GLY D 589 -22.96 -54.34 -54.18
N ARG D 590 -24.16 -53.78 -54.18
CA ARG D 590 -24.30 -52.33 -54.02
C ARG D 590 -24.56 -51.95 -52.57
N ILE D 591 -24.93 -52.91 -51.72
CA ILE D 591 -24.94 -52.63 -50.29
C ILE D 591 -23.52 -52.64 -49.75
N VAL D 592 -22.67 -53.51 -50.29
CA VAL D 592 -21.26 -53.51 -49.91
C VAL D 592 -20.56 -52.25 -50.39
N GLY D 593 -20.74 -51.90 -51.66
CA GLY D 593 -20.14 -50.69 -52.17
C GLY D 593 -20.85 -49.42 -51.70
N GLY D 594 -22.02 -49.58 -51.08
CA GLY D 594 -22.74 -48.43 -50.57
C GLY D 594 -22.33 -48.06 -49.16
N VAL D 595 -22.09 -49.06 -48.32
CA VAL D 595 -21.71 -48.79 -46.93
C VAL D 595 -20.24 -48.43 -46.85
N TRP D 596 -19.41 -49.10 -47.66
CA TRP D 596 -17.97 -48.83 -47.67
C TRP D 596 -17.67 -47.42 -48.16
N TRP D 597 -18.50 -46.89 -49.05
CA TRP D 597 -18.32 -45.52 -49.51
C TRP D 597 -18.55 -44.52 -48.39
N PHE D 598 -19.45 -44.84 -47.46
CA PHE D 598 -19.64 -43.97 -46.31
C PHE D 598 -18.52 -44.16 -45.29
N PHE D 599 -17.84 -45.31 -45.33
CA PHE D 599 -16.68 -45.48 -44.45
C PHE D 599 -15.54 -44.57 -44.86
N THR D 600 -15.41 -44.29 -46.15
CA THR D 600 -14.29 -43.47 -46.57
C THR D 600 -14.60 -41.99 -46.44
N LEU D 601 -15.89 -41.64 -46.41
CA LEU D 601 -16.24 -40.24 -46.27
C LEU D 601 -15.96 -39.75 -44.86
N ILE D 602 -16.09 -40.63 -43.87
CA ILE D 602 -15.83 -40.22 -42.50
C ILE D 602 -14.34 -40.21 -42.21
N ILE D 603 -13.63 -41.26 -42.63
CA ILE D 603 -12.23 -41.43 -42.22
C ILE D 603 -11.33 -40.41 -42.91
N ILE D 604 -11.59 -40.11 -44.18
CA ILE D 604 -10.79 -39.08 -44.84
C ILE D 604 -11.16 -37.71 -44.29
N SER D 605 -12.41 -37.50 -43.90
CA SER D 605 -12.75 -36.24 -43.27
C SER D 605 -12.32 -36.21 -41.82
N SER D 606 -12.14 -37.35 -41.19
CA SER D 606 -11.58 -37.32 -39.85
C SER D 606 -10.09 -37.05 -39.90
N TYR D 607 -9.42 -37.55 -40.94
CA TYR D 607 -7.98 -37.36 -41.03
C TYR D 607 -7.63 -35.94 -41.43
N THR D 608 -8.44 -35.34 -42.31
CA THR D 608 -8.19 -33.96 -42.71
C THR D 608 -8.50 -33.00 -41.57
N ALA D 609 -9.54 -33.30 -40.79
CA ALA D 609 -9.91 -32.43 -39.69
C ALA D 609 -8.89 -32.50 -38.56
N ASN D 610 -8.29 -33.67 -38.36
CA ASN D 610 -7.43 -33.80 -37.18
C ASN D 610 -6.02 -33.27 -37.45
N LEU D 611 -5.56 -33.32 -38.71
CA LEU D 611 -4.32 -32.63 -39.05
C LEU D 611 -4.45 -31.12 -38.93
N ALA D 612 -5.68 -30.60 -39.05
CA ALA D 612 -5.89 -29.20 -38.75
C ALA D 612 -5.72 -28.94 -37.27
N ALA D 613 -6.04 -29.94 -36.45
CA ALA D 613 -5.98 -29.74 -35.01
C ALA D 613 -4.55 -29.84 -34.50
N PHE D 614 -3.63 -30.35 -35.31
CA PHE D 614 -2.23 -30.36 -34.88
C PHE D 614 -1.51 -29.09 -35.28
N LEU D 615 -1.68 -28.67 -36.53
CA LEU D 615 -0.88 -27.56 -37.01
C LEU D 615 -1.42 -26.23 -36.51
N THR D 616 -2.66 -26.19 -36.07
CA THR D 616 -3.21 -24.95 -35.51
C THR D 616 -2.72 -24.76 -34.09
N VAL D 617 -3.05 -25.71 -33.21
CA VAL D 617 -2.65 -25.58 -31.82
C VAL D 617 -1.80 -26.78 -31.43
N GLU D 618 -0.52 -26.54 -31.25
CA GLU D 618 0.45 -27.56 -30.88
C GLU D 618 0.73 -27.47 -29.39
N ARG D 619 0.90 -28.63 -28.76
CA ARG D 619 1.17 -28.69 -27.33
C ARG D 619 2.39 -29.58 -27.12
N MET D 620 3.51 -28.94 -26.82
CA MET D 620 4.77 -29.63 -26.59
C MET D 620 4.78 -30.18 -25.17
N VAL D 621 4.94 -31.48 -25.04
CA VAL D 621 4.75 -32.18 -23.78
C VAL D 621 6.12 -32.63 -23.26
N SER D 622 6.28 -32.59 -21.94
CA SER D 622 7.55 -32.97 -21.35
C SER D 622 7.72 -34.48 -21.35
N PRO D 623 8.95 -34.99 -21.40
CA PRO D 623 9.12 -36.45 -21.29
C PRO D 623 8.80 -36.99 -19.92
N ILE D 624 9.23 -36.31 -18.86
CA ILE D 624 9.02 -36.76 -17.48
C ILE D 624 8.21 -35.71 -16.75
N GLU D 625 7.47 -36.15 -15.72
CA GLU D 625 6.66 -35.25 -14.91
C GLU D 625 6.72 -35.59 -13.43
N SER D 626 7.55 -36.55 -13.04
CA SER D 626 7.64 -36.99 -11.66
C SER D 626 8.96 -37.70 -11.44
N ALA D 627 9.34 -37.83 -10.18
CA ALA D 627 10.55 -38.57 -9.84
C ALA D 627 10.34 -40.07 -9.99
N GLU D 628 9.08 -40.52 -9.94
CA GLU D 628 8.81 -41.92 -10.24
C GLU D 628 8.93 -42.18 -11.74
N ASP D 629 8.88 -41.12 -12.56
CA ASP D 629 9.03 -41.30 -13.99
C ASP D 629 10.49 -41.41 -14.38
N LEU D 630 11.38 -40.87 -13.54
CA LEU D 630 12.81 -41.14 -13.72
C LEU D 630 13.18 -42.52 -13.20
N SER D 631 12.31 -43.12 -12.39
CA SER D 631 12.58 -44.46 -11.89
C SER D 631 12.31 -45.50 -12.96
N LYS D 632 11.08 -45.53 -13.47
CA LYS D 632 10.63 -46.56 -14.41
C LYS D 632 11.17 -46.36 -15.82
N GLN D 633 11.87 -45.26 -16.08
CA GLN D 633 12.45 -45.02 -17.39
C GLN D 633 13.95 -44.78 -17.27
N THR D 634 14.73 -45.59 -17.97
CA THR D 634 16.18 -45.53 -17.91
C THR D 634 16.79 -44.91 -19.16
N GLU D 635 15.98 -44.27 -20.01
CA GLU D 635 16.51 -43.71 -21.24
C GLU D 635 17.11 -42.33 -21.01
N ILE D 636 16.62 -41.59 -20.01
CA ILE D 636 17.07 -40.24 -19.74
C ILE D 636 17.93 -40.27 -18.48
N ALA D 637 19.14 -39.74 -18.58
CA ALA D 637 20.05 -39.74 -17.45
C ALA D 637 19.67 -38.64 -16.47
N TYR D 638 20.00 -38.85 -15.20
CA TYR D 638 19.70 -37.88 -14.15
C TYR D 638 20.76 -37.95 -13.05
N GLY D 639 21.21 -36.78 -12.58
CA GLY D 639 22.26 -36.72 -11.59
C GLY D 639 22.19 -35.49 -10.72
N THR D 640 23.05 -35.48 -9.70
CA THR D 640 23.12 -34.42 -8.70
C THR D 640 24.50 -33.80 -8.70
N LEU D 641 24.77 -33.00 -7.66
CA LEU D 641 26.10 -32.44 -7.49
C LEU D 641 26.96 -33.39 -6.66
N ASP D 642 28.28 -33.36 -6.90
CA ASP D 642 29.16 -34.39 -6.36
C ASP D 642 29.37 -34.24 -4.86
N SER D 643 29.36 -33.01 -4.36
CA SER D 643 29.59 -32.75 -2.94
C SER D 643 28.49 -31.82 -2.45
N GLY D 644 27.38 -32.41 -2.02
CA GLY D 644 26.28 -31.60 -1.53
C GLY D 644 25.34 -32.46 -0.71
N SER D 645 24.38 -31.79 -0.08
CA SER D 645 23.40 -32.48 0.75
C SER D 645 22.42 -33.28 -0.11
N THR D 646 22.30 -32.94 -1.39
CA THR D 646 21.36 -33.63 -2.26
C THR D 646 21.85 -35.04 -2.59
N LYS D 647 23.17 -35.19 -2.79
CA LYS D 647 23.75 -36.52 -2.95
C LYS D 647 23.74 -37.27 -1.63
N GLU D 648 23.85 -36.53 -0.52
CA GLU D 648 23.76 -37.11 0.81
C GLU D 648 22.36 -37.63 1.09
N PHE D 649 21.36 -37.07 0.41
CA PHE D 649 19.97 -37.41 0.71
C PHE D 649 19.59 -38.79 0.20
N PHE D 650 20.02 -39.14 -1.02
CA PHE D 650 19.54 -40.37 -1.65
C PHE D 650 20.23 -41.60 -1.09
N ARG D 651 21.41 -41.41 -0.47
CA ARG D 651 22.09 -42.54 0.16
C ARG D 651 21.35 -43.02 1.40
N ARG D 652 20.90 -42.08 2.23
CA ARG D 652 20.23 -42.41 3.48
C ARG D 652 18.73 -42.59 3.33
N SER D 653 18.24 -42.73 2.12
CA SER D 653 16.81 -42.83 1.90
C SER D 653 16.33 -44.25 2.22
N LYS D 654 15.08 -44.34 2.68
CA LYS D 654 14.37 -45.61 2.77
C LYS D 654 13.06 -45.57 2.00
N ILE D 655 12.94 -44.65 1.05
CA ILE D 655 11.79 -44.59 0.15
C ILE D 655 12.05 -45.57 -0.98
N ALA D 656 10.99 -46.24 -1.45
CA ALA D 656 11.14 -47.28 -2.46
C ALA D 656 11.64 -46.72 -3.78
N VAL D 657 11.12 -45.57 -4.20
CA VAL D 657 11.55 -44.97 -5.45
C VAL D 657 12.92 -44.35 -5.30
N PHE D 658 13.17 -43.69 -4.16
CA PHE D 658 14.42 -42.96 -3.98
C PHE D 658 15.58 -43.91 -3.72
N ASP D 659 15.30 -45.15 -3.32
CA ASP D 659 16.35 -46.15 -3.23
C ASP D 659 16.74 -46.63 -4.63
N LYS D 660 15.78 -46.66 -5.55
CA LYS D 660 16.08 -47.07 -6.92
C LYS D 660 16.86 -45.99 -7.65
N MET D 661 16.65 -44.73 -7.28
CA MET D 661 17.33 -43.65 -7.96
C MET D 661 18.79 -43.55 -7.54
N TRP D 662 19.08 -43.88 -6.27
CA TRP D 662 20.45 -43.79 -5.79
C TRP D 662 21.32 -44.90 -6.36
N THR D 663 20.73 -46.08 -6.57
CA THR D 663 21.50 -47.16 -7.20
C THR D 663 21.82 -46.83 -8.65
N TYR D 664 20.88 -46.19 -9.35
CA TYR D 664 21.07 -45.88 -10.76
C TYR D 664 22.07 -44.76 -10.96
N MET D 665 22.28 -43.93 -9.93
CA MET D 665 23.34 -42.94 -9.99
C MET D 665 24.71 -43.58 -9.87
N ARG D 666 24.77 -44.81 -9.38
CA ARG D 666 26.04 -45.50 -9.17
C ARG D 666 26.20 -46.71 -10.10
N SER D 667 25.11 -47.46 -10.34
CA SER D 667 25.26 -48.73 -11.05
C SER D 667 25.48 -48.54 -12.55
N ALA D 668 24.48 -48.03 -13.25
CA ALA D 668 24.59 -47.78 -14.68
C ALA D 668 25.19 -46.39 -14.86
N GLU D 669 26.49 -46.33 -15.15
CA GLU D 669 27.19 -45.07 -14.98
C GLU D 669 28.34 -44.91 -15.97
N PRO D 670 28.12 -44.10 -17.03
CA PRO D 670 29.16 -43.15 -17.44
C PRO D 670 28.97 -41.93 -16.54
N SER D 671 29.90 -40.97 -16.49
CA SER D 671 30.01 -40.07 -15.34
C SER D 671 28.77 -39.20 -15.16
N VAL D 672 27.96 -39.57 -14.17
CA VAL D 672 26.63 -39.00 -13.94
C VAL D 672 26.75 -37.66 -13.24
N PHE D 673 27.52 -37.63 -12.15
CA PHE D 673 27.64 -36.44 -11.32
C PHE D 673 28.47 -35.38 -12.05
N VAL D 674 28.33 -34.14 -11.60
CA VAL D 674 29.08 -33.02 -12.15
C VAL D 674 29.90 -32.39 -11.03
N ARG D 675 30.70 -31.40 -11.40
CA ARG D 675 31.57 -30.76 -10.43
C ARG D 675 30.80 -29.81 -9.52
N THR D 676 30.22 -28.76 -10.08
CA THR D 676 29.46 -27.79 -9.29
C THR D 676 28.13 -27.59 -10.02
N THR D 677 27.36 -26.58 -9.58
CA THR D 677 26.02 -26.37 -10.09
C THR D 677 26.04 -25.88 -11.54
N ALA D 678 27.00 -25.03 -11.89
CA ALA D 678 27.06 -24.46 -13.23
C ALA D 678 27.42 -25.51 -14.26
N GLU D 679 28.17 -26.53 -13.87
CA GLU D 679 28.45 -27.63 -14.79
C GLU D 679 27.25 -28.55 -14.93
N GLY D 680 26.39 -28.59 -13.91
CA GLY D 680 25.17 -29.37 -14.03
C GLY D 680 24.17 -28.73 -14.96
N VAL D 681 24.06 -27.40 -14.91
CA VAL D 681 23.20 -26.67 -15.84
C VAL D 681 23.73 -26.78 -17.25
N ALA D 682 25.06 -26.77 -17.40
CA ALA D 682 25.65 -26.81 -18.73
C ALA D 682 25.52 -28.19 -19.37
N ARG D 683 25.33 -29.23 -18.57
CA ARG D 683 25.11 -30.54 -19.16
C ARG D 683 23.66 -30.66 -19.66
N VAL D 684 22.75 -29.92 -19.03
CA VAL D 684 21.36 -29.94 -19.48
C VAL D 684 21.22 -29.26 -20.85
N ARG D 685 21.92 -28.15 -21.04
CA ARG D 685 21.86 -27.46 -22.33
C ARG D 685 22.54 -28.27 -23.42
N LYS D 686 23.55 -29.05 -23.07
CA LYS D 686 24.32 -29.77 -24.07
C LYS D 686 23.70 -31.10 -24.45
N SER D 687 23.23 -31.90 -23.49
CA SER D 687 22.82 -33.26 -23.78
C SER D 687 21.42 -33.37 -24.38
N LYS D 688 20.74 -32.24 -24.56
CA LYS D 688 19.54 -32.12 -25.42
C LYS D 688 18.38 -33.00 -24.93
N GLY D 689 18.09 -32.93 -23.63
CA GLY D 689 17.00 -33.68 -23.07
C GLY D 689 17.33 -35.08 -22.63
N LYS D 690 18.60 -35.48 -22.71
CA LYS D 690 19.00 -36.78 -22.20
C LYS D 690 19.54 -36.71 -20.77
N TYR D 691 19.88 -35.53 -20.27
CA TYR D 691 20.39 -35.38 -18.92
C TYR D 691 19.47 -34.48 -18.11
N ALA D 692 18.92 -35.03 -17.03
CA ALA D 692 18.21 -34.26 -16.01
C ALA D 692 19.19 -33.95 -14.89
N TYR D 693 18.96 -32.86 -14.19
CA TYR D 693 19.86 -32.45 -13.12
C TYR D 693 19.05 -32.12 -11.87
N LEU D 694 19.25 -32.90 -10.81
CA LEU D 694 18.47 -32.76 -9.59
C LEU D 694 19.17 -31.76 -8.68
N LEU D 695 18.44 -30.72 -8.28
CA LEU D 695 19.02 -29.66 -7.46
C LEU D 695 17.92 -29.00 -6.66
N GLU D 696 18.28 -27.91 -5.98
CA GLU D 696 17.35 -27.20 -5.11
C GLU D 696 16.23 -26.55 -5.92
N SER D 697 15.10 -26.33 -5.25
CA SER D 697 13.95 -25.72 -5.91
C SER D 697 14.10 -24.22 -6.00
N THR D 698 15.03 -23.63 -5.25
CA THR D 698 15.25 -22.21 -5.37
C THR D 698 16.26 -21.90 -6.47
N MET D 699 17.04 -22.90 -6.89
CA MET D 699 17.92 -22.72 -8.04
C MET D 699 17.25 -23.20 -9.32
N ASN D 700 16.27 -24.11 -9.20
CA ASN D 700 15.61 -24.63 -10.39
C ASN D 700 14.66 -23.59 -10.98
N GLU D 701 14.28 -22.59 -10.20
CA GLU D 701 13.42 -21.55 -10.74
C GLU D 701 14.24 -20.40 -11.32
N TYR D 702 15.37 -20.06 -10.71
CA TYR D 702 16.12 -18.90 -11.19
C TYR D 702 16.85 -19.20 -12.48
N ILE D 703 17.33 -20.44 -12.66
CA ILE D 703 17.91 -20.84 -13.93
C ILE D 703 16.84 -20.88 -15.01
N GLU D 704 15.61 -21.22 -14.63
CA GLU D 704 14.48 -21.21 -15.56
C GLU D 704 14.16 -19.79 -16.03
N GLN D 705 14.35 -18.80 -15.17
CA GLN D 705 14.00 -17.42 -15.48
C GLN D 705 15.20 -16.58 -15.89
N ARG D 706 16.16 -17.16 -16.61
CA ARG D 706 17.39 -16.47 -16.96
C ARG D 706 17.86 -17.01 -18.31
N LYS D 707 18.58 -16.16 -19.07
CA LYS D 707 19.03 -16.50 -20.42
C LYS D 707 20.02 -17.67 -20.37
N PRO D 708 20.08 -18.51 -21.43
CA PRO D 708 19.27 -18.54 -22.65
C PRO D 708 17.92 -19.24 -22.53
N CYS D 709 17.36 -19.37 -21.32
CA CYS D 709 16.01 -19.87 -21.08
C CYS D 709 15.78 -21.27 -21.64
N ASP D 710 16.49 -22.27 -21.12
CA ASP D 710 16.44 -23.58 -21.77
C ASP D 710 16.10 -24.67 -20.77
N THR D 711 15.74 -24.29 -19.53
CA THR D 711 15.39 -25.24 -18.49
C THR D 711 13.98 -25.01 -17.99
N MET D 712 13.35 -26.07 -17.47
CA MET D 712 12.06 -25.94 -16.84
C MET D 712 12.07 -26.72 -15.54
N LYS D 713 11.00 -26.56 -14.76
CA LYS D 713 10.85 -27.23 -13.48
C LYS D 713 9.71 -28.23 -13.57
N VAL D 714 10.05 -29.51 -13.55
CA VAL D 714 9.05 -30.57 -13.64
C VAL D 714 8.97 -31.28 -12.30
N GLY D 715 7.84 -31.92 -12.07
CA GLY D 715 7.61 -32.65 -10.84
C GLY D 715 7.32 -31.73 -9.67
N GLY D 716 7.11 -32.36 -8.53
CA GLY D 716 6.89 -31.61 -7.31
C GLY D 716 8.16 -31.52 -6.51
N ASN D 717 8.10 -30.84 -5.36
CA ASN D 717 9.25 -30.87 -4.46
C ASN D 717 9.26 -32.21 -3.73
N LEU D 718 10.40 -32.89 -3.78
CA LEU D 718 10.48 -34.25 -3.27
C LEU D 718 10.53 -34.27 -1.76
N ASP D 719 11.57 -33.70 -1.16
CA ASP D 719 11.64 -33.50 0.27
C ASP D 719 11.46 -32.02 0.57
N SER D 720 11.43 -31.68 1.85
CA SER D 720 11.30 -30.30 2.26
C SER D 720 12.51 -29.88 3.07
N LYS D 721 13.05 -28.71 2.76
CA LYS D 721 14.13 -28.10 3.50
C LYS D 721 13.73 -26.70 3.87
N GLY D 722 14.66 -25.95 4.46
CA GLY D 722 14.39 -24.61 4.88
C GLY D 722 15.63 -23.73 4.85
N TYR D 723 15.40 -22.45 4.64
CA TYR D 723 16.40 -21.42 4.79
C TYR D 723 16.03 -20.58 5.99
N GLY D 724 16.99 -20.27 6.84
CA GLY D 724 16.72 -19.53 8.05
C GLY D 724 17.76 -18.47 8.31
N ILE D 725 17.28 -17.33 8.78
CA ILE D 725 18.18 -16.31 9.31
C ILE D 725 18.84 -16.85 10.57
N ALA D 726 20.16 -16.86 10.57
CA ALA D 726 20.91 -17.45 11.68
C ALA D 726 21.33 -16.37 12.65
N THR D 727 21.55 -16.78 13.89
CA THR D 727 21.94 -15.94 15.00
C THR D 727 22.86 -16.79 15.87
N PRO D 728 23.88 -16.19 16.48
CA PRO D 728 24.66 -16.93 17.49
C PRO D 728 23.81 -17.38 18.67
N LYS D 729 24.26 -18.46 19.30
CA LYS D 729 23.44 -19.17 20.27
C LYS D 729 23.25 -18.35 21.54
N GLY D 730 22.00 -18.20 21.97
CA GLY D 730 21.67 -17.46 23.15
C GLY D 730 21.71 -15.96 23.01
N SER D 731 21.92 -15.45 21.80
CA SER D 731 22.07 -14.01 21.59
C SER D 731 20.73 -13.30 21.76
N SER D 732 20.80 -11.97 21.82
CA SER D 732 19.59 -11.18 22.09
C SER D 732 18.69 -11.09 20.88
N LEU D 733 19.22 -11.37 19.69
CA LEU D 733 18.43 -11.36 18.46
C LEU D 733 17.89 -12.75 18.15
N GLY D 734 17.29 -13.36 19.17
CA GLY D 734 16.67 -14.66 19.01
C GLY D 734 15.17 -14.55 19.00
N THR D 735 14.64 -13.69 19.86
CA THR D 735 13.22 -13.43 19.93
C THR D 735 12.72 -12.44 18.88
N PRO D 736 13.32 -11.24 18.68
CA PRO D 736 12.68 -10.32 17.72
C PRO D 736 12.89 -10.70 16.27
N VAL D 737 14.00 -11.37 15.94
CA VAL D 737 14.20 -11.83 14.57
C VAL D 737 13.19 -12.91 14.23
N ASN D 738 12.88 -13.77 15.21
CA ASN D 738 11.89 -14.82 15.01
C ASN D 738 10.50 -14.22 14.89
N LEU D 739 10.21 -13.19 15.68
CA LEU D 739 8.91 -12.55 15.59
C LEU D 739 8.81 -11.65 14.37
N ALA D 740 9.96 -11.31 13.75
CA ALA D 740 9.91 -10.48 12.56
C ALA D 740 9.56 -11.29 11.32
N VAL D 741 10.18 -12.47 11.17
CA VAL D 741 10.00 -13.29 9.97
C VAL D 741 8.56 -13.78 9.88
N LEU D 742 7.96 -14.11 11.00
CA LEU D 742 6.57 -14.53 10.98
C LEU D 742 5.62 -13.35 10.80
N LYS D 743 6.12 -12.13 10.99
CA LYS D 743 5.33 -10.96 10.65
C LYS D 743 5.46 -10.64 9.16
N LEU D 744 6.61 -10.97 8.57
CA LEU D 744 6.79 -10.72 7.14
C LEU D 744 5.99 -11.72 6.32
N SER D 745 6.00 -12.99 6.72
CA SER D 745 5.22 -14.00 5.99
C SER D 745 3.73 -13.81 6.20
N GLU D 746 3.35 -13.18 7.31
CA GLU D 746 1.94 -12.88 7.55
C GLU D 746 1.45 -11.80 6.59
N GLN D 747 2.25 -10.74 6.42
CA GLN D 747 1.84 -9.62 5.58
C GLN D 747 2.02 -9.91 4.10
N GLY D 748 2.59 -11.06 3.76
CA GLY D 748 2.88 -11.37 2.39
C GLY D 748 4.12 -10.71 1.85
N VAL D 749 4.91 -10.08 2.72
CA VAL D 749 6.06 -9.31 2.24
C VAL D 749 7.20 -10.23 1.81
N LEU D 750 7.25 -11.45 2.35
CA LEU D 750 8.19 -12.43 1.83
C LEU D 750 7.77 -12.94 0.46
N ASP D 751 6.46 -13.00 0.23
CA ASP D 751 5.98 -13.48 -1.07
C ASP D 751 6.18 -12.43 -2.13
N LYS D 752 5.98 -11.16 -1.79
CA LYS D 752 6.13 -10.07 -2.74
C LYS D 752 7.60 -9.83 -3.06
N LEU D 753 8.49 -10.24 -2.16
CA LEU D 753 9.92 -10.17 -2.45
C LEU D 753 10.40 -11.42 -3.16
N LYS D 754 9.66 -12.51 -3.08
CA LYS D 754 9.99 -13.70 -3.85
C LYS D 754 9.30 -13.65 -5.21
N ASN D 755 8.14 -12.96 -5.30
CA ASN D 755 7.52 -12.73 -6.60
C ASN D 755 8.37 -11.81 -7.45
N LYS D 756 9.21 -11.00 -6.81
CA LYS D 756 9.92 -9.96 -7.55
C LYS D 756 11.26 -10.48 -8.05
N TRP D 757 12.15 -10.92 -7.15
CA TRP D 757 13.53 -11.22 -7.54
C TRP D 757 13.63 -12.49 -8.38
N TRP D 758 12.54 -13.25 -8.50
CA TRP D 758 12.56 -14.40 -9.40
C TRP D 758 11.81 -14.11 -10.69
N TYR D 759 10.93 -13.10 -10.71
CA TYR D 759 10.11 -12.95 -11.90
C TYR D 759 10.11 -11.51 -12.44
N ASP D 760 10.37 -10.51 -11.60
CA ASP D 760 10.54 -9.15 -12.11
C ASP D 760 11.86 -9.04 -12.88
N LYS D 761 12.95 -9.46 -12.25
CA LYS D 761 14.22 -9.62 -12.94
C LYS D 761 14.33 -10.96 -13.65
N GLY D 762 13.33 -11.31 -14.44
CA GLY D 762 13.31 -12.54 -15.19
C GLY D 762 13.39 -12.23 -16.66
N GLU D 763 14.33 -12.87 -17.35
CA GLU D 763 14.58 -12.53 -18.75
C GLU D 763 13.47 -13.04 -19.65
N CYS D 764 12.96 -14.24 -19.36
CA CYS D 764 11.81 -14.78 -20.07
C CYS D 764 10.71 -15.09 -19.07
N GLY D 765 9.76 -14.15 -18.93
CA GLY D 765 8.65 -14.37 -18.02
C GLY D 765 7.68 -15.41 -18.53
N ALA D 766 6.69 -15.74 -17.71
CA ALA D 766 5.69 -16.72 -18.10
C ALA D 766 4.78 -16.18 -19.19
N LYS D 767 4.61 -14.85 -19.24
CA LYS D 767 3.92 -14.24 -20.37
C LYS D 767 4.81 -14.29 -21.61
N ASP D 768 6.14 -14.21 -21.43
CA ASP D 768 7.06 -14.04 -22.55
C ASP D 768 7.11 -15.29 -23.41
N SER D 769 7.29 -16.46 -22.77
CA SER D 769 7.14 -17.72 -23.52
C SER D 769 5.68 -18.01 -23.82
N GLY D 770 4.76 -17.37 -23.09
CA GLY D 770 3.35 -17.55 -23.37
C GLY D 770 2.88 -16.73 -24.55
N SER D 771 3.64 -15.68 -24.90
CA SER D 771 3.26 -14.83 -26.03
C SER D 771 4.04 -15.13 -27.30
N LYS D 772 5.18 -15.82 -27.21
CA LYS D 772 5.93 -16.21 -28.41
C LYS D 772 5.35 -17.51 -28.97
N GLU D 773 4.33 -17.35 -29.81
CA GLU D 773 3.84 -18.42 -30.66
C GLU D 773 3.68 -17.88 -32.07
N LYS D 774 3.68 -18.78 -33.05
CA LYS D 774 3.57 -18.38 -34.44
C LYS D 774 3.00 -19.55 -35.24
N THR D 775 2.89 -19.35 -36.55
CA THR D 775 2.42 -20.37 -37.47
C THR D 775 3.56 -20.77 -38.40
N SER D 776 3.40 -21.92 -39.05
CA SER D 776 4.47 -22.51 -39.83
C SER D 776 3.93 -23.20 -41.07
N ALA D 777 4.71 -23.14 -42.14
CA ALA D 777 4.47 -23.99 -43.29
C ALA D 777 4.92 -25.41 -42.97
N LEU D 778 4.33 -26.38 -43.67
CA LEU D 778 4.79 -27.74 -43.51
C LEU D 778 6.17 -27.91 -44.13
N SER D 779 7.10 -28.39 -43.31
CA SER D 779 8.45 -28.68 -43.74
C SER D 779 8.44 -29.97 -44.53
N LEU D 780 9.61 -30.31 -45.07
CA LEU D 780 9.72 -31.55 -45.82
C LEU D 780 9.66 -32.75 -44.90
N SER D 781 10.12 -32.60 -43.66
CA SER D 781 10.20 -33.74 -42.76
C SER D 781 8.83 -34.14 -42.23
N ASN D 782 7.84 -33.25 -42.35
CA ASN D 782 6.50 -33.56 -41.86
C ASN D 782 5.83 -34.63 -42.70
N VAL D 783 5.94 -34.51 -44.02
CA VAL D 783 5.40 -35.50 -44.94
C VAL D 783 6.49 -36.28 -45.63
N ALA D 784 7.66 -36.42 -44.99
CA ALA D 784 8.80 -37.11 -45.59
C ALA D 784 8.53 -38.59 -45.75
N GLY D 785 7.72 -39.16 -44.85
CA GLY D 785 7.42 -40.56 -44.90
C GLY D 785 6.68 -41.00 -46.14
N VAL D 786 5.83 -40.15 -46.69
CA VAL D 786 4.95 -40.55 -47.78
C VAL D 786 5.72 -40.72 -49.08
N PHE D 787 6.75 -39.89 -49.29
CA PHE D 787 7.65 -40.08 -50.43
C PHE D 787 8.42 -41.38 -50.30
N TYR D 788 8.72 -41.79 -49.07
CA TYR D 788 9.45 -43.03 -48.88
C TYR D 788 8.49 -44.21 -48.99
N ILE D 789 7.23 -44.00 -48.65
CA ILE D 789 6.19 -44.98 -48.99
C ILE D 789 5.98 -44.99 -50.49
N LEU D 790 6.15 -43.84 -51.13
CA LEU D 790 5.97 -43.76 -52.58
C LEU D 790 7.06 -44.55 -53.30
N VAL D 791 8.32 -44.20 -53.06
CA VAL D 791 9.43 -44.86 -53.75
C VAL D 791 9.57 -46.30 -53.27
N GLY D 792 9.31 -46.54 -51.99
CA GLY D 792 9.27 -47.90 -51.49
C GLY D 792 8.11 -48.71 -52.08
N GLY D 793 7.07 -48.01 -52.53
CA GLY D 793 6.06 -48.67 -53.33
C GLY D 793 6.49 -48.86 -54.77
N LEU D 794 7.39 -48.01 -55.25
CA LEU D 794 7.84 -48.13 -56.64
C LEU D 794 8.82 -49.28 -56.81
N GLY D 795 9.68 -49.51 -55.82
CA GLY D 795 10.61 -50.62 -55.90
C GLY D 795 9.92 -51.96 -55.77
N LEU D 796 8.80 -51.99 -55.05
CA LEU D 796 8.03 -53.22 -54.97
C LEU D 796 7.23 -53.43 -56.26
N ALA D 797 6.91 -52.35 -56.96
CA ALA D 797 6.20 -52.49 -58.23
C ALA D 797 7.13 -52.94 -59.33
N MET D 798 8.43 -52.66 -59.21
CA MET D 798 9.39 -53.20 -60.15
C MET D 798 9.69 -54.66 -59.85
N LEU D 799 9.61 -55.05 -58.58
CA LEU D 799 9.97 -56.41 -58.19
C LEU D 799 8.90 -57.41 -58.61
N VAL D 800 7.63 -57.02 -58.57
CA VAL D 800 6.59 -57.96 -58.99
C VAL D 800 6.51 -57.98 -60.52
N ALA D 801 7.00 -56.92 -61.17
CA ALA D 801 7.00 -56.85 -62.63
C ALA D 801 7.94 -57.88 -63.24
N LEU D 802 8.92 -58.35 -62.47
CA LEU D 802 9.80 -59.40 -62.97
C LEU D 802 9.15 -60.77 -62.81
N ILE D 803 8.53 -61.03 -61.66
CA ILE D 803 8.06 -62.38 -61.37
C ILE D 803 6.76 -62.67 -62.12
N GLU D 804 5.95 -61.64 -62.36
CA GLU D 804 4.79 -61.82 -63.23
C GLU D 804 5.22 -62.00 -64.68
N PHE D 805 6.36 -61.42 -65.04
CA PHE D 805 6.96 -61.71 -66.34
C PHE D 805 7.55 -63.12 -66.34
N CYS D 806 7.91 -63.64 -65.17
CA CYS D 806 8.36 -65.02 -65.08
C CYS D 806 7.18 -65.99 -65.08
N TYR D 807 6.11 -65.65 -64.34
CA TYR D 807 4.95 -66.54 -64.23
C TYR D 807 4.23 -66.69 -65.56
N LYS D 808 4.15 -65.60 -66.32
CA LYS D 808 3.47 -65.65 -67.61
C LYS D 808 4.31 -66.40 -68.64
N SER D 809 5.64 -66.31 -68.53
CA SER D 809 6.52 -66.91 -69.53
C SER D 809 6.60 -68.43 -69.37
N ARG D 810 6.43 -68.93 -68.14
CA ARG D 810 6.50 -70.37 -67.93
C ARG D 810 5.25 -71.07 -68.44
N ALA D 811 4.12 -70.37 -68.45
CA ALA D 811 2.88 -70.95 -68.94
C ALA D 811 2.75 -70.76 -70.45
#